data_5ZMR
#
_entry.id   5ZMR
#
_entity_poly.entity_id   1
_entity_poly.type   'polypeptide(L)'
_entity_poly.pdbx_seq_one_letter_code
;MSRDAPIKADKDYSQILKEEFPKIDSLAQNDCNSALDQLLVLEKKTRQASDLASSKEVLAKIVDLLASRNKWDDLNEQLT
LLSKKHGQLKLSIQYMIQKVMEYLKSSKSLDLNTRISVIETIRVVTENKIFVEVER
;
_entity_poly.pdbx_strand_id   A
#
# COMPACT_ATOMS: atom_id res chain seq x y z
N MET A 1 15.07 18.66 -12.68
CA MET A 1 15.02 18.91 -11.22
C MET A 1 15.32 20.38 -10.92
N SER A 2 14.50 21.02 -10.08
CA SER A 2 14.69 22.43 -9.67
C SER A 2 15.71 22.61 -8.53
N ARG A 3 15.87 21.62 -7.64
CA ARG A 3 16.84 21.61 -6.53
C ARG A 3 18.29 21.49 -7.02
N ASP A 4 19.23 22.01 -6.25
CA ASP A 4 20.68 21.94 -6.51
C ASP A 4 21.37 20.70 -5.91
N ALA A 5 20.66 19.90 -5.10
CA ALA A 5 21.13 18.60 -4.63
C ALA A 5 21.31 17.62 -5.83
N PRO A 6 22.44 16.89 -5.94
CA PRO A 6 22.72 16.02 -7.08
C PRO A 6 21.89 14.74 -7.04
N ILE A 7 21.60 14.16 -8.21
CA ILE A 7 20.79 12.94 -8.37
C ILE A 7 21.64 11.67 -8.15
N LYS A 8 22.24 11.57 -6.98
CA LYS A 8 22.92 10.38 -6.48
C LYS A 8 21.87 9.32 -6.08
N ALA A 9 21.65 8.33 -6.94
CA ALA A 9 20.76 7.20 -6.61
C ALA A 9 21.42 6.28 -5.57
N ASP A 10 21.19 6.59 -4.29
CA ASP A 10 21.77 5.90 -3.13
C ASP A 10 21.26 4.44 -3.00
N LYS A 11 20.05 4.17 -3.52
CA LYS A 11 19.43 2.85 -3.73
C LYS A 11 19.59 1.84 -2.57
N ASP A 12 18.70 1.96 -1.58
CA ASP A 12 18.48 0.96 -0.53
C ASP A 12 17.70 -0.25 -1.13
N TYR A 13 17.01 -1.07 -0.33
CA TYR A 13 16.17 -2.18 -0.84
C TYR A 13 15.13 -1.72 -1.87
N SER A 14 14.69 -0.45 -1.82
CA SER A 14 13.84 0.16 -2.85
C SER A 14 14.42 0.09 -4.28
N GLN A 15 15.67 -0.31 -4.44
CA GLN A 15 16.31 -0.54 -5.75
C GLN A 15 15.54 -1.57 -6.59
N ILE A 16 14.88 -2.53 -5.93
CA ILE A 16 14.01 -3.53 -6.57
C ILE A 16 12.84 -2.83 -7.26
N LEU A 17 12.22 -1.92 -6.51
CA LEU A 17 11.08 -1.17 -6.96
C LEU A 17 11.46 -0.19 -8.09
N LYS A 18 12.72 0.29 -8.08
CA LYS A 18 13.33 1.14 -9.11
C LYS A 18 13.66 0.39 -10.39
N GLU A 19 13.93 -0.92 -10.32
CA GLU A 19 14.29 -1.75 -11.48
C GLU A 19 13.13 -2.56 -12.06
N GLU A 20 12.15 -2.95 -11.23
CA GLU A 20 10.90 -3.62 -11.66
C GLU A 20 9.88 -2.62 -12.23
N PHE A 21 9.88 -1.37 -11.76
CA PHE A 21 8.96 -0.35 -12.30
C PHE A 21 9.16 -0.12 -13.81
N PRO A 22 10.39 -0.01 -14.37
CA PRO A 22 10.60 0.00 -15.81
C PRO A 22 10.17 -1.27 -16.55
N LYS A 23 10.25 -2.47 -15.94
CA LYS A 23 9.67 -3.69 -16.53
C LYS A 23 8.14 -3.58 -16.65
N ILE A 24 7.52 -2.91 -15.68
CA ILE A 24 6.07 -2.66 -15.59
C ILE A 24 5.63 -1.42 -16.37
N ASP A 25 6.52 -0.48 -16.69
CA ASP A 25 6.24 0.62 -17.63
C ASP A 25 5.87 0.06 -19.02
N SER A 26 6.32 -1.17 -19.30
CA SER A 26 5.86 -1.97 -20.44
C SER A 26 4.55 -2.74 -20.16
N LEU A 27 4.30 -3.22 -18.93
CA LEU A 27 3.21 -4.15 -18.63
C LEU A 27 1.94 -3.49 -18.07
N ALA A 28 2.03 -2.62 -17.07
CA ALA A 28 0.90 -1.78 -16.63
C ALA A 28 0.32 -0.89 -17.74
N GLN A 29 1.14 -0.52 -18.73
CA GLN A 29 0.69 0.22 -19.91
C GLN A 29 -0.07 -0.62 -20.96
N ASN A 30 -0.16 -1.95 -20.79
CA ASN A 30 -0.79 -2.87 -21.73
C ASN A 30 -1.83 -3.84 -21.12
N ASP A 31 -1.66 -4.26 -19.86
CA ASP A 31 -2.56 -5.21 -19.18
C ASP A 31 -2.87 -4.82 -17.73
N CYS A 32 -1.84 -4.47 -16.96
CA CYS A 32 -1.84 -4.08 -15.54
C CYS A 32 -2.38 -5.10 -14.51
N ASN A 33 -3.33 -5.96 -14.88
CA ASN A 33 -3.81 -7.06 -14.03
C ASN A 33 -2.65 -8.02 -13.67
N SER A 34 -1.76 -8.29 -14.63
CA SER A 34 -0.50 -8.99 -14.41
C SER A 34 0.59 -8.11 -13.78
N ALA A 35 0.50 -6.77 -13.86
CA ALA A 35 1.45 -5.86 -13.20
C ALA A 35 1.27 -5.83 -11.67
N LEU A 36 0.03 -6.00 -11.21
CA LEU A 36 -0.33 -6.11 -9.79
C LEU A 36 0.37 -7.31 -9.15
N ASP A 37 0.34 -8.44 -9.84
CA ASP A 37 1.07 -9.68 -9.52
C ASP A 37 2.60 -9.57 -9.71
N GLN A 38 3.12 -8.36 -9.91
CA GLN A 38 4.53 -8.02 -9.88
C GLN A 38 4.81 -6.96 -8.82
N LEU A 39 4.26 -5.75 -8.92
CA LEU A 39 4.59 -4.68 -7.98
C LEU A 39 4.19 -4.99 -6.52
N LEU A 40 3.02 -5.58 -6.27
CA LEU A 40 2.57 -5.80 -4.87
C LEU A 40 3.12 -7.11 -4.29
N VAL A 41 3.66 -7.98 -5.15
CA VAL A 41 4.46 -9.16 -4.74
C VAL A 41 5.75 -8.71 -4.07
N LEU A 42 6.28 -7.54 -4.46
CA LEU A 42 7.39 -6.88 -3.78
C LEU A 42 6.99 -6.48 -2.36
N GLU A 43 5.92 -5.71 -2.19
CA GLU A 43 5.36 -5.41 -0.85
C GLU A 43 5.23 -6.68 0.03
N LYS A 44 4.66 -7.74 -0.55
CA LYS A 44 4.43 -9.02 0.12
C LYS A 44 5.73 -9.69 0.58
N LYS A 45 6.80 -9.60 -0.22
CA LYS A 45 8.16 -10.08 0.12
C LYS A 45 8.88 -9.15 1.11
N THR A 46 8.92 -7.85 0.84
CA THR A 46 9.59 -6.79 1.63
C THR A 46 9.13 -6.71 3.08
N ARG A 47 7.82 -6.85 3.35
CA ARG A 47 7.31 -6.93 4.75
C ARG A 47 7.84 -8.17 5.45
N GLN A 48 7.82 -9.33 4.79
CA GLN A 48 8.20 -10.62 5.37
C GLN A 48 9.71 -10.76 5.57
N ALA A 49 10.51 -10.26 4.63
CA ALA A 49 11.97 -10.32 4.62
C ALA A 49 12.65 -9.30 5.57
N SER A 50 11.88 -8.38 6.17
CA SER A 50 12.39 -7.20 6.89
C SER A 50 13.24 -6.25 6.01
N ASP A 51 12.99 -6.29 4.70
CA ASP A 51 13.55 -5.37 3.69
C ASP A 51 12.67 -4.12 3.49
N LEU A 52 11.62 -3.99 4.31
CA LEU A 52 10.49 -3.05 4.28
C LEU A 52 10.78 -1.55 4.10
N ALA A 53 12.02 -1.11 4.20
CA ALA A 53 12.39 0.23 3.73
C ALA A 53 12.03 0.42 2.24
N SER A 54 11.94 -0.69 1.48
CA SER A 54 11.35 -0.77 0.15
C SER A 54 9.82 -0.79 0.24
N SER A 55 9.21 -1.69 1.03
CA SER A 55 7.76 -1.75 1.30
C SER A 55 7.12 -0.37 1.44
N LYS A 56 7.79 0.50 2.21
CA LYS A 56 7.31 1.85 2.52
C LYS A 56 7.00 2.70 1.27
N GLU A 57 7.64 2.41 0.14
CA GLU A 57 7.41 3.03 -1.17
C GLU A 57 6.37 2.31 -2.04
N VAL A 58 6.25 0.98 -1.92
CA VAL A 58 5.21 0.18 -2.64
C VAL A 58 3.82 0.50 -2.13
N LEU A 59 3.69 0.53 -0.82
CA LEU A 59 2.47 0.57 -0.09
C LEU A 59 1.62 1.83 -0.33
N ALA A 60 2.26 2.94 -0.63
CA ALA A 60 1.60 4.17 -1.07
C ALA A 60 0.95 4.09 -2.45
N LYS A 61 1.34 3.11 -3.28
CA LYS A 61 0.77 2.81 -4.60
C LYS A 61 0.05 1.46 -4.67
N ILE A 62 0.01 0.73 -3.56
CA ILE A 62 -0.88 -0.43 -3.42
C ILE A 62 -2.32 -0.06 -3.75
N VAL A 63 -2.74 1.15 -3.38
CA VAL A 63 -4.10 1.62 -3.66
C VAL A 63 -4.32 2.04 -5.12
N ASP A 64 -3.25 2.18 -5.89
CA ASP A 64 -3.27 2.52 -7.31
C ASP A 64 -3.31 1.29 -8.25
N LEU A 65 -2.88 0.11 -7.77
CA LEU A 65 -2.99 -1.16 -8.50
C LEU A 65 -4.00 -2.11 -7.85
N LEU A 66 -3.86 -2.42 -6.55
CA LEU A 66 -4.66 -3.43 -5.85
C LEU A 66 -6.14 -3.03 -5.78
N ALA A 67 -6.48 -1.88 -5.19
CA ALA A 67 -7.84 -1.32 -5.25
C ALA A 67 -8.36 -1.05 -6.67
N SER A 68 -7.46 -0.83 -7.62
CA SER A 68 -7.76 -0.48 -9.02
C SER A 68 -8.22 -1.67 -9.86
N ARG A 69 -7.55 -2.82 -9.77
CA ARG A 69 -7.83 -4.04 -10.57
C ARG A 69 -8.79 -5.00 -9.86
N ASN A 70 -9.64 -4.42 -9.02
CA ASN A 70 -10.65 -5.07 -8.18
C ASN A 70 -10.13 -6.01 -7.08
N LYS A 71 -8.92 -5.77 -6.57
CA LYS A 71 -8.36 -6.39 -5.36
C LYS A 71 -8.43 -5.44 -4.15
N TRP A 72 -9.43 -4.58 -4.13
CA TRP A 72 -9.80 -3.73 -2.99
C TRP A 72 -9.98 -4.50 -1.66
N ASP A 73 -10.34 -5.78 -1.71
CA ASP A 73 -10.35 -6.68 -0.54
C ASP A 73 -8.97 -6.81 0.14
N ASP A 74 -7.89 -6.69 -0.62
CA ASP A 74 -6.51 -6.77 -0.16
C ASP A 74 -5.92 -5.42 0.30
N LEU A 75 -6.60 -4.29 0.11
CA LEU A 75 -6.23 -3.03 0.78
C LEU A 75 -6.34 -3.18 2.31
N ASN A 76 -7.39 -3.85 2.77
CA ASN A 76 -7.55 -4.33 4.15
C ASN A 76 -6.33 -5.19 4.58
N GLU A 77 -5.94 -6.12 3.72
CA GLU A 77 -4.74 -6.95 3.94
C GLU A 77 -3.47 -6.10 4.05
N GLN A 78 -3.37 -5.00 3.31
CA GLN A 78 -2.18 -4.15 3.33
C GLN A 78 -2.05 -3.26 4.57
N LEU A 79 -3.18 -2.83 5.13
CA LEU A 79 -3.23 -2.20 6.45
C LEU A 79 -2.94 -3.22 7.55
N THR A 80 -3.23 -4.51 7.30
CA THR A 80 -2.90 -5.63 8.17
C THR A 80 -1.42 -6.04 8.09
N LEU A 81 -0.80 -6.09 6.91
CA LEU A 81 0.58 -6.52 6.60
C LEU A 81 1.59 -6.15 7.66
N LEU A 82 1.84 -4.85 7.82
CA LEU A 82 2.81 -4.37 8.80
C LEU A 82 2.40 -4.72 10.24
N SER A 83 1.11 -4.69 10.53
CA SER A 83 0.52 -4.98 11.85
C SER A 83 0.54 -6.47 12.26
N LYS A 84 0.96 -7.40 11.39
CA LYS A 84 0.98 -8.86 11.64
C LYS A 84 1.91 -9.30 12.78
N LYS A 85 3.17 -8.89 12.74
CA LYS A 85 4.25 -9.43 13.60
C LYS A 85 4.19 -8.96 15.06
N HIS A 86 3.59 -7.81 15.33
CA HIS A 86 3.58 -7.16 16.66
C HIS A 86 2.25 -6.46 16.95
N GLY A 87 1.76 -6.61 18.18
CA GLY A 87 0.56 -5.94 18.71
C GLY A 87 0.76 -4.45 19.07
N GLN A 88 1.52 -3.72 18.24
CA GLN A 88 1.89 -2.32 18.46
C GLN A 88 0.69 -1.36 18.31
N LEU A 89 0.88 -0.13 18.82
CA LEU A 89 -0.09 0.96 18.75
C LEU A 89 -0.42 1.33 17.30
N LYS A 90 -1.70 1.21 16.91
CA LYS A 90 -2.14 1.31 15.51
C LYS A 90 -1.94 2.71 14.92
N LEU A 91 -1.96 3.78 15.72
CA LEU A 91 -1.75 5.17 15.26
C LEU A 91 -0.46 5.37 14.43
N SER A 92 0.56 4.56 14.65
CA SER A 92 1.81 4.58 13.87
C SER A 92 1.66 4.05 12.43
N ILE A 93 0.71 3.14 12.21
CA ILE A 93 0.41 2.52 10.91
C ILE A 93 -0.97 2.97 10.36
N GLN A 94 -1.76 3.71 11.15
CA GLN A 94 -2.98 4.42 10.70
C GLN A 94 -2.64 5.39 9.55
N TYR A 95 -1.39 5.84 9.44
CA TYR A 95 -0.89 6.57 8.28
C TYR A 95 -1.20 5.87 6.93
N MET A 96 -1.22 4.53 6.89
CA MET A 96 -1.59 3.71 5.72
C MET A 96 -3.10 3.70 5.45
N ILE A 97 -3.94 3.90 6.47
CA ILE A 97 -5.39 4.12 6.28
C ILE A 97 -5.65 5.24 5.26
N GLN A 98 -4.77 6.24 5.16
CA GLN A 98 -4.89 7.33 4.19
C GLN A 98 -4.99 6.79 2.76
N LYS A 99 -4.34 5.68 2.42
CA LYS A 99 -4.45 5.03 1.10
C LYS A 99 -5.78 4.32 0.94
N VAL A 100 -6.28 3.66 1.98
CA VAL A 100 -7.67 3.18 2.02
C VAL A 100 -8.67 4.31 1.79
N MET A 101 -8.39 5.49 2.33
CA MET A 101 -9.10 6.76 2.07
C MET A 101 -8.66 7.53 0.80
N GLU A 102 -7.72 7.01 -0.01
CA GLU A 102 -7.22 7.68 -1.21
C GLU A 102 -7.95 7.28 -2.50
N TYR A 103 -7.96 5.98 -2.82
CA TYR A 103 -8.55 5.45 -4.04
C TYR A 103 -9.45 4.23 -3.79
N LEU A 104 -9.11 3.40 -2.81
CA LEU A 104 -10.00 2.35 -2.28
C LEU A 104 -11.33 2.96 -1.77
N LYS A 105 -11.27 4.24 -1.40
CA LYS A 105 -12.37 5.14 -1.06
C LYS A 105 -13.43 5.33 -2.16
N SER A 106 -12.98 5.32 -3.42
CA SER A 106 -13.75 5.71 -4.60
C SER A 106 -13.42 4.99 -5.91
N SER A 107 -12.77 3.82 -5.87
CA SER A 107 -12.25 3.08 -7.03
C SER A 107 -13.35 2.79 -8.07
N LYS A 108 -13.28 3.41 -9.26
CA LYS A 108 -14.35 3.43 -10.28
C LYS A 108 -15.76 3.69 -9.69
N SER A 109 -15.81 4.62 -8.72
CA SER A 109 -16.96 4.93 -7.85
C SER A 109 -17.40 3.74 -6.96
N LEU A 110 -16.44 3.07 -6.31
CA LEU A 110 -16.65 1.86 -5.49
C LEU A 110 -17.90 1.95 -4.57
N ASP A 111 -18.77 0.96 -4.71
CA ASP A 111 -20.05 0.90 -4.02
C ASP A 111 -19.88 0.60 -2.53
N LEU A 112 -20.70 1.24 -1.70
CA LEU A 112 -20.66 1.06 -0.24
C LEU A 112 -20.75 -0.40 0.15
N ASN A 113 -21.68 -1.14 -0.44
CA ASN A 113 -21.93 -2.53 -0.10
C ASN A 113 -20.73 -3.44 -0.46
N THR A 114 -19.93 -3.07 -1.47
CA THR A 114 -18.66 -3.72 -1.78
C THR A 114 -17.57 -3.26 -0.82
N ARG A 115 -17.35 -1.94 -0.69
CA ARG A 115 -16.30 -1.35 0.17
C ARG A 115 -16.41 -1.71 1.64
N ILE A 116 -17.63 -1.90 2.13
CA ILE A 116 -17.92 -2.42 3.46
C ILE A 116 -17.10 -3.68 3.77
N SER A 117 -16.93 -4.55 2.77
CA SER A 117 -16.13 -5.79 2.89
C SER A 117 -14.63 -5.53 3.10
N VAL A 118 -14.21 -4.26 3.04
CA VAL A 118 -12.89 -3.76 3.39
C VAL A 118 -12.95 -2.98 4.69
N ILE A 119 -13.77 -1.93 4.70
CA ILE A 119 -13.80 -0.93 5.75
C ILE A 119 -14.32 -1.47 7.07
N GLU A 120 -15.24 -2.43 7.04
CA GLU A 120 -15.87 -2.98 8.23
C GLU A 120 -15.06 -4.13 8.82
N THR A 121 -14.33 -4.87 7.97
CA THR A 121 -13.35 -5.87 8.45
C THR A 121 -12.07 -5.20 8.98
N ILE A 122 -11.51 -4.18 8.31
CA ILE A 122 -10.36 -3.45 8.90
C ILE A 122 -10.75 -2.58 10.10
N ARG A 123 -12.02 -2.19 10.25
CA ARG A 123 -12.53 -1.54 11.47
C ARG A 123 -12.30 -2.41 12.70
N VAL A 124 -12.51 -3.73 12.62
CA VAL A 124 -12.31 -4.67 13.74
C VAL A 124 -10.91 -4.57 14.35
N VAL A 125 -9.88 -4.46 13.51
CA VAL A 125 -8.47 -4.40 13.93
C VAL A 125 -7.96 -2.97 14.20
N THR A 126 -8.67 -1.92 13.78
CA THR A 126 -8.25 -0.51 13.91
C THR A 126 -9.02 0.28 14.96
N GLU A 127 -10.20 -0.18 15.40
CA GLU A 127 -10.91 0.40 16.55
C GLU A 127 -10.12 0.23 17.87
N ASN A 128 -9.09 -0.62 17.86
CA ASN A 128 -8.13 -0.82 18.96
C ASN A 128 -7.49 0.47 19.51
N LYS A 129 -7.36 1.53 18.69
CA LYS A 129 -6.98 2.90 19.11
C LYS A 129 -7.92 3.99 18.57
N ILE A 130 -9.12 3.59 18.11
CA ILE A 130 -10.20 4.36 17.45
C ILE A 130 -9.78 5.19 16.21
N PHE A 131 -10.76 5.51 15.35
CA PHE A 131 -10.56 6.31 14.13
C PHE A 131 -10.56 7.84 14.37
N VAL A 132 -11.31 8.31 15.38
CA VAL A 132 -11.58 9.74 15.63
C VAL A 132 -10.34 10.52 16.10
N GLU A 133 -9.80 10.12 17.24
CA GLU A 133 -8.62 10.71 17.87
C GLU A 133 -7.30 10.31 17.17
N VAL A 134 -6.25 11.09 17.43
CA VAL A 134 -4.89 10.92 16.95
C VAL A 134 -4.01 10.54 18.15
N GLU A 135 -2.81 11.10 18.17
CA GLU A 135 -1.76 10.99 19.18
C GLU A 135 -2.06 11.79 20.47
N ARG A 136 -3.34 11.81 20.90
CA ARG A 136 -3.88 12.58 22.03
C ARG A 136 -3.56 11.94 23.37
N MET A 1 40.18 8.18 -6.93
CA MET A 1 39.71 8.92 -5.73
C MET A 1 38.32 9.54 -6.01
N SER A 2 37.47 9.61 -4.99
CA SER A 2 36.11 10.18 -5.08
C SER A 2 36.10 11.68 -5.45
N ARG A 3 35.03 12.12 -6.13
CA ARG A 3 34.79 13.54 -6.47
C ARG A 3 34.43 14.38 -5.23
N ASP A 4 34.56 15.70 -5.33
CA ASP A 4 34.24 16.64 -4.23
C ASP A 4 32.73 16.79 -3.97
N ALA A 5 31.88 16.54 -4.97
CA ALA A 5 30.43 16.42 -4.78
C ALA A 5 30.10 15.16 -3.95
N PRO A 6 29.27 15.25 -2.90
CA PRO A 6 29.03 14.13 -1.99
C PRO A 6 28.16 13.05 -2.66
N ILE A 7 28.41 11.78 -2.32
CA ILE A 7 27.60 10.66 -2.81
C ILE A 7 26.23 10.65 -2.11
N LYS A 8 25.17 10.54 -2.89
CA LYS A 8 23.79 10.39 -2.42
C LYS A 8 23.07 9.28 -3.18
N ALA A 9 22.84 8.14 -2.53
CA ALA A 9 21.96 7.10 -3.08
C ALA A 9 20.49 7.45 -2.80
N ASP A 10 20.02 8.46 -3.52
CA ASP A 10 18.62 8.90 -3.55
C ASP A 10 17.69 7.76 -4.01
N LYS A 11 18.22 6.84 -4.84
CA LYS A 11 17.63 5.55 -5.21
C LYS A 11 17.92 4.52 -4.10
N ASP A 12 17.05 4.49 -3.10
CA ASP A 12 17.02 3.49 -2.02
C ASP A 12 16.51 2.13 -2.55
N TYR A 13 15.97 1.22 -1.72
CA TYR A 13 15.27 0.02 -2.19
C TYR A 13 14.14 0.35 -3.19
N SER A 14 13.57 1.56 -3.11
CA SER A 14 12.60 2.11 -4.07
C SER A 14 13.13 2.16 -5.53
N GLN A 15 14.42 1.94 -5.75
CA GLN A 15 15.05 1.92 -7.08
C GLN A 15 14.42 0.86 -8.01
N ILE A 16 13.93 -0.23 -7.43
CA ILE A 16 13.20 -1.29 -8.13
C ILE A 16 11.95 -0.73 -8.79
N LEU A 17 11.22 0.05 -7.99
CA LEU A 17 9.94 0.64 -8.36
C LEU A 17 10.15 1.72 -9.44
N LYS A 18 11.33 2.37 -9.44
CA LYS A 18 11.78 3.34 -10.45
C LYS A 18 12.16 2.67 -11.78
N GLU A 19 12.72 1.46 -11.75
CA GLU A 19 13.28 0.79 -12.93
C GLU A 19 12.33 -0.26 -13.55
N GLU A 20 11.52 -0.95 -12.76
CA GLU A 20 10.59 -1.97 -13.25
C GLU A 20 9.28 -1.36 -13.74
N PHE A 21 8.86 -0.22 -13.20
CA PHE A 21 7.66 0.50 -13.67
C PHE A 21 7.53 0.58 -15.20
N PRO A 22 8.53 0.96 -16.01
CA PRO A 22 8.41 0.88 -17.47
C PRO A 22 8.12 -0.52 -18.00
N LYS A 23 8.75 -1.55 -17.42
CA LYS A 23 8.59 -2.95 -17.84
C LYS A 23 7.17 -3.44 -17.57
N ILE A 24 6.52 -2.94 -16.52
CA ILE A 24 5.10 -3.20 -16.22
C ILE A 24 4.16 -2.26 -16.97
N ASP A 25 4.58 -1.05 -17.28
CA ASP A 25 3.75 -0.08 -17.99
C ASP A 25 3.54 -0.53 -19.45
N SER A 26 4.57 -1.18 -20.00
CA SER A 26 4.52 -1.92 -21.27
C SER A 26 3.51 -3.08 -21.22
N LEU A 27 3.30 -3.69 -20.05
CA LEU A 27 2.27 -4.71 -19.82
C LEU A 27 0.88 -4.10 -19.59
N ALA A 28 0.73 -3.11 -18.71
CA ALA A 28 -0.54 -2.48 -18.32
C ALA A 28 -1.30 -1.85 -19.51
N GLN A 29 -0.59 -1.47 -20.57
CA GLN A 29 -1.17 -1.05 -21.86
C GLN A 29 -1.87 -2.20 -22.63
N ASN A 30 -1.76 -3.45 -22.17
CA ASN A 30 -2.23 -4.68 -22.81
C ASN A 30 -3.00 -5.62 -21.87
N ASP A 31 -2.52 -5.82 -20.62
CA ASP A 31 -3.10 -6.69 -19.60
C ASP A 31 -2.79 -6.19 -18.17
N CYS A 32 -3.39 -5.05 -17.81
CA CYS A 32 -3.23 -4.42 -16.49
C CYS A 32 -3.68 -5.29 -15.30
N ASN A 33 -4.54 -6.29 -15.54
CA ASN A 33 -4.92 -7.29 -14.54
C ASN A 33 -3.74 -8.15 -14.06
N SER A 34 -2.72 -8.35 -14.91
CA SER A 34 -1.43 -8.93 -14.50
C SER A 34 -0.46 -7.86 -13.98
N ALA A 35 -0.56 -6.63 -14.46
CA ALA A 35 0.36 -5.54 -14.09
C ALA A 35 0.22 -5.10 -12.62
N LEU A 36 -0.97 -5.20 -12.03
CA LEU A 36 -1.14 -5.02 -10.58
C LEU A 36 -0.37 -6.10 -9.78
N ASP A 37 -0.31 -7.31 -10.33
CA ASP A 37 0.53 -8.42 -9.85
C ASP A 37 2.02 -8.28 -10.25
N GLN A 38 2.43 -7.10 -10.71
CA GLN A 38 3.81 -6.71 -10.90
C GLN A 38 4.22 -5.57 -9.94
N LEU A 39 3.51 -4.44 -9.88
CA LEU A 39 3.83 -3.41 -8.87
C LEU A 39 3.43 -3.78 -7.44
N LEU A 40 2.22 -4.29 -7.17
CA LEU A 40 1.81 -4.52 -5.77
C LEU A 40 2.48 -5.79 -5.18
N VAL A 41 3.08 -6.63 -6.03
CA VAL A 41 3.97 -7.72 -5.64
C VAL A 41 5.27 -7.18 -5.03
N LEU A 42 5.73 -6.01 -5.47
CA LEU A 42 6.84 -5.30 -4.85
C LEU A 42 6.47 -4.85 -3.43
N GLU A 43 5.35 -4.14 -3.24
CA GLU A 43 4.79 -3.83 -1.90
C GLU A 43 4.83 -5.05 -0.97
N LYS A 44 4.40 -6.22 -1.48
CA LYS A 44 4.39 -7.48 -0.74
C LYS A 44 5.79 -7.94 -0.36
N LYS A 45 6.68 -8.08 -1.34
CA LYS A 45 8.08 -8.52 -1.17
C LYS A 45 8.83 -7.58 -0.21
N THR A 46 8.68 -6.27 -0.38
CA THR A 46 9.33 -5.21 0.39
C THR A 46 8.85 -5.16 1.84
N ARG A 47 7.55 -5.33 2.12
CA ARG A 47 7.03 -5.51 3.49
C ARG A 47 7.65 -6.77 4.09
N GLN A 48 7.60 -7.91 3.40
CA GLN A 48 8.02 -9.21 3.95
C GLN A 48 9.55 -9.31 4.15
N ALA A 49 10.34 -8.67 3.29
CA ALA A 49 11.80 -8.59 3.38
C ALA A 49 12.31 -7.56 4.40
N SER A 50 11.42 -6.72 4.96
CA SER A 50 11.78 -5.53 5.76
C SER A 50 12.64 -4.50 5.00
N ASP A 51 12.49 -4.47 3.68
CA ASP A 51 13.02 -3.45 2.75
C ASP A 51 11.99 -2.32 2.54
N LEU A 52 10.96 -2.28 3.39
CA LEU A 52 9.70 -1.53 3.32
C LEU A 52 9.73 -0.04 3.03
N ALA A 53 10.88 0.58 3.18
CA ALA A 53 11.13 1.95 2.70
C ALA A 53 10.81 2.09 1.19
N SER A 54 10.89 0.98 0.45
CA SER A 54 10.39 0.84 -0.93
C SER A 54 8.87 0.64 -0.94
N SER A 55 8.34 -0.33 -0.18
CA SER A 55 6.89 -0.58 0.02
C SER A 55 6.09 0.71 0.22
N LYS A 56 6.67 1.64 1.00
CA LYS A 56 6.11 2.97 1.31
C LYS A 56 5.85 3.85 0.07
N GLU A 57 6.67 3.70 -0.98
CA GLU A 57 6.51 4.39 -2.26
C GLU A 57 5.56 3.64 -3.21
N VAL A 58 5.46 2.30 -3.08
CA VAL A 58 4.43 1.51 -3.77
C VAL A 58 3.04 1.85 -3.23
N LEU A 59 2.93 2.00 -1.93
CA LEU A 59 1.69 2.23 -1.19
C LEU A 59 0.92 3.47 -1.66
N ALA A 60 1.64 4.52 -2.00
CA ALA A 60 1.07 5.74 -2.57
C ALA A 60 0.55 5.61 -4.02
N LYS A 61 0.59 4.40 -4.59
CA LYS A 61 -0.07 4.02 -5.85
C LYS A 61 -0.76 2.64 -5.79
N ILE A 62 -0.80 2.07 -4.58
CA ILE A 62 -1.61 0.89 -4.25
C ILE A 62 -3.07 1.11 -4.62
N VAL A 63 -3.58 2.34 -4.46
CA VAL A 63 -4.96 2.61 -4.90
C VAL A 63 -5.08 2.56 -6.43
N ASP A 64 -4.11 3.13 -7.11
CA ASP A 64 -4.09 3.34 -8.55
C ASP A 64 -3.93 2.05 -9.40
N LEU A 65 -3.50 0.93 -8.81
CA LEU A 65 -3.54 -0.39 -9.47
C LEU A 65 -4.43 -1.40 -8.73
N LEU A 66 -4.46 -1.44 -7.39
CA LEU A 66 -5.28 -2.40 -6.63
C LEU A 66 -6.77 -2.01 -6.66
N ALA A 67 -7.17 -0.88 -6.07
CA ALA A 67 -8.56 -0.39 -6.12
C ALA A 67 -9.10 -0.23 -7.55
N SER A 68 -8.28 0.32 -8.44
CA SER A 68 -8.66 0.71 -9.81
C SER A 68 -8.95 -0.49 -10.74
N ARG A 69 -8.43 -1.69 -10.41
CA ARG A 69 -8.61 -2.96 -11.14
C ARG A 69 -9.50 -3.93 -10.36
N ASN A 70 -10.43 -3.38 -9.58
CA ASN A 70 -11.40 -4.07 -8.74
C ASN A 70 -10.82 -4.97 -7.62
N LYS A 71 -9.58 -4.72 -7.18
CA LYS A 71 -8.99 -5.29 -5.95
C LYS A 71 -9.09 -4.33 -4.76
N TRP A 72 -10.08 -3.45 -4.78
CA TRP A 72 -10.48 -2.57 -3.68
C TRP A 72 -10.69 -3.28 -2.33
N ASP A 73 -10.98 -4.58 -2.36
CA ASP A 73 -11.10 -5.42 -1.17
C ASP A 73 -9.78 -5.49 -0.37
N ASP A 74 -8.64 -5.34 -1.05
CA ASP A 74 -7.31 -5.38 -0.44
C ASP A 74 -6.80 -4.01 0.06
N LEU A 75 -7.33 -2.86 -0.38
CA LEU A 75 -6.94 -1.51 0.08
C LEU A 75 -6.96 -1.38 1.61
N ASN A 76 -7.94 -2.04 2.23
CA ASN A 76 -8.08 -2.29 3.67
C ASN A 76 -6.78 -2.73 4.36
N GLU A 77 -6.05 -3.69 3.79
CA GLU A 77 -4.79 -4.19 4.35
C GLU A 77 -3.58 -3.29 4.04
N GLN A 78 -3.62 -2.49 2.96
CA GLN A 78 -2.48 -1.68 2.54
C GLN A 78 -2.16 -0.58 3.57
N LEU A 79 -3.21 -0.04 4.19
CA LEU A 79 -3.18 0.84 5.37
C LEU A 79 -2.49 0.20 6.60
N THR A 80 -2.54 -1.13 6.73
CA THR A 80 -2.09 -1.92 7.88
C THR A 80 -0.62 -2.36 7.79
N LEU A 81 -0.14 -2.74 6.59
CA LEU A 81 1.18 -3.35 6.31
C LEU A 81 2.31 -2.97 7.26
N LEU A 82 2.69 -1.68 7.24
CA LEU A 82 3.86 -1.20 7.96
C LEU A 82 3.60 -1.01 9.48
N SER A 83 2.34 -1.06 9.88
CA SER A 83 1.86 -0.95 11.26
C SER A 83 1.57 -2.31 11.93
N LYS A 84 1.72 -3.44 11.22
CA LYS A 84 1.47 -4.81 11.74
C LYS A 84 2.20 -5.05 13.07
N LYS A 85 1.43 -5.15 14.17
CA LYS A 85 1.91 -5.31 15.57
C LYS A 85 2.94 -4.25 16.03
N HIS A 86 3.03 -3.11 15.34
CA HIS A 86 4.03 -2.06 15.58
C HIS A 86 3.64 -1.15 16.76
N GLY A 87 4.61 -0.54 17.43
CA GLY A 87 4.40 0.48 18.48
C GLY A 87 4.11 1.89 17.96
N GLN A 88 4.20 2.11 16.63
CA GLN A 88 3.99 3.41 15.98
C GLN A 88 2.60 4.01 16.24
N LEU A 89 2.58 5.33 16.39
CA LEU A 89 1.38 6.17 16.50
C LEU A 89 0.66 6.21 15.15
N LYS A 90 -0.54 5.62 15.07
CA LYS A 90 -1.29 5.47 13.80
C LYS A 90 -1.51 6.79 13.09
N LEU A 91 -1.81 7.89 13.80
CA LEU A 91 -2.01 9.22 13.22
C LEU A 91 -0.83 9.76 12.37
N SER A 92 0.33 9.11 12.43
CA SER A 92 1.51 9.39 11.61
C SER A 92 1.48 8.66 10.26
N ILE A 93 1.14 7.36 10.26
CA ILE A 93 0.93 6.58 9.03
C ILE A 93 -0.49 6.74 8.47
N GLN A 94 -1.41 7.32 9.24
CA GLN A 94 -2.80 7.63 8.87
C GLN A 94 -2.85 8.56 7.64
N TYR A 95 -1.82 9.40 7.44
CA TYR A 95 -1.63 10.17 6.22
C TYR A 95 -1.57 9.33 4.92
N MET A 96 -1.29 8.02 4.99
CA MET A 96 -1.43 7.08 3.87
C MET A 96 -2.89 6.85 3.45
N ILE A 97 -3.83 7.03 4.37
CA ILE A 97 -5.27 6.81 4.14
C ILE A 97 -5.83 7.70 3.04
N GLN A 98 -5.12 8.77 2.65
CA GLN A 98 -5.44 9.56 1.47
C GLN A 98 -5.61 8.69 0.21
N LYS A 99 -4.93 7.52 0.12
CA LYS A 99 -5.11 6.55 -0.97
C LYS A 99 -6.44 5.80 -0.88
N VAL A 100 -6.85 5.36 0.31
CA VAL A 100 -8.22 4.88 0.53
C VAL A 100 -9.23 5.97 0.17
N MET A 101 -8.98 7.20 0.59
CA MET A 101 -9.82 8.35 0.30
C MET A 101 -9.78 8.84 -1.17
N GLU A 102 -8.84 8.36 -2.00
CA GLU A 102 -8.63 8.92 -3.35
C GLU A 102 -9.45 8.27 -4.46
N TYR A 103 -9.56 6.93 -4.50
CA TYR A 103 -10.28 6.23 -5.56
C TYR A 103 -11.10 5.05 -5.03
N LEU A 104 -10.57 4.33 -4.04
CA LEU A 104 -11.28 3.32 -3.25
C LEU A 104 -12.54 3.93 -2.58
N LYS A 105 -12.49 5.21 -2.22
CA LYS A 105 -13.60 6.01 -1.69
C LYS A 105 -14.79 6.16 -2.66
N SER A 106 -14.47 6.35 -3.94
CA SER A 106 -15.44 6.73 -4.98
C SER A 106 -16.50 5.65 -5.26
N SER A 107 -17.76 6.07 -5.38
CA SER A 107 -18.90 5.17 -5.66
C SER A 107 -19.02 4.80 -7.14
N LYS A 108 -17.95 4.27 -7.74
CA LYS A 108 -17.84 3.70 -9.08
C LYS A 108 -18.57 2.35 -9.21
N SER A 109 -19.85 2.37 -8.84
CA SER A 109 -20.71 1.19 -8.63
C SER A 109 -20.11 0.24 -7.56
N LEU A 110 -19.53 0.81 -6.51
CA LEU A 110 -18.82 0.06 -5.46
C LEU A 110 -19.78 -0.70 -4.56
N ASP A 111 -19.48 -1.96 -4.28
CA ASP A 111 -20.25 -2.78 -3.35
C ASP A 111 -20.08 -2.30 -1.92
N LEU A 112 -21.19 -2.28 -1.18
CA LEU A 112 -21.20 -1.98 0.26
C LEU A 112 -20.33 -2.95 1.02
N ASN A 113 -20.37 -4.23 0.67
CA ASN A 113 -19.57 -5.24 1.35
C ASN A 113 -18.05 -4.98 1.21
N THR A 114 -17.63 -4.42 0.07
CA THR A 114 -16.26 -3.95 -0.15
C THR A 114 -15.99 -2.72 0.70
N ARG A 115 -16.84 -1.68 0.61
CA ARG A 115 -16.77 -0.45 1.40
C ARG A 115 -16.60 -0.71 2.89
N ILE A 116 -17.47 -1.55 3.41
CA ILE A 116 -17.59 -1.99 4.80
C ILE A 116 -16.30 -2.61 5.33
N SER A 117 -15.66 -3.42 4.48
CA SER A 117 -14.42 -4.15 4.79
C SER A 117 -13.24 -3.19 4.99
N VAL A 118 -13.43 -1.92 4.61
CA VAL A 118 -12.54 -0.79 4.85
C VAL A 118 -13.08 0.07 5.99
N ILE A 119 -14.25 0.67 5.83
CA ILE A 119 -14.81 1.72 6.67
C ILE A 119 -14.98 1.36 8.16
N GLU A 120 -14.97 0.07 8.51
CA GLU A 120 -14.87 -0.43 9.88
C GLU A 120 -13.45 -0.84 10.28
N THR A 121 -12.63 -1.34 9.35
CA THR A 121 -11.19 -1.62 9.55
C THR A 121 -10.46 -0.41 10.15
N ILE A 122 -10.72 0.78 9.59
CA ILE A 122 -10.14 2.05 10.04
C ILE A 122 -10.58 2.36 11.47
N ARG A 123 -11.84 2.10 11.83
CA ARG A 123 -12.36 2.28 13.20
C ARG A 123 -11.65 1.34 14.17
N VAL A 124 -11.56 0.06 13.82
CA VAL A 124 -10.92 -1.01 14.62
C VAL A 124 -9.43 -0.76 14.87
N VAL A 125 -8.69 -0.29 13.87
CA VAL A 125 -7.23 -0.08 13.96
C VAL A 125 -6.83 1.30 14.53
N THR A 126 -7.67 2.34 14.37
CA THR A 126 -7.39 3.68 14.95
C THR A 126 -7.89 3.81 16.39
N GLU A 127 -9.16 3.46 16.66
CA GLU A 127 -9.74 3.37 18.00
C GLU A 127 -9.51 1.96 18.57
N ASN A 128 -8.23 1.58 18.69
CA ASN A 128 -7.76 0.21 18.95
C ASN A 128 -8.01 -0.32 20.39
N LYS A 129 -9.12 0.07 21.03
CA LYS A 129 -9.63 -0.42 22.33
C LYS A 129 -10.48 -1.69 22.16
N ILE A 130 -10.07 -2.52 21.19
CA ILE A 130 -10.75 -3.72 20.70
C ILE A 130 -11.15 -4.71 21.79
N PHE A 131 -12.21 -5.47 21.52
CA PHE A 131 -12.84 -6.48 22.38
C PHE A 131 -12.16 -7.86 22.27
N VAL A 132 -10.85 -7.83 22.01
CA VAL A 132 -9.96 -9.00 21.94
C VAL A 132 -9.94 -9.74 23.28
N GLU A 133 -9.59 -11.02 23.17
CA GLU A 133 -9.70 -11.99 24.25
C GLU A 133 -8.71 -11.73 25.40
N VAL A 134 -9.22 -11.92 26.61
CA VAL A 134 -8.56 -11.78 27.91
C VAL A 134 -9.13 -12.89 28.79
N GLU A 135 -9.43 -12.55 30.03
CA GLU A 135 -10.06 -13.36 31.08
C GLU A 135 -11.57 -13.58 30.84
N ARG A 136 -11.95 -13.96 29.60
CA ARG A 136 -13.34 -14.14 29.12
C ARG A 136 -13.47 -15.43 28.31
N MET A 1 44.43 12.17 -3.10
CA MET A 1 43.13 12.88 -3.06
C MET A 1 41.98 11.87 -3.16
N SER A 2 40.81 12.22 -2.63
CA SER A 2 39.57 11.41 -2.70
C SER A 2 38.32 12.27 -2.62
N ARG A 3 37.14 11.70 -2.92
CA ARG A 3 35.83 12.39 -2.89
C ARG A 3 35.44 12.81 -1.47
N ASP A 4 34.70 13.92 -1.37
CA ASP A 4 34.30 14.54 -0.09
C ASP A 4 32.79 14.86 0.01
N ALA A 5 31.98 14.47 -0.98
CA ALA A 5 30.52 14.54 -0.90
C ALA A 5 30.00 13.50 0.12
N PRO A 6 29.10 13.88 1.06
CA PRO A 6 28.60 12.98 2.09
C PRO A 6 27.62 11.95 1.50
N ILE A 7 27.75 10.68 1.90
CA ILE A 7 26.91 9.57 1.44
C ILE A 7 25.58 9.54 2.22
N LYS A 8 24.73 10.56 1.99
CA LYS A 8 23.47 10.77 2.73
C LYS A 8 22.39 9.72 2.48
N ALA A 9 22.28 9.24 1.24
CA ALA A 9 21.18 8.41 0.73
C ALA A 9 19.80 8.97 1.13
N ASP A 10 19.45 10.09 0.49
CA ASP A 10 18.25 10.91 0.77
C ASP A 10 16.93 10.14 0.63
N LYS A 11 16.93 9.04 -0.12
CA LYS A 11 15.82 8.08 -0.24
C LYS A 11 16.27 6.61 -0.30
N ASP A 12 17.05 6.20 0.70
CA ASP A 12 17.43 4.80 0.91
C ASP A 12 16.18 3.88 0.96
N TYR A 13 16.33 2.64 0.50
CA TYR A 13 15.27 1.66 0.17
C TYR A 13 14.34 2.13 -0.95
N SER A 14 13.67 3.27 -0.79
CA SER A 14 12.78 3.90 -1.78
C SER A 14 13.42 4.15 -3.15
N GLN A 15 14.73 4.07 -3.23
CA GLN A 15 15.52 4.15 -4.46
C GLN A 15 15.25 2.98 -5.42
N ILE A 16 14.74 1.85 -4.92
CA ILE A 16 14.21 0.74 -5.74
C ILE A 16 13.08 1.24 -6.61
N LEU A 17 12.13 1.90 -5.96
CA LEU A 17 10.92 2.42 -6.56
C LEU A 17 11.26 3.53 -7.59
N LYS A 18 12.35 4.27 -7.36
CA LYS A 18 12.90 5.25 -8.30
C LYS A 18 13.52 4.60 -9.55
N GLU A 19 14.19 3.47 -9.39
CA GLU A 19 14.97 2.84 -10.47
C GLU A 19 14.17 1.81 -11.28
N GLU A 20 13.23 1.12 -10.65
CA GLU A 20 12.35 0.14 -11.31
C GLU A 20 11.20 0.81 -12.04
N PHE A 21 10.70 1.96 -11.58
CA PHE A 21 9.63 2.71 -12.25
C PHE A 21 9.81 2.81 -13.77
N PRO A 22 10.93 3.32 -14.32
CA PRO A 22 11.16 3.31 -15.77
C PRO A 22 11.11 1.91 -16.40
N LYS A 23 11.62 0.88 -15.72
CA LYS A 23 11.60 -0.51 -16.22
C LYS A 23 10.17 -1.02 -16.44
N ILE A 24 9.21 -0.55 -15.64
CA ILE A 24 7.77 -0.88 -15.77
C ILE A 24 7.00 0.12 -16.63
N ASP A 25 7.50 1.34 -16.77
CA ASP A 25 6.77 2.44 -17.42
C ASP A 25 6.53 2.11 -18.90
N SER A 26 7.50 1.43 -19.53
CA SER A 26 7.38 0.84 -20.87
C SER A 26 6.24 -0.18 -20.99
N LEU A 27 5.86 -0.84 -19.90
CA LEU A 27 4.79 -1.82 -19.84
C LEU A 27 3.43 -1.16 -19.49
N ALA A 28 3.38 -0.30 -18.48
CA ALA A 28 2.18 0.46 -18.11
C ALA A 28 1.67 1.39 -19.24
N GLN A 29 2.56 1.96 -20.04
CA GLN A 29 2.19 2.81 -21.19
C GLN A 29 1.72 2.04 -22.44
N ASN A 30 1.71 0.69 -22.40
CA ASN A 30 1.35 -0.18 -23.52
C ASN A 30 0.31 -1.26 -23.21
N ASP A 31 0.28 -1.81 -21.99
CA ASP A 31 -0.61 -2.94 -21.63
C ASP A 31 -1.16 -2.87 -20.19
N CYS A 32 -0.34 -2.42 -19.23
CA CYS A 32 -0.65 -2.16 -17.81
C CYS A 32 -1.20 -3.32 -16.95
N ASN A 33 -1.62 -4.45 -17.50
CA ASN A 33 -2.16 -5.58 -16.69
C ASN A 33 -1.08 -6.16 -15.76
N SER A 34 0.12 -6.38 -16.30
CA SER A 34 1.30 -6.85 -15.56
C SER A 34 2.08 -5.74 -14.84
N ALA A 35 1.83 -4.46 -15.13
CA ALA A 35 2.53 -3.35 -14.47
C ALA A 35 2.28 -3.30 -12.94
N LEU A 36 1.05 -3.63 -12.52
CA LEU A 36 0.74 -3.71 -11.09
C LEU A 36 1.48 -4.87 -10.40
N ASP A 37 1.70 -5.97 -11.13
CA ASP A 37 2.57 -7.09 -10.75
C ASP A 37 4.08 -6.75 -10.82
N GLN A 38 4.43 -5.47 -10.99
CA GLN A 38 5.78 -4.95 -10.83
C GLN A 38 5.84 -3.99 -9.63
N LEU A 39 5.17 -2.83 -9.67
CA LEU A 39 5.33 -1.85 -8.59
C LEU A 39 4.72 -2.29 -7.25
N LEU A 40 3.56 -2.95 -7.22
CA LEU A 40 2.98 -3.37 -5.93
C LEU A 40 3.61 -4.69 -5.43
N VAL A 41 4.40 -5.37 -6.27
CA VAL A 41 5.27 -6.48 -5.85
C VAL A 41 6.46 -5.94 -5.04
N LEU A 42 6.90 -4.71 -5.31
CA LEU A 42 7.85 -4.00 -4.46
C LEU A 42 7.26 -3.76 -3.07
N GLU A 43 6.06 -3.18 -2.96
CA GLU A 43 5.32 -3.07 -1.68
C GLU A 43 5.30 -4.40 -0.90
N LYS A 44 5.06 -5.51 -1.61
CA LYS A 44 4.99 -6.86 -1.05
C LYS A 44 6.34 -7.31 -0.49
N LYS A 45 7.39 -7.25 -1.33
CA LYS A 45 8.76 -7.61 -0.96
C LYS A 45 9.26 -6.73 0.19
N THR A 46 9.04 -5.43 0.12
CA THR A 46 9.49 -4.44 1.11
C THR A 46 8.82 -4.60 2.47
N ARG A 47 7.50 -4.89 2.53
CA ARG A 47 6.84 -5.28 3.79
C ARG A 47 7.47 -6.55 4.37
N GLN A 48 7.67 -7.59 3.55
CA GLN A 48 8.11 -8.91 4.01
C GLN A 48 9.61 -8.95 4.39
N ALA A 49 10.46 -8.20 3.68
CA ALA A 49 11.91 -8.11 3.85
C ALA A 49 12.36 -7.14 4.97
N SER A 50 11.43 -6.37 5.55
CA SER A 50 11.71 -5.24 6.46
C SER A 50 12.51 -4.09 5.80
N ASP A 51 12.40 -3.97 4.47
CA ASP A 51 12.87 -2.84 3.65
C ASP A 51 11.78 -1.75 3.52
N LEU A 52 10.74 -1.87 4.37
CA LEU A 52 9.45 -1.20 4.39
C LEU A 52 9.44 0.33 4.30
N ALA A 53 10.56 0.97 4.59
CA ALA A 53 10.77 2.40 4.33
C ALA A 53 10.46 2.78 2.87
N SER A 54 10.63 1.82 1.93
CA SER A 54 10.18 1.90 0.53
C SER A 54 8.71 1.47 0.42
N SER A 55 8.25 0.38 1.06
CA SER A 55 6.82 0.00 1.12
C SER A 55 5.92 1.21 1.43
N LYS A 56 6.33 2.01 2.42
CA LYS A 56 5.66 3.25 2.87
C LYS A 56 5.61 4.37 1.82
N GLU A 57 6.54 4.36 0.86
CA GLU A 57 6.64 5.28 -0.27
C GLU A 57 5.81 4.80 -1.48
N VAL A 58 5.79 3.50 -1.78
CA VAL A 58 4.93 2.92 -2.84
C VAL A 58 3.45 2.84 -2.44
N LEU A 59 3.16 2.69 -1.14
CA LEU A 59 1.81 2.75 -0.60
C LEU A 59 1.04 4.03 -0.97
N ALA A 60 1.71 5.16 -1.10
CA ALA A 60 1.12 6.42 -1.51
C ALA A 60 0.75 6.52 -3.00
N LYS A 61 1.01 5.46 -3.79
CA LYS A 61 0.53 5.28 -5.17
C LYS A 61 -0.08 3.91 -5.42
N ILE A 62 -0.18 3.08 -4.38
CA ILE A 62 -0.96 1.85 -4.36
C ILE A 62 -2.39 2.10 -4.85
N VAL A 63 -2.96 3.26 -4.54
CA VAL A 63 -4.30 3.63 -5.03
C VAL A 63 -4.31 4.09 -6.49
N ASP A 64 -3.20 4.69 -6.93
CA ASP A 64 -3.00 5.17 -8.28
C ASP A 64 -2.69 4.05 -9.29
N LEU A 65 -2.50 2.81 -8.80
CA LEU A 65 -2.22 1.64 -9.63
C LEU A 65 -3.20 0.49 -9.35
N LEU A 66 -3.35 -0.04 -8.11
CA LEU A 66 -4.37 -1.09 -7.83
C LEU A 66 -5.80 -0.60 -8.07
N ALA A 67 -6.26 0.35 -7.24
CA ALA A 67 -7.62 0.91 -7.36
C ALA A 67 -7.91 1.55 -8.74
N SER A 68 -6.85 1.96 -9.43
CA SER A 68 -6.84 2.56 -10.76
C SER A 68 -7.03 1.56 -11.91
N ARG A 69 -6.51 0.33 -11.76
CA ARG A 69 -6.54 -0.76 -12.76
C ARG A 69 -7.51 -1.89 -12.37
N ASN A 70 -8.59 -1.50 -11.69
CA ASN A 70 -9.67 -2.35 -11.19
C ASN A 70 -9.25 -3.47 -10.18
N LYS A 71 -8.11 -3.29 -9.48
CA LYS A 71 -7.69 -4.10 -8.33
C LYS A 71 -7.98 -3.40 -7.00
N TRP A 72 -9.05 -2.59 -6.97
CA TRP A 72 -9.60 -1.94 -5.78
C TRP A 72 -9.88 -2.90 -4.60
N ASP A 73 -10.11 -4.17 -4.88
CA ASP A 73 -10.22 -5.25 -3.89
C ASP A 73 -8.97 -5.36 -2.99
N ASP A 74 -7.79 -5.01 -3.50
CA ASP A 74 -6.52 -5.09 -2.79
C ASP A 74 -6.22 -3.88 -1.88
N LEU A 75 -6.83 -2.69 -2.09
CA LEU A 75 -6.58 -1.47 -1.28
C LEU A 75 -6.79 -1.69 0.22
N ASN A 76 -7.81 -2.48 0.56
CA ASN A 76 -8.11 -3.05 1.89
C ASN A 76 -6.87 -3.63 2.61
N GLU A 77 -6.01 -4.36 1.90
CA GLU A 77 -4.80 -4.97 2.44
C GLU A 77 -3.67 -3.94 2.62
N GLN A 78 -3.64 -2.91 1.78
CA GLN A 78 -2.58 -1.89 1.76
C GLN A 78 -2.64 -1.01 3.03
N LEU A 79 -3.86 -0.74 3.49
CA LEU A 79 -4.13 -0.14 4.81
C LEU A 79 -3.64 -0.99 6.01
N THR A 80 -3.50 -2.30 5.80
CA THR A 80 -3.28 -3.33 6.82
C THR A 80 -1.80 -3.72 7.00
N LEU A 81 -1.01 -3.77 5.93
CA LEU A 81 0.36 -4.32 5.86
C LEU A 81 1.18 -4.26 7.15
N LEU A 82 1.50 -3.04 7.61
CA LEU A 82 2.33 -2.83 8.81
C LEU A 82 1.53 -2.89 10.12
N SER A 83 0.20 -2.74 10.02
CA SER A 83 -0.75 -2.93 11.13
C SER A 83 -1.03 -4.40 11.47
N LYS A 84 -0.48 -5.37 10.71
CA LYS A 84 -0.60 -6.82 11.00
C LYS A 84 -0.07 -7.22 12.39
N LYS A 85 0.83 -6.41 12.98
CA LYS A 85 1.30 -6.52 14.37
C LYS A 85 0.20 -6.10 15.37
N HIS A 86 -0.84 -6.92 15.51
CA HIS A 86 -1.98 -6.66 16.41
C HIS A 86 -1.51 -6.36 17.85
N GLY A 87 -2.09 -5.34 18.47
CA GLY A 87 -1.64 -4.75 19.74
C GLY A 87 -0.85 -3.44 19.58
N GLN A 88 -0.22 -3.20 18.42
CA GLN A 88 0.36 -1.90 18.06
C GLN A 88 -0.76 -0.92 17.64
N LEU A 89 -0.58 0.37 17.96
CA LEU A 89 -1.56 1.42 17.66
C LEU A 89 -1.80 1.58 16.14
N LYS A 90 -3.03 1.29 15.69
CA LYS A 90 -3.50 1.57 14.32
C LYS A 90 -3.67 3.06 14.04
N LEU A 91 -3.93 3.95 15.01
CA LEU A 91 -4.18 5.39 14.72
C LEU A 91 -3.05 6.04 13.89
N SER A 92 -1.80 5.72 14.24
CA SER A 92 -0.61 6.19 13.52
C SER A 92 -0.58 5.77 12.03
N ILE A 93 -1.18 4.63 11.68
CA ILE A 93 -1.39 4.13 10.32
C ILE A 93 -2.86 4.17 9.87
N GLN A 94 -3.74 4.87 10.59
CA GLN A 94 -5.08 5.22 10.10
C GLN A 94 -4.94 6.30 9.04
N TYR A 95 -3.96 7.19 9.19
CA TYR A 95 -3.54 8.16 8.18
C TYR A 95 -3.18 7.54 6.81
N MET A 96 -2.90 6.23 6.72
CA MET A 96 -2.75 5.52 5.44
C MET A 96 -4.06 5.49 4.64
N ILE A 97 -5.20 5.56 5.32
CA ILE A 97 -6.55 5.60 4.72
C ILE A 97 -6.74 6.79 3.78
N GLN A 98 -5.90 7.82 3.84
CA GLN A 98 -5.92 8.99 2.95
C GLN A 98 -5.83 8.62 1.45
N LYS A 99 -5.30 7.44 1.11
CA LYS A 99 -5.30 6.87 -0.24
C LYS A 99 -6.59 6.13 -0.55
N VAL A 100 -7.14 5.37 0.41
CA VAL A 100 -8.47 4.78 0.28
C VAL A 100 -9.55 5.84 0.07
N MET A 101 -9.59 6.87 0.92
CA MET A 101 -10.51 7.99 0.77
C MET A 101 -10.17 8.96 -0.37
N GLU A 102 -9.24 8.55 -1.25
CA GLU A 102 -8.97 9.21 -2.52
C GLU A 102 -9.65 8.49 -3.68
N TYR A 103 -8.95 7.63 -4.44
CA TYR A 103 -9.47 7.14 -5.72
C TYR A 103 -10.30 5.87 -5.58
N LEU A 104 -9.94 5.04 -4.59
CA LEU A 104 -10.69 3.86 -4.19
C LEU A 104 -12.12 4.24 -3.76
N LYS A 105 -12.28 5.28 -2.92
CA LYS A 105 -13.59 5.89 -2.60
C LYS A 105 -14.25 6.56 -3.81
N SER A 106 -13.51 7.44 -4.48
CA SER A 106 -14.00 8.25 -5.62
C SER A 106 -14.22 7.47 -6.95
N SER A 107 -14.21 6.14 -6.92
CA SER A 107 -14.39 5.27 -8.09
C SER A 107 -15.79 5.40 -8.72
N LYS A 108 -15.97 4.81 -9.91
CA LYS A 108 -17.11 4.95 -10.82
C LYS A 108 -18.30 4.09 -10.40
N SER A 109 -18.89 4.51 -9.28
CA SER A 109 -20.02 3.85 -8.60
C SER A 109 -19.67 2.42 -8.18
N LEU A 110 -18.61 2.32 -7.35
CA LEU A 110 -17.97 1.09 -6.88
C LEU A 110 -18.97 -0.02 -6.47
N ASP A 111 -18.68 -1.24 -6.90
CA ASP A 111 -19.48 -2.43 -6.59
C ASP A 111 -19.49 -2.73 -5.08
N LEU A 112 -20.65 -3.16 -4.59
CA LEU A 112 -20.90 -3.43 -3.16
C LEU A 112 -19.90 -4.41 -2.58
N ASN A 113 -19.69 -5.55 -3.25
CA ASN A 113 -18.83 -6.62 -2.73
C ASN A 113 -17.36 -6.16 -2.58
N THR A 114 -16.92 -5.22 -3.42
CA THR A 114 -15.61 -4.57 -3.38
C THR A 114 -15.57 -3.51 -2.27
N ARG A 115 -16.53 -2.57 -2.25
CA ARG A 115 -16.69 -1.53 -1.21
C ARG A 115 -16.84 -2.08 0.21
N ILE A 116 -17.55 -3.18 0.37
CA ILE A 116 -17.69 -3.89 1.65
C ILE A 116 -16.34 -4.18 2.30
N SER A 117 -15.34 -4.53 1.49
CA SER A 117 -14.01 -4.90 2.00
C SER A 117 -13.31 -3.72 2.68
N VAL A 118 -13.63 -2.49 2.26
CA VAL A 118 -13.02 -1.25 2.74
C VAL A 118 -13.89 -0.57 3.79
N ILE A 119 -15.21 -0.73 3.73
CA ILE A 119 -16.14 -0.22 4.73
C ILE A 119 -16.21 -1.07 6.01
N GLU A 120 -15.79 -2.35 5.95
CA GLU A 120 -15.59 -3.19 7.13
C GLU A 120 -14.17 -3.22 7.68
N THR A 121 -13.11 -3.25 6.85
CA THR A 121 -11.71 -3.34 7.34
C THR A 121 -11.40 -2.27 8.39
N ILE A 122 -11.78 -1.03 8.08
CA ILE A 122 -11.70 0.17 8.91
C ILE A 122 -12.37 -0.04 10.27
N ARG A 123 -13.51 -0.73 10.33
CA ARG A 123 -14.19 -1.10 11.58
C ARG A 123 -13.40 -2.14 12.35
N VAL A 124 -13.16 -3.32 11.77
CA VAL A 124 -12.53 -4.46 12.47
C VAL A 124 -11.08 -4.16 12.90
N VAL A 125 -10.37 -3.25 12.20
CA VAL A 125 -9.02 -2.83 12.55
C VAL A 125 -8.96 -1.67 13.57
N THR A 126 -10.03 -0.87 13.76
CA THR A 126 -10.05 0.28 14.70
C THR A 126 -11.00 0.15 15.87
N GLU A 127 -12.24 -0.33 15.66
CA GLU A 127 -13.17 -0.70 16.74
C GLU A 127 -12.70 -2.01 17.41
N ASN A 128 -12.20 -2.94 16.59
CA ASN A 128 -11.61 -4.23 16.97
C ASN A 128 -12.48 -5.01 18.00
N LYS A 129 -11.89 -5.56 19.08
CA LYS A 129 -12.59 -6.27 20.17
C LYS A 129 -13.46 -7.42 19.64
N ILE A 130 -12.86 -8.27 18.81
CA ILE A 130 -13.49 -9.37 18.07
C ILE A 130 -14.25 -10.35 18.97
N PHE A 131 -15.33 -10.91 18.42
CA PHE A 131 -16.32 -11.74 19.13
C PHE A 131 -15.78 -13.08 19.66
N VAL A 132 -14.56 -13.45 19.27
CA VAL A 132 -13.77 -14.56 19.82
C VAL A 132 -13.56 -14.40 21.33
N GLU A 133 -13.17 -13.20 21.75
CA GLU A 133 -12.98 -12.80 23.14
C GLU A 133 -14.31 -12.60 23.89
N VAL A 134 -14.33 -13.00 25.16
CA VAL A 134 -15.49 -12.88 26.07
C VAL A 134 -15.03 -12.81 27.53
N GLU A 135 -14.88 -11.58 28.04
CA GLU A 135 -14.59 -11.19 29.43
C GLU A 135 -13.38 -11.89 30.11
N ARG A 136 -12.37 -12.26 29.32
CA ARG A 136 -11.09 -12.90 29.76
C ARG A 136 -9.91 -12.37 28.95
N MET A 1 16.97 24.55 5.71
CA MET A 1 15.66 24.42 5.01
C MET A 1 15.71 23.40 3.88
N SER A 2 16.42 23.66 2.78
CA SER A 2 16.40 22.86 1.54
C SER A 2 17.21 21.55 1.60
N ARG A 3 16.90 20.68 2.58
CA ARG A 3 17.59 19.41 2.87
C ARG A 3 17.59 18.41 1.69
N ASP A 4 16.62 18.52 0.79
CA ASP A 4 16.46 17.71 -0.43
C ASP A 4 16.86 18.44 -1.73
N ALA A 5 17.65 19.51 -1.64
CA ALA A 5 18.31 20.07 -2.82
C ALA A 5 19.33 19.07 -3.43
N PRO A 6 20.07 18.26 -2.64
CA PRO A 6 20.87 17.14 -3.14
C PRO A 6 20.01 15.95 -3.59
N ILE A 7 20.57 15.05 -4.39
CA ILE A 7 19.94 13.81 -4.85
C ILE A 7 19.91 12.77 -3.70
N LYS A 8 18.95 12.94 -2.78
CA LYS A 8 18.80 12.17 -1.52
C LYS A 8 18.21 10.76 -1.71
N ALA A 9 18.68 9.99 -2.70
CA ALA A 9 18.37 8.55 -2.80
C ALA A 9 19.23 7.78 -1.78
N ASP A 10 18.80 7.85 -0.52
CA ASP A 10 19.42 7.14 0.61
C ASP A 10 19.28 5.60 0.45
N LYS A 11 18.23 5.16 -0.28
CA LYS A 11 17.99 3.80 -0.79
C LYS A 11 17.98 2.65 0.23
N ASP A 12 17.83 2.96 1.51
CA ASP A 12 17.69 1.97 2.59
C ASP A 12 16.41 1.13 2.39
N TYR A 13 16.60 -0.17 2.16
CA TYR A 13 15.60 -1.19 1.78
C TYR A 13 14.88 -0.93 0.44
N SER A 14 14.48 0.30 0.14
CA SER A 14 13.73 0.67 -1.08
C SER A 14 14.50 0.38 -2.37
N GLN A 15 15.82 0.17 -2.30
CA GLN A 15 16.67 -0.14 -3.47
C GLN A 15 16.24 -1.40 -4.21
N ILE A 16 15.62 -2.35 -3.52
CA ILE A 16 15.05 -3.58 -4.10
C ILE A 16 13.99 -3.21 -5.11
N LEU A 17 13.10 -2.32 -4.70
CA LEU A 17 11.96 -1.86 -5.47
C LEU A 17 12.41 -1.04 -6.69
N LYS A 18 13.58 -0.39 -6.58
CA LYS A 18 14.25 0.38 -7.63
C LYS A 18 14.97 -0.51 -8.67
N GLU A 19 15.47 -1.67 -8.25
CA GLU A 19 16.29 -2.56 -9.08
C GLU A 19 15.55 -3.79 -9.63
N GLU A 20 14.63 -4.37 -8.87
CA GLU A 20 13.87 -5.55 -9.28
C GLU A 20 12.68 -5.18 -10.18
N PHE A 21 12.14 -3.96 -10.08
CA PHE A 21 11.05 -3.49 -10.93
C PHE A 21 11.25 -3.80 -12.44
N PRO A 22 12.37 -3.46 -13.10
CA PRO A 22 12.60 -3.87 -14.48
C PRO A 22 12.59 -5.39 -14.69
N LYS A 23 13.14 -6.15 -13.73
CA LYS A 23 13.13 -7.62 -13.75
C LYS A 23 11.70 -8.18 -13.77
N ILE A 24 10.77 -7.56 -13.05
CA ILE A 24 9.33 -7.91 -13.08
C ILE A 24 8.60 -7.32 -14.28
N ASP A 25 9.06 -6.19 -14.80
CA ASP A 25 8.38 -5.49 -15.89
C ASP A 25 8.46 -6.32 -17.19
N SER A 26 9.56 -7.05 -17.36
CA SER A 26 9.72 -8.09 -18.40
C SER A 26 8.69 -9.23 -18.25
N LEU A 27 8.30 -9.58 -17.01
CA LEU A 27 7.22 -10.54 -16.75
C LEU A 27 5.84 -9.91 -16.99
N ALA A 28 5.56 -8.72 -16.46
CA ALA A 28 4.28 -8.01 -16.57
C ALA A 28 3.84 -7.74 -18.01
N GLN A 29 4.80 -7.63 -18.94
CA GLN A 29 4.54 -7.57 -20.39
C GLN A 29 4.00 -8.90 -20.99
N ASN A 30 3.96 -9.98 -20.22
CA ASN A 30 3.59 -11.34 -20.62
C ASN A 30 2.54 -11.98 -19.68
N ASP A 31 2.67 -11.85 -18.37
CA ASP A 31 1.73 -12.34 -17.34
C ASP A 31 1.78 -11.49 -16.05
N CYS A 32 1.14 -10.32 -16.07
CA CYS A 32 1.13 -9.43 -14.89
C CYS A 32 0.39 -10.04 -13.66
N ASN A 33 -0.41 -11.08 -13.86
CA ASN A 33 -1.05 -11.85 -12.79
C ASN A 33 -0.02 -12.53 -11.86
N SER A 34 1.15 -12.89 -12.40
CA SER A 34 2.32 -13.33 -11.62
C SER A 34 3.18 -12.15 -11.16
N ALA A 35 3.23 -11.06 -11.92
CA ALA A 35 4.07 -9.89 -11.62
C ALA A 35 3.57 -9.07 -10.41
N LEU A 36 2.27 -9.04 -10.15
CA LEU A 36 1.72 -8.46 -8.92
C LEU A 36 2.19 -9.25 -7.67
N ASP A 37 2.38 -10.58 -7.83
CA ASP A 37 3.02 -11.47 -6.85
C ASP A 37 4.56 -11.34 -6.85
N GLN A 38 5.11 -10.30 -7.48
CA GLN A 38 6.50 -9.88 -7.36
C GLN A 38 6.60 -8.53 -6.64
N LEU A 39 6.00 -7.45 -7.17
CA LEU A 39 6.07 -6.16 -6.47
C LEU A 39 5.32 -6.12 -5.14
N LEU A 40 4.09 -6.65 -5.04
CA LEU A 40 3.32 -6.50 -3.79
C LEU A 40 3.75 -7.54 -2.74
N VAL A 41 4.54 -8.54 -3.13
CA VAL A 41 5.26 -9.46 -2.23
C VAL A 41 6.41 -8.74 -1.52
N LEU A 42 7.01 -7.73 -2.15
CA LEU A 42 7.96 -6.84 -1.49
C LEU A 42 7.27 -6.04 -0.39
N GLU A 43 6.15 -5.35 -0.68
CA GLU A 43 5.29 -4.73 0.35
C GLU A 43 5.02 -5.68 1.53
N LYS A 44 4.69 -6.95 1.23
CA LYS A 44 4.41 -7.98 2.24
C LYS A 44 5.63 -8.25 3.12
N LYS A 45 6.76 -8.58 2.50
CA LYS A 45 8.04 -8.89 3.18
C LYS A 45 8.53 -7.69 3.99
N THR A 46 8.56 -6.51 3.39
CA THR A 46 9.06 -5.25 3.99
C THR A 46 8.26 -4.81 5.20
N ARG A 47 6.92 -4.82 5.15
CA ARG A 47 6.10 -4.46 6.33
C ARG A 47 6.22 -5.52 7.42
N GLN A 48 6.26 -6.82 7.08
CA GLN A 48 6.45 -7.90 8.06
C GLN A 48 7.84 -7.87 8.73
N ALA A 49 8.90 -7.55 7.97
CA ALA A 49 10.28 -7.48 8.44
C ALA A 49 10.62 -6.21 9.26
N SER A 50 9.71 -5.21 9.30
CA SER A 50 9.94 -3.85 9.81
C SER A 50 11.00 -3.05 9.00
N ASP A 51 11.16 -3.42 7.73
CA ASP A 51 11.93 -2.71 6.70
C ASP A 51 11.04 -1.71 5.92
N LEU A 52 9.83 -1.45 6.44
CA LEU A 52 8.68 -0.77 5.86
C LEU A 52 8.89 0.57 5.16
N ALA A 53 10.00 1.23 5.43
CA ALA A 53 10.46 2.39 4.68
C ALA A 53 10.57 2.11 3.16
N SER A 54 10.76 0.84 2.79
CA SER A 54 10.63 0.34 1.41
C SER A 54 9.15 0.16 1.03
N SER A 55 8.35 -0.55 1.85
CA SER A 55 6.88 -0.70 1.66
C SER A 55 6.18 0.61 1.30
N LYS A 56 6.65 1.73 1.88
CA LYS A 56 6.12 3.09 1.62
C LYS A 56 6.23 3.56 0.16
N GLU A 57 7.20 3.04 -0.60
CA GLU A 57 7.33 3.24 -2.05
C GLU A 57 6.49 2.23 -2.85
N VAL A 58 6.34 0.99 -2.36
CA VAL A 58 5.47 -0.02 -3.00
C VAL A 58 4.00 0.38 -2.94
N LEU A 59 3.58 0.91 -1.80
CA LEU A 59 2.20 1.32 -1.51
C LEU A 59 1.62 2.29 -2.53
N ALA A 60 2.45 3.12 -3.16
CA ALA A 60 2.06 4.03 -4.23
C ALA A 60 1.82 3.39 -5.60
N LYS A 61 2.26 2.14 -5.82
CA LYS A 61 1.91 1.33 -7.00
C LYS A 61 1.12 0.06 -6.69
N ILE A 62 0.76 -0.09 -5.42
CA ILE A 62 -0.20 -1.08 -4.94
C ILE A 62 -1.54 -0.96 -5.67
N VAL A 63 -1.98 0.25 -6.01
CA VAL A 63 -3.21 0.40 -6.84
C VAL A 63 -3.03 -0.13 -8.26
N ASP A 64 -1.81 -0.01 -8.77
CA ASP A 64 -1.47 -0.24 -10.17
C ASP A 64 -1.21 -1.71 -10.52
N LEU A 65 -0.92 -2.54 -9.52
CA LEU A 65 -0.79 -4.00 -9.67
C LEU A 65 -1.79 -4.80 -8.80
N LEU A 66 -2.21 -4.31 -7.63
CA LEU A 66 -3.27 -4.95 -6.82
C LEU A 66 -4.67 -4.57 -7.32
N ALA A 67 -5.14 -3.33 -7.13
CA ALA A 67 -6.48 -2.92 -7.59
C ALA A 67 -6.71 -3.11 -9.10
N SER A 68 -5.69 -2.78 -9.91
CA SER A 68 -5.78 -2.78 -11.37
C SER A 68 -5.69 -4.17 -12.02
N ARG A 69 -5.67 -5.24 -11.20
CA ARG A 69 -5.67 -6.67 -11.59
C ARG A 69 -6.81 -7.44 -10.92
N ASN A 70 -7.87 -6.73 -10.54
CA ASN A 70 -8.99 -7.20 -9.72
C ASN A 70 -8.63 -7.68 -8.30
N LYS A 71 -7.39 -7.47 -7.82
CA LYS A 71 -7.01 -7.67 -6.42
C LYS A 71 -7.32 -6.48 -5.50
N TRP A 72 -8.26 -5.63 -5.92
CA TRP A 72 -8.82 -4.49 -5.16
C TRP A 72 -9.32 -4.82 -3.75
N ASP A 73 -9.65 -6.09 -3.49
CA ASP A 73 -10.08 -6.57 -2.18
C ASP A 73 -8.99 -6.33 -1.10
N ASP A 74 -7.73 -6.27 -1.52
CA ASP A 74 -6.56 -6.05 -0.68
C ASP A 74 -6.10 -4.57 -0.59
N LEU A 75 -6.61 -3.61 -1.38
CA LEU A 75 -6.34 -2.18 -1.20
C LEU A 75 -6.76 -1.68 0.20
N ASN A 76 -7.84 -2.22 0.74
CA ASN A 76 -8.25 -2.07 2.13
C ASN A 76 -7.11 -2.40 3.13
N GLU A 77 -6.37 -3.47 2.91
CA GLU A 77 -5.25 -3.85 3.78
C GLU A 77 -4.08 -2.85 3.69
N GLN A 78 -3.94 -2.17 2.55
CA GLN A 78 -2.90 -1.16 2.34
C GLN A 78 -3.15 0.10 3.18
N LEU A 79 -4.42 0.40 3.44
CA LEU A 79 -4.83 1.41 4.41
C LEU A 79 -4.55 0.97 5.87
N THR A 80 -4.50 -0.33 6.12
CA THR A 80 -4.32 -0.95 7.43
C THR A 80 -2.84 -1.17 7.80
N LEU A 81 -1.95 -1.42 6.84
CA LEU A 81 -0.55 -1.87 6.99
C LEU A 81 0.18 -1.36 8.24
N LEU A 82 0.43 -0.05 8.37
CA LEU A 82 1.12 0.50 9.56
C LEU A 82 0.19 0.74 10.76
N SER A 83 -1.13 0.74 10.51
CA SER A 83 -2.19 0.89 11.52
C SER A 83 -2.53 -0.40 12.27
N LYS A 84 -1.95 -1.56 11.89
CA LYS A 84 -2.27 -2.90 12.42
C LYS A 84 -2.22 -3.00 13.96
N LYS A 85 -1.16 -2.46 14.58
CA LYS A 85 -0.93 -2.47 16.05
C LYS A 85 0.10 -1.42 16.51
N HIS A 86 1.11 -1.19 15.66
CA HIS A 86 2.31 -0.37 15.92
C HIS A 86 2.01 1.12 16.19
N GLY A 87 3.00 1.85 16.71
CA GLY A 87 2.86 3.21 17.25
C GLY A 87 2.46 4.34 16.29
N GLN A 88 2.40 4.09 14.97
CA GLN A 88 1.93 5.06 13.98
C GLN A 88 0.43 5.36 14.15
N LEU A 89 0.10 6.61 14.49
CA LEU A 89 -1.27 7.12 14.54
C LEU A 89 -1.90 7.11 13.15
N LYS A 90 -3.20 6.80 13.05
CA LYS A 90 -3.87 6.59 11.76
C LYS A 90 -3.77 7.80 10.84
N LEU A 91 -3.87 9.03 11.35
CA LEU A 91 -3.68 10.24 10.54
C LEU A 91 -2.27 10.41 9.90
N SER A 92 -1.27 9.64 10.34
CA SER A 92 0.05 9.57 9.69
C SER A 92 0.01 8.64 8.47
N ILE A 93 -0.61 7.47 8.61
CA ILE A 93 -0.76 6.47 7.53
C ILE A 93 -2.01 6.70 6.68
N GLN A 94 -2.93 7.59 7.08
CA GLN A 94 -4.11 7.98 6.29
C GLN A 94 -3.70 8.53 4.92
N TYR A 95 -2.49 9.11 4.83
CA TYR A 95 -1.82 9.49 3.58
C TYR A 95 -1.90 8.41 2.48
N MET A 96 -1.84 7.12 2.86
CA MET A 96 -1.98 5.98 1.93
C MET A 96 -3.37 5.86 1.30
N ILE A 97 -4.40 6.42 1.94
CA ILE A 97 -5.74 6.49 1.35
C ILE A 97 -5.78 7.30 0.06
N GLN A 98 -4.81 8.17 -0.22
CA GLN A 98 -4.68 8.80 -1.53
C GLN A 98 -4.55 7.76 -2.66
N LYS A 99 -4.05 6.54 -2.37
CA LYS A 99 -3.98 5.42 -3.31
C LYS A 99 -5.33 4.72 -3.46
N VAL A 100 -6.09 4.53 -2.38
CA VAL A 100 -7.49 4.10 -2.50
C VAL A 100 -8.31 5.12 -3.29
N MET A 101 -8.14 6.41 -3.00
CA MET A 101 -8.69 7.53 -3.75
C MET A 101 -8.13 7.69 -5.17
N GLU A 102 -7.15 6.87 -5.58
CA GLU A 102 -6.69 6.79 -6.96
C GLU A 102 -7.48 5.75 -7.79
N TYR A 103 -6.94 4.56 -8.06
CA TYR A 103 -7.52 3.65 -9.05
C TYR A 103 -8.68 2.82 -8.50
N LEU A 104 -8.57 2.47 -7.22
CA LEU A 104 -9.57 1.75 -6.45
C LEU A 104 -10.89 2.55 -6.37
N LYS A 105 -10.82 3.89 -6.27
CA LYS A 105 -11.95 4.82 -6.42
C LYS A 105 -12.34 5.08 -7.89
N SER A 106 -11.37 5.43 -8.73
CA SER A 106 -11.58 5.75 -10.16
C SER A 106 -12.19 4.62 -10.99
N SER A 107 -12.18 3.38 -10.47
CA SER A 107 -12.93 2.24 -11.01
C SER A 107 -14.44 2.49 -10.89
N LYS A 108 -15.03 3.20 -11.86
CA LYS A 108 -16.40 3.73 -11.83
C LYS A 108 -17.52 2.67 -11.87
N SER A 109 -17.18 1.41 -12.19
CA SER A 109 -18.09 0.26 -12.25
C SER A 109 -17.65 -0.91 -11.35
N LEU A 110 -16.96 -0.60 -10.25
CA LEU A 110 -16.53 -1.56 -9.24
C LEU A 110 -17.72 -2.19 -8.51
N ASP A 111 -17.61 -3.47 -8.20
CA ASP A 111 -18.61 -4.25 -7.47
C ASP A 111 -18.90 -3.65 -6.09
N LEU A 112 -20.18 -3.61 -5.74
CA LEU A 112 -20.69 -2.96 -4.52
C LEU A 112 -20.07 -3.54 -3.27
N ASN A 113 -20.01 -4.86 -3.16
CA ASN A 113 -19.51 -5.53 -1.96
C ASN A 113 -18.01 -5.24 -1.73
N THR A 114 -17.24 -5.11 -2.82
CA THR A 114 -15.83 -4.72 -2.78
C THR A 114 -15.68 -3.27 -2.33
N ARG A 115 -16.40 -2.34 -3.00
CA ARG A 115 -16.37 -0.91 -2.65
C ARG A 115 -16.85 -0.63 -1.23
N ILE A 116 -17.93 -1.27 -0.82
CA ILE A 116 -18.41 -1.24 0.58
C ILE A 116 -17.28 -1.61 1.55
N SER A 117 -16.52 -2.65 1.23
CA SER A 117 -15.48 -3.17 2.12
C SER A 117 -14.37 -2.17 2.39
N VAL A 118 -14.20 -1.17 1.52
CA VAL A 118 -13.22 -0.07 1.64
C VAL A 118 -13.83 1.27 2.04
N ILE A 119 -15.08 1.56 1.67
CA ILE A 119 -15.84 2.75 2.07
C ILE A 119 -16.39 2.66 3.50
N GLU A 120 -16.42 1.46 4.10
CA GLU A 120 -16.88 1.19 5.46
C GLU A 120 -15.73 0.97 6.47
N THR A 121 -14.68 0.23 6.08
CA THR A 121 -13.49 -0.02 6.93
C THR A 121 -12.82 1.27 7.41
N ILE A 122 -12.69 2.24 6.52
CA ILE A 122 -12.24 3.62 6.75
C ILE A 122 -13.00 4.28 7.91
N ARG A 123 -14.32 4.11 7.99
CA ARG A 123 -15.14 4.64 9.10
C ARG A 123 -14.75 3.99 10.42
N VAL A 124 -14.71 2.65 10.46
CA VAL A 124 -14.35 1.85 11.64
C VAL A 124 -12.94 2.19 12.14
N VAL A 125 -11.94 2.20 11.27
CA VAL A 125 -10.55 2.42 11.67
C VAL A 125 -10.25 3.88 12.02
N THR A 126 -10.82 4.88 11.33
CA THR A 126 -10.53 6.30 11.60
C THR A 126 -11.36 6.89 12.74
N GLU A 127 -12.64 6.52 12.91
CA GLU A 127 -13.44 6.90 14.09
C GLU A 127 -13.08 6.06 15.32
N ASN A 128 -12.57 4.84 15.10
CA ASN A 128 -11.95 3.95 16.09
C ASN A 128 -12.84 3.60 17.30
N LYS A 129 -14.14 3.39 17.06
CA LYS A 129 -15.15 2.99 18.08
C LYS A 129 -15.01 1.53 18.57
N ILE A 130 -14.05 0.79 18.03
CA ILE A 130 -13.68 -0.59 18.41
C ILE A 130 -13.28 -0.72 19.89
N PHE A 131 -13.35 -1.95 20.40
CA PHE A 131 -13.07 -2.36 21.77
C PHE A 131 -11.57 -2.60 22.04
N VAL A 132 -10.73 -1.92 21.26
CA VAL A 132 -9.26 -1.94 21.36
C VAL A 132 -8.78 -1.38 22.70
N GLU A 133 -7.54 -1.69 23.01
CA GLU A 133 -6.88 -1.32 24.26
C GLU A 133 -6.56 0.17 24.35
N VAL A 134 -6.62 0.70 25.58
CA VAL A 134 -6.31 2.10 25.93
C VAL A 134 -4.79 2.43 25.93
N GLU A 135 -4.02 1.62 25.22
CA GLU A 135 -2.58 1.73 24.97
C GLU A 135 -2.20 1.55 23.49
N ARG A 136 -3.21 1.69 22.62
CA ARG A 136 -3.09 1.72 21.15
C ARG A 136 -2.34 2.95 20.64
N MET A 1 33.93 9.83 -18.54
CA MET A 1 34.54 10.26 -17.26
C MET A 1 35.53 9.20 -16.77
N SER A 2 36.65 9.62 -16.16
CA SER A 2 37.74 8.75 -15.66
C SER A 2 37.40 8.02 -14.34
N ARG A 3 36.21 7.42 -14.24
CA ARG A 3 35.68 6.70 -13.05
C ARG A 3 34.97 5.41 -13.46
N ASP A 4 34.91 4.46 -12.53
CA ASP A 4 34.41 3.08 -12.75
C ASP A 4 33.53 2.57 -11.58
N ALA A 5 32.84 3.46 -10.88
CA ALA A 5 31.86 3.10 -9.85
C ALA A 5 30.73 2.25 -10.46
N PRO A 6 30.38 1.09 -9.87
CA PRO A 6 29.40 0.15 -10.43
C PRO A 6 27.95 0.57 -10.12
N ILE A 7 26.99 -0.29 -10.48
CA ILE A 7 25.57 -0.17 -10.10
C ILE A 7 25.35 -0.59 -8.63
N LYS A 8 26.06 0.10 -7.74
CA LYS A 8 25.92 0.04 -6.28
C LYS A 8 24.64 0.76 -5.86
N ALA A 9 23.56 0.02 -5.58
CA ALA A 9 22.29 0.60 -5.14
C ALA A 9 22.36 1.13 -3.70
N ASP A 10 22.86 2.35 -3.57
CA ASP A 10 22.83 3.20 -2.36
C ASP A 10 21.39 3.57 -1.98
N LYS A 11 20.47 3.51 -2.96
CA LYS A 11 19.01 3.58 -2.78
C LYS A 11 18.51 2.45 -1.84
N ASP A 12 18.04 2.83 -0.63
CA ASP A 12 17.28 1.96 0.28
C ASP A 12 15.85 1.72 -0.27
N TYR A 13 14.99 0.90 0.33
CA TYR A 13 13.67 0.55 -0.25
C TYR A 13 12.80 1.76 -0.65
N SER A 14 12.79 2.83 0.14
CA SER A 14 12.05 4.05 -0.17
C SER A 14 12.62 4.82 -1.38
N GLN A 15 13.85 4.51 -1.73
CA GLN A 15 14.63 5.06 -2.82
C GLN A 15 14.70 4.06 -4.00
N ILE A 16 14.45 2.77 -3.78
CA ILE A 16 14.24 1.76 -4.81
C ILE A 16 12.98 2.08 -5.61
N LEU A 17 11.96 2.59 -4.92
CA LEU A 17 10.79 3.17 -5.56
C LEU A 17 11.10 4.35 -6.52
N LYS A 18 12.33 4.90 -6.56
CA LYS A 18 12.80 5.88 -7.55
C LYS A 18 13.08 5.24 -8.92
N GLU A 19 13.71 4.06 -8.88
CA GLU A 19 14.30 3.37 -10.03
C GLU A 19 13.44 2.23 -10.56
N GLU A 20 12.72 1.51 -9.70
CA GLU A 20 11.86 0.41 -10.12
C GLU A 20 10.67 0.94 -10.89
N PHE A 21 10.03 2.01 -10.43
CA PHE A 21 8.85 2.61 -11.08
C PHE A 21 8.99 2.74 -12.62
N PRO A 22 10.05 3.35 -13.19
CA PRO A 22 10.30 3.28 -14.63
C PRO A 22 10.69 1.90 -15.17
N LYS A 23 11.59 1.17 -14.49
CA LYS A 23 12.12 -0.13 -14.97
C LYS A 23 11.03 -1.18 -15.22
N ILE A 24 9.95 -1.14 -14.45
CA ILE A 24 8.76 -2.01 -14.58
C ILE A 24 7.55 -1.31 -15.24
N ASP A 25 7.56 0.00 -15.47
CA ASP A 25 6.53 0.63 -16.30
C ASP A 25 6.54 0.01 -17.72
N SER A 26 7.73 -0.31 -18.24
CA SER A 26 7.92 -1.07 -19.49
C SER A 26 7.23 -2.45 -19.49
N LEU A 27 7.08 -3.08 -18.31
CA LEU A 27 6.27 -4.28 -18.12
C LEU A 27 4.78 -3.92 -18.03
N ALA A 28 4.39 -2.95 -17.19
CA ALA A 28 3.02 -2.51 -16.97
C ALA A 28 2.28 -2.06 -18.25
N GLN A 29 3.00 -1.54 -19.25
CA GLN A 29 2.45 -1.24 -20.58
C GLN A 29 2.09 -2.49 -21.43
N ASN A 30 2.44 -3.69 -20.96
CA ASN A 30 2.31 -4.98 -21.67
C ASN A 30 1.60 -6.08 -20.84
N ASP A 31 1.92 -6.20 -19.55
CA ASP A 31 1.33 -7.15 -18.59
C ASP A 31 1.38 -6.60 -17.16
N CYS A 32 0.52 -5.61 -16.85
CA CYS A 32 0.46 -5.00 -15.51
C CYS A 32 0.02 -5.97 -14.40
N ASN A 33 -0.58 -7.12 -14.74
CA ASN A 33 -0.86 -8.19 -13.77
C ASN A 33 0.41 -8.80 -13.16
N SER A 34 1.54 -8.73 -13.88
CA SER A 34 2.88 -9.04 -13.35
C SER A 34 3.55 -7.80 -12.72
N ALA A 35 3.30 -6.59 -13.23
CA ALA A 35 3.85 -5.34 -12.68
C ALA A 35 3.44 -5.09 -11.22
N LEU A 36 2.19 -5.41 -10.87
CA LEU A 36 1.70 -5.27 -9.50
C LEU A 36 2.42 -6.22 -8.52
N ASP A 37 2.86 -7.38 -9.02
CA ASP A 37 3.75 -8.32 -8.33
C ASP A 37 5.23 -7.88 -8.32
N GLN A 38 5.54 -6.64 -8.74
CA GLN A 38 6.84 -6.00 -8.58
C GLN A 38 6.77 -4.74 -7.70
N LEU A 39 5.96 -3.71 -8.04
CA LEU A 39 5.91 -2.50 -7.21
C LEU A 39 5.32 -2.71 -5.81
N LEU A 40 4.21 -3.45 -5.67
CA LEU A 40 3.54 -3.61 -4.37
C LEU A 40 4.21 -4.71 -3.51
N VAL A 41 5.18 -5.44 -4.08
CA VAL A 41 6.07 -6.34 -3.35
C VAL A 41 7.07 -5.56 -2.51
N LEU A 42 7.45 -4.36 -2.93
CA LEU A 42 8.22 -3.43 -2.10
C LEU A 42 7.46 -3.08 -0.81
N GLU A 43 6.20 -2.68 -0.91
CA GLU A 43 5.28 -2.53 0.25
C GLU A 43 5.27 -3.78 1.15
N LYS A 44 5.22 -4.96 0.54
CA LYS A 44 5.20 -6.23 1.28
C LYS A 44 6.51 -6.46 2.05
N LYS A 45 7.65 -6.34 1.37
CA LYS A 45 8.99 -6.50 1.93
C LYS A 45 9.27 -5.47 3.02
N THR A 46 9.01 -4.20 2.74
CA THR A 46 9.25 -3.07 3.67
C THR A 46 8.50 -3.21 4.97
N ARG A 47 7.19 -3.51 4.95
CA ARG A 47 6.44 -3.69 6.21
C ARG A 47 6.85 -4.95 6.97
N GLN A 48 7.21 -6.04 6.29
CA GLN A 48 7.70 -7.27 6.94
C GLN A 48 9.11 -7.12 7.52
N ALA A 49 9.98 -6.34 6.86
CA ALA A 49 11.37 -6.06 7.25
C ALA A 49 11.51 -4.96 8.33
N SER A 50 10.41 -4.31 8.73
CA SER A 50 10.40 -3.09 9.55
C SER A 50 11.14 -1.89 8.92
N ASP A 51 11.23 -1.89 7.59
CA ASP A 51 11.65 -0.77 6.73
C ASP A 51 10.41 -0.02 6.20
N LEU A 52 9.34 -0.03 6.99
CA LEU A 52 7.99 0.40 6.65
C LEU A 52 7.84 1.88 6.31
N ALA A 53 8.77 2.71 6.75
CA ALA A 53 8.92 4.10 6.31
C ALA A 53 9.08 4.21 4.77
N SER A 54 9.53 3.12 4.13
CA SER A 54 9.54 2.92 2.68
C SER A 54 8.18 2.49 2.13
N SER A 55 7.52 1.53 2.79
CA SER A 55 6.14 1.11 2.48
C SER A 55 5.21 2.32 2.28
N LYS A 56 5.35 3.35 3.12
CA LYS A 56 4.56 4.60 3.11
C LYS A 56 4.54 5.32 1.76
N GLU A 57 5.63 5.25 1.00
CA GLU A 57 5.75 5.84 -0.34
C GLU A 57 5.10 4.96 -1.42
N VAL A 58 5.06 3.64 -1.19
CA VAL A 58 4.36 2.68 -2.05
C VAL A 58 2.85 2.80 -1.91
N LEU A 59 2.33 3.01 -0.70
CA LEU A 59 0.88 2.96 -0.43
C LEU A 59 0.09 3.95 -1.31
N ALA A 60 0.72 5.09 -1.57
CA ALA A 60 0.20 6.14 -2.42
C ALA A 60 0.09 5.79 -3.92
N LYS A 61 0.61 4.63 -4.34
CA LYS A 61 0.40 4.04 -5.65
C LYS A 61 -0.06 2.59 -5.65
N ILE A 62 -0.36 2.07 -4.46
CA ILE A 62 -1.06 0.79 -4.30
C ILE A 62 -2.39 0.85 -5.07
N VAL A 63 -3.11 1.98 -5.01
CA VAL A 63 -4.43 2.05 -5.67
C VAL A 63 -4.29 2.10 -7.20
N ASP A 64 -3.20 2.71 -7.65
CA ASP A 64 -2.85 2.93 -9.06
C ASP A 64 -2.40 1.65 -9.80
N LEU A 65 -2.04 0.60 -9.07
CA LEU A 65 -1.78 -0.74 -9.63
C LEU A 65 -2.80 -1.76 -9.14
N LEU A 66 -2.96 -2.00 -7.83
CA LEU A 66 -3.85 -3.06 -7.34
C LEU A 66 -5.31 -2.82 -7.74
N ALA A 67 -5.97 -1.84 -7.13
CA ALA A 67 -7.36 -1.48 -7.45
C ALA A 67 -7.60 -1.26 -8.95
N SER A 68 -6.63 -0.65 -9.60
CA SER A 68 -6.67 -0.27 -11.03
C SER A 68 -6.58 -1.47 -11.99
N ARG A 69 -6.03 -2.60 -11.55
CA ARG A 69 -5.97 -3.87 -12.30
C ARG A 69 -7.05 -4.87 -11.88
N ASN A 70 -8.07 -4.40 -11.16
CA ASN A 70 -9.08 -5.22 -10.48
C ASN A 70 -8.52 -6.15 -9.37
N LYS A 71 -7.30 -5.89 -8.88
CA LYS A 71 -6.72 -6.49 -7.66
C LYS A 71 -7.06 -5.69 -6.38
N TRP A 72 -8.19 -4.98 -6.41
CA TRP A 72 -8.73 -4.13 -5.36
C TRP A 72 -8.88 -4.76 -3.98
N ASP A 73 -8.92 -6.09 -3.89
CA ASP A 73 -9.02 -6.81 -2.62
C ASP A 73 -7.81 -6.56 -1.70
N ASP A 74 -6.66 -6.18 -2.27
CA ASP A 74 -5.44 -5.86 -1.52
C ASP A 74 -5.35 -4.39 -1.05
N LEU A 75 -6.27 -3.49 -1.43
CA LEU A 75 -6.37 -2.14 -0.85
C LEU A 75 -6.73 -2.18 0.64
N ASN A 76 -7.61 -3.10 1.01
CA ASN A 76 -7.89 -3.47 2.40
C ASN A 76 -6.59 -3.83 3.18
N GLU A 77 -5.65 -4.53 2.55
CA GLU A 77 -4.36 -4.84 3.14
C GLU A 77 -3.51 -3.58 3.34
N GLN A 78 -3.44 -2.69 2.34
CA GLN A 78 -2.73 -1.41 2.44
C GLN A 78 -3.24 -0.49 3.57
N LEU A 79 -4.55 -0.48 3.78
CA LEU A 79 -5.21 0.16 4.91
C LEU A 79 -4.81 -0.45 6.27
N THR A 80 -4.54 -1.75 6.28
CA THR A 80 -4.28 -2.55 7.46
C THR A 80 -2.83 -2.49 7.93
N LEU A 81 -1.87 -2.54 7.00
CA LEU A 81 -0.42 -2.72 7.22
C LEU A 81 0.14 -2.21 8.55
N LEU A 82 0.11 -0.90 8.73
CA LEU A 82 0.80 -0.26 9.86
C LEU A 82 0.02 -0.39 11.17
N SER A 83 -1.24 -0.84 11.12
CA SER A 83 -2.17 -1.01 12.25
C SER A 83 -2.33 -2.47 12.70
N LYS A 84 -1.61 -3.42 12.09
CA LYS A 84 -1.74 -4.87 12.32
C LYS A 84 -1.66 -5.34 13.78
N LYS A 85 -0.96 -4.61 14.64
CA LYS A 85 -0.82 -4.91 16.08
C LYS A 85 -2.11 -4.72 16.91
N HIS A 86 -3.13 -4.08 16.33
CA HIS A 86 -4.41 -3.64 16.93
C HIS A 86 -4.27 -2.80 18.23
N GLY A 87 -5.37 -2.24 18.72
CA GLY A 87 -5.38 -1.35 19.90
C GLY A 87 -4.73 0.04 19.70
N GLN A 88 -4.27 0.34 18.49
CA GLN A 88 -3.77 1.66 18.07
C GLN A 88 -4.94 2.61 17.78
N LEU A 89 -4.70 3.92 17.94
CA LEU A 89 -5.62 4.98 17.48
C LEU A 89 -5.60 5.03 15.95
N LYS A 90 -6.46 4.23 15.32
CA LYS A 90 -6.56 4.09 13.86
C LYS A 90 -6.82 5.42 13.17
N LEU A 91 -7.55 6.37 13.78
CA LEU A 91 -7.81 7.70 13.22
C LEU A 91 -6.55 8.55 12.91
N SER A 92 -5.38 8.09 13.36
CA SER A 92 -4.07 8.67 13.02
C SER A 92 -3.53 8.13 11.69
N ILE A 93 -3.58 6.80 11.49
CA ILE A 93 -3.15 6.13 10.24
C ILE A 93 -4.28 6.04 9.21
N GLN A 94 -5.51 6.34 9.63
CA GLN A 94 -6.71 6.48 8.79
C GLN A 94 -6.49 7.45 7.61
N TYR A 95 -5.59 8.43 7.76
CA TYR A 95 -5.10 9.30 6.68
C TYR A 95 -4.72 8.53 5.39
N MET A 96 -4.18 7.32 5.50
CA MET A 96 -3.83 6.42 4.39
C MET A 96 -5.03 5.92 3.57
N ILE A 97 -6.24 5.99 4.13
CA ILE A 97 -7.50 5.61 3.47
C ILE A 97 -7.85 6.46 2.25
N GLN A 98 -7.19 7.61 2.07
CA GLN A 98 -7.44 8.51 0.93
C GLN A 98 -7.16 7.84 -0.43
N LYS A 99 -6.34 6.78 -0.50
CA LYS A 99 -6.13 5.95 -1.69
C LYS A 99 -7.28 4.96 -1.89
N VAL A 100 -7.87 4.42 -0.82
CA VAL A 100 -9.14 3.68 -0.92
C VAL A 100 -10.26 4.57 -1.44
N MET A 101 -10.44 5.75 -0.84
CA MET A 101 -11.37 6.80 -1.27
C MET A 101 -11.10 7.35 -2.68
N GLU A 102 -9.99 6.95 -3.31
CA GLU A 102 -9.67 7.28 -4.69
C GLU A 102 -10.35 6.31 -5.68
N TYR A 103 -9.63 5.32 -6.22
CA TYR A 103 -10.14 4.53 -7.35
C TYR A 103 -10.86 3.26 -6.90
N LEU A 104 -10.36 2.63 -5.84
CA LEU A 104 -11.01 1.51 -5.15
C LEU A 104 -12.47 1.85 -4.80
N LYS A 105 -12.71 3.07 -4.30
CA LYS A 105 -14.03 3.69 -4.06
C LYS A 105 -14.80 4.01 -5.35
N SER A 106 -14.19 4.83 -6.20
CA SER A 106 -14.85 5.44 -7.37
C SER A 106 -14.97 4.56 -8.63
N SER A 107 -14.46 3.32 -8.64
CA SER A 107 -14.63 2.34 -9.73
C SER A 107 -16.11 1.92 -9.88
N LYS A 108 -16.89 2.73 -10.59
CA LYS A 108 -18.37 2.75 -10.72
C LYS A 108 -19.04 3.10 -9.40
N SER A 109 -18.93 2.16 -8.47
CA SER A 109 -19.27 2.25 -7.04
C SER A 109 -18.70 1.07 -6.23
N LEU A 110 -17.82 0.29 -6.88
CA LEU A 110 -17.27 -1.02 -6.51
C LEU A 110 -18.35 -2.12 -6.32
N ASP A 111 -18.04 -3.36 -6.71
CA ASP A 111 -18.94 -4.50 -6.46
C ASP A 111 -19.00 -4.85 -4.97
N LEU A 112 -20.20 -5.15 -4.47
CA LEU A 112 -20.47 -5.35 -3.04
C LEU A 112 -19.63 -6.44 -2.42
N ASN A 113 -19.58 -7.61 -3.07
CA ASN A 113 -18.87 -8.77 -2.54
C ASN A 113 -17.35 -8.52 -2.38
N THR A 114 -16.79 -7.61 -3.20
CA THR A 114 -15.45 -7.07 -3.08
C THR A 114 -15.37 -5.98 -2.02
N ARG A 115 -16.26 -4.97 -2.07
CA ARG A 115 -16.32 -3.86 -1.11
C ARG A 115 -16.45 -4.31 0.34
N ILE A 116 -17.17 -5.39 0.57
CA ILE A 116 -17.29 -6.09 1.85
C ILE A 116 -15.94 -6.35 2.54
N SER A 117 -14.91 -6.61 1.74
CA SER A 117 -13.54 -6.87 2.20
C SER A 117 -12.95 -5.65 2.91
N VAL A 118 -13.19 -4.46 2.34
CA VAL A 118 -12.70 -3.18 2.84
C VAL A 118 -13.63 -2.54 3.87
N ILE A 119 -14.94 -2.50 3.63
CA ILE A 119 -15.91 -1.86 4.52
C ILE A 119 -15.93 -2.46 5.93
N GLU A 120 -15.68 -3.77 6.06
CA GLU A 120 -15.46 -4.43 7.35
C GLU A 120 -14.14 -4.04 8.02
N THR A 121 -13.08 -3.82 7.23
CA THR A 121 -11.76 -3.40 7.74
C THR A 121 -11.85 -2.05 8.45
N ILE A 122 -12.49 -1.07 7.82
CA ILE A 122 -12.65 0.27 8.37
C ILE A 122 -13.62 0.24 9.57
N ARG A 123 -14.68 -0.57 9.50
CA ARG A 123 -15.60 -0.82 10.62
C ARG A 123 -14.90 -1.41 11.86
N VAL A 124 -14.11 -2.47 11.70
CA VAL A 124 -13.52 -3.24 12.81
C VAL A 124 -12.21 -2.64 13.36
N VAL A 125 -11.34 -2.13 12.48
CA VAL A 125 -10.02 -1.63 12.90
C VAL A 125 -10.13 -0.27 13.61
N THR A 126 -11.15 0.54 13.30
CA THR A 126 -11.43 1.79 14.02
C THR A 126 -12.12 1.60 15.37
N GLU A 127 -12.75 0.46 15.66
CA GLU A 127 -13.62 0.30 16.84
C GLU A 127 -13.00 -0.49 18.01
N ASN A 128 -12.04 -1.38 17.76
CA ASN A 128 -11.42 -2.25 18.78
C ASN A 128 -10.63 -1.50 19.88
N LYS A 129 -10.44 -0.18 19.74
CA LYS A 129 -9.87 0.70 20.78
C LYS A 129 -10.76 0.79 22.03
N ILE A 130 -12.09 0.71 21.86
CA ILE A 130 -13.18 0.74 22.87
C ILE A 130 -13.17 1.94 23.84
N PHE A 131 -14.28 2.13 24.58
CA PHE A 131 -14.46 3.22 25.55
C PHE A 131 -13.62 3.07 26.83
N VAL A 132 -13.08 1.88 27.10
CA VAL A 132 -12.33 1.53 28.32
C VAL A 132 -10.99 2.27 28.44
N GLU A 133 -10.17 2.18 27.41
CA GLU A 133 -8.82 2.76 27.37
C GLU A 133 -8.82 4.30 27.37
N VAL A 134 -7.85 4.87 28.10
CA VAL A 134 -7.57 6.32 28.15
C VAL A 134 -6.07 6.65 28.17
N GLU A 135 -5.26 5.68 27.75
CA GLU A 135 -3.79 5.72 27.73
C GLU A 135 -3.18 6.09 26.37
N ARG A 136 -4.00 6.73 25.52
CA ARG A 136 -3.70 7.24 24.17
C ARG A 136 -3.02 6.19 23.27
N MET A 1 29.25 17.49 -18.20
CA MET A 1 29.12 16.13 -18.77
C MET A 1 30.49 15.63 -19.23
N SER A 2 30.71 14.30 -19.18
CA SER A 2 31.95 13.64 -19.63
C SER A 2 31.67 12.21 -20.11
N ARG A 3 32.46 11.68 -21.06
CA ARG A 3 32.29 10.34 -21.65
C ARG A 3 32.43 9.19 -20.64
N ASP A 4 33.12 9.43 -19.53
CA ASP A 4 33.30 8.48 -18.41
C ASP A 4 32.28 8.65 -17.26
N ALA A 5 31.23 9.47 -17.43
CA ALA A 5 30.15 9.59 -16.44
C ALA A 5 29.42 8.24 -16.26
N PRO A 6 29.23 7.74 -15.02
CA PRO A 6 28.65 6.42 -14.76
C PRO A 6 27.13 6.42 -14.85
N ILE A 7 26.52 5.23 -14.85
CA ILE A 7 25.07 5.03 -14.73
C ILE A 7 24.66 5.20 -13.25
N LYS A 8 24.45 6.45 -12.84
CA LYS A 8 24.27 6.83 -11.42
C LYS A 8 23.01 6.28 -10.75
N ALA A 9 21.91 6.18 -11.49
CA ALA A 9 20.55 5.92 -10.98
C ALA A 9 20.20 6.81 -9.78
N ASP A 10 19.91 8.07 -10.10
CA ASP A 10 19.68 9.17 -9.14
C ASP A 10 18.45 8.96 -8.23
N LYS A 11 17.49 8.11 -8.66
CA LYS A 11 16.24 7.83 -7.92
C LYS A 11 16.46 7.11 -6.58
N ASP A 12 15.53 7.32 -5.65
CA ASP A 12 15.61 6.87 -4.24
C ASP A 12 15.49 5.33 -4.08
N TYR A 13 15.26 4.83 -2.86
CA TYR A 13 14.97 3.42 -2.59
C TYR A 13 13.83 2.85 -3.45
N SER A 14 12.93 3.69 -3.96
CA SER A 14 11.91 3.29 -4.94
C SER A 14 12.49 2.71 -6.24
N GLN A 15 13.80 2.79 -6.46
CA GLN A 15 14.50 2.15 -7.59
C GLN A 15 14.21 0.65 -7.71
N ILE A 16 13.94 -0.01 -6.57
CA ILE A 16 13.48 -1.39 -6.51
C ILE A 16 12.17 -1.56 -7.27
N LEU A 17 11.23 -0.68 -6.96
CA LEU A 17 9.90 -0.67 -7.52
C LEU A 17 9.93 -0.28 -9.02
N LYS A 18 10.97 0.47 -9.44
CA LYS A 18 11.26 0.82 -10.85
C LYS A 18 11.81 -0.37 -11.64
N GLU A 19 12.59 -1.25 -11.01
CA GLU A 19 13.31 -2.34 -11.67
C GLU A 19 12.64 -3.72 -11.55
N GLU A 20 12.00 -4.01 -10.41
CA GLU A 20 11.33 -5.29 -10.15
C GLU A 20 9.92 -5.34 -10.72
N PHE A 21 9.22 -4.20 -10.84
CA PHE A 21 7.87 -4.16 -11.44
C PHE A 21 7.76 -4.95 -12.75
N PRO A 22 8.62 -4.76 -13.78
CA PRO A 22 8.59 -5.61 -14.97
C PRO A 22 8.81 -7.10 -14.68
N LYS A 23 9.68 -7.45 -13.71
CA LYS A 23 9.89 -8.85 -13.31
C LYS A 23 8.60 -9.50 -12.77
N ILE A 24 7.74 -8.73 -12.09
CA ILE A 24 6.42 -9.18 -11.60
C ILE A 24 5.31 -9.02 -12.63
N ASP A 25 5.44 -8.11 -13.58
CA ASP A 25 4.40 -7.78 -14.56
C ASP A 25 4.10 -9.00 -15.45
N SER A 26 5.15 -9.78 -15.77
CA SER A 26 5.06 -11.09 -16.40
C SER A 26 4.22 -12.10 -15.59
N LEU A 27 4.22 -12.00 -14.25
CA LEU A 27 3.38 -12.79 -13.37
C LEU A 27 1.95 -12.24 -13.28
N ALA A 28 1.78 -10.94 -13.03
CA ALA A 28 0.47 -10.29 -12.93
C ALA A 28 -0.41 -10.45 -14.19
N GLN A 29 0.21 -10.63 -15.36
CA GLN A 29 -0.47 -10.99 -16.61
C GLN A 29 -1.00 -12.45 -16.67
N ASN A 30 -0.72 -13.30 -15.67
CA ASN A 30 -1.00 -14.73 -15.64
C ASN A 30 -1.59 -15.24 -14.31
N ASP A 31 -1.11 -14.75 -13.16
CA ASP A 31 -1.59 -15.06 -11.80
C ASP A 31 -1.34 -13.88 -10.85
N CYS A 32 -2.14 -12.81 -11.01
CA CYS A 32 -2.02 -11.60 -10.20
C CYS A 32 -2.27 -11.83 -8.68
N ASN A 33 -2.87 -12.96 -8.31
CA ASN A 33 -3.04 -13.40 -6.92
C ASN A 33 -1.68 -13.65 -6.22
N SER A 34 -0.64 -14.00 -6.99
CA SER A 34 0.75 -14.11 -6.51
C SER A 34 1.55 -12.81 -6.71
N ALA A 35 1.22 -12.01 -7.74
CA ALA A 35 1.86 -10.71 -7.99
C ALA A 35 1.73 -9.73 -6.81
N LEU A 36 0.58 -9.75 -6.11
CA LEU A 36 0.37 -8.92 -4.93
C LEU A 36 1.37 -9.27 -3.81
N ASP A 37 1.72 -10.55 -3.70
CA ASP A 37 2.76 -11.09 -2.80
C ASP A 37 4.19 -10.82 -3.30
N GLN A 38 4.36 -9.99 -4.33
CA GLN A 38 5.64 -9.47 -4.77
C GLN A 38 5.71 -7.94 -4.63
N LEU A 39 4.76 -7.16 -5.17
CA LEU A 39 4.79 -5.70 -4.99
C LEU A 39 4.45 -5.23 -3.57
N LEU A 40 3.39 -5.75 -2.92
CA LEU A 40 3.01 -5.23 -1.59
C LEU A 40 3.94 -5.76 -0.47
N VAL A 41 4.78 -6.75 -0.79
CA VAL A 41 5.90 -7.20 0.06
C VAL A 41 7.01 -6.15 0.12
N LEU A 42 7.18 -5.37 -0.95
CA LEU A 42 8.07 -4.21 -0.96
C LEU A 42 7.60 -3.16 0.04
N GLU A 43 6.34 -2.73 -0.03
CA GLU A 43 5.70 -1.89 1.01
C GLU A 43 5.98 -2.42 2.44
N LYS A 44 5.84 -3.74 2.63
CA LYS A 44 6.05 -4.39 3.94
C LYS A 44 7.48 -4.23 4.44
N LYS A 45 8.45 -4.54 3.58
CA LYS A 45 9.89 -4.43 3.88
C LYS A 45 10.34 -2.97 4.04
N THR A 46 9.91 -2.09 3.14
CA THR A 46 10.27 -0.66 3.08
C THR A 46 9.81 0.13 4.29
N ARG A 47 8.57 -0.07 4.80
CA ARG A 47 8.16 0.57 6.07
C ARG A 47 8.94 0.02 7.26
N GLN A 48 9.19 -1.29 7.32
CA GLN A 48 9.91 -1.90 8.45
C GLN A 48 11.41 -1.57 8.48
N ALA A 49 12.04 -1.41 7.32
CA ALA A 49 13.44 -1.02 7.15
C ALA A 49 13.68 0.50 7.32
N SER A 50 12.62 1.30 7.44
CA SER A 50 12.64 2.77 7.37
C SER A 50 13.21 3.33 6.05
N ASP A 51 13.12 2.53 4.99
CA ASP A 51 13.37 2.89 3.58
C ASP A 51 12.12 3.51 2.91
N LEU A 52 11.08 3.72 3.71
CA LEU A 52 9.68 4.06 3.43
C LEU A 52 9.38 5.08 2.33
N ALA A 53 10.33 5.95 2.01
CA ALA A 53 10.28 6.80 0.83
C ALA A 53 10.02 5.98 -0.47
N SER A 54 10.39 4.70 -0.45
CA SER A 54 10.01 3.68 -1.45
C SER A 54 8.58 3.21 -1.25
N SER A 55 8.20 2.76 -0.04
CA SER A 55 6.82 2.36 0.33
C SER A 55 5.79 3.34 -0.24
N LYS A 56 6.08 4.63 -0.17
CA LYS A 56 5.18 5.72 -0.62
C LYS A 56 4.76 5.61 -2.09
N GLU A 57 5.61 5.08 -2.96
CA GLU A 57 5.29 4.80 -4.37
C GLU A 57 4.58 3.45 -4.57
N VAL A 58 4.83 2.47 -3.69
CA VAL A 58 4.05 1.21 -3.64
C VAL A 58 2.61 1.50 -3.24
N LEU A 59 2.41 2.34 -2.22
CA LEU A 59 1.11 2.68 -1.65
C LEU A 59 0.12 3.23 -2.68
N ALA A 60 0.61 3.96 -3.68
CA ALA A 60 -0.21 4.46 -4.77
C ALA A 60 -0.73 3.40 -5.76
N LYS A 61 -0.37 2.13 -5.55
CA LYS A 61 -0.92 0.95 -6.22
C LYS A 61 -1.24 -0.21 -5.28
N ILE A 62 -1.15 0.04 -3.97
CA ILE A 62 -1.68 -0.84 -2.92
C ILE A 62 -3.15 -1.13 -3.19
N VAL A 63 -3.91 -0.16 -3.68
CA VAL A 63 -5.32 -0.40 -4.01
C VAL A 63 -5.49 -1.28 -5.28
N ASP A 64 -4.47 -1.32 -6.12
CA ASP A 64 -4.46 -1.95 -7.45
C ASP A 64 -4.01 -3.43 -7.45
N LEU A 65 -3.44 -3.92 -6.35
CA LEU A 65 -3.16 -5.35 -6.13
C LEU A 65 -3.62 -5.88 -4.75
N LEU A 66 -3.77 -5.05 -3.70
CA LEU A 66 -4.40 -5.47 -2.45
C LEU A 66 -5.95 -5.47 -2.59
N ALA A 67 -6.62 -4.30 -2.59
CA ALA A 67 -8.07 -4.20 -2.76
C ALA A 67 -8.61 -4.90 -4.02
N SER A 68 -7.90 -4.75 -5.13
CA SER A 68 -8.29 -5.29 -6.44
C SER A 68 -8.18 -6.82 -6.56
N ARG A 69 -7.61 -7.50 -5.55
CA ARG A 69 -7.56 -8.98 -5.41
C ARG A 69 -8.36 -9.50 -4.22
N ASN A 70 -9.41 -8.76 -3.83
CA ASN A 70 -10.20 -8.97 -2.62
C ASN A 70 -9.43 -8.85 -1.29
N LYS A 71 -8.16 -8.42 -1.28
CA LYS A 71 -7.43 -8.05 -0.05
C LYS A 71 -7.73 -6.64 0.46
N TRP A 72 -8.90 -6.10 0.12
CA TRP A 72 -9.47 -4.83 0.61
C TRP A 72 -9.48 -4.68 2.13
N ASP A 73 -9.52 -5.77 2.87
CA ASP A 73 -9.47 -5.78 4.34
C ASP A 73 -8.18 -5.10 4.88
N ASP A 74 -7.10 -5.16 4.09
CA ASP A 74 -5.79 -4.62 4.43
C ASP A 74 -5.55 -3.18 3.93
N LEU A 75 -6.37 -2.59 3.05
CA LEU A 75 -6.29 -1.16 2.67
C LEU A 75 -6.33 -0.23 3.89
N ASN A 76 -7.13 -0.60 4.88
CA ASN A 76 -7.16 -0.04 6.23
C ASN A 76 -5.75 0.12 6.85
N GLU A 77 -4.96 -0.95 6.75
CA GLU A 77 -3.59 -0.98 7.28
C GLU A 77 -2.62 -0.13 6.46
N GLN A 78 -2.89 0.10 5.17
CA GLN A 78 -2.01 0.90 4.30
C GLN A 78 -2.05 2.40 4.67
N LEU A 79 -3.18 2.84 5.21
CA LEU A 79 -3.40 4.15 5.84
C LEU A 79 -2.89 4.22 7.30
N THR A 80 -2.55 3.06 7.86
CA THR A 80 -2.01 2.90 9.21
C THR A 80 -0.48 2.87 9.28
N LEU A 81 0.22 2.31 8.28
CA LEU A 81 1.67 2.00 8.29
C LEU A 81 2.57 2.99 9.06
N LEU A 82 2.63 4.24 8.62
CA LEU A 82 3.48 5.29 9.21
C LEU A 82 2.91 5.90 10.49
N SER A 83 1.66 5.57 10.83
CA SER A 83 1.03 5.85 12.13
C SER A 83 1.51 4.86 13.20
N LYS A 84 1.88 3.62 12.80
CA LYS A 84 2.52 2.64 13.69
C LYS A 84 3.92 3.11 14.12
N LYS A 85 4.37 2.69 15.30
CA LYS A 85 5.60 3.08 16.03
C LYS A 85 5.65 4.56 16.46
N HIS A 86 5.17 5.49 15.63
CA HIS A 86 5.04 6.91 15.95
C HIS A 86 3.85 7.21 16.88
N GLY A 87 2.70 6.57 16.67
CA GLY A 87 1.51 6.67 17.52
C GLY A 87 0.87 8.07 17.56
N GLN A 88 1.10 8.91 16.53
CA GLN A 88 0.76 10.34 16.53
C GLN A 88 0.18 10.80 15.18
N LEU A 89 -0.96 11.51 15.25
CA LEU A 89 -1.63 12.28 14.20
C LEU A 89 -1.73 11.59 12.82
N LYS A 90 -2.84 10.88 12.57
CA LYS A 90 -3.11 10.21 11.27
C LYS A 90 -3.25 11.20 10.11
N LEU A 91 -3.57 12.48 10.35
CA LEU A 91 -3.75 13.51 9.29
C LEU A 91 -2.51 13.76 8.39
N SER A 92 -1.40 13.10 8.70
CA SER A 92 -0.18 12.99 7.88
C SER A 92 -0.33 11.89 6.82
N ILE A 93 -0.50 10.64 7.28
CA ILE A 93 -0.74 9.44 6.46
C ILE A 93 -2.13 9.45 5.79
N GLN A 94 -3.04 10.33 6.23
CA GLN A 94 -4.33 10.58 5.61
C GLN A 94 -4.23 10.92 4.11
N TYR A 95 -3.10 11.46 3.66
CA TYR A 95 -2.76 11.63 2.25
C TYR A 95 -2.94 10.35 1.40
N MET A 96 -2.70 9.18 1.99
CA MET A 96 -2.87 7.85 1.39
C MET A 96 -4.35 7.47 1.16
N ILE A 97 -5.29 8.10 1.89
CA ILE A 97 -6.73 7.81 1.80
C ILE A 97 -7.27 7.95 0.38
N GLN A 98 -6.60 8.72 -0.48
CA GLN A 98 -6.94 8.89 -1.90
C GLN A 98 -6.98 7.56 -2.67
N LYS A 99 -6.27 6.52 -2.22
CA LYS A 99 -6.31 5.15 -2.75
C LYS A 99 -7.42 4.33 -2.12
N VAL A 100 -7.73 4.53 -0.83
CA VAL A 100 -8.95 3.99 -0.23
C VAL A 100 -10.18 4.52 -0.96
N MET A 101 -10.26 5.83 -1.14
CA MET A 101 -11.25 6.58 -1.90
C MET A 101 -11.23 6.29 -3.41
N GLU A 102 -10.28 5.48 -3.89
CA GLU A 102 -10.22 5.02 -5.28
C GLU A 102 -11.05 3.74 -5.50
N TYR A 103 -10.45 2.55 -5.36
CA TYR A 103 -11.09 1.30 -5.79
C TYR A 103 -11.67 0.52 -4.62
N LEU A 104 -11.04 0.59 -3.45
CA LEU A 104 -11.59 0.11 -2.19
C LEU A 104 -12.96 0.78 -1.90
N LYS A 105 -13.12 2.04 -2.31
CA LYS A 105 -14.37 2.82 -2.37
C LYS A 105 -15.32 2.33 -3.48
N SER A 106 -14.84 2.36 -4.73
CA SER A 106 -15.63 2.16 -5.95
C SER A 106 -15.99 0.70 -6.28
N SER A 107 -15.44 -0.28 -5.55
CA SER A 107 -15.64 -1.73 -5.81
C SER A 107 -17.11 -2.14 -5.79
N LYS A 108 -17.66 -2.53 -6.95
CA LYS A 108 -18.98 -3.17 -7.07
C LYS A 108 -19.03 -4.53 -6.34
N SER A 109 -17.88 -5.19 -6.20
CA SER A 109 -17.69 -6.44 -5.46
C SER A 109 -17.39 -6.27 -3.97
N LEU A 110 -17.62 -5.07 -3.44
CA LEU A 110 -17.60 -4.76 -2.01
C LEU A 110 -19.01 -4.39 -1.53
N ASP A 111 -19.50 -5.13 -0.55
CA ASP A 111 -20.78 -4.88 0.10
C ASP A 111 -20.58 -3.97 1.31
N LEU A 112 -21.56 -3.13 1.62
CA LEU A 112 -21.53 -2.26 2.82
C LEU A 112 -21.22 -3.04 4.08
N ASN A 113 -21.85 -4.20 4.24
CA ASN A 113 -21.70 -5.02 5.43
C ASN A 113 -20.28 -5.60 5.59
N THR A 114 -19.56 -5.80 4.48
CA THR A 114 -18.14 -6.15 4.48
C THR A 114 -17.30 -4.90 4.74
N ARG A 115 -17.53 -3.84 3.96
CA ARG A 115 -16.81 -2.57 4.03
C ARG A 115 -16.89 -1.89 5.40
N ILE A 116 -17.99 -2.00 6.10
CA ILE A 116 -18.17 -1.52 7.48
C ILE A 116 -17.05 -2.01 8.41
N SER A 117 -16.60 -3.25 8.21
CA SER A 117 -15.50 -3.87 8.96
C SER A 117 -14.14 -3.24 8.64
N VAL A 118 -14.09 -2.50 7.53
CA VAL A 118 -12.99 -1.64 7.09
C VAL A 118 -13.21 -0.24 7.64
N ILE A 119 -14.17 0.49 7.10
CA ILE A 119 -14.38 1.92 7.25
C ILE A 119 -14.43 2.46 8.69
N GLU A 120 -14.88 1.65 9.66
CA GLU A 120 -14.80 2.00 11.08
C GLU A 120 -13.44 1.64 11.69
N THR A 121 -12.87 0.49 11.34
CA THR A 121 -11.52 0.12 11.76
C THR A 121 -10.48 1.17 11.31
N ILE A 122 -10.51 1.67 10.07
CA ILE A 122 -9.61 2.74 9.62
C ILE A 122 -9.89 4.09 10.31
N ARG A 123 -11.13 4.34 10.77
CA ARG A 123 -11.48 5.51 11.61
C ARG A 123 -10.90 5.39 13.03
N VAL A 124 -10.80 4.19 13.58
CA VAL A 124 -10.41 3.90 14.97
C VAL A 124 -8.91 3.61 15.14
N VAL A 125 -8.30 2.83 14.25
CA VAL A 125 -6.96 2.22 14.38
C VAL A 125 -5.85 3.22 14.66
N THR A 126 -5.85 4.33 13.93
CA THR A 126 -4.78 5.33 13.98
C THR A 126 -4.86 6.24 15.21
N GLU A 127 -5.91 6.10 16.02
CA GLU A 127 -6.05 6.78 17.30
C GLU A 127 -5.62 5.87 18.45
N ASN A 128 -5.38 4.57 18.19
CA ASN A 128 -5.02 3.56 19.18
C ASN A 128 -4.19 2.37 18.61
N LYS A 129 -4.55 1.12 18.93
CA LYS A 129 -3.80 -0.11 18.63
C LYS A 129 -4.71 -1.36 18.47
N ILE A 130 -5.95 -1.20 17.97
CA ILE A 130 -6.87 -2.32 17.72
C ILE A 130 -6.34 -3.36 16.72
N PHE A 131 -6.87 -4.58 16.84
CA PHE A 131 -6.70 -5.74 15.96
C PHE A 131 -8.03 -6.04 15.23
N VAL A 132 -8.60 -4.96 14.68
CA VAL A 132 -9.92 -4.80 14.08
C VAL A 132 -11.13 -4.98 15.01
N GLU A 133 -12.19 -4.23 14.73
CA GLU A 133 -13.38 -4.08 15.57
C GLU A 133 -14.49 -5.11 15.31
N VAL A 134 -15.35 -5.30 16.33
CA VAL A 134 -16.50 -6.23 16.32
C VAL A 134 -17.81 -5.63 16.85
N GLU A 135 -17.84 -4.31 16.94
CA GLU A 135 -19.00 -3.48 17.30
C GLU A 135 -19.75 -2.92 16.07
N ARG A 136 -19.70 -3.70 14.97
CA ARG A 136 -20.19 -3.37 13.62
C ARG A 136 -21.70 -3.14 13.56
N MET A 1 25.55 6.32 0.21
CA MET A 1 26.61 6.94 -0.62
C MET A 1 27.27 8.08 0.15
N SER A 2 28.56 8.35 -0.10
CA SER A 2 29.29 9.50 0.47
C SER A 2 28.74 10.84 -0.06
N ARG A 3 28.85 11.92 0.73
CA ARG A 3 28.36 13.27 0.37
C ARG A 3 29.06 13.88 -0.85
N ASP A 4 30.26 13.42 -1.17
CA ASP A 4 31.05 13.82 -2.35
C ASP A 4 30.94 12.85 -3.54
N ALA A 5 30.07 11.82 -3.48
CA ALA A 5 29.76 11.00 -4.65
C ALA A 5 29.04 11.85 -5.73
N PRO A 6 29.35 11.68 -7.03
CA PRO A 6 28.75 12.46 -8.10
C PRO A 6 27.30 12.02 -8.37
N ILE A 7 26.49 12.88 -8.97
CA ILE A 7 25.10 12.56 -9.32
C ILE A 7 25.06 11.59 -10.49
N LYS A 8 24.31 10.49 -10.33
CA LYS A 8 23.96 9.52 -11.37
C LYS A 8 22.49 9.13 -11.20
N ALA A 9 21.65 9.38 -12.20
CA ALA A 9 20.23 9.02 -12.16
C ALA A 9 19.98 7.54 -12.52
N ASP A 10 20.61 6.69 -11.72
CA ASP A 10 20.52 5.23 -11.72
C ASP A 10 19.14 4.68 -11.29
N LYS A 11 18.30 5.58 -10.76
CA LYS A 11 17.01 5.35 -10.06
C LYS A 11 17.20 4.55 -8.75
N ASP A 12 17.10 5.25 -7.62
CA ASP A 12 17.01 4.67 -6.26
C ASP A 12 15.67 3.93 -6.05
N TYR A 13 15.45 3.31 -4.89
CA TYR A 13 14.33 2.37 -4.65
C TYR A 13 12.92 2.90 -4.98
N SER A 14 12.58 4.15 -4.67
CA SER A 14 11.29 4.79 -5.04
C SER A 14 11.25 5.30 -6.48
N GLN A 15 12.42 5.36 -7.11
CA GLN A 15 12.63 5.71 -8.49
C GLN A 15 12.61 4.46 -9.39
N ILE A 16 12.76 3.24 -8.84
CA ILE A 16 12.51 1.96 -9.53
C ILE A 16 11.09 1.91 -10.07
N LEU A 17 10.13 2.35 -9.26
CA LEU A 17 8.72 2.43 -9.63
C LEU A 17 8.46 3.32 -10.86
N LYS A 18 9.42 4.18 -11.25
CA LYS A 18 9.38 5.04 -12.44
C LYS A 18 9.60 4.24 -13.73
N GLU A 19 10.44 3.21 -13.65
CA GLU A 19 10.92 2.45 -14.81
C GLU A 19 10.32 1.05 -14.91
N GLU A 20 10.06 0.39 -13.79
CA GLU A 20 9.46 -0.94 -13.78
C GLU A 20 7.96 -0.89 -14.09
N PHE A 21 7.25 0.18 -13.72
CA PHE A 21 5.83 0.35 -14.08
C PHE A 21 5.59 0.22 -15.60
N PRO A 22 6.31 0.93 -16.49
CA PRO A 22 6.26 0.69 -17.93
C PRO A 22 6.51 -0.76 -18.39
N LYS A 23 7.34 -1.55 -17.69
CA LYS A 23 7.52 -2.98 -18.00
C LYS A 23 6.24 -3.79 -17.75
N ILE A 24 5.46 -3.41 -16.73
CA ILE A 24 4.18 -4.03 -16.38
C ILE A 24 3.01 -3.43 -17.14
N ASP A 25 3.16 -2.22 -17.67
CA ASP A 25 2.05 -1.45 -18.23
C ASP A 25 1.48 -2.11 -19.50
N SER A 26 2.34 -2.83 -20.22
CA SER A 26 1.98 -3.75 -21.32
C SER A 26 1.35 -5.08 -20.83
N LEU A 27 1.72 -5.53 -19.62
CA LEU A 27 1.32 -6.79 -19.01
C LEU A 27 -0.05 -6.72 -18.30
N ALA A 28 -0.27 -5.75 -17.41
CA ALA A 28 -1.50 -5.62 -16.62
C ALA A 28 -2.79 -5.50 -17.47
N GLN A 29 -2.63 -5.04 -18.71
CA GLN A 29 -3.68 -5.04 -19.74
C GLN A 29 -4.08 -6.45 -20.25
N ASN A 30 -3.35 -7.51 -19.88
CA ASN A 30 -3.44 -8.87 -20.42
C ASN A 30 -3.37 -9.98 -19.34
N ASP A 31 -2.46 -9.86 -18.37
CA ASP A 31 -2.24 -10.76 -17.24
C ASP A 31 -1.86 -9.96 -15.98
N CYS A 32 -2.82 -9.18 -15.47
CA CYS A 32 -2.66 -8.42 -14.22
C CYS A 32 -2.32 -9.30 -13.01
N ASN A 33 -2.70 -10.58 -13.05
CA ASN A 33 -2.33 -11.61 -12.07
C ASN A 33 -0.80 -11.68 -11.84
N SER A 34 -0.02 -11.44 -12.89
CA SER A 34 1.44 -11.38 -12.87
C SER A 34 1.96 -9.95 -12.67
N ALA A 35 1.20 -8.95 -13.13
CA ALA A 35 1.58 -7.54 -13.07
C ALA A 35 1.48 -6.94 -11.65
N LEU A 36 0.44 -7.28 -10.90
CA LEU A 36 0.32 -6.89 -9.50
C LEU A 36 1.43 -7.57 -8.65
N ASP A 37 1.84 -8.77 -9.05
CA ASP A 37 3.03 -9.48 -8.55
C ASP A 37 4.38 -8.87 -9.02
N GLN A 38 4.36 -7.73 -9.74
CA GLN A 38 5.53 -6.91 -10.01
C GLN A 38 5.57 -5.66 -9.11
N LEU A 39 4.62 -4.73 -9.24
CA LEU A 39 4.75 -3.46 -8.49
C LEU A 39 4.47 -3.59 -7.00
N LEU A 40 3.52 -4.43 -6.58
CA LEU A 40 3.23 -4.58 -5.14
C LEU A 40 4.26 -5.52 -4.46
N VAL A 41 5.13 -6.18 -5.24
CA VAL A 41 6.32 -6.89 -4.74
C VAL A 41 7.43 -5.90 -4.36
N LEU A 42 7.55 -4.77 -5.06
CA LEU A 42 8.41 -3.66 -4.62
C LEU A 42 7.98 -3.16 -3.23
N GLU A 43 6.68 -2.91 -3.03
CA GLU A 43 6.11 -2.59 -1.71
C GLU A 43 6.51 -3.62 -0.65
N LYS A 44 6.43 -4.91 -1.00
CA LYS A 44 6.76 -6.02 -0.10
C LYS A 44 8.22 -6.01 0.30
N LYS A 45 9.12 -5.91 -0.68
CA LYS A 45 10.57 -5.82 -0.50
C LYS A 45 10.94 -4.59 0.31
N THR A 46 10.36 -3.44 0.01
CA THR A 46 10.68 -2.14 0.63
C THR A 46 10.24 -2.00 2.08
N ARG A 47 9.07 -2.53 2.46
CA ARG A 47 8.69 -2.62 3.89
C ARG A 47 9.69 -3.50 4.67
N GLN A 48 10.10 -4.63 4.09
CA GLN A 48 11.00 -5.60 4.73
C GLN A 48 12.46 -5.11 4.81
N ALA A 49 12.95 -4.48 3.75
CA ALA A 49 14.32 -3.99 3.59
C ALA A 49 14.60 -2.64 4.28
N SER A 50 13.57 -1.98 4.82
CA SER A 50 13.62 -0.57 5.29
C SER A 50 13.95 0.43 4.18
N ASP A 51 13.63 0.07 2.93
CA ASP A 51 13.63 0.94 1.73
C ASP A 51 12.23 1.56 1.52
N LEU A 52 11.48 1.69 2.62
CA LEU A 52 10.05 2.00 2.66
C LEU A 52 9.62 3.33 2.06
N ALA A 53 10.54 4.24 1.86
CA ALA A 53 10.32 5.45 1.05
C ALA A 53 9.78 5.11 -0.36
N SER A 54 10.11 3.91 -0.86
CA SER A 54 9.52 3.31 -2.06
C SER A 54 8.21 2.58 -1.74
N SER A 55 8.12 1.83 -0.64
CA SER A 55 6.86 1.22 -0.15
C SER A 55 5.72 2.23 -0.13
N LYS A 56 5.98 3.42 0.42
CA LYS A 56 5.07 4.58 0.51
C LYS A 56 4.68 5.17 -0.86
N GLU A 57 5.54 5.03 -1.85
CA GLU A 57 5.34 5.48 -3.24
C GLU A 57 4.51 4.45 -4.02
N VAL A 58 4.61 3.16 -3.67
CA VAL A 58 3.68 2.13 -4.18
C VAL A 58 2.33 2.24 -3.50
N LEU A 59 2.30 2.47 -2.19
CA LEU A 59 1.09 2.44 -1.37
C LEU A 59 -0.01 3.39 -1.86
N ALA A 60 0.36 4.51 -2.48
CA ALA A 60 -0.56 5.47 -3.06
C ALA A 60 -1.16 5.10 -4.44
N LYS A 61 -0.73 3.98 -5.03
CA LYS A 61 -1.35 3.35 -6.21
C LYS A 61 -1.63 1.86 -6.04
N ILE A 62 -1.28 1.32 -4.89
CA ILE A 62 -1.67 -0.01 -4.42
C ILE A 62 -3.17 -0.28 -4.59
N VAL A 63 -4.02 0.75 -4.42
CA VAL A 63 -5.46 0.56 -4.67
C VAL A 63 -5.73 0.33 -6.17
N ASP A 64 -5.07 1.12 -7.00
CA ASP A 64 -5.19 1.13 -8.46
C ASP A 64 -4.57 -0.11 -9.15
N LEU A 65 -3.87 -0.99 -8.41
CA LEU A 65 -3.39 -2.28 -8.92
C LEU A 65 -3.86 -3.51 -8.10
N LEU A 66 -3.94 -3.47 -6.77
CA LEU A 66 -4.63 -4.54 -6.00
C LEU A 66 -6.15 -4.46 -6.13
N ALA A 67 -6.81 -3.54 -5.43
CA ALA A 67 -8.28 -3.39 -5.44
C ALA A 67 -8.87 -3.34 -6.87
N SER A 68 -8.22 -2.59 -7.75
CA SER A 68 -8.57 -2.42 -9.15
C SER A 68 -8.63 -3.73 -9.95
N ARG A 69 -7.88 -4.75 -9.54
CA ARG A 69 -7.72 -6.06 -10.23
C ARG A 69 -8.26 -7.21 -9.36
N ASN A 70 -9.32 -6.96 -8.60
CA ASN A 70 -9.99 -7.88 -7.68
C ASN A 70 -9.18 -8.36 -6.46
N LYS A 71 -8.00 -7.79 -6.19
CA LYS A 71 -7.19 -8.03 -4.97
C LYS A 71 -7.43 -7.03 -3.85
N TRP A 72 -8.64 -6.45 -3.79
CA TRP A 72 -9.12 -5.64 -2.68
C TRP A 72 -9.05 -6.32 -1.30
N ASP A 73 -8.97 -7.65 -1.28
CA ASP A 73 -8.64 -8.45 -0.09
C ASP A 73 -7.33 -8.00 0.60
N ASP A 74 -6.36 -7.50 -0.17
CA ASP A 74 -5.04 -7.10 0.32
C ASP A 74 -4.97 -5.65 0.84
N LEU A 75 -5.88 -4.74 0.43
CA LEU A 75 -5.92 -3.32 0.88
C LEU A 75 -5.94 -3.18 2.42
N ASN A 76 -6.58 -4.13 3.09
CA ASN A 76 -6.54 -4.36 4.55
C ASN A 76 -5.10 -4.35 5.13
N GLU A 77 -4.19 -5.06 4.48
CA GLU A 77 -2.77 -5.12 4.85
C GLU A 77 -2.03 -3.83 4.43
N GLN A 78 -2.46 -3.18 3.35
CA GLN A 78 -1.85 -1.92 2.90
C GLN A 78 -2.06 -0.77 3.89
N LEU A 79 -3.18 -0.76 4.63
CA LEU A 79 -3.40 0.11 5.77
C LEU A 79 -2.53 -0.21 6.99
N THR A 80 -2.00 -1.44 7.05
CA THR A 80 -1.32 -2.03 8.19
C THR A 80 0.20 -1.93 8.09
N LEU A 81 0.79 -2.03 6.89
CA LEU A 81 2.22 -2.19 6.58
C LEU A 81 3.22 -1.58 7.56
N LEU A 82 3.25 -0.26 7.67
CA LEU A 82 4.25 0.46 8.49
C LEU A 82 3.91 0.42 9.99
N SER A 83 2.76 -0.16 10.34
CA SER A 83 2.17 -0.27 11.68
C SER A 83 1.98 -1.74 12.13
N LYS A 84 2.52 -2.73 11.38
CA LYS A 84 2.41 -4.17 11.67
C LYS A 84 2.67 -4.59 13.13
N LYS A 85 3.59 -3.91 13.83
CA LYS A 85 3.95 -4.17 15.25
C LYS A 85 2.94 -3.65 16.29
N HIS A 86 1.84 -3.03 15.85
CA HIS A 86 0.70 -2.44 16.60
C HIS A 86 1.01 -1.38 17.69
N GLY A 87 2.25 -1.24 18.15
CA GLY A 87 2.70 -0.14 19.03
C GLY A 87 2.89 1.22 18.34
N GLN A 88 2.89 1.25 17.00
CA GLN A 88 3.00 2.46 16.18
C GLN A 88 1.68 3.25 16.13
N LEU A 89 1.79 4.55 15.87
CA LEU A 89 0.68 5.49 15.73
C LEU A 89 0.03 5.39 14.33
N LYS A 90 -1.28 5.09 14.28
CA LYS A 90 -2.05 4.93 13.03
C LYS A 90 -2.12 6.20 12.21
N LEU A 91 -2.19 7.40 12.80
CA LEU A 91 -2.34 8.67 12.07
C LEU A 91 -1.17 9.01 11.09
N SER A 92 -0.13 8.19 11.06
CA SER A 92 0.96 8.20 10.07
C SER A 92 0.63 7.35 8.83
N ILE A 93 0.11 6.13 9.02
CA ILE A 93 -0.32 5.24 7.91
C ILE A 93 -1.78 5.46 7.50
N GLN A 94 -2.54 6.21 8.30
CA GLN A 94 -3.92 6.65 8.02
C GLN A 94 -4.03 7.41 6.70
N TYR A 95 -2.95 8.04 6.23
CA TYR A 95 -2.85 8.62 4.90
C TYR A 95 -3.19 7.62 3.77
N MET A 96 -2.75 6.36 3.89
CA MET A 96 -3.07 5.27 2.96
C MET A 96 -4.55 4.89 2.99
N ILE A 97 -5.26 5.19 4.08
CA ILE A 97 -6.73 5.02 4.10
C ILE A 97 -7.44 5.85 3.05
N GLN A 98 -6.86 6.95 2.56
CA GLN A 98 -7.41 7.69 1.40
C GLN A 98 -7.46 6.84 0.12
N LYS A 99 -6.70 5.74 0.05
CA LYS A 99 -6.72 4.72 -1.00
C LYS A 99 -7.75 3.62 -0.70
N VAL A 100 -7.92 3.20 0.55
CA VAL A 100 -9.07 2.36 0.93
C VAL A 100 -10.40 3.05 0.66
N MET A 101 -10.51 4.32 1.03
CA MET A 101 -11.64 5.21 0.74
C MET A 101 -11.83 5.50 -0.76
N GLU A 102 -10.92 5.04 -1.63
CA GLU A 102 -11.03 5.15 -3.08
C GLU A 102 -11.78 3.94 -3.70
N TYR A 103 -11.09 2.95 -4.26
CA TYR A 103 -11.72 1.92 -5.09
C TYR A 103 -12.19 0.70 -4.29
N LEU A 104 -11.47 0.41 -3.21
CA LEU A 104 -11.83 -0.57 -2.20
C LEU A 104 -13.17 -0.20 -1.52
N LYS A 105 -13.46 1.10 -1.36
CA LYS A 105 -14.79 1.64 -1.01
C LYS A 105 -15.75 1.65 -2.19
N SER A 106 -15.35 2.30 -3.29
CA SER A 106 -16.18 2.54 -4.49
C SER A 106 -16.53 1.29 -5.31
N SER A 107 -16.08 0.10 -4.89
CA SER A 107 -16.45 -1.21 -5.45
C SER A 107 -17.96 -1.44 -5.55
N LYS A 108 -18.72 -0.99 -4.55
CA LYS A 108 -20.19 -1.17 -4.36
C LYS A 108 -20.70 -2.62 -4.50
N SER A 109 -19.80 -3.62 -4.51
CA SER A 109 -20.08 -5.01 -4.85
C SER A 109 -19.13 -6.02 -4.21
N LEU A 110 -18.51 -5.65 -3.08
CA LEU A 110 -17.67 -6.52 -2.27
C LEU A 110 -18.45 -7.60 -1.52
N ASP A 111 -17.75 -8.72 -1.28
CA ASP A 111 -18.17 -9.75 -0.34
C ASP A 111 -17.89 -9.26 1.08
N LEU A 112 -18.74 -9.64 2.03
CA LEU A 112 -18.64 -9.19 3.43
C LEU A 112 -17.27 -9.43 4.02
N ASN A 113 -16.75 -10.66 3.89
CA ASN A 113 -15.50 -11.06 4.53
C ASN A 113 -14.29 -10.21 4.06
N THR A 114 -14.30 -9.77 2.81
CA THR A 114 -13.31 -8.89 2.24
C THR A 114 -13.36 -7.51 2.91
N ARG A 115 -14.50 -6.82 2.84
CA ARG A 115 -14.67 -5.50 3.48
C ARG A 115 -14.53 -5.53 4.99
N ILE A 116 -15.06 -6.55 5.65
CA ILE A 116 -14.86 -6.82 7.07
C ILE A 116 -13.38 -6.78 7.46
N SER A 117 -12.52 -7.34 6.62
CA SER A 117 -11.08 -7.37 6.88
C SER A 117 -10.49 -5.95 6.89
N VAL A 118 -11.10 -5.02 6.15
CA VAL A 118 -10.75 -3.60 6.10
C VAL A 118 -11.23 -2.90 7.36
N ILE A 119 -12.53 -3.06 7.62
CA ILE A 119 -13.28 -2.33 8.62
C ILE A 119 -13.01 -2.79 10.07
N GLU A 120 -12.43 -3.98 10.26
CA GLU A 120 -11.98 -4.49 11.55
C GLU A 120 -10.47 -4.30 11.81
N THR A 121 -9.57 -4.46 10.82
CA THR A 121 -8.12 -4.31 11.07
C THR A 121 -7.76 -2.93 11.64
N ILE A 122 -8.35 -1.89 11.06
CA ILE A 122 -8.35 -0.49 11.49
C ILE A 122 -8.83 -0.35 12.96
N ARG A 123 -9.92 -1.04 13.35
CA ARG A 123 -10.44 -1.05 14.73
C ARG A 123 -9.49 -1.76 15.68
N VAL A 124 -9.01 -2.95 15.33
CA VAL A 124 -8.09 -3.76 16.17
C VAL A 124 -6.77 -3.02 16.42
N VAL A 125 -6.13 -2.50 15.37
CA VAL A 125 -4.82 -1.84 15.50
C VAL A 125 -4.89 -0.48 16.21
N THR A 126 -6.03 0.23 16.12
CA THR A 126 -6.25 1.46 16.93
C THR A 126 -6.61 1.17 18.38
N GLU A 127 -7.42 0.13 18.68
CA GLU A 127 -7.73 -0.29 20.06
C GLU A 127 -6.50 -0.77 20.83
N ASN A 128 -5.47 -1.26 20.11
CA ASN A 128 -4.15 -1.58 20.66
C ASN A 128 -3.28 -0.34 21.00
N LYS A 129 -3.72 0.88 20.67
CA LYS A 129 -2.98 2.14 20.92
C LYS A 129 -3.75 3.16 21.78
N ILE A 130 -5.03 3.34 21.49
CA ILE A 130 -5.91 4.40 21.99
C ILE A 130 -7.31 3.91 22.37
N PHE A 131 -7.97 4.61 23.29
CA PHE A 131 -9.40 4.45 23.61
C PHE A 131 -10.34 4.96 22.49
N VAL A 132 -9.78 5.73 21.55
CA VAL A 132 -10.35 6.39 20.35
C VAL A 132 -11.57 7.30 20.59
N GLU A 133 -11.57 8.45 19.89
CA GLU A 133 -12.53 9.54 20.03
C GLU A 133 -13.94 9.22 19.51
N VAL A 134 -14.87 10.08 19.91
CA VAL A 134 -16.27 10.11 19.52
C VAL A 134 -16.57 11.53 19.01
N GLU A 135 -17.69 12.06 19.42
CA GLU A 135 -18.27 13.37 19.04
C GLU A 135 -17.93 14.51 20.03
N ARG A 136 -16.75 14.44 20.66
CA ARG A 136 -16.27 15.42 21.65
C ARG A 136 -15.76 16.71 20.99
N MET A 1 27.45 34.64 -2.08
CA MET A 1 26.65 33.40 -2.08
C MET A 1 25.25 33.66 -2.68
N SER A 2 24.75 32.72 -3.47
CA SER A 2 23.43 32.79 -4.14
C SER A 2 22.26 32.93 -3.16
N ARG A 3 21.17 33.60 -3.60
CA ARG A 3 19.95 33.80 -2.79
C ARG A 3 19.18 32.50 -2.51
N ASP A 4 19.35 31.48 -3.35
CA ASP A 4 18.80 30.14 -3.20
C ASP A 4 19.82 29.08 -3.68
N ALA A 5 19.78 27.91 -3.02
CA ALA A 5 20.52 26.70 -3.38
C ALA A 5 19.65 25.49 -3.00
N PRO A 6 18.56 25.21 -3.76
CA PRO A 6 17.54 24.23 -3.37
C PRO A 6 18.08 22.79 -3.37
N ILE A 7 17.42 21.90 -2.61
CA ILE A 7 17.71 20.46 -2.58
C ILE A 7 17.06 19.76 -3.79
N LYS A 8 17.86 18.96 -4.49
CA LYS A 8 17.50 18.42 -5.83
C LYS A 8 17.20 16.92 -5.88
N ALA A 9 17.18 16.20 -4.76
CA ALA A 9 16.64 14.83 -4.70
C ALA A 9 15.10 14.83 -4.66
N ASP A 10 14.53 15.49 -5.65
CA ASP A 10 13.09 15.62 -5.93
C ASP A 10 12.40 14.25 -6.13
N LYS A 11 13.21 13.21 -6.41
CA LYS A 11 12.81 11.80 -6.56
C LYS A 11 12.42 11.13 -5.22
N ASP A 12 12.82 11.74 -4.11
CA ASP A 12 12.50 11.36 -2.71
C ASP A 12 12.89 9.91 -2.34
N TYR A 13 12.51 9.41 -1.16
CA TYR A 13 12.78 8.03 -0.73
C TYR A 13 12.12 6.98 -1.67
N SER A 14 11.11 7.38 -2.43
CA SER A 14 10.54 6.62 -3.55
C SER A 14 11.56 6.29 -4.65
N GLN A 15 12.76 6.90 -4.66
CA GLN A 15 13.81 6.60 -5.64
C GLN A 15 14.20 5.11 -5.62
N ILE A 16 14.03 4.46 -4.48
CA ILE A 16 14.31 3.05 -4.27
C ILE A 16 13.39 2.20 -5.16
N LEU A 17 12.10 2.49 -5.13
CA LEU A 17 11.10 1.82 -5.97
C LEU A 17 11.32 2.08 -7.46
N LYS A 18 12.04 3.15 -7.83
CA LYS A 18 12.41 3.48 -9.21
C LYS A 18 13.66 2.73 -9.67
N GLU A 19 14.61 2.45 -8.77
CA GLU A 19 15.92 1.87 -9.10
C GLU A 19 16.07 0.38 -8.74
N GLU A 20 15.45 -0.08 -7.65
CA GLU A 20 15.46 -1.49 -7.20
C GLU A 20 14.42 -2.34 -7.93
N PHE A 21 13.29 -1.78 -8.36
CA PHE A 21 12.28 -2.56 -9.11
C PHE A 21 12.89 -3.30 -10.31
N PRO A 22 13.73 -2.67 -11.17
CA PRO A 22 14.47 -3.40 -12.20
C PRO A 22 15.48 -4.42 -11.68
N LYS A 23 16.10 -4.22 -10.51
CA LYS A 23 17.02 -5.21 -9.92
C LYS A 23 16.31 -6.51 -9.55
N ILE A 24 15.09 -6.40 -9.02
CA ILE A 24 14.22 -7.54 -8.65
C ILE A 24 13.24 -7.98 -9.76
N ASP A 25 13.07 -7.22 -10.84
CA ASP A 25 12.33 -7.70 -12.02
C ASP A 25 12.98 -8.96 -12.61
N SER A 26 14.32 -9.04 -12.54
CA SER A 26 15.11 -10.24 -12.85
C SER A 26 14.76 -11.45 -11.97
N LEU A 27 14.39 -11.23 -10.69
CA LEU A 27 13.89 -12.26 -9.81
C LEU A 27 12.43 -12.61 -10.15
N ALA A 28 11.55 -11.62 -10.31
CA ALA A 28 10.13 -11.82 -10.65
C ALA A 28 9.91 -12.60 -11.96
N GLN A 29 10.87 -12.54 -12.89
CA GLN A 29 10.91 -13.37 -14.11
C GLN A 29 11.23 -14.86 -13.86
N ASN A 30 11.58 -15.26 -12.64
CA ASN A 30 12.06 -16.59 -12.25
C ASN A 30 11.38 -17.17 -10.99
N ASP A 31 11.17 -16.35 -9.95
CA ASP A 31 10.47 -16.69 -8.70
C ASP A 31 9.81 -15.43 -8.08
N CYS A 32 8.72 -14.96 -8.69
CA CYS A 32 7.95 -13.81 -8.20
C CYS A 32 7.38 -14.01 -6.78
N ASN A 33 7.29 -15.24 -6.28
CA ASN A 33 6.91 -15.57 -4.90
C ASN A 33 7.91 -15.00 -3.88
N SER A 34 9.16 -14.81 -4.28
CA SER A 34 10.19 -14.10 -3.51
C SER A 34 10.27 -12.61 -3.86
N ALA A 35 9.94 -12.19 -5.09
CA ALA A 35 9.91 -10.79 -5.51
C ALA A 35 8.92 -9.94 -4.69
N LEU A 36 7.78 -10.52 -4.32
CA LEU A 36 6.78 -9.84 -3.47
C LEU A 36 7.32 -9.57 -2.05
N ASP A 37 8.20 -10.44 -1.56
CA ASP A 37 8.99 -10.27 -0.33
C ASP A 37 10.18 -9.30 -0.48
N GLN A 38 10.28 -8.60 -1.60
CA GLN A 38 11.17 -7.47 -1.83
C GLN A 38 10.40 -6.17 -2.07
N LEU A 39 9.57 -6.06 -3.13
CA LEU A 39 8.88 -4.79 -3.40
C LEU A 39 7.89 -4.36 -2.31
N LEU A 40 7.10 -5.28 -1.73
CA LEU A 40 6.11 -4.89 -0.71
C LEU A 40 6.74 -4.79 0.70
N VAL A 41 8.01 -5.17 0.86
CA VAL A 41 8.80 -4.93 2.08
C VAL A 41 9.24 -3.47 2.16
N LEU A 42 9.43 -2.81 1.01
CA LEU A 42 9.62 -1.36 0.96
C LEU A 42 8.42 -0.63 1.57
N GLU A 43 7.19 -0.99 1.21
CA GLU A 43 5.96 -0.52 1.90
C GLU A 43 6.05 -0.76 3.41
N LYS A 44 6.43 -1.98 3.80
CA LYS A 44 6.45 -2.44 5.20
C LYS A 44 7.40 -1.60 6.06
N LYS A 45 8.58 -1.28 5.52
CA LYS A 45 9.55 -0.37 6.14
C LYS A 45 9.06 1.08 6.11
N THR A 46 8.61 1.58 4.97
CA THR A 46 8.26 3.00 4.75
C THR A 46 7.10 3.50 5.59
N ARG A 47 6.00 2.74 5.74
CA ARG A 47 4.89 3.18 6.63
C ARG A 47 5.30 3.17 8.10
N GLN A 48 6.17 2.23 8.51
CA GLN A 48 6.66 2.09 9.88
C GLN A 48 7.74 3.14 10.24
N ALA A 49 8.63 3.46 9.31
CA ALA A 49 9.74 4.39 9.47
C ALA A 49 9.38 5.88 9.26
N SER A 50 8.12 6.17 8.91
CA SER A 50 7.66 7.50 8.46
C SER A 50 8.37 8.00 7.19
N ASP A 51 8.83 7.07 6.34
CA ASP A 51 9.35 7.29 4.98
C ASP A 51 8.24 7.02 3.94
N LEU A 52 6.99 7.25 4.34
CA LEU A 52 5.78 6.87 3.62
C LEU A 52 5.58 7.54 2.26
N ALA A 53 6.26 8.64 2.01
CA ALA A 53 6.37 9.24 0.68
C ALA A 53 6.85 8.22 -0.38
N SER A 54 7.61 7.20 0.05
CA SER A 54 7.95 6.02 -0.75
C SER A 54 6.83 4.96 -0.69
N SER A 55 6.29 4.67 0.51
CA SER A 55 5.16 3.74 0.71
C SER A 55 4.02 3.96 -0.28
N LYS A 56 3.64 5.24 -0.46
CA LYS A 56 2.53 5.68 -1.33
C LYS A 56 2.73 5.36 -2.82
N GLU A 57 3.96 5.16 -3.28
CA GLU A 57 4.28 4.63 -4.62
C GLU A 57 4.24 3.10 -4.67
N VAL A 58 4.55 2.41 -3.57
CA VAL A 58 4.42 0.94 -3.46
C VAL A 58 2.96 0.50 -3.47
N LEU A 59 2.08 1.17 -2.72
CA LEU A 59 0.67 0.81 -2.60
C LEU A 59 -0.04 0.64 -3.95
N ALA A 60 0.38 1.38 -4.97
CA ALA A 60 -0.14 1.28 -6.32
C ALA A 60 0.29 0.03 -7.10
N LYS A 61 1.23 -0.77 -6.58
CA LYS A 61 1.60 -2.10 -7.09
C LYS A 61 1.56 -3.21 -6.04
N ILE A 62 1.06 -2.86 -4.86
CA ILE A 62 0.69 -3.80 -3.79
C ILE A 62 -0.31 -4.84 -4.31
N VAL A 63 -1.23 -4.46 -5.21
CA VAL A 63 -2.14 -5.42 -5.87
C VAL A 63 -1.35 -6.39 -6.74
N ASP A 64 -0.50 -5.78 -7.56
CA ASP A 64 0.21 -6.41 -8.66
C ASP A 64 1.26 -7.45 -8.22
N LEU A 65 1.65 -7.46 -6.94
CA LEU A 65 2.50 -8.51 -6.36
C LEU A 65 1.84 -9.28 -5.18
N LEU A 66 0.98 -8.68 -4.34
CA LEU A 66 0.20 -9.47 -3.37
C LEU A 66 -1.01 -10.18 -3.98
N ALA A 67 -2.07 -9.43 -4.33
CA ALA A 67 -3.32 -10.00 -4.87
C ALA A 67 -3.11 -10.93 -6.08
N SER A 68 -2.12 -10.63 -6.91
CA SER A 68 -1.76 -11.39 -8.11
C SER A 68 -1.07 -12.74 -7.82
N ARG A 69 -0.44 -12.91 -6.65
CA ARG A 69 0.31 -14.11 -6.22
C ARG A 69 -0.41 -14.87 -5.10
N ASN A 70 -1.74 -14.79 -5.09
CA ASN A 70 -2.65 -15.31 -4.07
C ASN A 70 -2.43 -14.79 -2.63
N LYS A 71 -1.77 -13.63 -2.46
CA LYS A 71 -1.69 -12.88 -1.20
C LYS A 71 -2.73 -11.76 -1.10
N TRP A 72 -3.86 -11.94 -1.81
CA TRP A 72 -5.06 -11.09 -1.71
C TRP A 72 -5.55 -10.88 -0.27
N ASP A 73 -5.24 -11.80 0.65
CA ASP A 73 -5.51 -11.67 2.08
C ASP A 73 -4.84 -10.44 2.72
N ASP A 74 -3.71 -9.98 2.15
CA ASP A 74 -2.93 -8.86 2.64
C ASP A 74 -3.41 -7.49 2.13
N LEU A 75 -4.09 -7.38 0.97
CA LEU A 75 -4.64 -6.13 0.41
C LEU A 75 -5.54 -5.37 1.41
N ASN A 76 -6.31 -6.11 2.20
CA ASN A 76 -7.06 -5.64 3.37
C ASN A 76 -6.19 -4.80 4.36
N GLU A 77 -5.00 -5.30 4.69
CA GLU A 77 -4.03 -4.57 5.50
C GLU A 77 -3.38 -3.42 4.70
N GLN A 78 -3.15 -3.60 3.39
CA GLN A 78 -2.54 -2.56 2.54
C GLN A 78 -3.42 -1.29 2.42
N LEU A 79 -4.74 -1.49 2.43
CA LEU A 79 -5.74 -0.44 2.54
C LEU A 79 -5.81 0.19 3.93
N THR A 80 -5.56 -0.61 4.97
CA THR A 80 -5.57 -0.19 6.37
C THR A 80 -4.37 0.72 6.74
N LEU A 81 -3.17 0.47 6.20
CA LEU A 81 -1.87 1.10 6.56
C LEU A 81 -1.97 2.56 7.03
N LEU A 82 -2.35 3.46 6.14
CA LEU A 82 -2.43 4.90 6.42
C LEU A 82 -3.80 5.34 6.99
N SER A 83 -4.75 4.41 7.04
CA SER A 83 -6.04 4.52 7.74
C SER A 83 -5.93 4.18 9.24
N LYS A 84 -4.79 3.64 9.71
CA LYS A 84 -4.49 3.36 11.12
C LYS A 84 -4.57 4.67 11.94
N LYS A 85 -5.61 4.79 12.78
CA LYS A 85 -6.05 5.99 13.54
C LYS A 85 -6.44 7.23 12.71
N HIS A 86 -5.68 7.57 11.67
CA HIS A 86 -5.82 8.64 10.65
C HIS A 86 -5.99 10.09 11.12
N GLY A 87 -6.76 10.36 12.18
CA GLY A 87 -6.92 11.69 12.80
C GLY A 87 -7.70 12.74 12.00
N GLN A 88 -8.41 12.34 10.92
CA GLN A 88 -9.18 13.25 10.07
C GLN A 88 -10.48 12.60 9.54
N LEU A 89 -10.45 11.96 8.37
CA LEU A 89 -11.60 11.27 7.73
C LEU A 89 -11.12 10.24 6.70
N LYS A 90 -11.83 9.10 6.61
CA LYS A 90 -11.47 7.99 5.72
C LYS A 90 -11.50 8.38 4.25
N LEU A 91 -12.46 9.18 3.79
CA LEU A 91 -12.62 9.57 2.38
C LEU A 91 -11.38 10.23 1.72
N SER A 92 -10.43 10.67 2.54
CA SER A 92 -9.14 11.22 2.12
C SER A 92 -8.12 10.13 1.76
N ILE A 93 -8.02 9.07 2.58
CA ILE A 93 -7.16 7.91 2.33
C ILE A 93 -7.87 6.83 1.49
N GLN A 94 -9.20 6.86 1.45
CA GLN A 94 -10.09 5.98 0.69
C GLN A 94 -9.75 5.94 -0.81
N TYR A 95 -9.11 6.97 -1.35
CA TYR A 95 -8.54 6.98 -2.71
C TYR A 95 -7.63 5.75 -2.98
N MET A 96 -6.94 5.24 -1.96
CA MET A 96 -6.17 3.99 -1.99
C MET A 96 -7.02 2.75 -2.34
N ILE A 97 -8.32 2.77 -2.03
CA ILE A 97 -9.25 1.69 -2.35
C ILE A 97 -9.39 1.42 -3.85
N GLN A 98 -8.99 2.35 -4.72
CA GLN A 98 -8.88 2.10 -6.16
C GLN A 98 -8.04 0.85 -6.47
N LYS A 99 -7.06 0.50 -5.62
CA LYS A 99 -6.22 -0.70 -5.76
C LYS A 99 -6.90 -1.98 -5.31
N VAL A 100 -7.67 -1.92 -4.22
CA VAL A 100 -8.56 -3.01 -3.82
C VAL A 100 -9.65 -3.24 -4.85
N MET A 101 -10.20 -2.15 -5.40
CA MET A 101 -11.16 -2.16 -6.51
C MET A 101 -10.57 -2.60 -7.86
N GLU A 102 -9.24 -2.77 -7.99
CA GLU A 102 -8.60 -3.07 -9.29
C GLU A 102 -8.63 -4.56 -9.69
N TYR A 103 -7.92 -5.43 -8.96
CA TYR A 103 -7.82 -6.87 -9.27
C TYR A 103 -8.22 -7.78 -8.08
N LEU A 104 -7.99 -7.31 -6.85
CA LEU A 104 -8.48 -7.90 -5.61
C LEU A 104 -10.03 -7.98 -5.60
N LYS A 105 -10.68 -7.06 -6.31
CA LYS A 105 -12.13 -6.84 -6.39
C LYS A 105 -12.95 -7.94 -7.07
N SER A 106 -12.40 -8.47 -8.17
CA SER A 106 -13.13 -9.31 -9.13
C SER A 106 -13.38 -10.75 -8.66
N SER A 107 -14.62 -11.05 -8.27
CA SER A 107 -15.04 -12.43 -7.95
C SER A 107 -15.06 -13.38 -9.15
N LYS A 108 -14.85 -12.89 -10.38
CA LYS A 108 -14.59 -13.74 -11.55
C LYS A 108 -13.31 -14.59 -11.36
N SER A 109 -12.46 -14.21 -10.40
CA SER A 109 -11.32 -15.00 -9.92
C SER A 109 -11.08 -14.91 -8.41
N LEU A 110 -12.11 -14.62 -7.60
CA LEU A 110 -12.07 -14.72 -6.14
C LEU A 110 -13.27 -15.51 -5.60
N ASP A 111 -13.00 -16.35 -4.59
CA ASP A 111 -14.00 -17.03 -3.79
C ASP A 111 -14.58 -16.08 -2.73
N LEU A 112 -15.82 -16.33 -2.32
CA LEU A 112 -16.50 -15.58 -1.25
C LEU A 112 -15.67 -15.55 0.03
N ASN A 113 -15.03 -16.67 0.38
CA ASN A 113 -14.29 -16.79 1.63
C ASN A 113 -13.06 -15.86 1.68
N THR A 114 -12.44 -15.57 0.54
CA THR A 114 -11.43 -14.53 0.41
C THR A 114 -12.10 -13.15 0.47
N ARG A 115 -13.09 -12.92 -0.41
CA ARG A 115 -13.75 -11.62 -0.57
C ARG A 115 -14.40 -11.08 0.69
N ILE A 116 -14.92 -11.97 1.53
CA ILE A 116 -15.43 -11.66 2.86
C ILE A 116 -14.45 -10.82 3.69
N SER A 117 -13.15 -11.12 3.57
CA SER A 117 -12.07 -10.51 4.36
C SER A 117 -11.84 -9.05 3.97
N VAL A 118 -12.23 -8.66 2.76
CA VAL A 118 -12.28 -7.27 2.30
C VAL A 118 -13.66 -6.66 2.47
N ILE A 119 -14.73 -7.29 2.01
CA ILE A 119 -16.07 -6.70 1.99
C ILE A 119 -16.58 -6.34 3.40
N GLU A 120 -16.16 -7.07 4.44
CA GLU A 120 -16.37 -6.72 5.83
C GLU A 120 -15.40 -5.65 6.33
N THR A 121 -14.13 -5.66 5.93
CA THR A 121 -13.15 -4.64 6.32
C THR A 121 -13.62 -3.24 5.99
N ILE A 122 -14.09 -3.01 4.75
CA ILE A 122 -14.59 -1.71 4.32
C ILE A 122 -15.89 -1.34 5.08
N ARG A 123 -16.79 -2.31 5.28
CA ARG A 123 -18.03 -2.15 6.06
C ARG A 123 -17.77 -1.77 7.54
N VAL A 124 -16.69 -2.29 8.13
CA VAL A 124 -16.24 -2.02 9.50
C VAL A 124 -15.46 -0.70 9.61
N VAL A 125 -14.34 -0.56 8.89
CA VAL A 125 -13.38 0.53 9.07
C VAL A 125 -13.92 1.91 8.67
N THR A 126 -14.88 1.98 7.73
CA THR A 126 -15.48 3.26 7.31
C THR A 126 -16.46 3.85 8.33
N GLU A 127 -16.82 3.12 9.40
CA GLU A 127 -17.54 3.69 10.55
C GLU A 127 -16.58 4.48 11.47
N ASN A 128 -15.25 4.31 11.31
CA ASN A 128 -14.24 4.84 12.22
C ASN A 128 -13.88 6.32 11.98
N LYS A 129 -14.87 7.22 12.09
CA LYS A 129 -14.66 8.68 12.08
C LYS A 129 -13.96 9.20 13.35
N ILE A 130 -14.10 8.47 14.47
CA ILE A 130 -13.45 8.69 15.75
C ILE A 130 -11.90 8.77 15.68
N PHE A 131 -11.36 9.45 16.68
CA PHE A 131 -9.94 9.54 17.03
C PHE A 131 -9.89 9.58 18.57
N VAL A 132 -10.25 8.43 19.15
CA VAL A 132 -10.56 8.20 20.57
C VAL A 132 -9.51 8.75 21.53
N GLU A 133 -10.03 9.29 22.62
CA GLU A 133 -9.30 10.10 23.57
C GLU A 133 -8.43 9.28 24.55
N VAL A 134 -7.79 9.97 25.50
CA VAL A 134 -6.84 9.41 26.47
C VAL A 134 -6.91 10.12 27.83
N GLU A 135 -7.75 9.57 28.72
CA GLU A 135 -7.88 9.86 30.16
C GLU A 135 -8.03 11.36 30.55
N ARG A 136 -8.72 12.16 29.72
CA ARG A 136 -9.01 13.58 29.97
C ARG A 136 -9.90 13.81 31.20
N MET A 1 36.10 2.36 -19.90
CA MET A 1 34.97 2.36 -18.94
C MET A 1 35.46 2.09 -17.51
N SER A 2 34.69 2.49 -16.50
CA SER A 2 35.00 2.19 -15.08
C SER A 2 34.77 0.71 -14.74
N ARG A 3 35.58 0.17 -13.83
CA ARG A 3 35.42 -1.19 -13.26
C ARG A 3 34.39 -1.26 -12.12
N ASP A 4 33.94 -0.12 -11.59
CA ASP A 4 32.97 -0.04 -10.50
C ASP A 4 32.09 1.23 -10.62
N ALA A 5 30.94 1.24 -9.94
CA ALA A 5 29.87 2.23 -10.08
C ALA A 5 29.46 2.50 -11.56
N PRO A 6 29.18 1.46 -12.37
CA PRO A 6 28.80 1.62 -13.78
C PRO A 6 27.42 2.28 -13.92
N ILE A 7 27.15 2.91 -15.07
CA ILE A 7 25.91 3.65 -15.34
C ILE A 7 24.76 2.71 -15.77
N LYS A 8 24.45 1.73 -14.91
CA LYS A 8 23.43 0.69 -15.12
C LYS A 8 22.07 1.12 -14.58
N ALA A 9 21.37 1.99 -15.31
CA ALA A 9 19.97 2.34 -15.03
C ALA A 9 18.97 1.25 -15.48
N ASP A 10 19.19 0.06 -14.95
CA ASP A 10 18.40 -1.17 -15.12
C ASP A 10 17.02 -1.13 -14.41
N LYS A 11 16.80 -0.06 -13.64
CA LYS A 11 15.70 0.16 -12.66
C LYS A 11 15.79 -0.84 -11.48
N ASP A 12 16.43 -0.38 -10.40
CA ASP A 12 16.48 -1.03 -9.08
C ASP A 12 15.18 -0.82 -8.27
N TYR A 13 15.18 -1.14 -6.96
CA TYR A 13 14.02 -0.95 -6.09
C TYR A 13 13.49 0.49 -6.14
N SER A 14 12.15 0.60 -6.15
CA SER A 14 11.32 1.78 -6.45
C SER A 14 11.45 2.32 -7.87
N GLN A 15 12.59 2.12 -8.53
CA GLN A 15 12.80 2.50 -9.93
C GLN A 15 11.97 1.60 -10.87
N ILE A 16 11.59 0.39 -10.43
CA ILE A 16 10.60 -0.50 -11.08
C ILE A 16 9.37 0.28 -11.51
N LEU A 17 8.90 1.13 -10.61
CA LEU A 17 7.68 1.88 -10.78
C LEU A 17 7.83 3.00 -11.83
N LYS A 18 9.06 3.30 -12.28
CA LYS A 18 9.41 4.16 -13.43
C LYS A 18 9.12 3.47 -14.75
N GLU A 19 9.42 2.17 -14.83
CA GLU A 19 9.33 1.40 -16.07
C GLU A 19 8.00 0.67 -16.24
N GLU A 20 7.37 0.26 -15.14
CA GLU A 20 6.09 -0.45 -15.16
C GLU A 20 4.90 0.49 -15.29
N PHE A 21 5.00 1.73 -14.79
CA PHE A 21 3.95 2.73 -14.96
C PHE A 21 3.52 2.94 -16.43
N PRO A 22 4.43 3.18 -17.41
CA PRO A 22 4.05 3.25 -18.81
C PRO A 22 3.36 1.98 -19.35
N LYS A 23 3.76 0.80 -18.85
CA LYS A 23 3.12 -0.48 -19.24
C LYS A 23 1.62 -0.49 -18.89
N ILE A 24 1.24 0.12 -17.77
CA ILE A 24 -0.16 0.28 -17.34
C ILE A 24 -0.83 1.49 -17.95
N ASP A 25 -0.09 2.54 -18.30
CA ASP A 25 -0.69 3.82 -18.69
C ASP A 25 -1.48 3.70 -20.00
N SER A 26 -1.12 2.75 -20.86
CA SER A 26 -1.92 2.37 -22.03
C SER A 26 -3.28 1.75 -21.64
N LEU A 27 -3.32 1.03 -20.51
CA LEU A 27 -4.51 0.38 -19.96
C LEU A 27 -5.36 1.33 -19.09
N ALA A 28 -4.77 1.97 -18.07
CA ALA A 28 -5.46 2.77 -17.05
C ALA A 28 -6.27 3.94 -17.61
N GLN A 29 -5.85 4.48 -18.75
CA GLN A 29 -6.59 5.52 -19.49
C GLN A 29 -7.89 5.00 -20.16
N ASN A 30 -8.13 3.68 -20.12
CA ASN A 30 -9.26 2.96 -20.71
C ASN A 30 -10.00 2.04 -19.72
N ASP A 31 -9.29 1.34 -18.83
CA ASP A 31 -9.82 0.40 -17.83
C ASP A 31 -8.90 0.29 -16.58
N CYS A 32 -8.89 1.34 -15.75
CA CYS A 32 -8.06 1.37 -14.54
C CYS A 32 -8.46 0.33 -13.47
N ASN A 33 -9.67 -0.24 -13.57
CA ASN A 33 -10.12 -1.36 -12.74
C ASN A 33 -9.27 -2.62 -12.93
N SER A 34 -8.65 -2.78 -14.12
CA SER A 34 -7.61 -3.78 -14.37
C SER A 34 -6.20 -3.24 -14.03
N ALA A 35 -5.95 -1.95 -14.25
CA ALA A 35 -4.63 -1.34 -14.09
C ALA A 35 -4.15 -1.23 -12.63
N LEU A 36 -5.08 -1.16 -11.67
CA LEU A 36 -4.77 -1.29 -10.25
C LEU A 36 -4.09 -2.64 -9.95
N ASP A 37 -4.50 -3.69 -10.67
CA ASP A 37 -3.89 -5.03 -10.63
C ASP A 37 -2.59 -5.13 -11.43
N GLN A 38 -2.01 -3.98 -11.82
CA GLN A 38 -0.68 -3.87 -12.42
C GLN A 38 0.32 -3.11 -11.52
N LEU A 39 -0.02 -1.91 -10.97
CA LEU A 39 0.86 -1.26 -9.99
C LEU A 39 0.78 -1.83 -8.57
N LEU A 40 -0.42 -2.15 -8.05
CA LEU A 40 -0.51 -2.66 -6.66
C LEU A 40 0.00 -4.12 -6.58
N VAL A 41 0.19 -4.78 -7.73
CA VAL A 41 0.93 -6.06 -7.84
C VAL A 41 2.41 -5.87 -7.51
N LEU A 42 3.00 -4.73 -7.87
CA LEU A 42 4.37 -4.38 -7.51
C LEU A 42 4.51 -4.21 -5.99
N GLU A 43 3.65 -3.42 -5.36
CA GLU A 43 3.51 -3.36 -3.90
C GLU A 43 3.49 -4.76 -3.25
N LYS A 44 2.68 -5.66 -3.82
CA LYS A 44 2.50 -7.03 -3.32
C LYS A 44 3.79 -7.83 -3.44
N LYS A 45 4.34 -7.93 -4.65
CA LYS A 45 5.58 -8.64 -4.95
C LYS A 45 6.72 -8.09 -4.11
N THR A 46 6.84 -6.76 -4.01
CA THR A 46 7.91 -6.09 -3.28
C THR A 46 7.86 -6.33 -1.78
N ARG A 47 6.69 -6.25 -1.12
CA ARG A 47 6.60 -6.58 0.32
C ARG A 47 6.86 -8.07 0.56
N GLN A 48 6.39 -8.96 -0.32
CA GLN A 48 6.61 -10.41 -0.18
C GLN A 48 8.06 -10.84 -0.45
N ALA A 49 8.72 -10.25 -1.45
CA ALA A 49 10.07 -10.57 -1.90
C ALA A 49 11.20 -9.91 -1.08
N SER A 50 10.86 -9.01 -0.14
CA SER A 50 11.77 -8.10 0.58
C SER A 50 12.46 -7.04 -0.30
N ASP A 51 11.87 -6.78 -1.48
CA ASP A 51 12.18 -5.66 -2.40
C ASP A 51 11.36 -4.40 -2.00
N LEU A 52 10.90 -4.38 -0.74
CA LEU A 52 9.91 -3.49 -0.14
C LEU A 52 10.23 -2.01 -0.15
N ALA A 53 11.50 -1.66 -0.29
CA ALA A 53 11.93 -0.28 -0.56
C ALA A 53 11.19 0.32 -1.78
N SER A 54 10.72 -0.55 -2.67
CA SER A 54 9.80 -0.23 -3.77
C SER A 54 8.36 -0.10 -3.29
N SER A 55 7.84 -1.10 -2.56
CA SER A 55 6.50 -1.10 -1.93
C SER A 55 6.21 0.23 -1.22
N LYS A 56 7.21 0.74 -0.49
CA LYS A 56 7.16 2.03 0.24
C LYS A 56 6.89 3.25 -0.63
N GLU A 57 7.19 3.19 -1.93
CA GLU A 57 6.85 4.22 -2.92
C GLU A 57 5.52 3.95 -3.63
N VAL A 58 5.14 2.68 -3.84
CA VAL A 58 3.79 2.34 -4.33
C VAL A 58 2.71 2.74 -3.32
N LEU A 59 2.99 2.56 -2.02
CA LEU A 59 2.07 2.81 -0.92
C LEU A 59 1.51 4.24 -0.89
N ALA A 60 2.31 5.22 -1.32
CA ALA A 60 1.89 6.60 -1.49
C ALA A 60 0.95 6.88 -2.68
N LYS A 61 0.67 5.88 -3.51
CA LYS A 61 -0.37 5.89 -4.54
C LYS A 61 -1.32 4.70 -4.48
N ILE A 62 -1.20 3.91 -3.43
CA ILE A 62 -2.15 2.86 -3.05
C ILE A 62 -3.56 3.44 -2.89
N VAL A 63 -3.70 4.68 -2.42
CA VAL A 63 -5.01 5.34 -2.41
C VAL A 63 -5.50 5.68 -3.83
N ASP A 64 -4.58 5.96 -4.73
CA ASP A 64 -4.84 6.52 -6.04
C ASP A 64 -5.21 5.47 -7.11
N LEU A 65 -4.94 4.18 -6.86
CA LEU A 65 -5.43 3.07 -7.67
C LEU A 65 -6.30 2.07 -6.86
N LEU A 66 -6.00 1.77 -5.58
CA LEU A 66 -6.84 0.89 -4.76
C LEU A 66 -8.11 1.62 -4.28
N ALA A 67 -8.02 2.59 -3.37
CA ALA A 67 -9.19 3.33 -2.90
C ALA A 67 -9.99 4.02 -4.03
N SER A 68 -9.28 4.62 -4.98
CA SER A 68 -9.86 5.42 -6.06
C SER A 68 -10.57 4.60 -7.16
N ARG A 69 -10.45 3.27 -7.15
CA ARG A 69 -11.13 2.33 -8.07
C ARG A 69 -12.01 1.33 -7.33
N ASN A 70 -12.60 1.78 -6.21
CA ASN A 70 -13.50 1.02 -5.32
C ASN A 70 -12.89 -0.20 -4.61
N LYS A 71 -11.56 -0.25 -4.46
CA LYS A 71 -10.84 -1.20 -3.60
C LYS A 71 -10.37 -0.56 -2.28
N TRP A 72 -11.09 0.48 -1.84
CA TRP A 72 -10.95 1.10 -0.51
C TRP A 72 -11.03 0.11 0.66
N ASP A 73 -11.70 -1.02 0.49
CA ASP A 73 -11.76 -2.11 1.46
C ASP A 73 -10.37 -2.70 1.78
N ASP A 74 -9.44 -2.63 0.81
CA ASP A 74 -8.07 -3.12 0.92
C ASP A 74 -7.05 -2.08 1.40
N LEU A 75 -7.38 -0.78 1.52
CA LEU A 75 -6.48 0.25 2.08
C LEU A 75 -6.00 -0.08 3.51
N ASN A 76 -6.86 -0.71 4.31
CA ASN A 76 -6.49 -1.31 5.61
C ASN A 76 -5.33 -2.32 5.53
N GLU A 77 -5.29 -3.15 4.49
CA GLU A 77 -4.20 -4.10 4.26
C GLU A 77 -2.87 -3.38 3.94
N GLN A 78 -2.94 -2.16 3.40
CA GLN A 78 -1.77 -1.35 3.01
C GLN A 78 -1.10 -0.71 4.24
N LEU A 79 -1.90 -0.35 5.24
CA LEU A 79 -1.44 0.04 6.57
C LEU A 79 -0.93 -1.17 7.39
N THR A 80 -1.46 -2.36 7.10
CA THR A 80 -1.05 -3.64 7.66
C THR A 80 0.27 -4.16 7.06
N LEU A 81 0.56 -3.88 5.79
CA LEU A 81 1.64 -4.46 4.97
C LEU A 81 2.97 -4.68 5.70
N LEU A 82 3.63 -3.60 6.11
CA LEU A 82 4.90 -3.66 6.85
C LEU A 82 4.70 -3.67 8.38
N SER A 83 3.44 -3.79 8.80
CA SER A 83 2.98 -4.03 10.19
C SER A 83 2.69 -5.51 10.50
N LYS A 84 2.83 -6.44 9.53
CA LYS A 84 2.47 -7.87 9.67
C LYS A 84 3.21 -8.63 10.78
N LYS A 85 4.31 -8.08 11.31
CA LYS A 85 4.99 -8.54 12.54
C LYS A 85 4.13 -8.16 13.75
N HIS A 86 3.03 -8.90 13.96
CA HIS A 86 1.98 -8.56 14.94
C HIS A 86 2.50 -8.31 16.36
N GLY A 87 1.87 -7.35 17.05
CA GLY A 87 2.28 -6.87 18.37
C GLY A 87 3.40 -5.81 18.38
N GLN A 88 4.11 -5.59 17.26
CA GLN A 88 5.11 -4.53 17.13
C GLN A 88 4.48 -3.13 17.16
N LEU A 89 5.21 -2.15 17.69
CA LEU A 89 4.87 -0.72 17.75
C LEU A 89 4.53 -0.16 16.35
N LYS A 90 3.28 0.24 16.16
CA LYS A 90 2.76 0.73 14.87
C LYS A 90 3.35 2.06 14.43
N LEU A 91 3.81 2.95 15.32
CA LEU A 91 4.23 4.33 15.02
C LEU A 91 5.22 4.43 13.84
N SER A 92 6.17 3.48 13.75
CA SER A 92 7.13 3.38 12.63
C SER A 92 6.50 3.14 11.26
N ILE A 93 5.31 2.53 11.24
CA ILE A 93 4.51 2.19 10.07
C ILE A 93 3.12 2.87 10.18
N GLN A 94 2.96 3.84 11.07
CA GLN A 94 1.82 4.78 11.12
C GLN A 94 1.99 5.81 10.01
N TYR A 95 3.22 6.03 9.53
CA TYR A 95 3.53 6.81 8.32
C TYR A 95 2.56 6.52 7.15
N MET A 96 2.15 5.26 6.99
CA MET A 96 1.17 4.78 6.00
C MET A 96 -0.26 5.33 6.21
N ILE A 97 -0.66 5.61 7.46
CA ILE A 97 -2.01 6.17 7.73
C ILE A 97 -2.25 7.50 7.05
N GLN A 98 -1.22 8.28 6.72
CA GLN A 98 -1.36 9.54 6.00
C GLN A 98 -1.99 9.37 4.61
N LYS A 99 -1.95 8.15 4.04
CA LYS A 99 -2.63 7.77 2.80
C LYS A 99 -4.06 7.31 3.02
N VAL A 100 -4.33 6.55 4.07
CA VAL A 100 -5.70 6.27 4.50
C VAL A 100 -6.43 7.57 4.80
N MET A 101 -5.77 8.48 5.51
CA MET A 101 -6.22 9.83 5.77
C MET A 101 -6.23 10.76 4.54
N GLU A 102 -5.78 10.29 3.37
CA GLU A 102 -5.87 11.04 2.11
C GLU A 102 -7.22 10.83 1.39
N TYR A 103 -7.35 9.79 0.57
CA TYR A 103 -8.53 9.60 -0.30
C TYR A 103 -9.59 8.73 0.36
N LEU A 104 -9.13 7.66 1.00
CA LEU A 104 -9.93 6.68 1.74
C LEU A 104 -10.71 7.32 2.90
N LYS A 105 -10.20 8.41 3.47
CA LYS A 105 -10.86 9.23 4.49
C LYS A 105 -12.10 9.98 3.99
N SER A 106 -11.99 10.60 2.82
CA SER A 106 -12.97 11.55 2.28
C SER A 106 -14.28 10.87 1.84
N SER A 107 -15.38 11.17 2.53
CA SER A 107 -16.71 10.67 2.16
C SER A 107 -17.27 11.26 0.87
N LYS A 108 -16.61 12.27 0.27
CA LYS A 108 -16.90 12.75 -1.09
C LYS A 108 -16.70 11.64 -2.13
N SER A 109 -16.04 10.53 -1.75
CA SER A 109 -15.95 9.29 -2.52
C SER A 109 -16.07 8.02 -1.65
N LEU A 110 -16.75 8.07 -0.51
CA LEU A 110 -16.99 6.90 0.34
C LEU A 110 -18.27 6.99 1.19
N ASP A 111 -19.02 5.90 1.27
CA ASP A 111 -20.16 5.76 2.18
C ASP A 111 -19.70 5.59 3.63
N LEU A 112 -20.44 6.15 4.57
CA LEU A 112 -20.13 6.10 6.02
C LEU A 112 -19.99 4.69 6.54
N ASN A 113 -20.92 3.81 6.21
CA ASN A 113 -20.88 2.43 6.68
C ASN A 113 -19.62 1.69 6.20
N THR A 114 -19.13 2.04 5.00
CA THR A 114 -17.87 1.54 4.45
C THR A 114 -16.67 2.18 5.16
N ARG A 115 -16.59 3.51 5.26
CA ARG A 115 -15.59 4.27 6.06
C ARG A 115 -15.38 3.67 7.44
N ILE A 116 -16.49 3.47 8.13
CA ILE A 116 -16.61 2.85 9.45
C ILE A 116 -16.01 1.44 9.51
N SER A 117 -16.24 0.64 8.47
CA SER A 117 -15.74 -0.74 8.35
C SER A 117 -14.22 -0.79 8.17
N VAL A 118 -13.59 0.38 7.98
CA VAL A 118 -12.15 0.58 7.82
C VAL A 118 -11.56 1.26 9.05
N ILE A 119 -12.10 2.41 9.46
CA ILE A 119 -11.70 3.12 10.67
C ILE A 119 -11.75 2.26 11.93
N GLU A 120 -12.66 1.28 12.05
CA GLU A 120 -12.67 0.35 13.17
C GLU A 120 -11.53 -0.69 13.15
N THR A 121 -11.18 -1.28 12.01
CA THR A 121 -9.98 -2.14 11.89
C THR A 121 -8.70 -1.32 12.08
N ILE A 122 -8.66 -0.08 11.57
CA ILE A 122 -7.59 0.87 11.90
C ILE A 122 -7.53 1.17 13.40
N ARG A 123 -8.67 1.29 14.10
CA ARG A 123 -8.71 1.46 15.56
C ARG A 123 -8.13 0.24 16.28
N VAL A 124 -8.58 -0.99 15.98
CA VAL A 124 -8.07 -2.19 16.65
C VAL A 124 -6.62 -2.55 16.29
N VAL A 125 -6.10 -2.15 15.12
CA VAL A 125 -4.69 -2.40 14.72
C VAL A 125 -3.71 -1.24 15.01
N THR A 126 -4.19 -0.03 15.35
CA THR A 126 -3.32 1.14 15.59
C THR A 126 -3.60 1.94 16.87
N GLU A 127 -4.86 2.06 17.30
CA GLU A 127 -5.22 2.69 18.58
C GLU A 127 -5.18 1.70 19.75
N ASN A 128 -4.81 0.43 19.49
CA ASN A 128 -4.75 -0.62 20.50
C ASN A 128 -3.61 -1.65 20.27
N LYS A 129 -3.03 -2.13 21.37
CA LYS A 129 -2.07 -3.25 21.48
C LYS A 129 -2.74 -4.62 21.30
N ILE A 130 -4.03 -4.70 21.66
CA ILE A 130 -4.94 -5.87 21.81
C ILE A 130 -4.44 -6.99 22.74
N PHE A 131 -5.38 -7.49 23.56
CA PHE A 131 -5.22 -8.59 24.52
C PHE A 131 -6.58 -9.29 24.75
N VAL A 132 -7.23 -9.71 23.65
CA VAL A 132 -8.55 -10.36 23.65
C VAL A 132 -8.54 -11.66 24.44
N GLU A 133 -9.72 -12.01 24.93
CA GLU A 133 -9.95 -13.14 25.82
C GLU A 133 -9.84 -14.50 25.11
N VAL A 134 -9.40 -15.50 25.87
CA VAL A 134 -9.26 -16.90 25.53
C VAL A 134 -9.61 -17.68 26.80
N GLU A 135 -8.86 -18.74 27.04
CA GLU A 135 -8.95 -19.67 28.16
C GLU A 135 -8.37 -19.10 29.48
N ARG A 136 -8.90 -17.95 29.93
CA ARG A 136 -8.54 -17.28 31.20
C ARG A 136 -9.75 -16.69 31.93
N MET A 1 33.99 7.16 13.65
CA MET A 1 34.13 8.09 12.49
C MET A 1 32.98 9.10 12.46
N SER A 2 33.15 10.21 11.73
CA SER A 2 32.13 11.27 11.57
C SER A 2 30.86 10.77 10.85
N ARG A 3 29.71 11.39 11.16
CA ARG A 3 28.37 11.07 10.60
C ARG A 3 28.19 11.62 9.17
N ASP A 4 29.13 11.32 8.28
CA ASP A 4 29.11 11.71 6.87
C ASP A 4 28.09 10.91 6.05
N ALA A 5 27.63 11.48 4.92
CA ALA A 5 26.60 10.93 4.04
C ALA A 5 25.35 10.42 4.79
N PRO A 6 24.56 11.30 5.45
CA PRO A 6 23.44 10.91 6.31
C PRO A 6 22.35 10.15 5.55
N ILE A 7 21.64 9.25 6.23
CA ILE A 7 20.67 8.33 5.62
C ILE A 7 19.29 9.00 5.44
N LYS A 8 19.27 10.09 4.67
CA LYS A 8 18.06 10.86 4.26
C LYS A 8 17.22 10.18 3.16
N ALA A 9 17.79 9.16 2.50
CA ALA A 9 17.24 8.45 1.34
C ALA A 9 16.70 9.35 0.22
N ASP A 10 17.63 10.02 -0.45
CA ASP A 10 17.40 10.76 -1.71
C ASP A 10 16.94 9.81 -2.84
N LYS A 11 17.31 8.53 -2.74
CA LYS A 11 16.84 7.41 -3.56
C LYS A 11 16.75 6.09 -2.77
N ASP A 12 17.59 5.93 -1.74
CA ASP A 12 17.85 4.69 -0.99
C ASP A 12 16.60 3.93 -0.56
N TYR A 13 16.71 2.59 -0.50
CA TYR A 13 15.62 1.62 -0.33
C TYR A 13 14.63 1.63 -1.51
N SER A 14 13.96 2.75 -1.79
CA SER A 14 13.15 2.95 -3.00
C SER A 14 13.96 2.80 -4.29
N GLN A 15 15.29 2.76 -4.19
CA GLN A 15 16.24 2.54 -5.27
C GLN A 15 15.96 1.21 -6.00
N ILE A 16 15.39 0.23 -5.29
CA ILE A 16 14.95 -1.05 -5.85
C ILE A 16 13.82 -0.82 -6.85
N LEU A 17 12.79 -0.09 -6.44
CA LEU A 17 11.64 0.23 -7.27
C LEU A 17 12.03 1.10 -8.47
N LYS A 18 13.09 1.91 -8.35
CA LYS A 18 13.65 2.72 -9.44
C LYS A 18 14.40 1.88 -10.48
N GLU A 19 15.01 0.76 -10.08
CA GLU A 19 15.81 -0.10 -10.95
C GLU A 19 15.08 -1.34 -11.47
N GLU A 20 14.24 -1.97 -10.65
CA GLU A 20 13.52 -3.20 -11.00
C GLU A 20 12.28 -2.93 -11.84
N PHE A 21 11.59 -1.79 -11.64
CA PHE A 21 10.39 -1.44 -12.41
C PHE A 21 10.52 -1.67 -13.93
N PRO A 22 11.56 -1.19 -14.65
CA PRO A 22 11.72 -1.51 -16.07
C PRO A 22 11.83 -3.01 -16.36
N LYS A 23 12.53 -3.76 -15.49
CA LYS A 23 12.61 -5.24 -15.59
C LYS A 23 11.22 -5.88 -15.54
N ILE A 24 10.32 -5.37 -14.69
CA ILE A 24 8.93 -5.83 -14.58
C ILE A 24 8.02 -5.26 -15.68
N ASP A 25 8.35 -4.08 -16.22
CA ASP A 25 7.58 -3.44 -17.27
C ASP A 25 7.72 -4.23 -18.60
N SER A 26 8.89 -4.85 -18.79
CA SER A 26 9.14 -5.85 -19.84
C SER A 26 8.30 -7.13 -19.66
N LEU A 27 7.96 -7.49 -18.42
CA LEU A 27 7.02 -8.58 -18.12
C LEU A 27 5.55 -8.15 -18.28
N ALA A 28 5.12 -7.05 -17.64
CA ALA A 28 3.73 -6.62 -17.57
C ALA A 28 3.08 -6.33 -18.94
N GLN A 29 3.89 -5.95 -19.93
CA GLN A 29 3.45 -5.83 -21.33
C GLN A 29 3.19 -7.19 -22.04
N ASN A 30 3.42 -8.32 -21.36
CA ASN A 30 3.25 -9.69 -21.83
C ASN A 30 2.39 -10.57 -20.87
N ASP A 31 2.63 -10.48 -19.55
CA ASP A 31 1.90 -11.17 -18.48
C ASP A 31 1.91 -10.37 -17.16
N CYS A 32 1.10 -9.32 -17.08
CA CYS A 32 1.01 -8.47 -15.88
C CYS A 32 0.59 -9.20 -14.60
N ASN A 33 -0.13 -10.32 -14.68
CA ASN A 33 -0.55 -11.11 -13.52
C ASN A 33 0.64 -11.67 -12.72
N SER A 34 1.76 -11.97 -13.40
CA SER A 34 3.04 -12.32 -12.76
C SER A 34 3.81 -11.08 -12.26
N ALA A 35 3.58 -9.92 -12.87
CA ALA A 35 4.29 -8.67 -12.61
C ALA A 35 3.81 -7.95 -11.34
N LEU A 36 2.55 -8.14 -10.94
CA LEU A 36 2.05 -7.71 -9.64
C LEU A 36 2.86 -8.35 -8.51
N ASP A 37 3.20 -9.63 -8.70
CA ASP A 37 4.07 -10.44 -7.85
C ASP A 37 5.56 -10.08 -8.00
N GLN A 38 5.89 -8.98 -8.68
CA GLN A 38 7.21 -8.36 -8.70
C GLN A 38 7.20 -7.00 -7.99
N LEU A 39 6.32 -6.04 -8.34
CA LEU A 39 6.27 -4.78 -7.58
C LEU A 39 5.67 -4.89 -6.17
N LEU A 40 4.51 -5.54 -6.00
CA LEU A 40 3.83 -5.53 -4.70
C LEU A 40 4.52 -6.49 -3.70
N VAL A 41 5.37 -7.40 -4.20
CA VAL A 41 6.30 -8.22 -3.39
C VAL A 41 7.36 -7.35 -2.70
N LEU A 42 7.77 -6.25 -3.34
CA LEU A 42 8.60 -5.24 -2.68
C LEU A 42 7.86 -4.57 -1.54
N GLU A 43 6.63 -4.08 -1.74
CA GLU A 43 5.78 -3.57 -0.64
C GLU A 43 5.74 -4.52 0.56
N LYS A 44 5.62 -5.82 0.30
CA LYS A 44 5.67 -6.87 1.33
C LYS A 44 7.02 -6.95 2.04
N LYS A 45 8.10 -7.13 1.28
CA LYS A 45 9.46 -7.25 1.80
C LYS A 45 9.87 -6.01 2.61
N THR A 46 9.56 -4.83 2.10
CA THR A 46 9.87 -3.51 2.68
C THR A 46 9.16 -3.24 4.00
N ARG A 47 7.85 -3.51 4.11
CA ARG A 47 7.12 -3.37 5.40
C ARG A 47 7.61 -4.40 6.44
N GLN A 48 7.90 -5.63 6.00
CA GLN A 48 8.39 -6.69 6.90
C GLN A 48 9.83 -6.49 7.36
N ALA A 49 10.71 -5.95 6.50
CA ALA A 49 12.10 -5.60 6.80
C ALA A 49 12.26 -4.29 7.61
N SER A 50 11.19 -3.53 7.81
CA SER A 50 11.22 -2.14 8.33
C SER A 50 12.02 -1.17 7.44
N ASP A 51 12.07 -1.46 6.15
CA ASP A 51 12.59 -0.58 5.06
C ASP A 51 11.45 0.22 4.40
N LEU A 52 10.31 0.34 5.09
CA LEU A 52 9.01 0.84 4.63
C LEU A 52 8.97 2.19 3.91
N ALA A 53 9.98 3.02 4.12
CA ALA A 53 10.23 4.24 3.34
C ALA A 53 10.26 3.98 1.81
N SER A 54 10.57 2.74 1.41
CA SER A 54 10.45 2.22 0.03
C SER A 54 9.04 1.65 -0.25
N SER A 55 8.47 0.86 0.66
CA SER A 55 7.06 0.39 0.65
C SER A 55 6.08 1.50 0.27
N LYS A 56 6.31 2.70 0.84
CA LYS A 56 5.51 3.93 0.62
C LYS A 56 5.46 4.38 -0.85
N GLU A 57 6.53 4.18 -1.60
CA GLU A 57 6.60 4.47 -3.05
C GLU A 57 5.90 3.39 -3.90
N VAL A 58 5.87 2.15 -3.43
CA VAL A 58 5.05 1.08 -4.02
C VAL A 58 3.57 1.36 -3.80
N LEU A 59 3.23 1.76 -2.58
CA LEU A 59 1.88 1.88 -2.09
C LEU A 59 1.01 2.86 -2.86
N ALA A 60 1.59 3.93 -3.37
CA ALA A 60 0.91 4.88 -4.24
C ALA A 60 0.64 4.38 -5.68
N LYS A 61 1.05 3.15 -6.00
CA LYS A 61 0.68 2.42 -7.23
C LYS A 61 0.20 0.98 -6.97
N ILE A 62 0.06 0.62 -5.71
CA ILE A 62 -0.60 -0.60 -5.25
C ILE A 62 -2.01 -0.74 -5.85
N VAL A 63 -2.72 0.37 -6.04
CA VAL A 63 -4.04 0.33 -6.70
C VAL A 63 -3.90 -0.02 -8.18
N ASP A 64 -2.90 0.54 -8.84
CA ASP A 64 -2.63 0.43 -10.26
C ASP A 64 -2.11 -0.94 -10.72
N LEU A 65 -1.71 -1.83 -9.80
CA LEU A 65 -1.44 -3.24 -10.09
C LEU A 65 -2.45 -4.16 -9.39
N LEU A 66 -2.69 -4.06 -8.07
CA LEU A 66 -3.65 -4.95 -7.40
C LEU A 66 -5.09 -4.73 -7.87
N ALA A 67 -5.69 -3.58 -7.53
CA ALA A 67 -7.07 -3.26 -7.91
C ALA A 67 -7.32 -3.36 -9.43
N SER A 68 -6.31 -2.94 -10.20
CA SER A 68 -6.34 -2.87 -11.67
C SER A 68 -6.22 -4.23 -12.38
N ARG A 69 -5.83 -5.31 -11.66
CA ARG A 69 -5.73 -6.68 -12.19
C ARG A 69 -6.42 -7.69 -11.27
N ASN A 70 -7.61 -7.32 -10.80
CA ASN A 70 -8.54 -8.14 -10.02
C ASN A 70 -8.05 -8.66 -8.66
N LYS A 71 -7.06 -7.99 -8.06
CA LYS A 71 -6.63 -8.15 -6.65
C LYS A 71 -7.11 -6.99 -5.77
N TRP A 72 -8.22 -6.37 -6.16
CA TRP A 72 -8.98 -5.37 -5.40
C TRP A 72 -9.32 -5.77 -3.95
N ASP A 73 -9.35 -7.06 -3.65
CA ASP A 73 -9.59 -7.58 -2.30
C ASP A 73 -8.41 -7.28 -1.35
N ASP A 74 -7.19 -7.16 -1.90
CA ASP A 74 -5.99 -6.81 -1.16
C ASP A 74 -5.89 -5.32 -0.81
N LEU A 75 -6.49 -4.40 -1.59
CA LEU A 75 -6.51 -2.94 -1.33
C LEU A 75 -6.97 -2.59 0.09
N ASN A 76 -7.95 -3.34 0.58
CA ASN A 76 -8.44 -3.35 1.97
C ASN A 76 -7.31 -3.43 3.03
N GLU A 77 -6.35 -4.32 2.80
CA GLU A 77 -5.17 -4.52 3.64
C GLU A 77 -4.08 -3.46 3.37
N GLN A 78 -4.01 -2.91 2.14
CA GLN A 78 -3.01 -1.90 1.78
C GLN A 78 -3.20 -0.59 2.58
N LEU A 79 -4.44 -0.30 2.99
CA LEU A 79 -4.82 0.75 3.93
C LEU A 79 -4.37 0.54 5.38
N THR A 80 -3.94 -0.66 5.74
CA THR A 80 -3.58 -1.09 7.11
C THR A 80 -2.07 -1.24 7.33
N LEU A 81 -1.33 -1.77 6.35
CA LEU A 81 0.08 -2.22 6.43
C LEU A 81 0.96 -1.51 7.47
N LEU A 82 1.23 -0.23 7.26
CA LEU A 82 2.22 0.50 8.03
C LEU A 82 1.71 0.95 9.42
N SER A 83 0.41 0.80 9.69
CA SER A 83 -0.23 1.05 10.98
C SER A 83 -0.17 -0.14 11.94
N LYS A 84 0.20 -1.35 11.46
CA LYS A 84 0.19 -2.61 12.24
C LYS A 84 0.95 -2.55 13.57
N LYS A 85 2.09 -1.84 13.61
CA LYS A 85 2.93 -1.70 14.82
C LYS A 85 2.27 -0.88 15.95
N HIS A 86 1.25 -0.07 15.64
CA HIS A 86 0.67 0.91 16.56
C HIS A 86 -0.83 0.75 16.81
N GLY A 87 -1.61 0.39 15.78
CA GLY A 87 -3.09 0.33 15.80
C GLY A 87 -3.81 1.69 15.90
N GLN A 88 -3.26 2.63 16.67
CA GLN A 88 -3.73 4.01 16.82
C GLN A 88 -3.40 4.89 15.60
N LEU A 89 -4.11 6.02 15.50
CA LEU A 89 -3.94 7.10 14.52
C LEU A 89 -3.97 6.64 13.05
N LYS A 90 -5.14 6.19 12.59
CA LYS A 90 -5.43 5.91 11.16
C LYS A 90 -5.08 7.11 10.28
N LEU A 91 -5.26 8.35 10.74
CA LEU A 91 -5.03 9.57 9.94
C LEU A 91 -3.60 9.73 9.36
N SER A 92 -2.66 8.89 9.80
CA SER A 92 -1.31 8.75 9.23
C SER A 92 -1.26 7.83 8.02
N ILE A 93 -1.89 6.65 8.10
CA ILE A 93 -2.00 5.74 6.94
C ILE A 93 -3.20 6.08 6.04
N GLN A 94 -4.12 6.92 6.50
CA GLN A 94 -5.30 7.39 5.76
C GLN A 94 -4.95 8.04 4.42
N TYR A 95 -3.70 8.50 4.27
CA TYR A 95 -3.10 8.88 2.98
C TYR A 95 -3.35 7.80 1.89
N MET A 96 -3.32 6.52 2.27
CA MET A 96 -3.65 5.36 1.44
C MET A 96 -5.09 5.29 0.95
N ILE A 97 -6.03 5.89 1.69
CA ILE A 97 -7.43 5.96 1.24
C ILE A 97 -7.51 6.63 -0.14
N GLN A 98 -6.61 7.56 -0.47
CA GLN A 98 -6.58 8.22 -1.78
C GLN A 98 -6.28 7.26 -2.94
N LYS A 99 -5.68 6.09 -2.67
CA LYS A 99 -5.48 5.00 -3.64
C LYS A 99 -6.70 4.10 -3.70
N VAL A 100 -7.31 3.76 -2.55
CA VAL A 100 -8.63 3.10 -2.54
C VAL A 100 -9.65 3.91 -3.33
N MET A 101 -9.77 5.20 -3.03
CA MET A 101 -10.63 6.19 -3.69
C MET A 101 -10.38 6.36 -5.20
N GLU A 102 -9.27 5.83 -5.72
CA GLU A 102 -8.85 6.14 -7.10
C GLU A 102 -9.42 5.23 -8.20
N TYR A 103 -9.50 3.92 -7.96
CA TYR A 103 -9.96 2.94 -8.96
C TYR A 103 -10.74 1.79 -8.33
N LEU A 104 -10.22 1.26 -7.22
CA LEU A 104 -10.90 0.31 -6.34
C LEU A 104 -12.29 0.82 -5.94
N LYS A 105 -12.38 2.11 -5.60
CA LYS A 105 -13.61 2.87 -5.27
C LYS A 105 -14.60 3.02 -6.42
N SER A 106 -14.08 3.31 -7.61
CA SER A 106 -14.85 3.73 -8.79
C SER A 106 -15.86 2.69 -9.31
N SER A 107 -15.68 1.41 -8.95
CA SER A 107 -16.61 0.30 -9.18
C SER A 107 -17.14 0.15 -10.62
N LYS A 108 -16.34 -0.49 -11.48
CA LYS A 108 -16.79 -0.95 -12.82
C LYS A 108 -17.57 -2.26 -12.67
N SER A 109 -18.70 -2.16 -11.97
CA SER A 109 -19.53 -3.28 -11.50
C SER A 109 -18.76 -4.22 -10.55
N LEU A 110 -18.10 -3.64 -9.54
CA LEU A 110 -17.37 -4.38 -8.50
C LEU A 110 -18.31 -5.28 -7.68
N ASP A 111 -17.86 -6.51 -7.43
CA ASP A 111 -18.59 -7.46 -6.58
C ASP A 111 -18.69 -6.96 -5.13
N LEU A 112 -19.88 -7.16 -4.54
CA LEU A 112 -20.15 -6.82 -3.15
C LEU A 112 -19.18 -7.47 -2.20
N ASN A 113 -18.92 -8.76 -2.40
CA ASN A 113 -18.06 -9.56 -1.53
C ASN A 113 -16.61 -9.04 -1.48
N THR A 114 -16.17 -8.38 -2.56
CA THR A 114 -14.89 -7.69 -2.66
C THR A 114 -14.94 -6.30 -2.02
N ARG A 115 -15.96 -5.48 -2.35
CA ARG A 115 -16.12 -4.13 -1.77
C ARG A 115 -16.34 -4.14 -0.26
N ILE A 116 -17.04 -5.16 0.23
CA ILE A 116 -17.22 -5.43 1.65
C ILE A 116 -15.91 -5.43 2.42
N SER A 117 -14.84 -5.94 1.81
CA SER A 117 -13.52 -6.03 2.44
C SER A 117 -12.99 -4.63 2.78
N VAL A 118 -13.17 -3.68 1.87
CA VAL A 118 -12.71 -2.29 2.02
C VAL A 118 -13.67 -1.46 2.85
N ILE A 119 -14.97 -1.54 2.61
CA ILE A 119 -15.95 -0.79 3.37
C ILE A 119 -16.00 -1.22 4.86
N GLU A 120 -15.55 -2.44 5.18
CA GLU A 120 -15.30 -2.90 6.55
C GLU A 120 -13.92 -2.52 7.11
N THR A 121 -12.81 -2.60 6.35
CA THR A 121 -11.46 -2.29 6.86
C THR A 121 -11.39 -0.91 7.55
N ILE A 122 -12.04 0.06 6.91
CA ILE A 122 -12.09 1.47 7.30
C ILE A 122 -13.07 1.70 8.46
N ARG A 123 -14.15 0.91 8.53
CA ARG A 123 -15.12 0.87 9.64
C ARG A 123 -14.53 0.23 10.90
N VAL A 124 -13.72 -0.82 10.75
CA VAL A 124 -13.11 -1.61 11.82
C VAL A 124 -11.91 -0.91 12.44
N VAL A 125 -10.90 -0.51 11.66
CA VAL A 125 -9.66 0.04 12.23
C VAL A 125 -9.89 1.39 12.91
N THR A 126 -10.85 2.20 12.44
CA THR A 126 -11.21 3.48 13.09
C THR A 126 -11.93 3.34 14.44
N GLU A 127 -12.33 2.13 14.87
CA GLU A 127 -12.87 1.89 16.23
C GLU A 127 -11.84 2.20 17.33
N ASN A 128 -10.55 2.18 16.97
CA ASN A 128 -9.44 2.53 17.85
C ASN A 128 -9.33 4.05 18.15
N LYS A 129 -10.07 4.91 17.44
CA LYS A 129 -10.06 6.38 17.62
C LYS A 129 -11.42 7.02 17.26
N ILE A 130 -12.50 6.54 17.89
CA ILE A 130 -13.84 7.14 17.79
C ILE A 130 -13.89 8.52 18.45
N PHE A 131 -14.80 9.38 17.95
CA PHE A 131 -14.99 10.76 18.41
C PHE A 131 -15.50 10.89 19.86
N VAL A 132 -16.11 9.83 20.40
CA VAL A 132 -16.72 9.78 21.75
C VAL A 132 -15.68 9.95 22.86
N GLU A 133 -14.61 9.15 22.82
CA GLU A 133 -13.55 9.08 23.81
C GLU A 133 -12.70 10.37 23.88
N VAL A 134 -12.31 10.74 25.10
CA VAL A 134 -11.44 11.87 25.44
C VAL A 134 -10.79 11.61 26.80
N GLU A 135 -9.51 11.23 26.74
CA GLU A 135 -8.59 10.96 27.87
C GLU A 135 -9.10 9.96 28.94
N ARG A 136 -9.99 9.05 28.55
CA ARG A 136 -10.52 7.94 29.37
C ARG A 136 -9.66 6.68 29.25
N MET A 1 41.84 14.96 -11.54
CA MET A 1 40.38 15.22 -11.65
C MET A 1 39.60 13.98 -11.21
N SER A 2 38.35 14.17 -10.75
CA SER A 2 37.48 13.14 -10.16
C SER A 2 38.07 12.46 -8.88
N ARG A 3 37.31 11.53 -8.27
CA ARG A 3 37.64 10.83 -7.02
C ARG A 3 36.99 9.44 -6.94
N ASP A 4 37.57 8.56 -6.13
CA ASP A 4 37.08 7.20 -5.84
C ASP A 4 35.93 7.16 -4.82
N ALA A 5 35.00 8.13 -4.88
CA ALA A 5 33.76 8.08 -4.11
C ALA A 5 32.87 6.92 -4.60
N PRO A 6 32.22 6.15 -3.71
CA PRO A 6 31.43 4.99 -4.07
C PRO A 6 30.04 5.37 -4.62
N ILE A 7 29.26 4.40 -5.08
CA ILE A 7 27.88 4.61 -5.51
C ILE A 7 26.97 4.89 -4.30
N LYS A 8 26.62 6.16 -4.10
CA LYS A 8 25.90 6.68 -2.91
C LYS A 8 24.38 6.44 -2.97
N ALA A 9 23.94 5.20 -3.19
CA ALA A 9 22.56 4.80 -3.02
C ALA A 9 22.22 4.67 -1.52
N ASP A 10 21.99 5.82 -0.90
CA ASP A 10 21.70 5.98 0.53
C ASP A 10 20.31 5.43 0.94
N LYS A 11 19.40 5.31 -0.02
CA LYS A 11 18.01 4.87 0.20
C LYS A 11 17.90 3.39 0.64
N ASP A 12 16.84 3.09 1.39
CA ASP A 12 16.56 1.76 1.99
C ASP A 12 16.15 0.71 0.93
N TYR A 13 15.51 -0.39 1.32
CA TYR A 13 14.99 -1.42 0.41
C TYR A 13 14.04 -0.86 -0.68
N SER A 14 13.46 0.33 -0.47
CA SER A 14 12.73 1.08 -1.50
C SER A 14 13.57 1.36 -2.76
N GLN A 15 14.89 1.14 -2.73
CA GLN A 15 15.78 1.14 -3.90
C GLN A 15 15.28 0.19 -5.01
N ILE A 16 14.50 -0.83 -4.64
CA ILE A 16 13.87 -1.77 -5.56
C ILE A 16 12.76 -1.08 -6.34
N LEU A 17 11.81 -0.46 -5.64
CA LEU A 17 10.75 0.34 -6.25
C LEU A 17 11.29 1.50 -7.08
N LYS A 18 12.40 2.11 -6.65
CA LYS A 18 13.11 3.19 -7.35
C LYS A 18 13.72 2.74 -8.68
N GLU A 19 14.00 1.45 -8.85
CA GLU A 19 14.69 0.90 -10.02
C GLU A 19 13.82 0.02 -10.91
N GLU A 20 12.87 -0.74 -10.35
CA GLU A 20 12.01 -1.61 -11.15
C GLU A 20 10.91 -0.79 -11.83
N PHE A 21 10.46 0.32 -11.21
CA PHE A 21 9.40 1.19 -11.73
C PHE A 21 9.53 1.51 -13.23
N PRO A 22 10.64 2.02 -13.80
CA PRO A 22 10.76 2.22 -15.25
C PRO A 22 10.63 0.93 -16.07
N LYS A 23 11.26 -0.14 -15.58
CA LYS A 23 11.34 -1.45 -16.24
C LYS A 23 9.97 -2.10 -16.40
N ILE A 24 9.02 -1.78 -15.51
CA ILE A 24 7.62 -2.17 -15.58
C ILE A 24 6.66 -1.04 -15.97
N ASP A 25 7.05 0.24 -15.97
CA ASP A 25 6.25 1.30 -16.59
C ASP A 25 6.14 1.00 -18.10
N SER A 26 7.25 0.52 -18.67
CA SER A 26 7.36 -0.03 -20.02
C SER A 26 6.35 -1.17 -20.30
N LEU A 27 5.95 -1.92 -19.27
CA LEU A 27 4.87 -2.90 -19.31
C LEU A 27 3.49 -2.24 -19.12
N ALA A 28 3.31 -1.42 -18.09
CA ALA A 28 2.06 -0.72 -17.76
C ALA A 28 1.50 0.16 -18.88
N GLN A 29 2.36 0.68 -19.77
CA GLN A 29 1.92 1.37 -21.00
C GLN A 29 1.26 0.43 -22.05
N ASN A 30 1.26 -0.89 -21.82
CA ASN A 30 0.81 -1.94 -22.73
C ASN A 30 -0.15 -2.96 -22.08
N ASP A 31 0.19 -3.50 -20.92
CA ASP A 31 -0.54 -4.58 -20.19
C ASP A 31 -0.46 -4.37 -18.66
N CYS A 32 -0.95 -3.22 -18.19
CA CYS A 32 -0.96 -2.82 -16.77
C CYS A 32 -1.68 -3.80 -15.82
N ASN A 33 -2.57 -4.65 -16.35
CA ASN A 33 -3.24 -5.72 -15.60
C ASN A 33 -2.23 -6.76 -15.03
N SER A 34 -1.02 -6.82 -15.61
CA SER A 34 0.13 -7.57 -15.09
C SER A 34 1.18 -6.70 -14.41
N ALA A 35 1.30 -5.41 -14.76
CA ALA A 35 2.15 -4.45 -14.02
C ALA A 35 1.77 -4.34 -12.52
N LEU A 36 0.49 -4.44 -12.19
CA LEU A 36 0.05 -4.49 -10.78
C LEU A 36 0.53 -5.76 -10.06
N ASP A 37 0.61 -6.88 -10.78
CA ASP A 37 1.25 -8.14 -10.34
C ASP A 37 2.78 -8.10 -10.38
N GLN A 38 3.36 -6.90 -10.54
CA GLN A 38 4.78 -6.62 -10.39
C GLN A 38 5.04 -5.61 -9.26
N LEU A 39 4.56 -4.35 -9.33
CA LEU A 39 4.83 -3.38 -8.26
C LEU A 39 4.20 -3.77 -6.91
N LEU A 40 2.97 -4.29 -6.87
CA LEU A 40 2.33 -4.63 -5.59
C LEU A 40 2.77 -6.02 -5.06
N VAL A 41 3.53 -6.78 -5.86
CA VAL A 41 4.24 -7.99 -5.39
C VAL A 41 5.45 -7.59 -4.55
N LEU A 42 6.08 -6.45 -4.83
CA LEU A 42 7.09 -5.86 -3.95
C LEU A 42 6.50 -5.53 -2.58
N GLU A 43 5.34 -4.87 -2.51
CA GLU A 43 4.62 -4.63 -1.24
C GLU A 43 4.43 -5.93 -0.43
N LYS A 44 4.05 -7.00 -1.13
CA LYS A 44 3.81 -8.32 -0.54
C LYS A 44 5.11 -8.91 0.02
N LYS A 45 6.16 -8.99 -0.81
CA LYS A 45 7.46 -9.53 -0.45
C LYS A 45 8.10 -8.71 0.68
N THR A 46 8.04 -7.38 0.60
CA THR A 46 8.60 -6.46 1.61
C THR A 46 7.91 -6.59 2.97
N ARG A 47 6.58 -6.72 3.03
CA ARG A 47 5.91 -7.03 4.29
C ARG A 47 6.35 -8.39 4.84
N GLN A 48 6.39 -9.43 4.01
CA GLN A 48 6.66 -10.80 4.45
C GLN A 48 8.14 -11.03 4.85
N ALA A 49 9.07 -10.38 4.15
CA ALA A 49 10.51 -10.41 4.41
C ALA A 49 10.96 -9.50 5.56
N SER A 50 10.06 -8.62 6.05
CA SER A 50 10.35 -7.49 6.96
C SER A 50 11.27 -6.41 6.37
N ASP A 51 11.38 -6.40 5.03
CA ASP A 51 12.00 -5.33 4.21
C ASP A 51 10.99 -4.18 3.98
N LEU A 52 10.07 -4.01 4.92
CA LEU A 52 8.88 -3.17 4.84
C LEU A 52 9.13 -1.67 4.71
N ALA A 53 10.35 -1.25 4.98
CA ALA A 53 10.85 0.10 4.67
C ALA A 53 10.65 0.43 3.17
N SER A 54 10.59 -0.60 2.31
CA SER A 54 10.16 -0.51 0.91
C SER A 54 8.64 -0.55 0.78
N SER A 55 7.96 -1.49 1.46
CA SER A 55 6.49 -1.58 1.56
C SER A 55 5.84 -0.22 1.84
N LYS A 56 6.45 0.54 2.76
CA LYS A 56 6.06 1.90 3.19
C LYS A 56 5.90 2.89 2.03
N GLU A 57 6.76 2.79 1.01
CA GLU A 57 6.72 3.63 -0.19
C GLU A 57 5.69 3.15 -1.22
N VAL A 58 5.49 1.83 -1.36
CA VAL A 58 4.55 1.25 -2.32
C VAL A 58 3.09 1.25 -1.85
N LEU A 59 2.81 1.16 -0.55
CA LEU A 59 1.48 1.35 0.03
C LEU A 59 0.80 2.64 -0.43
N ALA A 60 1.56 3.72 -0.52
CA ALA A 60 1.10 5.03 -0.98
C ALA A 60 0.84 5.16 -2.50
N LYS A 61 1.12 4.11 -3.28
CA LYS A 61 0.79 3.98 -4.72
C LYS A 61 0.06 2.67 -5.05
N ILE A 62 -0.19 1.85 -4.04
CA ILE A 62 -1.09 0.70 -4.11
C ILE A 62 -2.47 1.11 -4.65
N VAL A 63 -2.93 2.32 -4.33
CA VAL A 63 -4.22 2.84 -4.82
C VAL A 63 -4.15 3.27 -6.30
N ASP A 64 -2.95 3.51 -6.81
CA ASP A 64 -2.71 3.90 -8.19
C ASP A 64 -2.62 2.71 -9.17
N LEU A 65 -2.42 1.47 -8.67
CA LEU A 65 -2.42 0.24 -9.49
C LEU A 65 -3.51 -0.78 -9.10
N LEU A 66 -3.81 -1.03 -7.81
CA LEU A 66 -4.90 -1.93 -7.43
C LEU A 66 -6.30 -1.32 -7.66
N ALA A 67 -6.66 -0.30 -6.87
CA ALA A 67 -7.96 0.39 -6.96
C ALA A 67 -8.32 0.92 -8.37
N SER A 68 -7.31 1.22 -9.19
CA SER A 68 -7.42 1.79 -10.53
C SER A 68 -7.62 0.75 -11.65
N ARG A 69 -7.25 -0.52 -11.41
CA ARG A 69 -7.33 -1.66 -12.37
C ARG A 69 -8.35 -2.71 -11.92
N ASN A 70 -9.37 -2.28 -11.17
CA ASN A 70 -10.43 -3.11 -10.59
C ASN A 70 -9.94 -4.21 -9.61
N LYS A 71 -8.79 -4.02 -8.95
CA LYS A 71 -8.30 -4.81 -7.81
C LYS A 71 -8.47 -4.06 -6.47
N TRP A 72 -9.47 -3.18 -6.41
CA TRP A 72 -9.90 -2.44 -5.22
C TRP A 72 -10.13 -3.30 -3.97
N ASP A 73 -10.38 -4.58 -4.12
CA ASP A 73 -10.50 -5.53 -3.00
C ASP A 73 -9.19 -5.67 -2.20
N ASP A 74 -8.04 -5.45 -2.84
CA ASP A 74 -6.72 -5.50 -2.20
C ASP A 74 -6.30 -4.20 -1.47
N LEU A 75 -7.04 -3.07 -1.61
CA LEU A 75 -6.82 -1.86 -0.82
C LEU A 75 -7.05 -2.08 0.69
N ASN A 76 -8.03 -2.91 1.03
CA ASN A 76 -8.23 -3.46 2.37
C ASN A 76 -6.95 -4.12 2.93
N GLU A 77 -6.21 -4.85 2.10
CA GLU A 77 -4.94 -5.47 2.50
C GLU A 77 -3.87 -4.43 2.81
N GLN A 78 -3.84 -3.29 2.09
CA GLN A 78 -2.96 -2.16 2.39
C GLN A 78 -3.23 -1.59 3.79
N LEU A 79 -4.51 -1.40 4.13
CA LEU A 79 -4.98 -0.93 5.44
C LEU A 79 -4.63 -1.92 6.57
N THR A 80 -4.51 -3.20 6.22
CA THR A 80 -4.23 -4.30 7.12
C THR A 80 -2.73 -4.55 7.29
N LEU A 81 -1.90 -4.28 6.29
CA LEU A 81 -0.50 -4.71 6.17
C LEU A 81 0.38 -4.61 7.43
N LEU A 82 0.56 -3.41 7.97
CA LEU A 82 1.28 -3.23 9.23
C LEU A 82 0.37 -3.50 10.46
N SER A 83 -0.94 -3.33 10.28
CA SER A 83 -1.98 -3.67 11.27
C SER A 83 -1.99 -5.15 11.68
N LYS A 84 -1.37 -6.03 10.87
CA LYS A 84 -1.10 -7.44 11.19
C LYS A 84 -0.36 -7.63 12.53
N LYS A 85 0.44 -6.64 12.95
CA LYS A 85 1.08 -6.58 14.28
C LYS A 85 0.80 -5.28 15.06
N HIS A 86 0.57 -4.16 14.36
CA HIS A 86 0.26 -2.85 14.95
C HIS A 86 -1.24 -2.60 15.21
N GLY A 87 -2.12 -3.59 15.01
CA GLY A 87 -3.58 -3.42 15.06
C GLY A 87 -4.16 -2.95 16.41
N GLN A 88 -3.43 -3.10 17.51
CA GLN A 88 -3.79 -2.50 18.82
C GLN A 88 -3.77 -0.95 18.78
N LEU A 89 -3.08 -0.36 17.80
CA LEU A 89 -3.03 1.07 17.51
C LEU A 89 -3.09 1.33 15.99
N LYS A 90 -4.27 1.10 15.39
CA LYS A 90 -4.57 1.43 13.98
C LYS A 90 -4.18 2.86 13.62
N LEU A 91 -4.23 3.84 14.55
CA LEU A 91 -3.83 5.24 14.31
C LEU A 91 -2.40 5.43 13.73
N SER A 92 -1.56 4.41 13.80
CA SER A 92 -0.22 4.35 13.19
C SER A 92 -0.26 4.08 11.67
N ILE A 93 -1.07 3.11 11.23
CA ILE A 93 -1.30 2.82 9.80
C ILE A 93 -2.50 3.61 9.23
N GLN A 94 -3.30 4.25 10.08
CA GLN A 94 -4.40 5.14 9.73
C GLN A 94 -3.93 6.32 8.86
N TYR A 95 -2.67 6.73 9.00
CA TYR A 95 -2.01 7.70 8.12
C TYR A 95 -2.01 7.27 6.63
N MET A 96 -1.99 5.97 6.34
CA MET A 96 -2.12 5.40 4.99
C MET A 96 -3.56 5.35 4.49
N ILE A 97 -4.57 5.33 5.37
CA ILE A 97 -5.99 5.20 4.99
C ILE A 97 -6.47 6.30 4.05
N GLN A 98 -5.76 7.43 4.01
CA GLN A 98 -5.94 8.51 3.03
C GLN A 98 -5.98 7.98 1.59
N LYS A 99 -5.27 6.89 1.26
CA LYS A 99 -5.31 6.21 -0.03
C LYS A 99 -6.65 5.52 -0.27
N VAL A 100 -7.15 4.76 0.71
CA VAL A 100 -8.54 4.24 0.64
C VAL A 100 -9.56 5.36 0.51
N MET A 101 -9.47 6.38 1.34
CA MET A 101 -10.35 7.55 1.35
C MET A 101 -10.27 8.39 0.07
N GLU A 102 -9.34 8.08 -0.82
CA GLU A 102 -9.16 8.75 -2.12
C GLU A 102 -9.81 8.00 -3.26
N TYR A 103 -9.08 7.17 -4.02
CA TYR A 103 -9.57 6.66 -5.31
C TYR A 103 -10.38 5.38 -5.21
N LEU A 104 -10.08 4.58 -4.17
CA LEU A 104 -10.85 3.42 -3.77
C LEU A 104 -12.27 3.84 -3.34
N LYS A 105 -12.41 4.86 -2.49
CA LYS A 105 -13.70 5.46 -2.12
C LYS A 105 -14.39 6.22 -3.25
N SER A 106 -13.68 7.16 -3.89
CA SER A 106 -14.22 8.09 -4.91
C SER A 106 -14.63 7.46 -6.25
N SER A 107 -14.74 6.13 -6.33
CA SER A 107 -15.33 5.39 -7.47
C SER A 107 -16.83 5.67 -7.66
N LYS A 108 -17.54 6.09 -6.60
CA LYS A 108 -18.98 6.48 -6.55
C LYS A 108 -20.01 5.37 -6.86
N SER A 109 -19.60 4.28 -7.50
CA SER A 109 -20.47 3.17 -7.92
C SER A 109 -19.83 1.79 -7.71
N LEU A 110 -19.12 1.59 -6.59
CA LEU A 110 -18.65 0.27 -6.15
C LEU A 110 -19.79 -0.72 -5.96
N ASP A 111 -19.47 -1.99 -6.21
CA ASP A 111 -20.30 -3.13 -5.82
C ASP A 111 -20.23 -3.32 -4.31
N LEU A 112 -21.36 -3.72 -3.71
CA LEU A 112 -21.46 -3.94 -2.26
C LEU A 112 -20.39 -4.88 -1.76
N ASN A 113 -20.21 -6.00 -2.44
CA ASN A 113 -19.27 -7.05 -2.03
C ASN A 113 -17.82 -6.56 -1.97
N THR A 114 -17.48 -5.57 -2.81
CA THR A 114 -16.18 -4.89 -2.83
C THR A 114 -16.09 -3.84 -1.71
N ARG A 115 -17.06 -2.92 -1.62
CA ARG A 115 -17.09 -1.90 -0.55
C ARG A 115 -17.14 -2.50 0.85
N ILE A 116 -17.84 -3.60 1.03
CA ILE A 116 -17.84 -4.41 2.25
C ILE A 116 -16.42 -4.72 2.74
N SER A 117 -15.51 -5.02 1.80
CA SER A 117 -14.14 -5.43 2.06
C SER A 117 -13.36 -4.33 2.81
N VAL A 118 -13.68 -3.07 2.50
CA VAL A 118 -13.06 -1.88 3.09
C VAL A 118 -13.83 -1.32 4.29
N ILE A 119 -15.17 -1.41 4.29
CA ILE A 119 -16.01 -0.93 5.38
C ILE A 119 -16.03 -1.87 6.61
N GLU A 120 -15.76 -3.16 6.41
CA GLU A 120 -15.68 -4.15 7.49
C GLU A 120 -14.26 -4.34 8.04
N THR A 121 -13.21 -4.31 7.22
CA THR A 121 -11.82 -4.50 7.71
C THR A 121 -11.42 -3.49 8.80
N ILE A 122 -11.72 -2.21 8.54
CA ILE A 122 -11.58 -1.08 9.46
C ILE A 122 -12.35 -1.31 10.77
N ARG A 123 -13.58 -1.87 10.68
CA ARG A 123 -14.44 -2.20 11.82
C ARG A 123 -13.90 -3.40 12.63
N VAL A 124 -13.55 -4.49 11.95
CA VAL A 124 -13.04 -5.75 12.52
C VAL A 124 -11.71 -5.56 13.26
N VAL A 125 -10.85 -4.65 12.79
CA VAL A 125 -9.65 -4.24 13.55
C VAL A 125 -10.01 -3.33 14.74
N THR A 126 -10.73 -2.24 14.52
CA THR A 126 -10.92 -1.19 15.55
C THR A 126 -11.99 -1.48 16.60
N GLU A 127 -12.80 -2.54 16.45
CA GLU A 127 -13.79 -2.95 17.46
C GLU A 127 -13.15 -3.59 18.71
N ASN A 128 -11.84 -3.86 18.68
CA ASN A 128 -11.07 -4.51 19.74
C ASN A 128 -10.80 -3.65 21.01
N LYS A 129 -11.62 -2.61 21.25
CA LYS A 129 -11.54 -1.68 22.39
C LYS A 129 -10.15 -1.04 22.56
N ILE A 130 -9.57 -0.64 21.43
CA ILE A 130 -8.29 0.04 21.32
C ILE A 130 -8.31 1.41 22.03
N PHE A 131 -7.13 1.85 22.48
CA PHE A 131 -6.92 3.07 23.28
C PHE A 131 -7.18 4.40 22.52
N VAL A 132 -7.46 4.30 21.22
CA VAL A 132 -7.70 5.42 20.28
C VAL A 132 -8.94 6.25 20.62
N GLU A 133 -10.06 5.58 20.88
CA GLU A 133 -11.38 6.21 21.13
C GLU A 133 -11.51 6.94 22.49
N VAL A 134 -12.73 7.41 22.79
CA VAL A 134 -13.13 8.32 23.90
C VAL A 134 -12.40 9.66 23.97
N GLU A 135 -11.75 10.02 22.87
CA GLU A 135 -11.16 11.31 22.54
C GLU A 135 -11.44 11.71 21.08
N ARG A 136 -12.49 11.12 20.49
CA ARG A 136 -13.01 11.41 19.14
C ARG A 136 -13.71 12.78 19.08
N MET A 1 20.96 9.40 -18.58
CA MET A 1 21.43 10.80 -18.69
C MET A 1 22.44 10.93 -19.83
N SER A 2 22.66 12.16 -20.34
CA SER A 2 23.57 12.45 -21.47
C SER A 2 24.14 13.87 -21.38
N ARG A 3 25.12 14.20 -22.25
CA ARG A 3 25.91 15.45 -22.28
C ARG A 3 26.71 15.69 -20.99
N ASP A 4 27.37 16.86 -20.90
CA ASP A 4 28.32 17.19 -19.82
C ASP A 4 27.68 17.52 -18.45
N ALA A 5 26.34 17.54 -18.35
CA ALA A 5 25.64 17.67 -17.07
C ALA A 5 25.96 16.47 -16.13
N PRO A 6 26.33 16.70 -14.87
CA PRO A 6 26.76 15.64 -13.96
C PRO A 6 25.57 14.82 -13.44
N ILE A 7 25.79 13.54 -13.16
CA ILE A 7 24.77 12.67 -12.57
C ILE A 7 24.59 13.02 -11.08
N LYS A 8 23.34 13.17 -10.65
CA LYS A 8 22.94 13.37 -9.25
C LYS A 8 21.78 12.45 -8.89
N ALA A 9 22.02 11.45 -8.03
CA ALA A 9 20.96 10.63 -7.44
C ALA A 9 20.30 11.34 -6.25
N ASP A 10 19.58 12.41 -6.57
CA ASP A 10 18.80 13.25 -5.66
C ASP A 10 17.60 12.50 -5.03
N LYS A 11 17.19 11.39 -5.65
CA LYS A 11 16.04 10.55 -5.32
C LYS A 11 16.29 9.67 -4.07
N ASP A 12 16.47 10.29 -2.91
CA ASP A 12 16.60 9.60 -1.61
C ASP A 12 15.30 8.87 -1.23
N TYR A 13 15.39 7.54 -1.04
CA TYR A 13 14.23 6.63 -0.93
C TYR A 13 13.34 6.67 -2.19
N SER A 14 12.43 5.70 -2.33
CA SER A 14 11.62 5.45 -3.53
C SER A 14 12.41 5.04 -4.80
N GLN A 15 13.71 5.35 -4.92
CA GLN A 15 14.53 5.05 -6.11
C GLN A 15 14.51 3.57 -6.50
N ILE A 16 14.31 2.71 -5.50
CA ILE A 16 14.09 1.28 -5.66
C ILE A 16 12.87 1.00 -6.53
N LEU A 17 11.73 1.56 -6.13
CA LEU A 17 10.46 1.43 -6.81
C LEU A 17 10.53 2.04 -8.22
N LYS A 18 11.34 3.10 -8.37
CA LYS A 18 11.59 3.84 -9.61
C LYS A 18 12.47 3.06 -10.59
N GLU A 19 13.34 2.17 -10.09
CA GLU A 19 14.31 1.45 -10.91
C GLU A 19 13.97 -0.04 -11.11
N GLU A 20 13.38 -0.70 -10.10
CA GLU A 20 13.12 -2.12 -10.15
C GLU A 20 11.75 -2.46 -10.74
N PHE A 21 10.80 -1.52 -10.81
CA PHE A 21 9.51 -1.75 -11.46
C PHE A 21 9.66 -2.26 -12.90
N PRO A 22 10.52 -1.68 -13.77
CA PRO A 22 10.84 -2.26 -15.06
C PRO A 22 11.39 -3.70 -15.04
N LYS A 23 12.09 -4.11 -13.98
CA LYS A 23 12.53 -5.52 -13.81
C LYS A 23 11.34 -6.47 -13.60
N ILE A 24 10.29 -6.01 -12.93
CA ILE A 24 9.03 -6.76 -12.70
C ILE A 24 8.05 -6.64 -13.85
N ASP A 25 8.16 -5.59 -14.66
CA ASP A 25 7.17 -5.26 -15.69
C ASP A 25 7.16 -6.34 -16.79
N SER A 26 8.36 -6.84 -17.11
CA SER A 26 8.57 -8.03 -17.95
C SER A 26 7.94 -9.31 -17.38
N LEU A 27 7.87 -9.45 -16.05
CA LEU A 27 7.17 -10.55 -15.39
C LEU A 27 5.64 -10.35 -15.40
N ALA A 28 5.14 -9.17 -15.02
CA ALA A 28 3.72 -8.85 -14.96
C ALA A 28 2.99 -9.01 -16.31
N GLN A 29 3.70 -8.86 -17.43
CA GLN A 29 3.22 -9.18 -18.79
C GLN A 29 3.01 -10.68 -19.06
N ASN A 30 3.40 -11.57 -18.13
CA ASN A 30 3.39 -13.02 -18.25
C ASN A 30 2.74 -13.74 -17.03
N ASP A 31 3.05 -13.30 -15.81
CA ASP A 31 2.51 -13.83 -14.55
C ASP A 31 2.49 -12.77 -13.43
N CYS A 32 1.53 -11.83 -13.47
CA CYS A 32 1.40 -10.79 -12.46
C CYS A 32 1.09 -11.35 -11.04
N ASN A 33 0.62 -12.60 -10.94
CA ASN A 33 0.45 -13.32 -9.66
C ASN A 33 1.76 -13.48 -8.88
N SER A 34 2.90 -13.51 -9.57
CA SER A 34 4.24 -13.44 -8.98
C SER A 34 4.76 -11.99 -8.90
N ALA A 35 4.34 -11.12 -9.83
CA ALA A 35 4.83 -9.73 -9.89
C ALA A 35 4.33 -8.85 -8.73
N LEU A 36 3.13 -9.12 -8.20
CA LEU A 36 2.65 -8.51 -6.96
C LEU A 36 3.59 -8.84 -5.77
N ASP A 37 4.17 -10.03 -5.79
CA ASP A 37 5.18 -10.50 -4.84
C ASP A 37 6.58 -9.94 -5.14
N GLN A 38 6.67 -8.94 -6.02
CA GLN A 38 7.87 -8.14 -6.26
C GLN A 38 7.63 -6.68 -5.84
N LEU A 39 6.62 -5.97 -6.37
CA LEU A 39 6.37 -4.59 -5.92
C LEU A 39 5.87 -4.49 -4.48
N LEU A 40 4.87 -5.28 -4.05
CA LEU A 40 4.30 -5.07 -2.70
C LEU A 40 5.19 -5.66 -1.59
N VAL A 41 6.22 -6.43 -1.97
CA VAL A 41 7.33 -6.83 -1.10
C VAL A 41 8.21 -5.63 -0.75
N LEU A 42 8.31 -4.64 -1.64
CA LEU A 42 8.95 -3.36 -1.36
C LEU A 42 8.19 -2.55 -0.31
N GLU A 43 6.85 -2.45 -0.42
CA GLU A 43 6.01 -1.89 0.66
C GLU A 43 6.32 -2.57 2.01
N LYS A 44 6.44 -3.90 1.99
CA LYS A 44 6.74 -4.72 3.19
C LYS A 44 8.11 -4.37 3.77
N LYS A 45 9.14 -4.40 2.93
CA LYS A 45 10.53 -4.06 3.29
C LYS A 45 10.63 -2.63 3.79
N THR A 46 10.04 -1.66 3.09
CA THR A 46 10.10 -0.22 3.40
C THR A 46 9.44 0.12 4.71
N ARG A 47 8.30 -0.49 5.07
CA ARG A 47 7.73 -0.32 6.43
C ARG A 47 8.64 -0.93 7.48
N GLN A 48 9.13 -2.15 7.28
CA GLN A 48 9.92 -2.88 8.29
C GLN A 48 11.33 -2.28 8.52
N ALA A 49 11.96 -1.80 7.45
CA ALA A 49 13.28 -1.17 7.44
C ALA A 49 13.28 0.32 7.87
N SER A 50 12.10 0.92 8.05
CA SER A 50 11.91 2.37 8.20
C SER A 50 12.41 3.20 6.99
N ASP A 51 12.39 2.58 5.81
CA ASP A 51 12.60 3.19 4.48
C ASP A 51 11.25 3.61 3.87
N LEU A 52 10.26 3.85 4.73
CA LEU A 52 8.85 4.05 4.40
C LEU A 52 8.52 5.28 3.56
N ALA A 53 9.48 6.19 3.47
CA ALA A 53 9.48 7.29 2.50
C ALA A 53 9.33 6.75 1.06
N SER A 54 9.76 5.50 0.82
CA SER A 54 9.44 4.73 -0.40
C SER A 54 8.04 4.12 -0.30
N SER A 55 7.72 3.43 0.81
CA SER A 55 6.40 2.81 1.06
C SER A 55 5.25 3.73 0.65
N LYS A 56 5.38 5.02 0.97
CA LYS A 56 4.45 6.12 0.62
C LYS A 56 4.01 6.15 -0.85
N GLU A 57 4.86 5.77 -1.79
CA GLU A 57 4.53 5.70 -3.22
C GLU A 57 3.97 4.33 -3.65
N VAL A 58 4.47 3.23 -3.09
CA VAL A 58 3.99 1.87 -3.42
C VAL A 58 2.60 1.58 -2.83
N LEU A 59 2.27 2.15 -1.67
CA LEU A 59 0.92 2.07 -1.08
C LEU A 59 -0.19 2.60 -1.99
N ALA A 60 0.12 3.54 -2.89
CA ALA A 60 -0.81 4.09 -3.87
C ALA A 60 -0.99 3.23 -5.12
N LYS A 61 -0.20 2.16 -5.30
CA LYS A 61 -0.42 1.12 -6.31
C LYS A 61 -0.59 -0.28 -5.73
N ILE A 62 -0.69 -0.35 -4.40
CA ILE A 62 -1.10 -1.53 -3.66
C ILE A 62 -2.45 -2.04 -4.16
N VAL A 63 -3.39 -1.15 -4.50
CA VAL A 63 -4.65 -1.58 -5.13
C VAL A 63 -4.38 -2.16 -6.51
N ASP A 64 -3.53 -1.48 -7.27
CA ASP A 64 -3.34 -1.73 -8.70
C ASP A 64 -2.67 -3.06 -9.02
N LEU A 65 -1.97 -3.66 -8.05
CA LEU A 65 -1.46 -5.05 -8.14
C LEU A 65 -2.19 -5.96 -7.13
N LEU A 66 -2.25 -5.60 -5.84
CA LEU A 66 -2.75 -6.48 -4.78
C LEU A 66 -4.28 -6.67 -4.87
N ALA A 67 -5.11 -5.61 -4.75
CA ALA A 67 -6.54 -5.72 -5.03
C ALA A 67 -6.86 -6.23 -6.46
N SER A 68 -6.06 -5.81 -7.43
CA SER A 68 -6.27 -6.05 -8.86
C SER A 68 -6.06 -7.50 -9.29
N ARG A 69 -5.07 -8.19 -8.70
CA ARG A 69 -4.66 -9.57 -9.02
C ARG A 69 -5.22 -10.57 -8.00
N ASN A 70 -6.38 -10.23 -7.46
CA ASN A 70 -7.18 -10.98 -6.49
C ASN A 70 -6.49 -11.28 -5.14
N LYS A 71 -5.64 -10.36 -4.66
CA LYS A 71 -5.06 -10.31 -3.31
C LYS A 71 -5.62 -9.14 -2.49
N TRP A 72 -6.85 -8.72 -2.80
CA TRP A 72 -7.66 -7.75 -2.06
C TRP A 72 -7.75 -8.00 -0.55
N ASP A 73 -7.55 -9.25 -0.13
CA ASP A 73 -7.41 -9.66 1.26
C ASP A 73 -6.26 -8.96 2.00
N ASP A 74 -5.22 -8.51 1.29
CA ASP A 74 -4.08 -7.79 1.87
C ASP A 74 -4.20 -6.25 1.85
N LEU A 75 -5.18 -5.66 1.16
CA LEU A 75 -5.53 -4.23 1.30
C LEU A 75 -6.02 -3.92 2.73
N ASN A 76 -6.62 -4.91 3.40
CA ASN A 76 -6.92 -4.90 4.83
C ASN A 76 -5.67 -4.54 5.68
N GLU A 77 -4.53 -5.14 5.34
CA GLU A 77 -3.25 -4.89 5.98
C GLU A 77 -2.69 -3.49 5.69
N GLN A 78 -2.82 -2.97 4.45
CA GLN A 78 -2.29 -1.66 4.02
C GLN A 78 -2.60 -0.55 5.04
N LEU A 79 -3.85 -0.51 5.48
CA LEU A 79 -4.40 0.49 6.40
C LEU A 79 -3.87 0.41 7.83
N THR A 80 -3.33 -0.74 8.20
CA THR A 80 -2.64 -0.99 9.48
C THR A 80 -1.14 -0.65 9.40
N LEU A 81 -0.47 -0.95 8.28
CA LEU A 81 1.00 -0.91 8.08
C LEU A 81 1.77 0.18 8.82
N LEU A 82 1.63 1.43 8.39
CA LEU A 82 2.47 2.50 8.94
C LEU A 82 2.12 2.78 10.41
N SER A 83 0.88 2.51 10.82
CA SER A 83 0.38 2.74 12.18
C SER A 83 1.02 1.83 13.24
N LYS A 84 1.54 0.64 12.86
CA LYS A 84 2.03 -0.43 13.77
C LYS A 84 2.94 0.09 14.91
N LYS A 85 4.06 0.74 14.54
CA LYS A 85 5.02 1.35 15.49
C LYS A 85 4.69 2.80 15.85
N HIS A 86 3.99 3.52 14.96
CA HIS A 86 3.71 4.97 15.09
C HIS A 86 2.68 5.28 16.18
N GLY A 87 1.65 4.43 16.33
CA GLY A 87 0.59 4.56 17.35
C GLY A 87 -0.39 5.74 17.16
N GLN A 88 -0.20 6.57 16.12
CA GLN A 88 -1.04 7.70 15.77
C GLN A 88 -2.43 7.26 15.28
N LEU A 89 -3.43 8.12 15.46
CA LEU A 89 -4.80 7.90 15.01
C LEU A 89 -4.93 7.75 13.48
N LYS A 90 -5.99 7.05 13.06
CA LYS A 90 -6.16 6.58 11.68
C LYS A 90 -6.21 7.69 10.65
N LEU A 91 -6.68 8.91 10.96
CA LEU A 91 -6.72 10.05 10.03
C LEU A 91 -5.34 10.38 9.41
N SER A 92 -4.24 10.03 10.08
CA SER A 92 -2.89 10.17 9.54
C SER A 92 -2.55 9.17 8.41
N ILE A 93 -3.07 7.94 8.46
CA ILE A 93 -2.96 6.92 7.41
C ILE A 93 -4.25 6.79 6.57
N GLN A 94 -5.32 7.55 6.86
CA GLN A 94 -6.51 7.65 6.00
C GLN A 94 -6.13 8.16 4.59
N TYR A 95 -5.01 8.87 4.48
CA TYR A 95 -4.37 9.18 3.20
C TYR A 95 -4.17 7.92 2.31
N MET A 96 -3.98 6.74 2.92
CA MET A 96 -3.95 5.42 2.29
C MET A 96 -5.34 4.78 2.13
N ILE A 97 -6.30 5.07 3.04
CA ILE A 97 -7.66 4.55 2.89
C ILE A 97 -8.33 5.02 1.60
N GLN A 98 -7.88 6.12 1.00
CA GLN A 98 -8.29 6.54 -0.35
C GLN A 98 -8.04 5.46 -1.42
N LYS A 99 -7.16 4.49 -1.16
CA LYS A 99 -6.91 3.29 -1.99
C LYS A 99 -7.82 2.13 -1.65
N VAL A 100 -8.11 1.87 -0.38
CA VAL A 100 -9.18 0.93 -0.05
C VAL A 100 -10.53 1.40 -0.59
N MET A 101 -10.77 2.70 -0.50
CA MET A 101 -11.86 3.41 -1.15
C MET A 101 -11.67 3.61 -2.68
N GLU A 102 -10.63 3.00 -3.27
CA GLU A 102 -10.43 2.89 -4.71
C GLU A 102 -10.93 1.53 -5.24
N TYR A 103 -10.07 0.57 -5.55
CA TYR A 103 -10.48 -0.67 -6.24
C TYR A 103 -11.21 -1.64 -5.31
N LEU A 104 -10.72 -1.69 -4.07
CA LEU A 104 -11.20 -2.54 -2.98
C LEU A 104 -12.61 -2.14 -2.50
N LYS A 105 -13.10 -0.96 -2.92
CA LYS A 105 -14.49 -0.50 -2.86
C LYS A 105 -15.22 -0.68 -4.19
N SER A 106 -14.63 -0.16 -5.26
CA SER A 106 -15.26 -0.01 -6.59
C SER A 106 -15.46 -1.30 -7.39
N SER A 107 -14.76 -2.40 -7.07
CA SER A 107 -14.86 -3.65 -7.83
C SER A 107 -16.26 -4.26 -7.78
N LYS A 108 -16.85 -4.48 -8.97
CA LYS A 108 -18.20 -5.06 -9.16
C LYS A 108 -18.29 -6.56 -8.84
N SER A 109 -17.15 -7.24 -8.67
CA SER A 109 -17.04 -8.70 -8.47
C SER A 109 -16.22 -9.10 -7.24
N LEU A 110 -16.13 -8.21 -6.24
CA LEU A 110 -15.50 -8.48 -4.95
C LEU A 110 -16.36 -9.41 -4.09
N ASP A 111 -15.74 -10.40 -3.46
CA ASP A 111 -16.40 -11.28 -2.49
C ASP A 111 -16.70 -10.55 -1.18
N LEU A 112 -17.87 -10.87 -0.61
CA LEU A 112 -18.35 -10.31 0.67
C LEU A 112 -17.36 -10.56 1.80
N ASN A 113 -16.84 -11.78 1.90
CA ASN A 113 -15.92 -12.15 2.97
C ASN A 113 -14.62 -11.33 2.91
N THR A 114 -14.16 -11.01 1.70
CA THR A 114 -12.98 -10.17 1.46
C THR A 114 -13.27 -8.71 1.80
N ARG A 115 -14.37 -8.14 1.27
CA ARG A 115 -14.90 -6.80 1.61
C ARG A 115 -15.02 -6.60 3.12
N ILE A 116 -15.64 -7.57 3.77
CA ILE A 116 -15.80 -7.62 5.22
C ILE A 116 -14.45 -7.62 5.95
N SER A 117 -13.49 -8.41 5.46
CA SER A 117 -12.20 -8.61 6.14
C SER A 117 -11.40 -7.31 6.30
N VAL A 118 -11.70 -6.31 5.45
CA VAL A 118 -11.16 -4.96 5.49
C VAL A 118 -12.10 -3.96 6.17
N ILE A 119 -13.39 -3.89 5.82
CA ILE A 119 -14.33 -2.97 6.47
C ILE A 119 -14.50 -3.23 7.97
N GLU A 120 -14.39 -4.49 8.40
CA GLU A 120 -14.52 -4.90 9.79
C GLU A 120 -13.22 -4.67 10.58
N THR A 121 -12.04 -4.92 9.99
CA THR A 121 -10.77 -4.49 10.62
C THR A 121 -10.73 -2.97 10.76
N ILE A 122 -11.21 -2.22 9.75
CA ILE A 122 -11.41 -0.78 9.82
C ILE A 122 -12.37 -0.41 10.96
N ARG A 123 -13.51 -1.09 11.11
CA ARG A 123 -14.46 -0.87 12.21
C ARG A 123 -13.80 -1.06 13.58
N VAL A 124 -13.07 -2.17 13.76
CA VAL A 124 -12.35 -2.52 15.00
C VAL A 124 -11.23 -1.52 15.33
N VAL A 125 -10.36 -1.22 14.37
CA VAL A 125 -9.16 -0.39 14.60
C VAL A 125 -9.48 1.12 14.69
N THR A 126 -10.53 1.60 14.00
CA THR A 126 -10.94 3.02 14.07
C THR A 126 -11.78 3.34 15.31
N GLU A 127 -12.73 2.48 15.73
CA GLU A 127 -13.64 2.82 16.85
C GLU A 127 -12.89 2.97 18.19
N ASN A 128 -11.72 2.33 18.29
CA ASN A 128 -10.79 2.43 19.42
C ASN A 128 -9.86 3.66 19.37
N LYS A 129 -9.84 4.44 18.27
CA LYS A 129 -8.84 5.51 18.01
C LYS A 129 -9.38 6.86 17.54
N ILE A 130 -10.63 6.94 17.10
CA ILE A 130 -11.36 8.19 16.83
C ILE A 130 -11.48 9.08 18.08
N PHE A 131 -11.82 10.35 17.84
CA PHE A 131 -12.07 11.36 18.88
C PHE A 131 -13.33 11.11 19.73
N VAL A 132 -14.25 10.27 19.25
CA VAL A 132 -15.50 9.88 19.91
C VAL A 132 -15.22 8.91 21.06
N GLU A 133 -16.15 8.86 22.01
CA GLU A 133 -16.17 7.93 23.13
C GLU A 133 -16.70 6.51 22.79
N VAL A 134 -17.20 5.81 23.81
CA VAL A 134 -17.60 4.38 23.84
C VAL A 134 -16.45 3.39 23.59
N GLU A 135 -15.23 3.85 23.87
CA GLU A 135 -13.98 3.08 23.94
C GLU A 135 -13.27 3.21 25.30
N ARG A 136 -14.04 3.55 26.33
CA ARG A 136 -13.61 3.75 27.73
C ARG A 136 -13.20 2.43 28.40
N MET A 1 38.57 16.56 -15.94
CA MET A 1 38.91 15.37 -15.12
C MET A 1 37.70 14.93 -14.31
N SER A 2 37.46 13.61 -14.22
CA SER A 2 36.33 13.02 -13.48
C SER A 2 36.39 13.30 -11.97
N ARG A 3 35.22 13.39 -11.32
CA ARG A 3 35.09 13.56 -9.85
C ARG A 3 35.55 12.31 -9.09
N ASP A 4 36.11 12.50 -7.89
CA ASP A 4 36.51 11.43 -6.97
C ASP A 4 35.35 10.96 -6.05
N ALA A 5 34.26 11.71 -5.95
CA ALA A 5 33.03 11.29 -5.28
C ALA A 5 32.39 10.09 -6.04
N PRO A 6 32.16 8.93 -5.40
CA PRO A 6 31.61 7.75 -6.06
C PRO A 6 30.10 7.87 -6.28
N ILE A 7 29.56 7.15 -7.27
CA ILE A 7 28.11 7.12 -7.54
C ILE A 7 27.39 6.33 -6.43
N LYS A 8 26.45 6.99 -5.72
CA LYS A 8 25.78 6.46 -4.51
C LYS A 8 24.25 6.63 -4.50
N ALA A 9 23.60 6.73 -5.66
CA ALA A 9 22.13 6.66 -5.76
C ALA A 9 21.62 5.22 -5.61
N ASP A 10 21.73 4.72 -4.39
CA ASP A 10 21.37 3.37 -3.94
C ASP A 10 19.85 3.10 -3.94
N LYS A 11 19.04 4.18 -4.00
CA LYS A 11 17.59 4.22 -3.79
C LYS A 11 17.21 3.72 -2.38
N ASP A 12 17.14 4.65 -1.43
CA ASP A 12 16.65 4.49 -0.05
C ASP A 12 15.13 4.15 0.02
N TYR A 13 14.54 4.06 1.22
CA TYR A 13 13.11 3.78 1.39
C TYR A 13 12.24 4.73 0.56
N SER A 14 11.20 4.16 -0.04
CA SER A 14 10.30 4.72 -1.08
C SER A 14 11.00 5.04 -2.41
N GLN A 15 12.31 5.29 -2.41
CA GLN A 15 13.09 5.46 -3.63
C GLN A 15 13.27 4.10 -4.34
N ILE A 16 13.17 2.97 -3.63
CA ILE A 16 13.08 1.59 -4.18
C ILE A 16 12.13 1.54 -5.36
N LEU A 17 10.97 2.16 -5.18
CA LEU A 17 9.88 2.13 -6.13
C LEU A 17 10.25 2.93 -7.42
N LYS A 18 11.25 3.82 -7.36
CA LYS A 18 11.86 4.52 -8.51
C LYS A 18 12.61 3.56 -9.42
N GLU A 19 13.28 2.57 -8.84
CA GLU A 19 14.11 1.62 -9.60
C GLU A 19 13.28 0.44 -10.15
N GLU A 20 12.26 0.02 -9.40
CA GLU A 20 11.41 -1.12 -9.77
C GLU A 20 10.26 -0.74 -10.70
N PHE A 21 9.73 0.49 -10.60
CA PHE A 21 8.67 0.98 -11.50
C PHE A 21 9.00 0.78 -12.98
N PRO A 22 10.16 1.22 -13.53
CA PRO A 22 10.49 0.96 -14.94
C PRO A 22 10.53 -0.52 -15.31
N LYS A 23 10.99 -1.38 -14.39
CA LYS A 23 11.04 -2.84 -14.61
C LYS A 23 9.65 -3.42 -14.89
N ILE A 24 8.61 -2.87 -14.25
CA ILE A 24 7.20 -3.23 -14.51
C ILE A 24 6.56 -2.39 -15.61
N ASP A 25 7.00 -1.15 -15.85
CA ASP A 25 6.33 -0.22 -16.77
C ASP A 25 6.34 -0.73 -18.23
N SER A 26 7.37 -1.51 -18.59
CA SER A 26 7.43 -2.27 -19.85
C SER A 26 6.49 -3.49 -19.86
N LEU A 27 6.31 -4.15 -18.71
CA LEU A 27 5.52 -5.37 -18.55
C LEU A 27 4.01 -5.09 -18.43
N ALA A 28 3.58 -4.27 -17.46
CA ALA A 28 2.17 -4.00 -17.14
C ALA A 28 1.37 -3.42 -18.32
N GLN A 29 2.04 -2.74 -19.24
CA GLN A 29 1.47 -2.28 -20.52
C GLN A 29 1.16 -3.40 -21.53
N ASN A 30 1.57 -4.64 -21.27
CA ASN A 30 1.50 -5.80 -22.17
C ASN A 30 0.94 -7.08 -21.52
N ASP A 31 1.31 -7.38 -20.28
CA ASP A 31 0.85 -8.54 -19.49
C ASP A 31 0.90 -8.22 -17.99
N CYS A 32 -0.12 -7.51 -17.50
CA CYS A 32 -0.16 -6.98 -16.13
C CYS A 32 -0.22 -8.05 -15.03
N ASN A 33 -0.64 -9.29 -15.29
CA ASN A 33 -0.94 -10.30 -14.25
C ASN A 33 0.29 -10.65 -13.39
N SER A 34 1.46 -10.69 -14.02
CA SER A 34 2.76 -10.80 -13.32
C SER A 34 3.26 -9.47 -12.75
N ALA A 35 2.88 -8.35 -13.38
CA ALA A 35 3.40 -7.01 -13.16
C ALA A 35 2.92 -6.35 -11.86
N LEU A 36 1.63 -6.41 -11.56
CA LEU A 36 1.04 -5.80 -10.39
C LEU A 36 1.74 -6.31 -9.12
N ASP A 37 2.02 -7.61 -9.08
CA ASP A 37 2.79 -8.27 -8.03
C ASP A 37 4.23 -7.75 -7.93
N GLN A 38 4.83 -7.20 -9.00
CA GLN A 38 6.20 -6.68 -8.93
C GLN A 38 6.31 -5.44 -8.04
N LEU A 39 5.28 -4.57 -7.98
CA LEU A 39 5.24 -3.50 -6.98
C LEU A 39 4.60 -3.93 -5.64
N LEU A 40 3.58 -4.79 -5.61
CA LEU A 40 2.97 -5.21 -4.31
C LEU A 40 3.91 -6.14 -3.52
N VAL A 41 4.88 -6.79 -4.19
CA VAL A 41 6.01 -7.50 -3.56
C VAL A 41 6.86 -6.53 -2.71
N LEU A 42 7.02 -5.29 -3.18
CA LEU A 42 7.70 -4.24 -2.44
C LEU A 42 6.89 -3.81 -1.23
N GLU A 43 5.60 -3.50 -1.38
CA GLU A 43 4.68 -3.28 -0.24
C GLU A 43 4.86 -4.35 0.84
N LYS A 44 4.89 -5.62 0.42
CA LYS A 44 5.01 -6.79 1.29
C LYS A 44 6.36 -6.84 1.98
N LYS A 45 7.45 -6.82 1.21
CA LYS A 45 8.82 -6.88 1.70
C LYS A 45 9.14 -5.71 2.63
N THR A 46 8.72 -4.50 2.26
CA THR A 46 8.89 -3.28 3.05
C THR A 46 8.14 -3.32 4.37
N ARG A 47 6.88 -3.79 4.39
CA ARG A 47 6.14 -3.96 5.65
C ARG A 47 6.74 -5.05 6.54
N GLN A 48 7.22 -6.15 5.98
CA GLN A 48 7.82 -7.24 6.76
C GLN A 48 9.24 -6.89 7.27
N ALA A 49 10.02 -6.14 6.50
CA ALA A 49 11.36 -5.69 6.83
C ALA A 49 11.42 -4.47 7.78
N SER A 50 10.26 -3.84 8.06
CA SER A 50 10.16 -2.53 8.73
C SER A 50 10.79 -1.36 7.95
N ASP A 51 10.90 -1.53 6.63
CA ASP A 51 11.25 -0.52 5.62
C ASP A 51 9.96 0.15 5.07
N LEU A 52 8.90 0.13 5.88
CA LEU A 52 7.52 0.45 5.51
C LEU A 52 7.22 1.88 5.07
N ALA A 53 8.14 2.79 5.36
CA ALA A 53 8.17 4.13 4.79
C ALA A 53 8.13 4.08 3.24
N SER A 54 8.61 2.96 2.67
CA SER A 54 8.44 2.60 1.25
C SER A 54 7.06 2.01 0.99
N SER A 55 6.64 1.00 1.77
CA SER A 55 5.31 0.37 1.71
C SER A 55 4.22 1.42 1.52
N LYS A 56 4.29 2.49 2.33
CA LYS A 56 3.36 3.63 2.37
C LYS A 56 3.13 4.30 1.01
N GLU A 57 4.13 4.34 0.14
CA GLU A 57 4.01 4.86 -1.23
C GLU A 57 3.47 3.81 -2.22
N VAL A 58 3.74 2.52 -1.96
CA VAL A 58 3.08 1.42 -2.69
C VAL A 58 1.59 1.36 -2.36
N LEU A 59 1.20 1.54 -1.09
CA LEU A 59 -0.20 1.60 -0.65
C LEU A 59 -1.04 2.58 -1.47
N ALA A 60 -0.45 3.67 -1.95
CA ALA A 60 -1.13 4.67 -2.76
C ALA A 60 -1.41 4.27 -4.24
N LYS A 61 -0.91 3.11 -4.67
CA LYS A 61 -1.24 2.48 -5.96
C LYS A 61 -1.61 1.00 -5.83
N ILE A 62 -1.61 0.49 -4.60
CA ILE A 62 -2.18 -0.81 -4.24
C ILE A 62 -3.63 -0.89 -4.72
N VAL A 63 -4.40 0.20 -4.74
CA VAL A 63 -5.77 0.11 -5.30
C VAL A 63 -5.83 0.12 -6.84
N ASP A 64 -4.75 0.51 -7.49
CA ASP A 64 -4.58 0.38 -8.94
C ASP A 64 -4.10 -1.02 -9.35
N LEU A 65 -3.36 -1.72 -8.48
CA LEU A 65 -2.72 -3.02 -8.76
C LEU A 65 -3.35 -4.19 -7.96
N LEU A 66 -3.46 -4.13 -6.63
CA LEU A 66 -4.00 -5.21 -5.78
C LEU A 66 -5.49 -5.47 -6.03
N ALA A 67 -6.36 -4.44 -5.93
CA ALA A 67 -7.76 -4.52 -6.36
C ALA A 67 -7.92 -5.06 -7.81
N SER A 68 -6.98 -4.72 -8.69
CA SER A 68 -6.97 -5.12 -10.12
C SER A 68 -6.49 -6.54 -10.37
N ARG A 69 -5.64 -7.11 -9.50
CA ARG A 69 -5.17 -8.52 -9.53
C ARG A 69 -6.18 -9.46 -8.87
N ASN A 70 -7.43 -9.00 -8.74
CA ASN A 70 -8.51 -9.59 -7.94
C ASN A 70 -8.16 -9.82 -6.45
N LYS A 71 -7.08 -9.19 -5.96
CA LYS A 71 -6.68 -9.15 -4.55
C LYS A 71 -7.33 -7.97 -3.81
N TRP A 72 -8.52 -7.56 -4.25
CA TRP A 72 -9.40 -6.64 -3.51
C TRP A 72 -9.68 -7.06 -2.06
N ASP A 73 -9.54 -8.35 -1.74
CA ASP A 73 -9.60 -8.88 -0.37
C ASP A 73 -8.45 -8.39 0.52
N ASP A 74 -7.32 -7.99 -0.08
CA ASP A 74 -6.15 -7.40 0.57
C ASP A 74 -6.15 -5.87 0.58
N LEU A 75 -7.04 -5.16 -0.13
CA LEU A 75 -7.29 -3.73 0.09
C LEU A 75 -7.79 -3.50 1.53
N ASN A 76 -8.55 -4.45 2.08
CA ASN A 76 -8.90 -4.53 3.50
C ASN A 76 -7.63 -4.50 4.39
N GLU A 77 -6.62 -5.28 4.00
CA GLU A 77 -5.33 -5.31 4.67
C GLU A 77 -4.56 -3.99 4.54
N GLN A 78 -4.65 -3.25 3.43
CA GLN A 78 -3.93 -1.95 3.26
C GLN A 78 -4.23 -0.98 4.42
N LEU A 79 -5.49 -0.96 4.85
CA LEU A 79 -5.99 -0.13 5.95
C LEU A 79 -5.45 -0.53 7.33
N THR A 80 -4.91 -1.74 7.42
CA THR A 80 -4.24 -2.34 8.59
C THR A 80 -2.70 -2.27 8.50
N LEU A 81 -2.10 -2.48 7.32
CA LEU A 81 -0.65 -2.68 7.07
C LEU A 81 0.26 -1.86 7.98
N LEU A 82 0.35 -0.55 7.76
CA LEU A 82 1.28 0.34 8.48
C LEU A 82 0.98 0.47 9.98
N SER A 83 -0.16 -0.03 10.46
CA SER A 83 -0.54 -0.09 11.87
C SER A 83 -0.15 -1.40 12.57
N LYS A 84 0.17 -2.47 11.83
CA LYS A 84 0.61 -3.76 12.42
C LYS A 84 1.88 -3.58 13.26
N LYS A 85 1.94 -4.27 14.39
CA LYS A 85 2.94 -4.14 15.50
C LYS A 85 2.92 -2.77 16.22
N HIS A 86 2.64 -1.67 15.55
CA HIS A 86 2.52 -0.33 16.13
C HIS A 86 1.28 -0.18 17.03
N GLY A 87 0.13 -0.66 16.55
CA GLY A 87 -1.13 -0.77 17.33
C GLY A 87 -1.72 0.55 17.81
N GLN A 88 -1.39 1.68 17.16
CA GLN A 88 -1.69 3.03 17.65
C GLN A 88 -2.20 3.97 16.53
N LEU A 89 -3.11 4.89 16.89
CA LEU A 89 -3.63 6.01 16.10
C LEU A 89 -4.12 5.65 14.68
N LYS A 90 -5.32 5.06 14.55
CA LYS A 90 -5.94 4.76 13.23
C LYS A 90 -6.01 5.99 12.34
N LEU A 91 -6.24 7.20 12.87
CA LEU A 91 -6.33 8.43 12.07
C LEU A 91 -5.06 8.76 11.24
N SER A 92 -3.96 8.05 11.48
CA SER A 92 -2.71 8.12 10.71
C SER A 92 -2.75 7.22 9.45
N ILE A 93 -3.19 5.97 9.59
CA ILE A 93 -3.35 5.04 8.44
C ILE A 93 -4.71 5.20 7.75
N GLN A 94 -5.69 5.82 8.40
CA GLN A 94 -7.03 6.08 7.89
C GLN A 94 -7.02 6.85 6.56
N TYR A 95 -5.99 7.68 6.32
CA TYR A 95 -5.76 8.34 5.03
C TYR A 95 -5.58 7.36 3.84
N MET A 96 -5.07 6.15 4.10
CA MET A 96 -5.03 5.06 3.11
C MET A 96 -6.42 4.62 2.66
N ILE A 97 -7.45 4.83 3.49
CA ILE A 97 -8.85 4.56 3.10
C ILE A 97 -9.30 5.39 1.90
N GLN A 98 -8.65 6.51 1.60
CA GLN A 98 -8.93 7.27 0.37
C GLN A 98 -8.67 6.44 -0.91
N LYS A 99 -7.81 5.40 -0.81
CA LYS A 99 -7.60 4.37 -1.84
C LYS A 99 -8.65 3.27 -1.79
N VAL A 100 -9.04 2.72 -0.63
CA VAL A 100 -10.22 1.83 -0.57
C VAL A 100 -11.49 2.48 -1.12
N MET A 101 -11.70 3.75 -0.81
CA MET A 101 -12.77 4.61 -1.34
C MET A 101 -12.66 4.91 -2.85
N GLU A 102 -11.60 4.44 -3.53
CA GLU A 102 -11.41 4.58 -4.97
C GLU A 102 -12.20 3.55 -5.81
N TYR A 103 -11.64 2.36 -6.04
CA TYR A 103 -12.21 1.36 -6.98
C TYR A 103 -12.83 0.15 -6.26
N LEU A 104 -12.19 -0.26 -5.16
CA LEU A 104 -12.66 -1.26 -4.21
C LEU A 104 -14.04 -0.87 -3.60
N LYS A 105 -14.33 0.43 -3.53
CA LYS A 105 -15.56 1.06 -3.02
C LYS A 105 -16.81 0.68 -3.79
N SER A 106 -16.74 0.80 -5.12
CA SER A 106 -17.85 0.56 -6.04
C SER A 106 -17.35 0.41 -7.48
N SER A 107 -17.71 -0.71 -8.13
CA SER A 107 -17.50 -1.00 -9.54
C SER A 107 -18.37 -2.20 -9.96
N LYS A 108 -18.67 -2.34 -11.25
CA LYS A 108 -19.28 -3.56 -11.82
C LYS A 108 -18.36 -4.79 -11.67
N SER A 109 -17.06 -4.58 -11.42
CA SER A 109 -16.04 -5.61 -11.22
C SER A 109 -15.85 -6.08 -9.76
N LEU A 110 -16.79 -5.74 -8.89
CA LEU A 110 -16.92 -6.25 -7.52
C LEU A 110 -18.26 -6.96 -7.28
N ASP A 111 -18.19 -7.96 -6.42
CA ASP A 111 -19.35 -8.64 -5.82
C ASP A 111 -19.53 -8.17 -4.37
N LEU A 112 -20.76 -8.29 -3.84
CA LEU A 112 -21.03 -8.07 -2.41
C LEU A 112 -20.10 -8.87 -1.52
N ASN A 113 -19.81 -10.11 -1.90
CA ASN A 113 -18.98 -11.00 -1.12
C ASN A 113 -17.54 -10.48 -0.95
N THR A 114 -17.04 -9.70 -1.91
CA THR A 114 -15.79 -8.94 -1.77
C THR A 114 -16.01 -7.75 -0.86
N ARG A 115 -16.98 -6.89 -1.21
CA ARG A 115 -17.34 -5.66 -0.49
C ARG A 115 -17.47 -5.88 1.02
N ILE A 116 -18.14 -6.96 1.37
CA ILE A 116 -18.41 -7.42 2.72
C ILE A 116 -17.15 -7.64 3.56
N SER A 117 -16.12 -8.23 2.94
CA SER A 117 -14.86 -8.62 3.58
C SER A 117 -14.11 -7.40 4.14
N VAL A 118 -14.28 -6.26 3.45
CA VAL A 118 -13.73 -4.96 3.82
C VAL A 118 -14.72 -4.09 4.60
N ILE A 119 -15.98 -3.93 4.21
CA ILE A 119 -16.95 -3.09 4.91
C ILE A 119 -17.17 -3.52 6.37
N GLU A 120 -16.99 -4.80 6.69
CA GLU A 120 -16.94 -5.29 8.08
C GLU A 120 -15.59 -5.04 8.76
N THR A 121 -14.47 -5.19 8.04
CA THR A 121 -13.12 -4.92 8.56
C THR A 121 -13.01 -3.52 9.17
N ILE A 122 -13.54 -2.50 8.48
CA ILE A 122 -13.51 -1.10 8.92
C ILE A 122 -14.45 -0.90 10.11
N ARG A 123 -15.63 -1.52 10.11
CA ARG A 123 -16.58 -1.55 11.24
C ARG A 123 -15.96 -2.15 12.52
N VAL A 124 -15.08 -3.14 12.38
CA VAL A 124 -14.30 -3.76 13.46
C VAL A 124 -13.07 -2.93 13.86
N VAL A 125 -12.12 -2.73 12.95
CA VAL A 125 -10.79 -2.19 13.25
C VAL A 125 -10.79 -0.69 13.60
N THR A 126 -11.78 0.09 13.14
CA THR A 126 -11.87 1.52 13.51
C THR A 126 -12.47 1.78 14.89
N GLU A 127 -12.94 0.77 15.63
CA GLU A 127 -13.32 0.94 17.04
C GLU A 127 -12.11 1.25 17.96
N ASN A 128 -10.90 1.11 17.41
CA ASN A 128 -9.65 1.60 17.97
C ASN A 128 -9.55 3.13 17.68
N LYS A 129 -10.53 3.88 18.23
CA LYS A 129 -10.84 5.30 17.94
C LYS A 129 -9.82 6.32 18.43
N ILE A 130 -8.84 5.88 19.22
CA ILE A 130 -7.82 6.72 19.87
C ILE A 130 -7.04 7.64 18.93
N PHE A 131 -6.77 8.85 19.43
CA PHE A 131 -5.97 9.91 18.81
C PHE A 131 -4.60 10.14 19.49
N VAL A 132 -4.40 9.49 20.67
CA VAL A 132 -3.28 9.57 21.63
C VAL A 132 -2.83 10.98 22.08
N GLU A 133 -2.66 11.12 23.39
CA GLU A 133 -2.42 12.38 24.08
C GLU A 133 -0.96 12.88 24.00
N VAL A 134 -0.74 14.09 24.50
CA VAL A 134 0.50 14.86 24.48
C VAL A 134 0.79 15.41 25.88
N GLU A 135 1.16 16.68 25.91
CA GLU A 135 1.72 17.48 27.01
C GLU A 135 0.74 17.83 28.15
N ARG A 136 -0.17 16.91 28.52
CA ARG A 136 -1.14 17.06 29.63
C ARG A 136 -0.47 16.93 31.00
N MET A 1 30.00 20.65 -0.10
CA MET A 1 30.42 20.64 1.33
C MET A 1 31.93 20.48 1.42
N SER A 2 32.60 21.19 2.35
CA SER A 2 34.06 21.31 2.45
C SER A 2 34.82 20.00 2.72
N ARG A 3 34.13 18.95 3.19
CA ARG A 3 34.67 17.58 3.36
C ARG A 3 34.91 16.81 2.04
N ASP A 4 34.41 17.33 0.91
CA ASP A 4 34.54 16.72 -0.43
C ASP A 4 33.99 15.28 -0.55
N ALA A 5 32.99 14.93 0.26
CA ALA A 5 32.26 13.67 0.12
C ALA A 5 31.48 13.63 -1.22
N PRO A 6 31.54 12.53 -1.98
CA PRO A 6 30.93 12.45 -3.32
C PRO A 6 29.41 12.21 -3.24
N ILE A 7 28.72 12.46 -4.34
CA ILE A 7 27.31 12.09 -4.52
C ILE A 7 27.22 10.61 -4.88
N LYS A 8 26.20 9.94 -4.35
CA LYS A 8 25.81 8.57 -4.70
C LYS A 8 24.30 8.49 -4.91
N ALA A 9 23.88 7.52 -5.71
CA ALA A 9 22.48 7.13 -5.86
C ALA A 9 22.32 5.60 -5.85
N ASP A 10 22.86 5.02 -4.80
CA ASP A 10 22.74 3.63 -4.38
C ASP A 10 21.28 3.17 -4.13
N LYS A 11 20.38 4.15 -3.96
CA LYS A 11 18.92 4.01 -3.71
C LYS A 11 18.57 3.20 -2.45
N ASP A 12 18.19 3.92 -1.39
CA ASP A 12 17.59 3.38 -0.16
C ASP A 12 16.18 2.77 -0.42
N TYR A 13 15.52 2.20 0.60
CA TYR A 13 14.30 1.40 0.42
C TYR A 13 13.16 2.05 -0.38
N SER A 14 12.83 3.32 -0.11
CA SER A 14 11.82 4.09 -0.85
C SER A 14 12.29 4.56 -2.24
N GLN A 15 13.57 4.33 -2.53
CA GLN A 15 14.27 4.66 -3.76
C GLN A 15 14.47 3.40 -4.62
N ILE A 16 14.33 2.19 -4.06
CA ILE A 16 14.20 0.94 -4.83
C ILE A 16 13.02 1.07 -5.78
N LEU A 17 11.96 1.68 -5.25
CA LEU A 17 10.74 1.95 -5.97
C LEU A 17 10.96 2.84 -7.22
N LYS A 18 12.11 3.55 -7.33
CA LYS A 18 12.56 4.30 -8.50
C LYS A 18 13.10 3.39 -9.60
N GLU A 19 13.89 2.39 -9.22
CA GLU A 19 14.61 1.51 -10.14
C GLU A 19 13.76 0.32 -10.61
N GLU A 20 12.88 -0.18 -9.76
CA GLU A 20 12.03 -1.31 -10.10
C GLU A 20 10.95 -0.88 -11.09
N PHE A 21 10.39 0.32 -10.94
CA PHE A 21 9.34 0.84 -11.83
C PHE A 21 9.59 0.57 -13.32
N PRO A 22 10.72 0.95 -13.95
CA PRO A 22 11.00 0.60 -15.36
C PRO A 22 11.08 -0.91 -15.62
N LYS A 23 11.70 -1.64 -14.70
CA LYS A 23 11.93 -3.09 -14.81
C LYS A 23 10.62 -3.87 -14.81
N ILE A 24 9.59 -3.37 -14.11
CA ILE A 24 8.23 -3.89 -14.17
C ILE A 24 7.41 -3.29 -15.30
N ASP A 25 7.68 -2.04 -15.69
CA ASP A 25 6.91 -1.38 -16.74
C ASP A 25 7.17 -2.04 -18.11
N SER A 26 8.39 -2.56 -18.26
CA SER A 26 8.81 -3.43 -19.36
C SER A 26 8.06 -4.78 -19.35
N LEU A 27 7.67 -5.28 -18.16
CA LEU A 27 6.94 -6.53 -17.97
C LEU A 27 5.42 -6.35 -18.11
N ALA A 28 4.80 -5.40 -17.40
CA ALA A 28 3.37 -5.17 -17.35
C ALA A 28 2.71 -4.91 -18.73
N GLN A 29 3.50 -4.39 -19.67
CA GLN A 29 3.11 -4.25 -21.08
C GLN A 29 2.96 -5.60 -21.83
N ASN A 30 3.35 -6.71 -21.20
CA ASN A 30 3.40 -8.07 -21.75
C ASN A 30 2.71 -9.11 -20.84
N ASP A 31 2.92 -9.05 -19.52
CA ASP A 31 2.32 -9.92 -18.50
C ASP A 31 2.18 -9.22 -17.13
N CYS A 32 1.20 -8.33 -16.99
CA CYS A 32 0.91 -7.65 -15.72
C CYS A 32 0.52 -8.61 -14.57
N ASN A 33 0.11 -9.85 -14.89
CA ASN A 33 -0.16 -10.93 -13.93
C ASN A 33 1.09 -11.35 -13.13
N SER A 34 2.29 -11.10 -13.67
CA SER A 34 3.56 -11.23 -12.95
C SER A 34 4.02 -9.89 -12.35
N ALA A 35 3.68 -8.77 -12.99
CA ALA A 35 4.20 -7.45 -12.65
C ALA A 35 3.70 -6.90 -11.31
N LEU A 36 2.48 -7.23 -10.89
CA LEU A 36 2.00 -6.86 -9.56
C LEU A 36 2.85 -7.48 -8.44
N ASP A 37 3.36 -8.70 -8.67
CA ASP A 37 4.34 -9.39 -7.83
C ASP A 37 5.77 -8.84 -7.99
N GLN A 38 5.92 -7.65 -8.56
CA GLN A 38 7.16 -6.88 -8.58
C GLN A 38 7.05 -5.60 -7.74
N LEU A 39 6.06 -4.72 -7.98
CA LEU A 39 5.91 -3.52 -7.14
C LEU A 39 5.23 -3.78 -5.79
N LEU A 40 4.14 -4.55 -5.74
CA LEU A 40 3.43 -4.75 -4.47
C LEU A 40 4.18 -5.76 -3.55
N VAL A 41 5.16 -6.47 -4.09
CA VAL A 41 6.16 -7.26 -3.33
C VAL A 41 7.06 -6.35 -2.50
N LEU A 42 7.36 -5.15 -2.99
CA LEU A 42 8.09 -4.15 -2.21
C LEU A 42 7.27 -3.73 -1.00
N GLU A 43 6.03 -3.28 -1.19
CA GLU A 43 5.05 -3.05 -0.10
C GLU A 43 5.02 -4.19 0.92
N LYS A 44 4.99 -5.43 0.45
CA LYS A 44 4.93 -6.65 1.28
C LYS A 44 6.20 -6.80 2.14
N LYS A 45 7.36 -6.80 1.49
CA LYS A 45 8.69 -6.91 2.13
C LYS A 45 8.91 -5.78 3.12
N THR A 46 8.60 -4.55 2.73
CA THR A 46 8.81 -3.32 3.51
C THR A 46 7.95 -3.24 4.76
N ARG A 47 6.65 -3.58 4.71
CA ARG A 47 5.85 -3.66 5.95
C ARG A 47 6.34 -4.79 6.86
N GLN A 48 6.64 -5.97 6.31
CA GLN A 48 7.10 -7.12 7.10
C GLN A 48 8.48 -6.90 7.76
N ALA A 49 9.41 -6.24 7.06
CA ALA A 49 10.75 -5.92 7.53
C ALA A 49 10.81 -4.72 8.49
N SER A 50 9.69 -4.03 8.74
CA SER A 50 9.62 -2.74 9.43
C SER A 50 10.46 -1.62 8.76
N ASP A 51 10.63 -1.73 7.44
CA ASP A 51 11.19 -0.71 6.53
C ASP A 51 10.08 0.15 5.89
N LEU A 52 8.88 0.12 6.47
CA LEU A 52 7.60 0.64 5.97
C LEU A 52 7.57 2.07 5.45
N ALA A 53 8.52 2.90 5.85
CA ALA A 53 8.76 4.23 5.26
C ALA A 53 8.88 4.19 3.72
N SER A 54 9.25 3.03 3.17
CA SER A 54 9.21 2.71 1.73
C SER A 54 7.84 2.16 1.30
N SER A 55 7.26 1.19 2.04
CA SER A 55 5.88 0.71 1.85
C SER A 55 4.88 1.85 1.63
N LYS A 56 5.02 2.93 2.40
CA LYS A 56 4.22 4.17 2.33
C LYS A 56 4.20 4.82 0.93
N GLU A 57 5.29 4.72 0.17
CA GLU A 57 5.40 5.26 -1.19
C GLU A 57 4.87 4.28 -2.24
N VAL A 58 4.93 2.97 -1.98
CA VAL A 58 4.26 1.94 -2.79
C VAL A 58 2.74 2.05 -2.65
N LEU A 59 2.27 2.27 -1.42
CA LEU A 59 0.86 2.29 -1.05
C LEU A 59 0.03 3.32 -1.83
N ALA A 60 0.63 4.46 -2.17
CA ALA A 60 0.00 5.49 -3.00
C ALA A 60 -0.16 5.16 -4.50
N LYS A 61 0.30 3.98 -4.92
CA LYS A 61 0.07 3.39 -6.25
C LYS A 61 -0.39 1.94 -6.21
N ILE A 62 -0.52 1.39 -5.02
CA ILE A 62 -1.20 0.11 -4.76
C ILE A 62 -2.58 0.09 -5.42
N VAL A 63 -3.29 1.21 -5.45
CA VAL A 63 -4.61 1.28 -6.09
C VAL A 63 -4.55 1.43 -7.61
N ASP A 64 -3.40 1.77 -8.16
CA ASP A 64 -3.14 1.85 -9.59
C ASP A 64 -2.68 0.51 -10.20
N LEU A 65 -2.23 -0.44 -9.37
CA LEU A 65 -1.81 -1.78 -9.81
C LEU A 65 -2.63 -2.91 -9.15
N LEU A 66 -2.71 -3.00 -7.81
CA LEU A 66 -3.45 -4.07 -7.12
C LEU A 66 -4.95 -4.07 -7.48
N ALA A 67 -5.65 -2.95 -7.27
CA ALA A 67 -7.05 -2.78 -7.73
C ALA A 67 -7.23 -2.92 -9.25
N SER A 68 -6.20 -2.59 -10.03
CA SER A 68 -6.20 -2.58 -11.49
C SER A 68 -6.02 -3.98 -12.12
N ARG A 69 -5.23 -4.85 -11.48
CA ARG A 69 -4.94 -6.23 -11.89
C ARG A 69 -5.94 -7.23 -11.29
N ASN A 70 -7.13 -6.72 -10.95
CA ASN A 70 -8.25 -7.40 -10.32
C ASN A 70 -7.94 -8.03 -8.94
N LYS A 71 -7.00 -7.46 -8.19
CA LYS A 71 -6.73 -7.75 -6.77
C LYS A 71 -7.30 -6.66 -5.85
N TRP A 72 -8.38 -6.02 -6.27
CA TRP A 72 -9.17 -5.06 -5.50
C TRP A 72 -9.65 -5.55 -4.12
N ASP A 73 -9.76 -6.86 -3.93
CA ASP A 73 -10.09 -7.48 -2.64
C ASP A 73 -8.97 -7.26 -1.60
N ASP A 74 -7.74 -7.04 -2.06
CA ASP A 74 -6.57 -6.74 -1.25
C ASP A 74 -6.36 -5.24 -0.97
N LEU A 75 -7.00 -4.29 -1.69
CA LEU A 75 -7.01 -2.86 -1.32
C LEU A 75 -7.52 -2.63 0.11
N ASN A 76 -8.49 -3.43 0.53
CA ASN A 76 -8.97 -3.59 1.90
C ASN A 76 -7.83 -3.84 2.92
N GLU A 77 -6.90 -4.71 2.58
CA GLU A 77 -5.72 -4.97 3.41
C GLU A 77 -4.72 -3.81 3.44
N GLN A 78 -4.68 -2.96 2.41
CA GLN A 78 -3.75 -1.82 2.34
C GLN A 78 -4.14 -0.72 3.33
N LEU A 79 -5.45 -0.59 3.59
CA LEU A 79 -6.05 0.22 4.65
C LEU A 79 -5.72 -0.30 6.06
N THR A 80 -5.30 -1.56 6.17
CA THR A 80 -4.90 -2.26 7.39
C THR A 80 -3.39 -2.32 7.61
N LEU A 81 -2.60 -2.50 6.55
CA LEU A 81 -1.16 -2.82 6.51
C LEU A 81 -0.31 -2.29 7.68
N LEU A 82 -0.15 -0.97 7.75
CA LEU A 82 0.72 -0.30 8.72
C LEU A 82 0.11 -0.17 10.13
N SER A 83 -1.12 -0.68 10.29
CA SER A 83 -1.96 -0.61 11.49
C SER A 83 -2.52 -1.99 11.91
N LYS A 84 -1.98 -3.10 11.37
CA LYS A 84 -2.34 -4.47 11.79
C LYS A 84 -2.29 -4.71 13.31
N LYS A 85 -1.46 -3.97 14.03
CA LYS A 85 -1.45 -3.93 15.51
C LYS A 85 -2.78 -3.33 16.01
N HIS A 86 -3.75 -4.19 16.29
CA HIS A 86 -5.00 -3.82 16.95
C HIS A 86 -4.76 -2.94 18.19
N GLY A 87 -5.57 -1.89 18.37
CA GLY A 87 -5.37 -0.83 19.35
C GLY A 87 -4.57 0.39 18.83
N GLN A 88 -3.94 0.32 17.66
CA GLN A 88 -3.28 1.46 17.01
C GLN A 88 -4.30 2.52 16.54
N LEU A 89 -3.84 3.77 16.50
CA LEU A 89 -4.56 4.94 16.00
C LEU A 89 -4.77 4.83 14.47
N LYS A 90 -5.99 4.43 14.06
CA LYS A 90 -6.39 4.21 12.66
C LYS A 90 -6.21 5.44 11.79
N LEU A 91 -6.36 6.66 12.32
CA LEU A 91 -6.20 7.91 11.56
C LEU A 91 -4.88 7.99 10.78
N SER A 92 -3.80 7.41 11.32
CA SER A 92 -2.48 7.36 10.67
C SER A 92 -2.45 6.52 9.39
N ILE A 93 -3.30 5.49 9.30
CA ILE A 93 -3.54 4.72 8.06
C ILE A 93 -4.87 5.08 7.38
N GLN A 94 -5.72 5.93 7.96
CA GLN A 94 -6.92 6.42 7.27
C GLN A 94 -6.54 7.21 6.01
N TYR A 95 -5.36 7.81 5.99
CA TYR A 95 -4.74 8.38 4.78
C TYR A 95 -4.66 7.41 3.59
N MET A 96 -4.69 6.09 3.82
CA MET A 96 -4.80 5.07 2.75
C MET A 96 -6.22 4.92 2.21
N ILE A 97 -7.25 5.27 2.99
CA ILE A 97 -8.63 5.37 2.48
C ILE A 97 -8.69 6.24 1.23
N GLN A 98 -7.84 7.27 1.10
CA GLN A 98 -7.80 8.17 -0.04
C GLN A 98 -7.46 7.45 -1.36
N LYS A 99 -6.78 6.29 -1.28
CA LYS A 99 -6.48 5.40 -2.41
C LYS A 99 -7.61 4.43 -2.69
N VAL A 100 -8.27 3.90 -1.65
CA VAL A 100 -9.53 3.15 -1.82
C VAL A 100 -10.61 4.02 -2.48
N MET A 101 -10.77 5.24 -1.98
CA MET A 101 -11.60 6.31 -2.54
C MET A 101 -11.18 6.75 -3.96
N GLU A 102 -10.03 6.27 -4.45
CA GLU A 102 -9.55 6.53 -5.80
C GLU A 102 -10.03 5.49 -6.81
N TYR A 103 -9.21 4.51 -7.22
CA TYR A 103 -9.55 3.66 -8.36
C TYR A 103 -10.49 2.52 -7.99
N LEU A 104 -10.24 1.95 -6.81
CA LEU A 104 -11.04 0.91 -6.17
C LEU A 104 -12.50 1.36 -5.97
N LYS A 105 -12.74 2.66 -5.76
CA LYS A 105 -14.07 3.28 -5.82
C LYS A 105 -14.49 3.68 -7.24
N SER A 106 -13.79 4.64 -7.85
CA SER A 106 -14.19 5.32 -9.10
C SER A 106 -14.27 4.42 -10.35
N SER A 107 -13.85 3.16 -10.28
CA SER A 107 -14.12 2.16 -11.33
C SER A 107 -15.62 1.95 -11.60
N LYS A 108 -16.47 2.17 -10.57
CA LYS A 108 -17.95 1.97 -10.55
C LYS A 108 -18.46 0.55 -10.90
N SER A 109 -17.63 -0.30 -11.47
CA SER A 109 -17.99 -1.60 -12.06
C SER A 109 -17.56 -2.82 -11.23
N LEU A 110 -17.21 -2.58 -9.97
CA LEU A 110 -16.94 -3.61 -8.96
C LEU A 110 -18.17 -4.47 -8.67
N ASP A 111 -17.92 -5.75 -8.40
CA ASP A 111 -18.88 -6.67 -7.83
C ASP A 111 -19.02 -6.39 -6.33
N LEU A 112 -20.25 -6.53 -5.81
CA LEU A 112 -20.56 -6.31 -4.39
C LEU A 112 -19.66 -7.14 -3.49
N ASN A 113 -19.43 -8.40 -3.86
CA ASN A 113 -18.68 -9.34 -3.04
C ASN A 113 -17.21 -8.92 -2.82
N THR A 114 -16.64 -8.16 -3.76
CA THR A 114 -15.32 -7.53 -3.64
C THR A 114 -15.39 -6.26 -2.80
N ARG A 115 -16.31 -5.35 -3.14
CA ARG A 115 -16.49 -4.07 -2.43
C ARG A 115 -16.87 -4.22 -0.96
N ILE A 116 -17.64 -5.25 -0.64
CA ILE A 116 -17.98 -5.66 0.72
C ILE A 116 -16.74 -5.76 1.63
N SER A 117 -15.65 -6.29 1.09
CA SER A 117 -14.37 -6.39 1.81
C SER A 117 -13.84 -5.01 2.22
N VAL A 118 -14.10 -3.99 1.41
CA VAL A 118 -13.67 -2.60 1.57
C VAL A 118 -14.57 -1.88 2.56
N ILE A 119 -15.87 -1.98 2.33
CA ILE A 119 -16.92 -1.28 3.02
C ILE A 119 -17.16 -1.79 4.46
N GLU A 120 -16.69 -3.00 4.78
CA GLU A 120 -16.67 -3.57 6.13
C GLU A 120 -15.33 -3.50 6.86
N THR A 121 -14.17 -3.65 6.20
CA THR A 121 -12.85 -3.59 6.89
C THR A 121 -12.64 -2.24 7.62
N ILE A 122 -13.04 -1.16 6.96
CA ILE A 122 -13.15 0.20 7.48
C ILE A 122 -14.04 0.25 8.74
N ARG A 123 -15.19 -0.42 8.75
CA ARG A 123 -16.10 -0.51 9.92
C ARG A 123 -15.54 -1.37 11.06
N VAL A 124 -14.81 -2.43 10.74
CA VAL A 124 -14.11 -3.26 11.74
C VAL A 124 -12.98 -2.47 12.43
N VAL A 125 -12.11 -1.82 11.66
CA VAL A 125 -10.89 -1.21 12.21
C VAL A 125 -11.12 0.21 12.76
N THR A 126 -11.98 1.06 12.17
CA THR A 126 -12.23 2.43 12.70
C THR A 126 -12.91 2.46 14.07
N GLU A 127 -13.43 1.34 14.57
CA GLU A 127 -13.92 1.23 15.96
C GLU A 127 -12.77 1.28 16.99
N ASN A 128 -11.50 1.21 16.55
CA ASN A 128 -10.32 1.47 17.39
C ASN A 128 -10.19 2.95 17.84
N LYS A 129 -11.12 3.84 17.46
CA LYS A 129 -11.25 5.23 17.95
C LYS A 129 -11.68 5.35 19.44
N ILE A 130 -11.98 4.24 20.11
CA ILE A 130 -12.28 4.17 21.55
C ILE A 130 -11.23 4.85 22.44
N PHE A 131 -11.70 5.43 23.53
CA PHE A 131 -10.88 6.10 24.56
C PHE A 131 -10.13 5.12 25.46
N VAL A 132 -10.73 3.96 25.76
CA VAL A 132 -10.12 2.85 26.50
C VAL A 132 -9.26 2.01 25.55
N GLU A 133 -8.16 1.49 26.07
CA GLU A 133 -7.14 0.69 25.38
C GLU A 133 -6.55 -0.39 26.30
N VAL A 134 -5.90 -1.41 25.71
CA VAL A 134 -5.33 -2.58 26.42
C VAL A 134 -3.82 -2.50 26.68
N GLU A 135 -3.30 -1.27 26.66
CA GLU A 135 -1.92 -0.89 26.99
C GLU A 135 -1.89 0.14 28.13
N ARG A 136 -2.83 0.01 29.06
CA ARG A 136 -3.13 0.96 30.16
C ARG A 136 -2.93 0.32 31.54
N MET A 1 36.36 17.27 -15.83
CA MET A 1 35.41 17.86 -16.81
C MET A 1 34.60 19.00 -16.17
N SER A 2 34.10 19.94 -16.96
CA SER A 2 33.29 21.10 -16.53
C SER A 2 31.81 20.72 -16.27
N ARG A 3 31.55 19.80 -15.32
CA ARG A 3 30.22 19.28 -14.94
C ARG A 3 29.42 20.29 -14.07
N ASP A 4 29.35 21.54 -14.51
CA ASP A 4 28.72 22.64 -13.75
C ASP A 4 27.19 22.63 -13.79
N ALA A 5 26.59 22.14 -14.89
CA ALA A 5 25.16 21.86 -14.96
C ALA A 5 24.85 20.56 -14.17
N PRO A 6 24.04 20.62 -13.09
CA PRO A 6 23.83 19.48 -12.21
C PRO A 6 22.87 18.44 -12.84
N ILE A 7 23.13 17.15 -12.60
CA ILE A 7 22.33 16.02 -13.08
C ILE A 7 21.45 15.52 -11.94
N LYS A 8 20.16 15.88 -11.96
CA LYS A 8 19.24 15.71 -10.81
C LYS A 8 18.12 14.68 -10.97
N ALA A 9 18.15 13.83 -12.00
CA ALA A 9 17.29 12.64 -12.05
C ALA A 9 17.89 11.53 -11.16
N ASP A 10 17.90 11.83 -9.87
CA ASP A 10 18.46 11.02 -8.79
C ASP A 10 17.73 9.67 -8.60
N LYS A 11 16.50 9.59 -9.13
CA LYS A 11 15.52 8.50 -8.93
C LYS A 11 15.32 8.23 -7.42
N ASP A 12 14.84 9.25 -6.73
CA ASP A 12 14.52 9.29 -5.30
C ASP A 12 13.12 8.70 -5.00
N TYR A 13 12.50 9.07 -3.88
CA TYR A 13 11.24 8.52 -3.37
C TYR A 13 10.15 8.47 -4.45
N SER A 14 9.44 7.33 -4.49
CA SER A 14 8.48 6.86 -5.51
C SER A 14 9.12 6.49 -6.86
N GLN A 15 10.18 7.19 -7.28
CA GLN A 15 10.96 6.85 -8.47
C GLN A 15 11.76 5.54 -8.23
N ILE A 16 11.96 5.12 -6.98
CA ILE A 16 12.49 3.80 -6.58
C ILE A 16 11.75 2.67 -7.28
N LEU A 17 10.43 2.77 -7.29
CA LEU A 17 9.56 1.75 -7.85
C LEU A 17 9.66 1.69 -9.39
N LYS A 18 10.38 2.63 -10.05
CA LYS A 18 10.76 2.58 -11.47
C LYS A 18 11.82 1.52 -11.71
N GLU A 19 12.75 1.38 -10.76
CA GLU A 19 13.92 0.49 -10.88
C GLU A 19 13.76 -0.82 -10.10
N GLU A 20 13.04 -0.80 -8.99
CA GLU A 20 12.79 -1.99 -8.18
C GLU A 20 11.85 -2.96 -8.90
N PHE A 21 10.85 -2.45 -9.62
CA PHE A 21 9.92 -3.31 -10.37
C PHE A 21 10.65 -4.24 -11.36
N PRO A 22 11.55 -3.75 -12.24
CA PRO A 22 12.41 -4.61 -13.05
C PRO A 22 13.26 -5.63 -12.28
N LYS A 23 13.70 -5.35 -11.05
CA LYS A 23 14.45 -6.33 -10.22
C LYS A 23 13.57 -7.51 -9.80
N ILE A 24 12.26 -7.28 -9.62
CA ILE A 24 11.27 -8.33 -9.30
C ILE A 24 10.67 -8.95 -10.55
N ASP A 25 10.71 -8.26 -11.69
CA ASP A 25 9.97 -8.66 -12.89
C ASP A 25 10.47 -10.00 -13.45
N SER A 26 11.76 -10.29 -13.25
CA SER A 26 12.39 -11.60 -13.49
C SER A 26 11.97 -12.68 -12.47
N LEU A 27 11.65 -12.28 -11.25
CA LEU A 27 11.29 -13.14 -10.11
C LEU A 27 9.79 -13.49 -10.09
N ALA A 28 8.89 -12.50 -10.14
CA ALA A 28 7.44 -12.64 -10.08
C ALA A 28 6.85 -13.58 -11.14
N GLN A 29 7.51 -13.66 -12.30
CA GLN A 29 7.21 -14.63 -13.36
C GLN A 29 7.51 -16.11 -12.98
N ASN A 30 8.12 -16.36 -11.81
CA ASN A 30 8.61 -17.66 -11.36
C ASN A 30 8.21 -17.99 -9.90
N ASP A 31 8.39 -17.05 -8.96
CA ASP A 31 8.15 -17.17 -7.52
C ASP A 31 7.64 -15.84 -6.92
N CYS A 32 6.40 -15.44 -7.29
CA CYS A 32 5.83 -14.17 -6.85
C CYS A 32 5.61 -14.07 -5.33
N ASN A 33 5.59 -15.21 -4.61
CA ASN A 33 5.58 -15.28 -3.15
C ASN A 33 6.78 -14.58 -2.50
N SER A 34 7.92 -14.52 -3.19
CA SER A 34 9.09 -13.70 -2.79
C SER A 34 9.07 -12.31 -3.43
N ALA A 35 8.44 -12.14 -4.59
CA ALA A 35 8.37 -10.86 -5.30
C ALA A 35 7.43 -9.84 -4.62
N LEU A 36 6.35 -10.30 -3.98
CA LEU A 36 5.53 -9.46 -3.12
C LEU A 36 6.30 -8.99 -1.87
N ASP A 37 7.25 -9.81 -1.42
CA ASP A 37 8.25 -9.46 -0.39
C ASP A 37 9.39 -8.56 -0.93
N GLN A 38 9.29 -8.07 -2.17
CA GLN A 38 10.13 -7.01 -2.73
C GLN A 38 9.36 -5.69 -2.84
N LEU A 39 8.29 -5.59 -3.66
CA LEU A 39 7.60 -4.30 -3.83
C LEU A 39 6.85 -3.85 -2.58
N LEU A 40 6.09 -4.71 -1.90
CA LEU A 40 5.28 -4.27 -0.75
C LEU A 40 6.16 -4.09 0.51
N VAL A 41 7.44 -4.51 0.46
CA VAL A 41 8.47 -4.21 1.46
C VAL A 41 8.99 -2.78 1.31
N LEU A 42 9.03 -2.23 0.10
CA LEU A 42 9.30 -0.80 -0.10
C LEU A 42 8.26 0.05 0.63
N GLU A 43 6.98 -0.25 0.43
CA GLU A 43 5.89 0.33 1.23
C GLU A 43 6.19 0.23 2.74
N LYS A 44 6.48 -0.99 3.21
CA LYS A 44 6.71 -1.31 4.62
C LYS A 44 7.84 -0.46 5.23
N LYS A 45 8.93 -0.27 4.48
CA LYS A 45 10.06 0.59 4.82
C LYS A 45 9.69 2.08 4.75
N THR A 46 9.05 2.51 3.66
CA THR A 46 8.71 3.93 3.39
C THR A 46 7.76 4.53 4.41
N ARG A 47 6.72 3.81 4.88
CA ARG A 47 5.86 4.30 5.96
C ARG A 47 6.62 4.46 7.28
N GLN A 48 7.52 3.52 7.60
CA GLN A 48 8.30 3.51 8.84
C GLN A 48 9.43 4.57 8.84
N ALA A 49 10.10 4.76 7.71
CA ALA A 49 11.21 5.70 7.51
C ALA A 49 10.76 7.16 7.29
N SER A 50 9.44 7.41 7.18
CA SER A 50 8.86 8.69 6.73
C SER A 50 9.28 9.08 5.30
N ASP A 51 9.58 8.08 4.47
CA ASP A 51 9.80 8.17 3.01
C ASP A 51 8.50 7.84 2.25
N LEU A 52 7.36 8.05 2.92
CA LEU A 52 6.01 7.64 2.51
C LEU A 52 5.52 8.19 1.18
N ALA A 53 6.15 9.24 0.70
CA ALA A 53 5.99 9.73 -0.68
C ALA A 53 6.14 8.59 -1.71
N SER A 54 6.92 7.56 -1.37
CA SER A 54 7.02 6.30 -2.14
C SER A 54 5.97 5.25 -1.74
N SER A 55 5.70 5.03 -0.44
CA SER A 55 4.56 4.22 0.06
C SER A 55 3.28 4.49 -0.73
N LYS A 56 2.97 5.78 -0.91
CA LYS A 56 1.77 6.30 -1.59
C LYS A 56 1.62 5.86 -3.04
N GLU A 57 2.70 5.44 -3.71
CA GLU A 57 2.67 4.83 -5.04
C GLU A 57 2.66 3.30 -5.01
N VAL A 58 3.31 2.66 -4.01
CA VAL A 58 3.17 1.21 -3.81
C VAL A 58 1.73 0.81 -3.49
N LEU A 59 1.02 1.63 -2.71
CA LEU A 59 -0.39 1.39 -2.35
C LEU A 59 -1.28 1.04 -3.55
N ALA A 60 -1.03 1.65 -4.70
CA ALA A 60 -1.81 1.45 -5.91
C ALA A 60 -1.55 0.13 -6.64
N LYS A 61 -0.54 -0.64 -6.21
CA LYS A 61 -0.29 -2.02 -6.65
C LYS A 61 -0.11 -3.03 -5.51
N ILE A 62 -0.31 -2.57 -4.29
CA ILE A 62 -0.45 -3.39 -3.09
C ILE A 62 -1.54 -4.44 -3.30
N VAL A 63 -2.65 -4.06 -3.95
CA VAL A 63 -3.74 -5.03 -4.22
C VAL A 63 -3.34 -6.02 -5.33
N ASP A 64 -2.62 -5.53 -6.32
CA ASP A 64 -2.19 -6.26 -7.52
C ASP A 64 -1.16 -7.37 -7.22
N LEU A 65 -0.40 -7.24 -6.13
CA LEU A 65 0.46 -8.32 -5.61
C LEU A 65 -0.20 -9.03 -4.42
N LEU A 66 -0.50 -8.35 -3.29
CA LEU A 66 -0.99 -9.05 -2.09
C LEU A 66 -2.31 -9.79 -2.32
N ALA A 67 -3.39 -9.06 -2.60
CA ALA A 67 -4.73 -9.64 -2.83
C ALA A 67 -4.73 -10.74 -3.91
N SER A 68 -3.89 -10.58 -4.93
CA SER A 68 -3.78 -11.47 -6.09
C SER A 68 -3.06 -12.78 -5.76
N ARG A 69 -2.00 -12.74 -4.92
CA ARG A 69 -1.17 -13.89 -4.53
C ARG A 69 -1.65 -14.53 -3.22
N ASN A 70 -2.96 -14.40 -2.97
CA ASN A 70 -3.67 -14.84 -1.76
C ASN A 70 -3.15 -14.28 -0.42
N LYS A 71 -2.51 -13.10 -0.45
CA LYS A 71 -2.16 -12.29 0.72
C LYS A 71 -3.17 -11.18 0.99
N TRP A 72 -4.42 -11.39 0.57
CA TRP A 72 -5.59 -10.56 0.90
C TRP A 72 -5.77 -10.31 2.41
N ASP A 73 -5.19 -11.14 3.26
CA ASP A 73 -5.11 -10.94 4.72
C ASP A 73 -4.38 -9.64 5.11
N ASP A 74 -3.44 -9.18 4.25
CA ASP A 74 -2.73 -7.92 4.41
C ASP A 74 -3.47 -6.69 3.85
N LEU A 75 -4.37 -6.82 2.86
CA LEU A 75 -5.17 -5.71 2.33
C LEU A 75 -5.97 -4.98 3.43
N ASN A 76 -6.48 -5.75 4.40
CA ASN A 76 -7.07 -5.27 5.65
C ASN A 76 -6.21 -4.19 6.34
N GLU A 77 -4.91 -4.45 6.47
CA GLU A 77 -3.95 -3.49 7.06
C GLU A 77 -3.59 -2.36 6.10
N GLN A 78 -3.54 -2.59 4.77
CA GLN A 78 -3.04 -1.56 3.84
C GLN A 78 -3.88 -0.27 3.87
N LEU A 79 -5.18 -0.38 4.17
CA LEU A 79 -6.10 0.74 4.43
C LEU A 79 -5.74 1.60 5.66
N THR A 80 -4.96 1.05 6.59
CA THR A 80 -4.60 1.62 7.89
C THR A 80 -3.25 2.33 7.91
N LEU A 81 -2.23 1.82 7.20
CA LEU A 81 -0.84 2.33 7.08
C LEU A 81 -0.62 3.79 7.49
N LEU A 82 -1.13 4.73 6.70
CA LEU A 82 -0.91 6.17 6.90
C LEU A 82 -1.86 6.82 7.92
N SER A 83 -2.91 6.09 8.32
CA SER A 83 -3.95 6.44 9.31
C SER A 83 -3.67 5.83 10.71
N LYS A 84 -2.55 5.12 10.90
CA LYS A 84 -2.22 4.36 12.14
C LYS A 84 -2.31 5.14 13.47
N LYS A 85 -2.14 6.48 13.47
CA LYS A 85 -2.22 7.31 14.70
C LYS A 85 -3.67 7.50 15.20
N HIS A 86 -4.67 7.17 14.34
CA HIS A 86 -6.12 7.39 14.48
C HIS A 86 -6.55 8.85 14.72
N GLY A 87 -7.82 9.17 14.46
CA GLY A 87 -8.32 10.55 14.42
C GLY A 87 -7.83 11.38 13.22
N GLN A 88 -7.22 10.73 12.22
CA GLN A 88 -6.71 11.34 10.99
C GLN A 88 -7.79 11.43 9.90
N LEU A 89 -7.60 12.32 8.94
CA LEU A 89 -8.44 12.48 7.74
C LEU A 89 -8.27 11.26 6.82
N LYS A 90 -9.28 10.38 6.77
CA LYS A 90 -9.26 9.13 5.99
C LYS A 90 -9.27 9.37 4.48
N LEU A 91 -9.80 10.48 3.97
CA LEU A 91 -9.92 10.76 2.53
C LEU A 91 -8.58 10.65 1.74
N SER A 92 -7.46 10.76 2.44
CA SER A 92 -6.09 10.60 1.91
C SER A 92 -5.69 9.12 1.69
N ILE A 93 -5.99 8.23 2.64
CA ILE A 93 -5.81 6.77 2.50
C ILE A 93 -7.05 6.07 1.92
N GLN A 94 -8.15 6.78 1.74
CA GLN A 94 -9.33 6.33 1.01
C GLN A 94 -9.00 5.96 -0.44
N TYR A 95 -7.97 6.56 -1.02
CA TYR A 95 -7.37 6.14 -2.29
C TYR A 95 -6.78 4.70 -2.25
N MET A 96 -6.53 4.14 -1.05
CA MET A 96 -6.25 2.71 -0.84
C MET A 96 -7.56 1.92 -0.66
N ILE A 97 -8.61 2.51 -0.08
CA ILE A 97 -9.96 1.91 -0.13
C ILE A 97 -10.34 1.61 -1.58
N GLN A 98 -10.02 2.50 -2.53
CA GLN A 98 -10.26 2.29 -3.97
C GLN A 98 -9.50 1.08 -4.57
N LYS A 99 -8.49 0.54 -3.86
CA LYS A 99 -7.74 -0.69 -4.19
C LYS A 99 -8.27 -1.89 -3.42
N VAL A 100 -8.73 -1.75 -2.17
CA VAL A 100 -9.50 -2.81 -1.49
C VAL A 100 -10.80 -3.10 -2.23
N MET A 101 -11.49 -2.03 -2.62
CA MET A 101 -12.63 -2.01 -3.54
C MET A 101 -12.31 -2.55 -4.94
N GLU A 102 -11.04 -2.85 -5.23
CA GLU A 102 -10.60 -3.45 -6.49
C GLU A 102 -10.60 -4.97 -6.42
N TYR A 103 -9.45 -5.66 -6.29
CA TYR A 103 -9.41 -7.12 -6.49
C TYR A 103 -9.83 -7.89 -5.24
N LEU A 104 -9.52 -7.33 -4.07
CA LEU A 104 -9.90 -7.82 -2.75
C LEU A 104 -11.44 -7.90 -2.63
N LYS A 105 -12.18 -6.99 -3.29
CA LYS A 105 -13.63 -7.05 -3.50
C LYS A 105 -14.04 -7.88 -4.71
N SER A 106 -13.62 -7.45 -5.91
CA SER A 106 -14.07 -7.94 -7.22
C SER A 106 -13.73 -9.40 -7.57
N SER A 107 -12.98 -10.11 -6.71
CA SER A 107 -12.77 -11.57 -6.82
C SER A 107 -14.09 -12.35 -6.90
N LYS A 108 -15.13 -11.89 -6.18
CA LYS A 108 -16.44 -12.55 -6.00
C LYS A 108 -16.37 -14.01 -5.49
N SER A 109 -15.18 -14.43 -5.03
CA SER A 109 -14.82 -15.83 -4.72
C SER A 109 -13.98 -15.97 -3.44
N LEU A 110 -13.96 -14.90 -2.63
CA LEU A 110 -13.29 -14.82 -1.35
C LEU A 110 -14.13 -15.50 -0.24
N ASP A 111 -13.48 -16.25 0.63
CA ASP A 111 -14.12 -16.86 1.80
C ASP A 111 -14.61 -15.81 2.80
N LEU A 112 -15.80 -16.02 3.34
CA LEU A 112 -16.46 -15.11 4.29
C LEU A 112 -15.58 -14.81 5.48
N ASN A 113 -15.01 -15.85 6.09
CA ASN A 113 -14.19 -15.71 7.30
C ASN A 113 -12.93 -14.87 7.06
N THR A 114 -12.42 -14.85 5.83
CA THR A 114 -11.32 -13.99 5.38
C THR A 114 -11.82 -12.57 5.12
N ARG A 115 -12.87 -12.40 4.31
CA ARG A 115 -13.47 -11.10 3.96
C ARG A 115 -13.98 -10.32 5.19
N ILE A 116 -14.55 -11.02 6.15
CA ILE A 116 -15.00 -10.47 7.43
C ILE A 116 -13.93 -9.59 8.11
N SER A 117 -12.67 -10.01 8.00
CA SER A 117 -11.54 -9.36 8.67
C SER A 117 -11.29 -7.95 8.12
N VAL A 118 -11.66 -7.71 6.86
CA VAL A 118 -11.54 -6.44 6.15
C VAL A 118 -12.86 -5.68 6.11
N ILE A 119 -14.00 -6.30 5.82
CA ILE A 119 -15.30 -5.64 5.77
C ILE A 119 -15.68 -4.98 7.10
N GLU A 120 -15.30 -5.58 8.24
CA GLU A 120 -15.45 -4.97 9.56
C GLU A 120 -14.41 -3.89 9.83
N THR A 121 -13.17 -4.06 9.36
CA THR A 121 -12.10 -3.05 9.46
C THR A 121 -12.57 -1.69 8.96
N ILE A 122 -13.18 -1.65 7.78
CA ILE A 122 -13.60 -0.41 7.11
C ILE A 122 -14.90 0.14 7.72
N ARG A 123 -15.72 -0.73 8.34
CA ARG A 123 -16.88 -0.36 9.17
C ARG A 123 -16.47 0.28 10.52
N VAL A 124 -15.30 -0.07 11.05
CA VAL A 124 -14.77 0.35 12.36
C VAL A 124 -13.78 1.53 12.30
N VAL A 125 -12.80 1.50 11.39
CA VAL A 125 -11.64 2.40 11.35
C VAL A 125 -11.95 3.85 10.92
N THR A 126 -13.21 4.14 10.60
CA THR A 126 -13.74 5.51 10.38
C THR A 126 -14.56 6.07 11.53
N GLU A 127 -14.88 5.26 12.55
CA GLU A 127 -15.71 5.69 13.68
C GLU A 127 -14.90 6.47 14.74
N ASN A 128 -13.74 6.98 14.33
CA ASN A 128 -12.83 7.81 15.11
C ASN A 128 -12.59 9.22 14.53
N LYS A 129 -13.33 9.59 13.46
CA LYS A 129 -13.34 10.94 12.85
C LYS A 129 -14.75 11.56 12.83
N ILE A 130 -15.47 11.39 13.95
CA ILE A 130 -16.84 11.86 14.18
C ILE A 130 -16.84 13.38 14.53
N PHE A 131 -17.97 13.91 15.01
CA PHE A 131 -18.11 15.28 15.56
C PHE A 131 -17.34 15.49 16.90
N VAL A 132 -16.49 14.53 17.28
CA VAL A 132 -15.68 14.41 18.49
C VAL A 132 -14.31 13.84 18.10
N GLU A 133 -13.26 14.25 18.81
CA GLU A 133 -11.86 13.92 18.57
C GLU A 133 -11.06 13.79 19.88
N VAL A 134 -9.93 13.06 19.84
CA VAL A 134 -9.03 12.81 20.98
C VAL A 134 -8.11 14.00 21.33
N GLU A 135 -8.65 15.22 21.27
CA GLU A 135 -8.00 16.48 21.64
C GLU A 135 -6.62 16.78 21.01
N ARG A 136 -6.36 16.20 19.83
CA ARG A 136 -5.09 16.26 19.08
C ARG A 136 -5.34 16.34 17.57
N MET A 1 36.80 -4.78 4.93
CA MET A 1 35.98 -3.80 4.18
C MET A 1 35.61 -4.34 2.80
N SER A 2 34.56 -3.79 2.17
CA SER A 2 34.15 -4.13 0.79
C SER A 2 35.14 -3.62 -0.27
N ARG A 3 35.11 -4.22 -1.46
CA ARG A 3 35.96 -3.85 -2.61
C ARG A 3 35.63 -2.46 -3.18
N ASP A 4 36.57 -1.86 -3.89
CA ASP A 4 36.47 -0.53 -4.54
C ASP A 4 35.61 -0.49 -5.83
N ALA A 5 34.59 -1.35 -5.92
CA ALA A 5 33.56 -1.26 -6.96
C ALA A 5 32.71 0.01 -6.74
N PRO A 6 32.25 0.70 -7.80
CA PRO A 6 31.51 1.95 -7.67
C PRO A 6 30.11 1.71 -7.08
N ILE A 7 29.59 2.69 -6.34
CA ILE A 7 28.33 2.57 -5.58
C ILE A 7 27.11 2.86 -6.45
N LYS A 8 26.95 2.03 -7.48
CA LYS A 8 25.75 1.94 -8.33
C LYS A 8 24.65 1.19 -7.57
N ALA A 9 23.59 1.88 -7.15
CA ALA A 9 22.58 1.31 -6.25
C ALA A 9 21.61 0.27 -6.85
N ASP A 10 21.85 -0.06 -8.12
CA ASP A 10 21.30 -1.16 -8.96
C ASP A 10 19.78 -1.20 -9.15
N LYS A 11 19.13 -0.27 -8.47
CA LYS A 11 17.70 -0.11 -8.18
C LYS A 11 17.15 -1.25 -7.29
N ASP A 12 17.74 -1.37 -6.09
CA ASP A 12 17.23 -2.22 -5.00
C ASP A 12 15.95 -1.66 -4.34
N TYR A 13 15.06 -2.55 -3.87
CA TYR A 13 13.81 -2.26 -3.17
C TYR A 13 12.98 -1.15 -3.82
N SER A 14 12.66 -0.07 -3.11
CA SER A 14 11.89 1.10 -3.56
C SER A 14 12.39 1.77 -4.85
N GLN A 15 13.61 1.45 -5.30
CA GLN A 15 14.16 1.92 -6.56
C GLN A 15 13.65 1.10 -7.76
N ILE A 16 13.03 -0.07 -7.55
CA ILE A 16 12.29 -0.86 -8.56
C ILE A 16 11.16 -0.04 -9.15
N LEU A 17 10.43 0.63 -8.28
CA LEU A 17 9.31 1.50 -8.65
C LEU A 17 9.76 2.71 -9.50
N LYS A 18 11.07 2.97 -9.67
CA LYS A 18 11.63 3.96 -10.61
C LYS A 18 11.58 3.46 -12.05
N GLU A 19 11.81 2.16 -12.25
CA GLU A 19 12.03 1.54 -13.57
C GLU A 19 10.87 0.66 -14.05
N GLU A 20 10.15 0.03 -13.11
CA GLU A 20 8.90 -0.66 -13.42
C GLU A 20 7.80 0.31 -13.80
N PHE A 21 7.75 1.51 -13.23
CA PHE A 21 6.72 2.50 -13.59
C PHE A 21 6.74 2.84 -15.10
N PRO A 22 7.89 3.14 -15.74
CA PRO A 22 8.00 3.24 -17.19
C PRO A 22 7.52 2.02 -17.98
N LYS A 23 7.64 0.79 -17.45
CA LYS A 23 7.09 -0.42 -18.10
C LYS A 23 5.56 -0.48 -18.09
N ILE A 24 4.90 0.33 -17.24
CA ILE A 24 3.44 0.48 -17.16
C ILE A 24 2.94 1.79 -17.75
N ASP A 25 3.81 2.78 -17.88
CA ASP A 25 3.46 4.14 -18.29
C ASP A 25 2.96 4.16 -19.76
N SER A 26 3.39 3.13 -20.49
CA SER A 26 2.91 2.71 -21.81
C SER A 26 1.48 2.17 -21.77
N LEU A 27 1.24 1.24 -20.84
CA LEU A 27 -0.01 0.50 -20.65
C LEU A 27 -1.12 1.37 -20.06
N ALA A 28 -0.87 2.08 -18.95
CA ALA A 28 -1.84 2.89 -18.23
C ALA A 28 -2.50 3.99 -19.07
N GLN A 29 -1.79 4.46 -20.10
CA GLN A 29 -2.31 5.37 -21.13
C GLN A 29 -3.34 4.73 -22.10
N ASN A 30 -3.57 3.42 -22.00
CA ASN A 30 -4.41 2.60 -22.88
C ASN A 30 -5.37 1.66 -22.12
N ASP A 31 -4.91 0.98 -21.07
CA ASP A 31 -5.69 0.13 -20.16
C ASP A 31 -5.10 0.13 -18.73
N CYS A 32 -5.29 1.24 -18.01
CA CYS A 32 -4.88 1.38 -16.61
C CYS A 32 -5.54 0.37 -15.64
N ASN A 33 -6.64 -0.26 -16.05
CA ASN A 33 -7.28 -1.36 -15.32
C ASN A 33 -6.37 -2.60 -15.20
N SER A 34 -5.49 -2.82 -16.19
CA SER A 34 -4.41 -3.81 -16.13
C SER A 34 -3.14 -3.25 -15.47
N ALA A 35 -2.86 -1.96 -15.63
CA ALA A 35 -1.63 -1.34 -15.14
C ALA A 35 -1.53 -1.28 -13.60
N LEU A 36 -2.68 -1.23 -12.89
CA LEU A 36 -2.72 -1.40 -11.44
C LEU A 36 -2.13 -2.75 -11.00
N ASP A 37 -2.36 -3.80 -11.79
CA ASP A 37 -1.76 -5.14 -11.63
C ASP A 37 -0.31 -5.22 -12.14
N GLN A 38 0.35 -4.08 -12.31
CA GLN A 38 1.78 -3.96 -12.56
C GLN A 38 2.51 -3.20 -11.43
N LEU A 39 2.04 -2.02 -10.99
CA LEU A 39 2.62 -1.38 -9.80
C LEU A 39 2.23 -2.10 -8.50
N LEU A 40 0.94 -2.38 -8.25
CA LEU A 40 0.51 -2.89 -6.94
C LEU A 40 0.82 -4.41 -6.77
N VAL A 41 1.33 -5.05 -7.82
CA VAL A 41 1.94 -6.38 -7.75
C VAL A 41 3.27 -6.33 -7.00
N LEU A 42 4.01 -5.22 -7.13
CA LEU A 42 5.22 -4.96 -6.35
C LEU A 42 4.89 -4.87 -4.86
N GLU A 43 3.89 -4.07 -4.45
CA GLU A 43 3.39 -4.03 -3.06
C GLU A 43 3.16 -5.42 -2.47
N LYS A 44 2.49 -6.27 -3.27
CA LYS A 44 2.11 -7.63 -2.90
C LYS A 44 3.34 -8.52 -2.71
N LYS A 45 4.24 -8.52 -3.70
CA LYS A 45 5.50 -9.26 -3.68
C LYS A 45 6.39 -8.78 -2.53
N THR A 46 6.56 -7.47 -2.36
CA THR A 46 7.45 -6.85 -1.39
C THR A 46 7.06 -7.10 0.06
N ARG A 47 5.77 -7.08 0.41
CA ARG A 47 5.36 -7.45 1.78
C ARG A 47 5.53 -8.95 2.06
N GLN A 48 5.31 -9.80 1.06
CA GLN A 48 5.49 -11.26 1.18
C GLN A 48 6.97 -11.69 1.21
N ALA A 49 7.82 -11.07 0.40
CA ALA A 49 9.24 -11.36 0.21
C ALA A 49 10.17 -10.74 1.28
N SER A 50 9.63 -9.92 2.18
CA SER A 50 10.39 -9.04 3.10
C SER A 50 11.28 -8.01 2.37
N ASP A 51 10.88 -7.63 1.15
CA ASP A 51 11.41 -6.50 0.37
C ASP A 51 10.54 -5.24 0.62
N LEU A 52 9.92 -5.17 1.79
CA LEU A 52 8.89 -4.20 2.15
C LEU A 52 9.32 -2.74 2.20
N ALA A 53 10.62 -2.50 2.22
CA ALA A 53 11.21 -1.17 2.01
C ALA A 53 10.70 -0.52 0.70
N SER A 54 10.35 -1.33 -0.29
CA SER A 54 9.63 -0.94 -1.51
C SER A 54 8.12 -1.00 -1.31
N SER A 55 7.57 -2.01 -0.61
CA SER A 55 6.14 -2.07 -0.29
C SER A 55 5.64 -0.76 0.29
N LYS A 56 6.36 -0.21 1.27
CA LYS A 56 6.10 1.05 1.97
C LYS A 56 6.15 2.30 1.08
N GLU A 57 6.86 2.21 -0.05
CA GLU A 57 6.96 3.26 -1.07
C GLU A 57 5.80 3.19 -2.07
N VAL A 58 5.35 1.98 -2.44
CA VAL A 58 4.19 1.78 -3.32
C VAL A 58 2.86 1.98 -2.61
N LEU A 59 2.76 1.79 -1.29
CA LEU A 59 1.53 2.09 -0.51
C LEU A 59 1.05 3.53 -0.70
N ALA A 60 1.98 4.45 -0.97
CA ALA A 60 1.69 5.86 -1.18
C ALA A 60 1.10 6.21 -2.53
N LYS A 61 1.02 5.25 -3.46
CA LYS A 61 0.27 5.35 -4.71
C LYS A 61 -0.70 4.21 -4.96
N ILE A 62 -0.88 3.36 -3.94
CA ILE A 62 -1.99 2.40 -3.91
C ILE A 62 -3.30 3.14 -4.15
N VAL A 63 -3.54 4.32 -3.56
CA VAL A 63 -4.84 4.98 -3.78
C VAL A 63 -5.00 5.45 -5.24
N ASP A 64 -3.89 5.89 -5.81
CA ASP A 64 -3.82 6.51 -7.14
C ASP A 64 -3.99 5.54 -8.32
N LEU A 65 -3.84 4.23 -8.09
CA LEU A 65 -4.17 3.17 -9.06
C LEU A 65 -5.23 2.20 -8.53
N LEU A 66 -5.10 1.67 -7.30
CA LEU A 66 -6.01 0.68 -6.72
C LEU A 66 -7.42 1.28 -6.51
N ALA A 67 -7.62 2.22 -5.58
CA ALA A 67 -8.88 2.95 -5.45
C ALA A 67 -9.34 3.64 -6.75
N SER A 68 -8.39 4.22 -7.47
CA SER A 68 -8.60 4.99 -8.69
C SER A 68 -9.20 4.18 -9.84
N ARG A 69 -8.89 2.89 -9.95
CA ARG A 69 -9.29 1.98 -11.04
C ARG A 69 -10.22 0.86 -10.54
N ASN A 70 -11.06 1.22 -9.58
CA ASN A 70 -12.14 0.41 -8.99
C ASN A 70 -11.69 -0.84 -8.21
N LYS A 71 -10.48 -0.82 -7.64
CA LYS A 71 -9.97 -1.77 -6.64
C LYS A 71 -9.85 -1.15 -5.25
N TRP A 72 -10.69 -0.16 -4.98
CA TRP A 72 -10.94 0.46 -3.67
C TRP A 72 -11.16 -0.55 -2.52
N ASP A 73 -11.60 -1.76 -2.84
CA ASP A 73 -11.76 -2.88 -1.91
C ASP A 73 -10.45 -3.27 -1.22
N ASP A 74 -9.30 -3.06 -1.86
CA ASP A 74 -7.98 -3.43 -1.34
C ASP A 74 -7.21 -2.26 -0.67
N LEU A 75 -7.73 -1.03 -0.64
CA LEU A 75 -7.19 0.06 0.20
C LEU A 75 -7.19 -0.35 1.68
N ASN A 76 -8.26 -1.03 2.10
CA ASN A 76 -8.37 -1.75 3.37
C ASN A 76 -7.13 -2.63 3.68
N GLU A 77 -6.60 -3.32 2.68
CA GLU A 77 -5.42 -4.17 2.80
C GLU A 77 -4.13 -3.33 2.91
N GLN A 78 -4.01 -2.21 2.19
CA GLN A 78 -2.89 -1.28 2.32
C GLN A 78 -2.79 -0.63 3.72
N LEU A 79 -3.91 -0.34 4.38
CA LEU A 79 -3.91 0.05 5.80
C LEU A 79 -3.41 -1.09 6.70
N THR A 80 -3.56 -2.33 6.27
CA THR A 80 -3.34 -3.54 7.06
C THR A 80 -1.95 -4.18 6.92
N LEU A 81 -1.31 -4.11 5.75
CA LEU A 81 -0.12 -4.85 5.30
C LEU A 81 0.97 -5.29 6.31
N LEU A 82 1.42 -4.43 7.22
CA LEU A 82 2.40 -4.85 8.27
C LEU A 82 1.73 -5.42 9.53
N SER A 83 0.53 -4.93 9.83
CA SER A 83 -0.27 -5.28 11.01
C SER A 83 -1.02 -6.62 10.83
N LYS A 84 -1.48 -6.91 9.60
CA LYS A 84 -2.22 -8.14 9.19
C LYS A 84 -3.24 -8.60 10.24
N LYS A 85 -2.96 -9.66 11.02
CA LYS A 85 -3.77 -10.07 12.19
C LYS A 85 -3.51 -9.12 13.37
N HIS A 86 -2.35 -9.28 14.01
CA HIS A 86 -1.76 -8.37 15.00
C HIS A 86 -0.23 -8.60 15.07
N GLY A 87 0.50 -7.69 15.74
CA GLY A 87 1.94 -7.78 15.98
C GLY A 87 2.61 -6.43 16.28
N GLN A 88 2.01 -5.34 15.79
CA GLN A 88 2.44 -3.95 16.01
C GLN A 88 1.22 -3.02 16.10
N LEU A 89 1.34 -1.93 16.87
CA LEU A 89 0.32 -0.89 17.01
C LEU A 89 0.03 -0.20 15.66
N LYS A 90 -1.25 0.03 15.40
CA LYS A 90 -1.74 0.57 14.12
C LYS A 90 -1.31 2.01 13.89
N LEU A 91 -1.08 2.85 14.91
CA LEU A 91 -0.64 4.25 14.73
C LEU A 91 0.68 4.41 13.91
N SER A 92 1.42 3.32 13.73
CA SER A 92 2.61 3.24 12.87
C SER A 92 2.23 3.09 11.38
N ILE A 93 1.35 2.14 11.05
CA ILE A 93 0.78 1.93 9.71
C ILE A 93 -0.46 2.83 9.45
N GLN A 94 -0.85 3.66 10.41
CA GLN A 94 -1.91 4.67 10.28
C GLN A 94 -1.51 5.80 9.35
N TYR A 95 -0.21 6.06 9.20
CA TYR A 95 0.32 6.98 8.17
C TYR A 95 -0.25 6.69 6.77
N MET A 96 -0.44 5.41 6.43
CA MET A 96 -1.02 4.95 5.17
C MET A 96 -2.47 5.40 4.96
N ILE A 97 -3.20 5.66 6.06
CA ILE A 97 -4.57 6.17 6.01
C ILE A 97 -4.68 7.50 5.29
N GLN A 98 -3.62 8.30 5.21
CA GLN A 98 -3.61 9.55 4.43
C GLN A 98 -3.93 9.31 2.95
N LYS A 99 -3.71 8.08 2.44
CA LYS A 99 -4.08 7.62 1.10
C LYS A 99 -5.53 7.12 1.08
N VAL A 100 -6.00 6.40 2.09
CA VAL A 100 -7.45 6.13 2.22
C VAL A 100 -8.23 7.44 2.19
N MET A 101 -7.84 8.39 3.04
CA MET A 101 -8.39 9.74 3.19
C MET A 101 -8.25 10.62 1.94
N GLU A 102 -7.51 10.19 0.92
CA GLU A 102 -7.25 10.98 -0.29
C GLU A 102 -8.27 10.83 -1.42
N TYR A 103 -8.66 9.60 -1.79
CA TYR A 103 -9.62 9.37 -2.89
C TYR A 103 -10.62 8.25 -2.61
N LEU A 104 -10.16 7.17 -1.97
CA LEU A 104 -11.03 6.12 -1.41
C LEU A 104 -12.08 6.75 -0.47
N LYS A 105 -11.69 7.82 0.23
CA LYS A 105 -12.52 8.74 1.03
C LYS A 105 -13.28 9.78 0.20
N SER A 106 -12.55 10.53 -0.61
CA SER A 106 -13.07 11.71 -1.33
C SER A 106 -14.10 11.38 -2.42
N SER A 107 -14.22 10.13 -2.87
CA SER A 107 -15.30 9.67 -3.75
C SER A 107 -16.67 9.88 -3.09
N LYS A 108 -17.44 10.84 -3.61
CA LYS A 108 -18.77 11.25 -3.10
C LYS A 108 -19.88 10.23 -3.36
N SER A 109 -19.63 9.22 -4.19
CA SER A 109 -20.60 8.24 -4.67
C SER A 109 -20.05 6.81 -4.74
N LEU A 110 -19.11 6.47 -3.86
CA LEU A 110 -18.65 5.10 -3.64
C LEU A 110 -19.82 4.25 -3.10
N ASP A 111 -19.95 3.02 -3.61
CA ASP A 111 -21.01 2.10 -3.20
C ASP A 111 -20.90 1.75 -1.71
N LEU A 112 -22.06 1.75 -1.04
CA LEU A 112 -22.15 1.59 0.42
C LEU A 112 -21.45 0.33 0.90
N ASN A 113 -21.76 -0.81 0.29
CA ASN A 113 -21.19 -2.09 0.71
C ASN A 113 -19.66 -2.14 0.55
N THR A 114 -19.13 -1.45 -0.47
CA THR A 114 -17.70 -1.32 -0.72
C THR A 114 -17.04 -0.40 0.31
N ARG A 115 -17.63 0.79 0.56
CA ARG A 115 -17.14 1.70 1.61
C ARG A 115 -17.23 1.09 3.00
N ILE A 116 -18.32 0.42 3.32
CA ILE A 116 -18.47 -0.37 4.55
C ILE A 116 -17.30 -1.34 4.75
N SER A 117 -16.86 -1.98 3.67
CA SER A 117 -15.82 -3.01 3.65
C SER A 117 -14.40 -2.45 3.88
N VAL A 118 -14.29 -1.12 4.06
CA VAL A 118 -13.09 -0.39 4.45
C VAL A 118 -13.29 0.46 5.70
N ILE A 119 -14.43 1.15 5.86
CA ILE A 119 -14.77 1.95 7.03
C ILE A 119 -14.95 1.11 8.31
N GLU A 120 -15.46 -0.12 8.20
CA GLU A 120 -15.56 -1.01 9.36
C GLU A 120 -14.22 -1.61 9.76
N THR A 121 -13.36 -2.00 8.81
CA THR A 121 -12.00 -2.44 9.08
C THR A 121 -11.16 -1.30 9.68
N ILE A 122 -11.38 -0.06 9.21
CA ILE A 122 -10.87 1.17 9.82
C ILE A 122 -11.34 1.28 11.27
N ARG A 123 -12.65 1.15 11.54
CA ARG A 123 -13.23 1.24 12.90
C ARG A 123 -12.78 0.13 13.85
N VAL A 124 -12.48 -1.07 13.33
CA VAL A 124 -11.92 -2.21 14.07
C VAL A 124 -10.41 -2.05 14.32
N VAL A 125 -9.62 -1.91 13.26
CA VAL A 125 -8.14 -1.98 13.32
C VAL A 125 -7.49 -0.68 13.77
N THR A 126 -8.05 0.50 13.44
CA THR A 126 -7.43 1.79 13.84
C THR A 126 -7.62 2.15 15.31
N GLU A 127 -8.37 1.34 16.07
CA GLU A 127 -8.40 1.40 17.53
C GLU A 127 -7.26 0.57 18.18
N ASN A 128 -6.49 -0.20 17.39
CA ASN A 128 -5.46 -1.12 17.89
C ASN A 128 -4.14 -0.41 18.30
N LYS A 129 -4.16 0.27 19.45
CA LYS A 129 -2.96 0.81 20.11
C LYS A 129 -2.07 -0.24 20.79
N ILE A 130 -2.64 -1.37 21.17
CA ILE A 130 -2.07 -2.41 22.03
C ILE A 130 -2.47 -3.83 21.60
N PHE A 131 -1.67 -4.83 21.98
CA PHE A 131 -2.02 -6.25 21.86
C PHE A 131 -2.89 -6.71 23.05
N VAL A 132 -2.46 -6.40 24.28
CA VAL A 132 -3.17 -6.55 25.55
C VAL A 132 -2.82 -5.37 26.47
N GLU A 133 -3.69 -5.01 27.41
CA GLU A 133 -3.55 -3.83 28.29
C GLU A 133 -2.52 -3.94 29.43
N VAL A 134 -1.49 -4.76 29.25
CA VAL A 134 -0.47 -5.14 30.24
C VAL A 134 0.59 -4.06 30.57
N GLU A 135 0.23 -2.81 30.33
CA GLU A 135 1.00 -1.60 30.67
C GLU A 135 0.17 -0.54 31.39
N ARG A 136 -0.94 -0.97 31.99
CA ARG A 136 -1.84 -0.16 32.83
C ARG A 136 -1.25 0.16 34.21
N MET A 1 34.26 -3.96 -3.77
CA MET A 1 35.03 -2.72 -3.99
C MET A 1 35.48 -2.62 -5.45
N SER A 2 35.81 -1.41 -5.92
CA SER A 2 36.42 -1.13 -7.24
C SER A 2 35.60 -1.64 -8.46
N ARG A 3 34.27 -1.58 -8.38
CA ARG A 3 33.35 -2.04 -9.45
C ARG A 3 33.44 -1.17 -10.71
N ASP A 4 33.64 0.15 -10.55
CA ASP A 4 33.85 1.15 -11.60
C ASP A 4 32.76 1.23 -12.69
N ALA A 5 31.54 0.77 -12.39
CA ALA A 5 30.36 0.99 -13.23
C ALA A 5 29.97 2.49 -13.19
N PRO A 6 29.55 3.09 -14.33
CA PRO A 6 29.17 4.50 -14.37
C PRO A 6 27.78 4.73 -13.74
N ILE A 7 27.39 6.00 -13.58
CA ILE A 7 26.11 6.39 -12.98
C ILE A 7 24.95 6.21 -13.98
N LYS A 8 24.54 4.95 -14.21
CA LYS A 8 23.48 4.56 -15.16
C LYS A 8 22.05 4.90 -14.68
N ALA A 9 21.85 5.03 -13.36
CA ALA A 9 20.55 5.09 -12.69
C ALA A 9 19.59 3.98 -13.15
N ASP A 10 20.02 2.76 -12.85
CA ASP A 10 19.33 1.49 -13.16
C ASP A 10 17.97 1.33 -12.47
N LYS A 11 17.72 2.14 -11.43
CA LYS A 11 16.58 2.12 -10.49
C LYS A 11 16.49 0.83 -9.64
N ASP A 12 16.68 0.97 -8.33
CA ASP A 12 16.41 -0.06 -7.32
C ASP A 12 14.90 -0.33 -7.16
N TYR A 13 14.48 -1.30 -6.34
CA TYR A 13 13.09 -1.78 -6.30
C TYR A 13 12.01 -0.71 -6.00
N SER A 14 12.24 0.18 -5.03
CA SER A 14 11.40 1.37 -4.76
C SER A 14 11.49 2.48 -5.80
N GLN A 15 12.49 2.39 -6.67
CA GLN A 15 12.76 3.28 -7.79
C GLN A 15 12.16 2.73 -9.10
N ILE A 16 11.82 1.45 -9.18
CA ILE A 16 10.98 0.85 -10.25
C ILE A 16 9.68 1.63 -10.36
N LEU A 17 9.14 1.99 -9.19
CA LEU A 17 7.90 2.71 -9.06
C LEU A 17 7.95 4.12 -9.71
N LYS A 18 9.16 4.65 -10.00
CA LYS A 18 9.41 5.89 -10.74
C LYS A 18 9.15 5.73 -12.24
N GLU A 19 9.40 4.53 -12.77
CA GLU A 19 9.43 4.25 -14.22
C GLU A 19 8.29 3.37 -14.71
N GLU A 20 7.80 2.44 -13.89
CA GLU A 20 6.60 1.67 -14.19
C GLU A 20 5.35 2.54 -14.12
N PHE A 21 5.30 3.58 -13.28
CA PHE A 21 4.16 4.49 -13.24
C PHE A 21 3.86 5.10 -14.63
N PRO A 22 4.82 5.70 -15.34
CA PRO A 22 4.65 6.09 -16.75
C PRO A 22 4.20 4.97 -17.71
N LYS A 23 4.57 3.70 -17.48
CA LYS A 23 4.07 2.58 -18.30
C LYS A 23 2.56 2.38 -18.13
N ILE A 24 2.04 2.59 -16.92
CA ILE A 24 0.59 2.53 -16.62
C ILE A 24 -0.12 3.83 -16.90
N ASP A 25 0.58 4.97 -16.91
CA ASP A 25 -0.04 6.29 -16.97
C ASP A 25 -0.80 6.53 -18.29
N SER A 26 -0.39 5.84 -19.36
CA SER A 26 -1.14 5.75 -20.63
C SER A 26 -2.40 4.88 -20.51
N LEU A 27 -2.35 3.82 -19.68
CA LEU A 27 -3.41 2.84 -19.46
C LEU A 27 -4.48 3.31 -18.45
N ALA A 28 -4.10 3.74 -17.25
CA ALA A 28 -4.99 4.17 -16.16
C ALA A 28 -5.96 5.30 -16.57
N GLN A 29 -5.52 6.13 -17.51
CA GLN A 29 -6.35 7.16 -18.16
C GLN A 29 -7.48 6.62 -19.07
N ASN A 30 -7.54 5.30 -19.31
CA ASN A 30 -8.42 4.60 -20.25
C ASN A 30 -9.07 3.34 -19.65
N ASP A 31 -8.34 2.54 -18.88
CA ASP A 31 -8.78 1.31 -18.21
C ASP A 31 -8.00 1.05 -16.90
N CYS A 32 -8.28 1.84 -15.86
CA CYS A 32 -7.55 1.72 -14.60
C CYS A 32 -7.80 0.38 -13.86
N ASN A 33 -8.86 -0.36 -14.22
CA ASN A 33 -9.12 -1.72 -13.72
C ASN A 33 -7.98 -2.70 -14.08
N SER A 34 -7.32 -2.49 -15.23
CA SER A 34 -6.07 -3.18 -15.59
C SER A 34 -4.83 -2.50 -15.00
N ALA A 35 -4.84 -1.16 -14.92
CA ALA A 35 -3.68 -0.37 -14.50
C ALA A 35 -3.33 -0.52 -13.01
N LEU A 36 -4.33 -0.62 -12.14
CA LEU A 36 -4.10 -0.90 -10.72
C LEU A 36 -3.32 -2.21 -10.53
N ASP A 37 -3.64 -3.21 -11.37
CA ASP A 37 -2.97 -4.51 -11.45
C ASP A 37 -1.58 -4.45 -12.11
N GLN A 38 -1.05 -3.25 -12.37
CA GLN A 38 0.34 -3.02 -12.77
C GLN A 38 1.19 -2.43 -11.63
N LEU A 39 0.72 -1.42 -10.87
CA LEU A 39 1.49 -0.89 -9.72
C LEU A 39 1.27 -1.66 -8.41
N LEU A 40 0.07 -2.15 -8.08
CA LEU A 40 -0.15 -2.91 -6.83
C LEU A 40 0.52 -4.31 -6.93
N VAL A 41 0.84 -4.76 -8.15
CA VAL A 41 1.69 -5.94 -8.41
C VAL A 41 3.13 -5.75 -7.91
N LEU A 42 3.64 -4.52 -7.92
CA LEU A 42 4.92 -4.18 -7.31
C LEU A 42 4.85 -4.35 -5.79
N GLU A 43 3.87 -3.74 -5.13
CA GLU A 43 3.55 -4.00 -3.70
C GLU A 43 3.50 -5.51 -3.37
N LYS A 44 2.91 -6.32 -4.26
CA LYS A 44 2.85 -7.78 -4.12
C LYS A 44 4.22 -8.44 -4.24
N LYS A 45 4.94 -8.17 -5.32
CA LYS A 45 6.28 -8.72 -5.59
C LYS A 45 7.25 -8.36 -4.47
N THR A 46 7.24 -7.11 -4.04
CA THR A 46 8.13 -6.55 -3.01
C THR A 46 7.96 -7.18 -1.62
N ARG A 47 6.73 -7.39 -1.13
CA ARG A 47 6.50 -8.11 0.16
C ARG A 47 6.88 -9.59 0.07
N GLN A 48 6.70 -10.23 -1.09
CA GLN A 48 7.06 -11.64 -1.30
C GLN A 48 8.59 -11.85 -1.48
N ALA A 49 9.26 -10.89 -2.12
CA ALA A 49 10.70 -10.90 -2.43
C ALA A 49 11.60 -10.39 -1.30
N SER A 50 11.02 -9.86 -0.22
CA SER A 50 11.72 -9.10 0.84
C SER A 50 12.40 -7.81 0.35
N ASP A 51 11.84 -7.24 -0.72
CA ASP A 51 12.14 -5.89 -1.26
C ASP A 51 11.10 -4.87 -0.75
N LEU A 52 10.54 -5.16 0.43
CA LEU A 52 9.38 -4.54 1.06
C LEU A 52 9.46 -3.05 1.37
N ALA A 53 10.67 -2.51 1.52
CA ALA A 53 10.89 -1.06 1.59
C ALA A 53 10.32 -0.30 0.36
N SER A 54 10.18 -1.03 -0.75
CA SER A 54 9.53 -0.61 -2.00
C SER A 54 8.02 -0.86 -1.91
N SER A 55 7.56 -1.98 -1.35
CA SER A 55 6.14 -2.22 -1.01
C SER A 55 5.56 -1.04 -0.23
N LYS A 56 6.26 -0.60 0.82
CA LYS A 56 5.92 0.54 1.69
C LYS A 56 5.97 1.91 0.98
N GLU A 57 6.44 1.95 -0.26
CA GLU A 57 6.48 3.12 -1.15
C GLU A 57 5.33 3.07 -2.18
N VAL A 58 4.91 1.87 -2.61
CA VAL A 58 3.68 1.65 -3.39
C VAL A 58 2.44 1.88 -2.53
N LEU A 59 2.50 1.49 -1.26
CA LEU A 59 1.40 1.58 -0.31
C LEU A 59 0.79 2.98 -0.19
N ALA A 60 1.58 4.03 -0.41
CA ALA A 60 1.13 5.41 -0.46
C ALA A 60 0.28 5.80 -1.69
N LYS A 61 0.09 4.88 -2.64
CA LYS A 61 -0.89 5.01 -3.73
C LYS A 61 -1.80 3.79 -3.88
N ILE A 62 -1.71 2.86 -2.94
CA ILE A 62 -2.66 1.76 -2.76
C ILE A 62 -4.08 2.27 -2.60
N VAL A 63 -4.31 3.43 -1.95
CA VAL A 63 -5.66 4.02 -1.89
C VAL A 63 -6.12 4.54 -3.24
N ASP A 64 -5.18 5.01 -4.07
CA ASP A 64 -5.48 5.63 -5.34
C ASP A 64 -5.78 4.62 -6.45
N LEU A 65 -5.38 3.36 -6.25
CA LEU A 65 -5.51 2.27 -7.22
C LEU A 65 -6.38 1.12 -6.68
N LEU A 66 -6.31 0.69 -5.40
CA LEU A 66 -7.37 -0.16 -4.84
C LEU A 66 -8.60 0.68 -4.46
N ALA A 67 -8.55 1.44 -3.35
CA ALA A 67 -9.75 2.10 -2.80
C ALA A 67 -10.52 2.99 -3.79
N SER A 68 -9.81 3.76 -4.61
CA SER A 68 -10.40 4.71 -5.55
C SER A 68 -11.01 4.05 -6.80
N ARG A 69 -10.75 2.74 -7.00
CA ARG A 69 -11.22 1.92 -8.13
C ARG A 69 -12.17 0.81 -7.65
N ASN A 70 -12.92 1.10 -6.59
CA ASN A 70 -13.90 0.25 -5.92
C ASN A 70 -13.31 -0.94 -5.13
N LYS A 71 -11.99 -1.07 -4.97
CA LYS A 71 -11.32 -2.13 -4.18
C LYS A 71 -10.91 -1.70 -2.77
N TRP A 72 -11.62 -0.77 -2.17
CA TRP A 72 -11.51 -0.38 -0.75
C TRP A 72 -11.70 -1.55 0.22
N ASP A 73 -12.41 -2.59 -0.20
CA ASP A 73 -12.51 -3.89 0.48
C ASP A 73 -11.13 -4.53 0.75
N ASP A 74 -10.13 -4.24 -0.10
CA ASP A 74 -8.77 -4.76 -0.03
C ASP A 74 -7.78 -3.86 0.73
N LEU A 75 -8.12 -2.60 1.07
CA LEU A 75 -7.28 -1.68 1.86
C LEU A 75 -6.91 -2.26 3.24
N ASN A 76 -7.79 -3.05 3.86
CA ASN A 76 -7.48 -3.85 5.06
C ASN A 76 -6.30 -4.81 4.86
N GLU A 77 -6.20 -5.46 3.70
CA GLU A 77 -5.05 -6.31 3.39
C GLU A 77 -3.75 -5.48 3.29
N GLN A 78 -3.84 -4.22 2.85
CA GLN A 78 -2.69 -3.33 2.70
C GLN A 78 -2.09 -2.87 4.03
N LEU A 79 -2.92 -2.83 5.07
CA LEU A 79 -2.53 -2.67 6.47
C LEU A 79 -1.98 -3.96 7.08
N THR A 80 -2.35 -5.10 6.49
CA THR A 80 -2.03 -6.46 6.95
C THR A 80 -0.73 -7.05 6.38
N LEU A 81 -0.33 -6.72 5.14
CA LEU A 81 0.76 -7.35 4.34
C LEU A 81 1.92 -8.00 5.11
N LEU A 82 2.56 -7.24 5.99
CA LEU A 82 3.72 -7.67 6.79
C LEU A 82 3.32 -8.15 8.21
N SER A 83 2.12 -7.76 8.65
CA SER A 83 1.46 -8.20 9.88
C SER A 83 0.81 -9.60 9.77
N LYS A 84 0.82 -10.23 8.58
CA LYS A 84 0.17 -11.53 8.30
C LYS A 84 0.49 -12.65 9.30
N LYS A 85 1.73 -12.71 9.82
CA LYS A 85 2.17 -13.69 10.83
C LYS A 85 3.27 -13.14 11.75
N HIS A 86 4.46 -12.88 11.20
CA HIS A 86 5.66 -12.50 11.96
C HIS A 86 6.64 -11.57 11.19
N GLY A 87 6.24 -11.01 10.05
CA GLY A 87 7.11 -10.14 9.23
C GLY A 87 7.42 -8.80 9.91
N GLN A 88 6.40 -8.14 10.48
CA GLN A 88 6.50 -6.90 11.25
C GLN A 88 5.41 -6.83 12.35
N LEU A 89 5.71 -6.08 13.42
CA LEU A 89 4.73 -5.65 14.42
C LEU A 89 3.80 -4.61 13.78
N LYS A 90 2.52 -4.57 14.18
CA LYS A 90 1.53 -3.75 13.44
C LYS A 90 1.93 -2.30 13.36
N LEU A 91 2.48 -1.70 14.43
CA LEU A 91 2.88 -0.30 14.50
C LEU A 91 3.92 0.15 13.44
N SER A 92 4.56 -0.80 12.76
CA SER A 92 5.45 -0.56 11.62
C SER A 92 4.69 -0.47 10.30
N ILE A 93 3.75 -1.41 10.09
CA ILE A 93 2.76 -1.39 9.01
C ILE A 93 1.49 -0.61 9.41
N GLN A 94 1.62 0.25 10.41
CA GLN A 94 0.59 1.17 10.87
C GLN A 94 0.78 2.55 10.29
N TYR A 95 2.01 2.90 9.89
CA TYR A 95 2.27 4.07 9.06
C TYR A 95 1.48 4.00 7.74
N MET A 96 1.18 2.79 7.25
CA MET A 96 0.24 2.53 6.15
C MET A 96 -1.19 3.02 6.46
N ILE A 97 -1.56 3.09 7.73
CA ILE A 97 -2.87 3.63 8.13
C ILE A 97 -3.05 5.08 7.73
N GLN A 98 -1.98 5.85 7.51
CA GLN A 98 -2.08 7.20 6.93
C GLN A 98 -2.79 7.23 5.57
N LYS A 99 -2.88 6.07 4.89
CA LYS A 99 -3.63 5.85 3.64
C LYS A 99 -5.04 5.32 3.88
N VAL A 100 -5.23 4.45 4.86
CA VAL A 100 -6.58 4.07 5.30
C VAL A 100 -7.34 5.29 5.82
N MET A 101 -6.73 6.10 6.69
CA MET A 101 -7.28 7.42 7.07
C MET A 101 -7.16 8.49 5.96
N GLU A 102 -6.85 8.08 4.73
CA GLU A 102 -6.98 8.92 3.53
C GLU A 102 -8.28 8.60 2.78
N TYR A 103 -8.23 7.84 1.68
CA TYR A 103 -9.40 7.71 0.80
C TYR A 103 -10.44 6.71 1.34
N LEU A 104 -9.96 5.65 1.97
CA LEU A 104 -10.74 4.57 2.54
C LEU A 104 -11.64 5.09 3.69
N LYS A 105 -11.13 6.01 4.53
CA LYS A 105 -11.91 6.81 5.49
C LYS A 105 -12.87 7.77 4.78
N SER A 106 -12.35 8.51 3.80
CA SER A 106 -13.09 9.58 3.11
C SER A 106 -14.38 9.09 2.44
N SER A 107 -14.38 7.87 1.90
CA SER A 107 -15.55 7.13 1.40
C SER A 107 -16.37 7.83 0.31
N LYS A 108 -17.27 8.75 0.70
CA LYS A 108 -18.34 9.39 -0.10
C LYS A 108 -19.36 8.43 -0.73
N SER A 109 -19.04 7.14 -0.90
CA SER A 109 -19.92 6.13 -1.51
C SER A 109 -19.82 4.72 -0.94
N LEU A 110 -19.29 4.55 0.28
CA LEU A 110 -19.39 3.27 0.99
C LEU A 110 -20.77 3.07 1.63
N ASP A 111 -21.27 1.84 1.54
CA ASP A 111 -22.40 1.36 2.30
C ASP A 111 -21.91 0.96 3.70
N LEU A 112 -22.74 1.17 4.73
CA LEU A 112 -22.39 0.92 6.13
C LEU A 112 -21.88 -0.50 6.36
N ASN A 113 -22.55 -1.49 5.77
CA ASN A 113 -22.18 -2.89 5.95
C ASN A 113 -20.78 -3.20 5.35
N THR A 114 -20.41 -2.55 4.25
CA THR A 114 -19.07 -2.68 3.66
C THR A 114 -18.05 -1.95 4.51
N ARG A 115 -18.34 -0.71 4.91
CA ARG A 115 -17.46 0.08 5.79
C ARG A 115 -17.19 -0.60 7.13
N ILE A 116 -18.22 -1.16 7.75
CA ILE A 116 -18.10 -2.00 8.95
C ILE A 116 -17.10 -3.16 8.73
N SER A 117 -17.16 -3.76 7.55
CA SER A 117 -16.37 -4.93 7.16
C SER A 117 -14.88 -4.61 6.95
N VAL A 118 -14.52 -3.32 6.94
CA VAL A 118 -13.15 -2.81 6.99
C VAL A 118 -12.80 -2.19 8.34
N ILE A 119 -13.64 -1.34 8.91
CA ILE A 119 -13.37 -0.64 10.15
C ILE A 119 -13.25 -1.59 11.35
N GLU A 120 -14.00 -2.70 11.38
CA GLU A 120 -13.90 -3.69 12.45
C GLU A 120 -12.64 -4.56 12.35
N THR A 121 -12.24 -4.99 11.17
CA THR A 121 -10.94 -5.67 10.96
C THR A 121 -9.76 -4.72 11.23
N ILE A 122 -9.83 -3.45 10.80
CA ILE A 122 -8.85 -2.42 11.21
C ILE A 122 -8.81 -2.27 12.74
N ARG A 123 -9.97 -2.26 13.43
CA ARG A 123 -10.03 -2.23 14.91
C ARG A 123 -9.37 -3.46 15.52
N VAL A 124 -9.77 -4.66 15.13
CA VAL A 124 -9.24 -5.95 15.63
C VAL A 124 -7.74 -6.09 15.44
N VAL A 125 -7.21 -5.75 14.25
CA VAL A 125 -5.77 -5.91 13.95
C VAL A 125 -4.89 -4.79 14.53
N THR A 126 -5.42 -3.58 14.75
CA THR A 126 -4.62 -2.43 15.21
C THR A 126 -4.79 -2.04 16.68
N GLU A 127 -5.92 -2.34 17.32
CA GLU A 127 -6.05 -2.20 18.79
C GLU A 127 -5.08 -3.13 19.54
N ASN A 128 -4.52 -4.11 18.81
CA ASN A 128 -3.45 -4.99 19.22
C ASN A 128 -2.12 -4.26 19.54
N LYS A 129 -1.88 -3.08 18.94
CA LYS A 129 -0.63 -2.32 19.04
C LYS A 129 -0.86 -0.84 18.68
N ILE A 130 -1.70 -0.16 19.48
CA ILE A 130 -2.24 1.19 19.22
C ILE A 130 -1.21 2.27 18.87
N PHE A 131 -1.63 3.14 17.94
CA PHE A 131 -0.91 4.35 17.52
C PHE A 131 -1.29 5.59 18.36
N VAL A 132 -2.59 5.74 18.67
CA VAL A 132 -3.17 6.86 19.41
C VAL A 132 -2.93 6.70 20.91
N GLU A 133 -2.83 7.84 21.59
CA GLU A 133 -2.61 7.99 23.03
C GLU A 133 -3.39 9.19 23.60
N VAL A 134 -3.63 9.19 24.92
CA VAL A 134 -4.20 10.33 25.65
C VAL A 134 -3.18 11.44 25.91
N GLU A 135 -2.62 11.96 24.83
CA GLU A 135 -1.79 13.17 24.79
C GLU A 135 -0.47 13.09 25.60
N ARG A 136 0.08 11.89 25.72
CA ARG A 136 1.33 11.57 26.44
C ARG A 136 2.57 12.17 25.76
N MET A 1 42.72 3.72 -21.04
CA MET A 1 41.93 3.39 -19.83
C MET A 1 40.46 3.71 -20.06
N SER A 2 39.56 3.05 -19.33
CA SER A 2 38.08 3.12 -19.48
C SER A 2 37.56 2.69 -20.87
N ARG A 3 36.25 2.74 -21.07
CA ARG A 3 35.53 2.33 -22.30
C ARG A 3 34.24 3.12 -22.51
N ASP A 4 33.65 3.03 -23.70
CA ASP A 4 32.38 3.67 -24.09
C ASP A 4 31.13 2.98 -23.49
N ALA A 5 31.15 2.69 -22.19
CA ALA A 5 29.98 2.25 -21.45
C ALA A 5 28.94 3.39 -21.40
N PRO A 6 27.63 3.12 -21.58
CA PRO A 6 26.60 4.15 -21.61
C PRO A 6 26.25 4.64 -20.20
N ILE A 7 25.45 5.71 -20.09
CA ILE A 7 24.92 6.19 -18.82
C ILE A 7 23.96 5.17 -18.20
N LYS A 8 24.18 4.82 -16.93
CA LYS A 8 23.51 3.72 -16.24
C LYS A 8 22.89 4.15 -14.90
N ALA A 9 21.61 4.52 -14.98
CA ALA A 9 20.71 4.67 -13.83
C ALA A 9 19.54 3.70 -14.06
N ASP A 10 19.85 2.44 -13.82
CA ASP A 10 19.02 1.27 -14.14
C ASP A 10 17.68 1.21 -13.37
N LYS A 11 17.61 1.94 -12.25
CA LYS A 11 16.55 1.88 -11.19
C LYS A 11 16.45 0.52 -10.46
N ASP A 12 16.25 0.58 -9.14
CA ASP A 12 15.98 -0.56 -8.26
C ASP A 12 15.19 -0.11 -7.01
N TYR A 13 14.61 -1.04 -6.25
CA TYR A 13 13.80 -0.79 -5.06
C TYR A 13 12.67 0.25 -5.33
N SER A 14 12.58 1.30 -4.52
CA SER A 14 11.69 2.45 -4.69
C SER A 14 11.78 3.16 -6.05
N GLN A 15 12.86 2.92 -6.80
CA GLN A 15 13.05 3.46 -8.14
C GLN A 15 12.43 2.55 -9.22
N ILE A 16 12.11 1.28 -8.94
CA ILE A 16 11.30 0.41 -9.82
C ILE A 16 9.97 1.07 -10.12
N LEU A 17 9.42 1.66 -9.05
CA LEU A 17 8.16 2.36 -9.08
C LEU A 17 8.18 3.59 -10.03
N LYS A 18 9.38 4.08 -10.41
CA LYS A 18 9.60 5.10 -11.45
C LYS A 18 9.48 4.52 -12.86
N GLU A 19 10.10 3.36 -13.08
CA GLU A 19 10.29 2.77 -14.41
C GLU A 19 9.11 1.92 -14.88
N GLU A 20 8.45 1.19 -13.99
CA GLU A 20 7.34 0.29 -14.33
C GLU A 20 6.00 1.01 -14.43
N PHE A 21 5.81 2.10 -13.66
CA PHE A 21 4.60 2.92 -13.72
C PHE A 21 4.14 3.23 -15.16
N PRO A 22 4.98 3.75 -16.09
CA PRO A 22 4.58 3.90 -17.49
C PRO A 22 4.30 2.58 -18.21
N LYS A 23 5.11 1.54 -17.96
CA LYS A 23 5.02 0.24 -18.65
C LYS A 23 3.65 -0.42 -18.45
N ILE A 24 3.06 -0.24 -17.27
CA ILE A 24 1.71 -0.71 -16.91
C ILE A 24 0.63 0.39 -16.94
N ASP A 25 0.96 1.67 -17.07
CA ASP A 25 -0.06 2.70 -17.36
C ASP A 25 -0.77 2.42 -18.70
N SER A 26 -0.04 1.85 -19.66
CA SER A 26 -0.57 1.32 -20.93
C SER A 26 -1.59 0.18 -20.72
N LEU A 27 -1.42 -0.65 -19.68
CA LEU A 27 -2.38 -1.67 -19.28
C LEU A 27 -3.58 -1.02 -18.56
N ALA A 28 -3.35 -0.16 -17.56
CA ALA A 28 -4.38 0.55 -16.80
C ALA A 28 -5.33 1.40 -17.67
N GLN A 29 -4.87 1.85 -18.82
CA GLN A 29 -5.71 2.50 -19.86
C GLN A 29 -6.71 1.55 -20.56
N ASN A 30 -6.65 0.24 -20.28
CA ASN A 30 -7.41 -0.82 -20.93
C ASN A 30 -8.05 -1.83 -19.95
N ASP A 31 -7.27 -2.35 -18.99
CA ASP A 31 -7.64 -3.34 -17.96
C ASP A 31 -6.92 -3.02 -16.64
N CYS A 32 -7.32 -1.91 -16.00
CA CYS A 32 -6.77 -1.52 -14.70
C CYS A 32 -7.04 -2.53 -13.55
N ASN A 33 -8.03 -3.41 -13.72
CA ASN A 33 -8.30 -4.56 -12.86
C ASN A 33 -7.14 -5.59 -12.87
N SER A 34 -6.31 -5.61 -13.93
CA SER A 34 -5.05 -6.36 -13.98
C SER A 34 -3.85 -5.49 -13.57
N ALA A 35 -3.86 -4.18 -13.83
CA ALA A 35 -2.79 -3.25 -13.46
C ALA A 35 -2.51 -3.21 -11.95
N LEU A 36 -3.55 -3.37 -11.12
CA LEU A 36 -3.39 -3.43 -9.67
C LEU A 36 -2.54 -4.64 -9.22
N ASP A 37 -2.63 -5.74 -9.96
CA ASP A 37 -1.82 -6.96 -9.78
C ASP A 37 -0.40 -6.83 -10.35
N GLN A 38 0.01 -5.61 -10.73
CA GLN A 38 1.36 -5.27 -11.14
C GLN A 38 1.98 -4.18 -10.25
N LEU A 39 1.32 -3.03 -10.01
CA LEU A 39 1.87 -2.03 -9.09
C LEU A 39 1.81 -2.43 -7.61
N LEU A 40 0.71 -2.99 -7.08
CA LEU A 40 0.63 -3.31 -5.64
C LEU A 40 1.38 -4.62 -5.31
N VAL A 41 1.82 -5.36 -6.33
CA VAL A 41 2.77 -6.49 -6.19
C VAL A 41 4.16 -5.98 -5.79
N LEU A 42 4.52 -4.76 -6.18
CA LEU A 42 5.72 -4.08 -5.68
C LEU A 42 5.63 -3.85 -4.18
N GLU A 43 4.56 -3.22 -3.69
CA GLU A 43 4.22 -3.12 -2.26
C GLU A 43 4.38 -4.47 -1.53
N LYS A 44 3.85 -5.54 -2.11
CA LYS A 44 3.89 -6.90 -1.55
C LYS A 44 5.32 -7.42 -1.43
N LYS A 45 6.06 -7.41 -2.54
CA LYS A 45 7.46 -7.87 -2.62
C LYS A 45 8.35 -7.06 -1.70
N THR A 46 8.19 -5.74 -1.69
CA THR A 46 9.00 -4.81 -0.89
C THR A 46 8.74 -4.93 0.60
N ARG A 47 7.49 -5.09 1.07
CA ARG A 47 7.26 -5.39 2.50
C ARG A 47 7.89 -6.72 2.87
N GLN A 48 7.68 -7.77 2.06
CA GLN A 48 8.15 -9.13 2.37
C GLN A 48 9.68 -9.27 2.32
N ALA A 49 10.36 -8.54 1.43
CA ALA A 49 11.81 -8.46 1.32
C ALA A 49 12.47 -7.57 2.39
N SER A 50 11.69 -6.84 3.20
CA SER A 50 12.15 -5.77 4.09
C SER A 50 12.83 -4.60 3.32
N ASP A 51 12.48 -4.45 2.03
CA ASP A 51 12.78 -3.31 1.17
C ASP A 51 11.62 -2.29 1.23
N LEU A 52 10.96 -2.22 2.38
CA LEU A 52 9.70 -1.53 2.61
C LEU A 52 9.75 0.00 2.45
N ALA A 53 10.95 0.55 2.49
CA ALA A 53 11.24 1.93 2.09
C ALA A 53 10.76 2.23 0.65
N SER A 54 10.61 1.18 -0.17
CA SER A 54 9.97 1.18 -1.49
C SER A 54 8.46 1.06 -1.35
N SER A 55 7.98 0.06 -0.60
CA SER A 55 6.56 -0.14 -0.23
C SER A 55 5.88 1.17 0.20
N LYS A 56 6.59 1.99 0.98
CA LYS A 56 6.17 3.33 1.46
C LYS A 56 5.74 4.29 0.34
N GLU A 57 6.37 4.22 -0.83
CA GLU A 57 6.04 5.03 -2.01
C GLU A 57 4.90 4.41 -2.85
N VAL A 58 4.76 3.08 -2.82
CA VAL A 58 3.62 2.36 -3.40
C VAL A 58 2.33 2.63 -2.61
N LEU A 59 2.44 2.63 -1.29
CA LEU A 59 1.32 2.76 -0.34
C LEU A 59 0.50 4.03 -0.53
N ALA A 60 1.13 5.12 -0.99
CA ALA A 60 0.46 6.36 -1.32
C ALA A 60 -0.33 6.37 -2.63
N LYS A 61 -0.30 5.26 -3.40
CA LYS A 61 -1.16 5.00 -4.56
C LYS A 61 -1.85 3.63 -4.52
N ILE A 62 -1.69 2.94 -3.40
CA ILE A 62 -2.45 1.74 -3.03
C ILE A 62 -3.94 1.99 -3.12
N VAL A 63 -4.41 3.19 -2.77
CA VAL A 63 -5.83 3.53 -2.85
C VAL A 63 -6.29 3.70 -4.32
N ASP A 64 -5.42 4.23 -5.16
CA ASP A 64 -5.66 4.45 -6.59
C ASP A 64 -5.69 3.18 -7.45
N LEU A 65 -5.21 2.04 -6.94
CA LEU A 65 -5.26 0.75 -7.66
C LEU A 65 -5.97 -0.38 -6.88
N LEU A 66 -5.97 -0.41 -5.54
CA LEU A 66 -6.86 -1.31 -4.79
C LEU A 66 -8.27 -0.72 -4.70
N ALA A 67 -8.46 0.27 -3.83
CA ALA A 67 -9.78 0.88 -3.57
C ALA A 67 -10.51 1.38 -4.83
N SER A 68 -9.77 2.00 -5.75
CA SER A 68 -10.35 2.63 -6.95
C SER A 68 -10.80 1.62 -8.02
N ARG A 69 -10.42 0.34 -7.87
CA ARG A 69 -10.64 -0.75 -8.85
C ARG A 69 -11.47 -1.90 -8.24
N ASN A 70 -12.27 -1.58 -7.22
CA ASN A 70 -13.09 -2.49 -6.41
C ASN A 70 -12.32 -3.57 -5.61
N LYS A 71 -11.06 -3.32 -5.25
CA LYS A 71 -10.25 -4.08 -4.29
C LYS A 71 -10.03 -3.33 -2.97
N TRP A 72 -10.97 -2.44 -2.64
CA TRP A 72 -11.11 -1.76 -1.35
C TRP A 72 -10.98 -2.66 -0.11
N ASP A 73 -11.26 -3.95 -0.26
CA ASP A 73 -11.10 -4.97 0.79
C ASP A 73 -9.64 -5.06 1.28
N ASP A 74 -8.67 -4.77 0.40
CA ASP A 74 -7.25 -4.82 0.71
C ASP A 74 -6.70 -3.54 1.40
N LEU A 75 -7.35 -2.38 1.35
CA LEU A 75 -6.91 -1.12 2.01
C LEU A 75 -6.70 -1.30 3.51
N ASN A 76 -7.54 -2.12 4.14
CA ASN A 76 -7.41 -2.59 5.53
C ASN A 76 -6.00 -3.11 5.88
N GLU A 77 -5.37 -3.87 4.98
CA GLU A 77 -4.04 -4.45 5.20
C GLU A 77 -2.93 -3.40 5.05
N GLN A 78 -3.16 -2.39 4.20
CA GLN A 78 -2.16 -1.37 3.84
C GLN A 78 -1.83 -0.44 5.00
N LEU A 79 -2.83 -0.18 5.84
CA LEU A 79 -2.69 0.50 7.13
C LEU A 79 -1.85 -0.28 8.16
N THR A 80 -1.87 -1.61 8.08
CA THR A 80 -1.14 -2.54 8.97
C THR A 80 0.31 -2.78 8.50
N LEU A 81 0.51 -2.85 7.18
CA LEU A 81 1.72 -3.28 6.46
C LEU A 81 3.06 -2.98 7.12
N LEU A 82 3.41 -1.71 7.24
CA LEU A 82 4.71 -1.29 7.77
C LEU A 82 4.79 -1.39 9.31
N SER A 83 3.67 -1.63 9.99
CA SER A 83 3.53 -1.71 11.46
C SER A 83 3.57 -3.15 12.02
N LYS A 84 3.69 -4.17 11.15
CA LYS A 84 3.62 -5.61 11.51
C LYS A 84 4.62 -6.08 12.59
N LYS A 85 5.81 -5.46 12.69
CA LYS A 85 6.87 -5.77 13.68
C LYS A 85 7.59 -4.50 14.12
N HIS A 86 8.21 -3.81 13.16
CA HIS A 86 8.73 -2.44 13.30
C HIS A 86 7.56 -1.44 13.22
N GLY A 87 7.78 -0.14 13.47
CA GLY A 87 6.76 0.90 13.31
C GLY A 87 5.59 0.78 14.29
N GLN A 88 5.91 0.48 15.56
CA GLN A 88 4.92 0.19 16.62
C GLN A 88 4.19 1.43 17.15
N LEU A 89 4.75 2.63 17.00
CA LEU A 89 4.04 3.89 17.28
C LEU A 89 3.02 4.14 16.16
N LYS A 90 1.77 3.72 16.37
CA LYS A 90 0.75 3.79 15.31
C LYS A 90 0.57 5.22 14.79
N LEU A 91 0.63 6.26 15.63
CA LEU A 91 0.49 7.65 15.20
C LEU A 91 1.56 8.17 14.22
N SER A 92 2.61 7.39 13.99
CA SER A 92 3.67 7.68 13.02
C SER A 92 3.33 7.12 11.63
N ILE A 93 2.83 5.89 11.59
CA ILE A 93 2.40 5.19 10.37
C ILE A 93 0.92 5.47 10.04
N GLN A 94 0.18 6.04 10.99
CA GLN A 94 -1.20 6.54 10.87
C GLN A 94 -1.35 7.50 9.69
N TYR A 95 -0.29 8.21 9.30
CA TYR A 95 -0.22 9.01 8.06
C TYR A 95 -0.65 8.24 6.79
N MET A 96 -0.45 6.92 6.73
CA MET A 96 -0.95 6.04 5.65
C MET A 96 -2.47 5.99 5.58
N ILE A 97 -3.16 6.22 6.71
CA ILE A 97 -4.62 6.33 6.78
C ILE A 97 -5.18 7.47 5.95
N GLN A 98 -4.38 8.48 5.57
CA GLN A 98 -4.79 9.52 4.64
C GLN A 98 -5.35 8.95 3.33
N LYS A 99 -4.84 7.80 2.87
CA LYS A 99 -5.33 7.08 1.69
C LYS A 99 -6.63 6.32 1.98
N VAL A 100 -6.80 5.75 3.17
CA VAL A 100 -8.10 5.21 3.60
C VAL A 100 -9.17 6.30 3.72
N MET A 101 -8.87 7.42 4.38
CA MET A 101 -9.75 8.59 4.45
C MET A 101 -9.86 9.38 3.14
N GLU A 102 -9.40 8.78 2.04
CA GLU A 102 -9.67 9.24 0.68
C GLU A 102 -10.77 8.39 0.02
N TYR A 103 -10.44 7.45 -0.87
CA TYR A 103 -11.47 6.82 -1.70
C TYR A 103 -12.27 5.77 -0.93
N LEU A 104 -11.56 5.03 -0.07
CA LEU A 104 -12.08 3.95 0.75
C LEU A 104 -13.13 4.47 1.76
N LYS A 105 -12.98 5.72 2.24
CA LYS A 105 -14.01 6.45 3.00
C LYS A 105 -15.06 7.15 2.13
N SER A 106 -14.63 8.00 1.20
CA SER A 106 -15.54 8.84 0.38
C SER A 106 -16.47 8.05 -0.55
N SER A 107 -16.22 6.75 -0.77
CA SER A 107 -17.14 5.82 -1.44
C SER A 107 -18.37 5.53 -0.56
N LYS A 108 -19.32 6.47 -0.49
CA LYS A 108 -20.58 6.34 0.29
C LYS A 108 -21.43 5.13 -0.13
N SER A 109 -21.25 4.62 -1.35
CA SER A 109 -21.97 3.47 -1.92
C SER A 109 -21.30 2.12 -1.72
N LEU A 110 -20.36 2.01 -0.77
CA LEU A 110 -19.81 0.73 -0.32
C LEU A 110 -20.87 -0.16 0.32
N ASP A 111 -20.71 -1.46 0.09
CA ASP A 111 -21.44 -2.49 0.82
C ASP A 111 -20.90 -2.57 2.26
N LEU A 112 -21.81 -2.78 3.21
CA LEU A 112 -21.47 -2.88 4.63
C LEU A 112 -20.36 -3.88 4.88
N ASN A 113 -20.46 -5.06 4.27
CA ASN A 113 -19.57 -6.19 4.50
C ASN A 113 -18.11 -5.87 4.15
N THR A 114 -17.89 -4.95 3.21
CA THR A 114 -16.56 -4.44 2.85
C THR A 114 -16.04 -3.47 3.91
N ARG A 115 -16.83 -2.43 4.23
CA ARG A 115 -16.46 -1.38 5.19
C ARG A 115 -16.33 -1.89 6.63
N ILE A 116 -17.18 -2.82 7.05
CA ILE A 116 -17.18 -3.48 8.36
C ILE A 116 -15.81 -4.01 8.78
N SER A 117 -15.03 -4.49 7.82
CA SER A 117 -13.70 -5.02 8.07
C SER A 117 -12.76 -3.92 8.60
N VAL A 118 -12.85 -2.75 7.98
CA VAL A 118 -11.95 -1.61 8.19
C VAL A 118 -12.46 -0.66 9.27
N ILE A 119 -13.78 -0.49 9.43
CA ILE A 119 -14.38 0.26 10.51
C ILE A 119 -14.11 -0.38 11.89
N GLU A 120 -13.86 -1.69 11.94
CA GLU A 120 -13.36 -2.41 13.12
C GLU A 120 -11.83 -2.47 13.21
N THR A 121 -11.10 -2.71 12.10
CA THR A 121 -9.63 -2.88 12.15
C THR A 121 -8.94 -1.70 12.83
N ILE A 122 -9.43 -0.50 12.54
CA ILE A 122 -8.93 0.79 12.98
C ILE A 122 -9.15 0.96 14.48
N ARG A 123 -10.28 0.46 15.02
CA ARG A 123 -10.56 0.40 16.46
C ARG A 123 -9.58 -0.54 17.16
N VAL A 124 -9.53 -1.82 16.75
CA VAL A 124 -8.69 -2.82 17.41
C VAL A 124 -7.19 -2.51 17.32
N VAL A 125 -6.69 -1.93 16.22
CA VAL A 125 -5.28 -1.56 16.07
C VAL A 125 -4.89 -0.26 16.79
N THR A 126 -5.77 0.76 16.88
CA THR A 126 -5.45 2.05 17.53
C THR A 126 -5.80 2.09 19.03
N GLU A 127 -6.89 1.45 19.45
CA GLU A 127 -7.31 1.31 20.85
C GLU A 127 -6.69 0.06 21.52
N ASN A 128 -6.06 -0.80 20.71
CA ASN A 128 -5.32 -1.99 21.12
C ASN A 128 -6.15 -2.99 21.96
N LYS A 129 -7.36 -3.30 21.47
CA LYS A 129 -8.39 -4.11 22.17
C LYS A 129 -8.38 -5.60 21.76
N ILE A 130 -7.20 -6.10 21.38
CA ILE A 130 -6.88 -7.50 21.16
C ILE A 130 -7.12 -8.36 22.42
N PHE A 131 -7.07 -9.68 22.26
CA PHE A 131 -7.21 -10.67 23.35
C PHE A 131 -6.08 -10.59 24.39
N VAL A 132 -4.87 -10.23 23.95
CA VAL A 132 -3.69 -9.95 24.77
C VAL A 132 -3.88 -8.63 25.54
N GLU A 133 -3.16 -8.47 26.64
CA GLU A 133 -3.16 -7.29 27.49
C GLU A 133 -1.76 -6.86 27.96
N VAL A 134 -1.56 -5.54 27.99
CA VAL A 134 -0.42 -4.87 28.62
C VAL A 134 -0.85 -3.46 29.05
N GLU A 135 -1.73 -3.43 30.04
CA GLU A 135 -2.24 -2.19 30.67
C GLU A 135 -3.02 -1.24 29.72
N ARG A 136 -3.69 -1.82 28.72
CA ARG A 136 -4.53 -1.14 27.70
C ARG A 136 -5.81 -1.93 27.39
N MET A 1 28.34 17.31 -6.86
CA MET A 1 28.62 16.64 -5.57
C MET A 1 30.08 16.17 -5.51
N SER A 2 30.59 15.89 -4.30
CA SER A 2 31.92 15.26 -4.12
C SER A 2 32.00 13.85 -4.71
N ARG A 3 33.20 13.41 -5.09
CA ARG A 3 33.51 12.06 -5.61
C ARG A 3 32.97 10.95 -4.69
N ASP A 4 33.06 11.16 -3.38
CA ASP A 4 32.69 10.18 -2.35
C ASP A 4 31.19 10.14 -2.02
N ALA A 5 30.34 10.97 -2.65
CA ALA A 5 28.89 10.93 -2.46
C ALA A 5 28.30 9.60 -3.00
N PRO A 6 27.56 8.81 -2.18
CA PRO A 6 27.09 7.49 -2.56
C PRO A 6 25.82 7.55 -3.42
N ILE A 7 25.70 6.62 -4.37
CA ILE A 7 24.49 6.40 -5.16
C ILE A 7 23.53 5.54 -4.33
N LYS A 8 22.52 6.15 -3.70
CA LYS A 8 21.66 5.52 -2.68
C LYS A 8 20.54 4.61 -3.19
N ALA A 9 20.34 4.45 -4.51
CA ALA A 9 19.48 3.39 -5.03
C ALA A 9 20.23 2.04 -4.93
N ASP A 10 20.19 1.49 -3.73
CA ASP A 10 20.93 0.28 -3.33
C ASP A 10 20.47 -0.97 -4.11
N LYS A 11 19.20 -0.98 -4.54
CA LYS A 11 18.57 -1.95 -5.47
C LYS A 11 18.80 -3.45 -5.17
N ASP A 12 19.02 -3.81 -3.91
CA ASP A 12 19.00 -5.22 -3.46
C ASP A 12 17.56 -5.77 -3.39
N TYR A 13 16.61 -4.90 -3.06
CA TYR A 13 15.16 -5.08 -3.12
C TYR A 13 14.55 -3.84 -3.78
N SER A 14 13.24 -3.86 -4.05
CA SER A 14 12.51 -2.89 -4.88
C SER A 14 12.96 -2.81 -6.35
N GLN A 15 14.14 -3.32 -6.73
CA GLN A 15 14.65 -3.29 -8.11
C GLN A 15 13.70 -3.98 -9.10
N ILE A 16 12.92 -4.94 -8.60
CA ILE A 16 11.85 -5.63 -9.31
C ILE A 16 10.80 -4.64 -9.78
N LEU A 17 10.33 -3.81 -8.86
CA LEU A 17 9.34 -2.79 -9.11
C LEU A 17 9.93 -1.71 -10.02
N LYS A 18 11.24 -1.43 -9.91
CA LYS A 18 11.98 -0.49 -10.75
C LYS A 18 12.09 -0.96 -12.20
N GLU A 19 12.14 -2.28 -12.43
CA GLU A 19 12.34 -2.87 -13.75
C GLU A 19 11.03 -3.34 -14.42
N GLU A 20 10.07 -3.86 -13.65
CA GLU A 20 8.77 -4.31 -14.15
C GLU A 20 7.77 -3.18 -14.30
N PHE A 21 7.88 -2.06 -13.57
CA PHE A 21 6.91 -0.97 -13.69
C PHE A 21 6.74 -0.49 -15.14
N PRO A 22 7.79 -0.28 -15.95
CA PRO A 22 7.63 0.00 -17.37
C PRO A 22 7.05 -1.17 -18.19
N LYS A 23 7.41 -2.43 -17.83
CA LYS A 23 6.92 -3.62 -18.54
C LYS A 23 5.40 -3.77 -18.45
N ILE A 24 4.82 -3.37 -17.32
CA ILE A 24 3.36 -3.34 -17.09
C ILE A 24 2.73 -1.95 -17.20
N ASP A 25 3.47 -0.85 -17.25
CA ASP A 25 2.88 0.46 -17.62
C ASP A 25 2.33 0.36 -19.06
N SER A 26 3.08 -0.35 -19.91
CA SER A 26 2.69 -0.77 -21.26
C SER A 26 1.35 -1.53 -21.31
N LEU A 27 1.00 -2.24 -20.23
CA LEU A 27 -0.30 -2.87 -20.02
C LEU A 27 -1.33 -1.88 -19.45
N ALA A 28 -1.01 -1.17 -18.37
CA ALA A 28 -1.89 -0.22 -17.67
C ALA A 28 -2.42 0.91 -18.56
N GLN A 29 -1.69 1.32 -19.61
CA GLN A 29 -2.18 2.25 -20.63
C GLN A 29 -3.28 1.66 -21.55
N ASN A 30 -3.58 0.37 -21.44
CA ASN A 30 -4.51 -0.40 -22.27
C ASN A 30 -5.56 -1.19 -21.47
N ASP A 31 -5.16 -1.86 -20.38
CA ASP A 31 -6.03 -2.60 -19.44
C ASP A 31 -5.44 -2.64 -18.02
N CYS A 32 -5.54 -1.53 -17.28
CA CYS A 32 -5.03 -1.44 -15.91
C CYS A 32 -5.73 -2.44 -14.93
N ASN A 33 -6.92 -2.93 -15.28
CA ASN A 33 -7.61 -4.00 -14.55
C ASN A 33 -6.79 -5.30 -14.47
N SER A 34 -5.91 -5.56 -15.45
CA SER A 34 -4.91 -6.64 -15.39
C SER A 34 -3.57 -6.18 -14.81
N ALA A 35 -3.21 -4.90 -14.96
CA ALA A 35 -1.98 -4.33 -14.37
C ALA A 35 -1.93 -4.45 -12.84
N LEU A 36 -3.08 -4.37 -12.16
CA LEU A 36 -3.16 -4.57 -10.71
C LEU A 36 -2.78 -6.01 -10.31
N ASP A 37 -3.11 -7.00 -11.16
CA ASP A 37 -2.69 -8.40 -11.04
C ASP A 37 -1.21 -8.62 -11.42
N GLN A 38 -0.44 -7.54 -11.59
CA GLN A 38 1.00 -7.54 -11.72
C GLN A 38 1.67 -6.79 -10.56
N LEU A 39 1.49 -5.46 -10.43
CA LEU A 39 2.21 -4.72 -9.36
C LEU A 39 1.79 -5.13 -7.95
N LEU A 40 0.51 -5.38 -7.67
CA LEU A 40 0.10 -5.78 -6.31
C LEU A 40 0.35 -7.28 -6.06
N VAL A 41 0.66 -8.05 -7.12
CA VAL A 41 1.17 -9.43 -7.02
C VAL A 41 2.66 -9.43 -6.67
N LEU A 42 3.44 -8.46 -7.15
CA LEU A 42 4.80 -8.24 -6.68
C LEU A 42 4.81 -7.97 -5.18
N GLU A 43 3.94 -7.08 -4.71
CA GLU A 43 3.74 -6.86 -3.28
C GLU A 43 3.46 -8.21 -2.59
N LYS A 44 2.50 -8.98 -3.11
CA LYS A 44 2.08 -10.26 -2.52
C LYS A 44 3.23 -11.26 -2.41
N LYS A 45 4.09 -11.34 -3.43
CA LYS A 45 5.31 -12.13 -3.39
C LYS A 45 6.29 -11.57 -2.37
N THR A 46 6.50 -10.25 -2.32
CA THR A 46 7.43 -9.60 -1.38
C THR A 46 7.04 -9.75 0.09
N ARG A 47 5.75 -9.68 0.46
CA ARG A 47 5.28 -9.93 1.85
C ARG A 47 5.53 -11.39 2.27
N GLN A 48 5.35 -12.33 1.34
CA GLN A 48 5.45 -13.77 1.60
C GLN A 48 6.89 -14.31 1.56
N ALA A 49 7.73 -13.78 0.65
CA ALA A 49 9.12 -14.18 0.43
C ALA A 49 10.12 -13.50 1.38
N SER A 50 9.66 -12.57 2.24
CA SER A 50 10.48 -11.67 3.05
C SER A 50 11.39 -10.74 2.21
N ASP A 51 10.97 -10.43 0.98
CA ASP A 51 11.54 -9.40 0.10
C ASP A 51 10.81 -8.04 0.29
N LEU A 52 10.18 -7.86 1.45
CA LEU A 52 9.25 -6.80 1.82
C LEU A 52 9.81 -5.36 1.79
N ALA A 53 11.12 -5.24 1.79
CA ALA A 53 11.80 -3.97 1.46
C ALA A 53 11.31 -3.41 0.10
N SER A 54 10.82 -4.29 -0.78
CA SER A 54 10.07 -3.97 -2.01
C SER A 54 8.60 -3.66 -1.71
N SER A 55 7.87 -4.53 -0.98
CA SER A 55 6.48 -4.28 -0.51
C SER A 55 6.28 -2.84 -0.04
N LYS A 56 7.22 -2.35 0.77
CA LYS A 56 7.22 -0.99 1.36
C LYS A 56 7.18 0.15 0.32
N GLU A 57 7.57 -0.11 -0.93
CA GLU A 57 7.45 0.81 -2.07
C GLU A 57 6.19 0.56 -2.90
N VAL A 58 5.70 -0.69 -3.01
CA VAL A 58 4.39 -0.95 -3.67
C VAL A 58 3.23 -0.38 -2.87
N LEU A 59 3.30 -0.47 -1.55
CA LEU A 59 2.24 -0.03 -0.63
C LEU A 59 1.80 1.44 -0.84
N ALA A 60 2.70 2.29 -1.32
CA ALA A 60 2.42 3.69 -1.64
C ALA A 60 1.71 3.94 -2.97
N LYS A 61 1.51 2.92 -3.80
CA LYS A 61 0.66 2.92 -5.00
C LYS A 61 -0.36 1.79 -5.05
N ILE A 62 -0.44 1.04 -3.95
CA ILE A 62 -1.50 0.08 -3.65
C ILE A 62 -2.86 0.73 -3.75
N VAL A 63 -3.01 1.99 -3.36
CA VAL A 63 -4.29 2.70 -3.57
C VAL A 63 -4.51 3.02 -5.06
N ASP A 64 -3.45 3.42 -5.74
CA ASP A 64 -3.47 3.88 -7.13
C ASP A 64 -3.80 2.79 -8.17
N LEU A 65 -3.67 1.51 -7.80
CA LEU A 65 -4.15 0.38 -8.60
C LEU A 65 -5.29 -0.37 -7.91
N LEU A 66 -5.15 -0.80 -6.64
CA LEU A 66 -6.15 -1.65 -5.96
C LEU A 66 -7.47 -0.90 -5.71
N ALA A 67 -7.48 0.15 -4.90
CA ALA A 67 -8.66 1.02 -4.74
C ALA A 67 -9.15 1.63 -6.07
N SER A 68 -8.22 1.99 -6.95
CA SER A 68 -8.46 2.68 -8.22
C SER A 68 -9.24 1.84 -9.23
N ARG A 69 -9.07 0.51 -9.22
CA ARG A 69 -9.66 -0.45 -10.18
C ARG A 69 -10.65 -1.40 -9.49
N ASN A 70 -11.40 -0.83 -8.54
CA ASN A 70 -12.49 -1.44 -7.77
C ASN A 70 -12.11 -2.62 -6.85
N LYS A 71 -10.85 -2.70 -6.40
CA LYS A 71 -10.37 -3.59 -5.34
C LYS A 71 -10.12 -2.84 -4.02
N TRP A 72 -10.83 -1.73 -3.82
CA TRP A 72 -10.90 -0.97 -2.56
C TRP A 72 -11.19 -1.83 -1.32
N ASP A 73 -11.91 -2.95 -1.49
CA ASP A 73 -12.17 -3.93 -0.43
C ASP A 73 -10.88 -4.49 0.19
N ASP A 74 -9.79 -4.54 -0.59
CA ASP A 74 -8.48 -5.05 -0.17
C ASP A 74 -7.55 -3.97 0.42
N LEU A 75 -7.81 -2.66 0.30
CA LEU A 75 -7.04 -1.61 1.01
C LEU A 75 -7.05 -1.81 2.55
N ASN A 76 -8.14 -2.33 3.13
CA ASN A 76 -8.18 -2.78 4.52
C ASN A 76 -7.10 -3.84 4.82
N GLU A 77 -6.95 -4.82 3.93
CA GLU A 77 -5.88 -5.81 4.01
C GLU A 77 -4.51 -5.15 3.81
N GLN A 78 -4.38 -4.13 2.95
CA GLN A 78 -3.08 -3.47 2.72
C GLN A 78 -2.54 -2.71 3.94
N LEU A 79 -3.42 -2.35 4.87
CA LEU A 79 -3.08 -1.83 6.19
C LEU A 79 -2.83 -2.93 7.24
N THR A 80 -3.40 -4.11 7.03
CA THR A 80 -3.14 -5.32 7.80
C THR A 80 -1.81 -5.99 7.42
N LEU A 81 -1.39 -5.93 6.15
CA LEU A 81 -0.24 -6.59 5.50
C LEU A 81 1.01 -6.72 6.38
N LEU A 82 1.69 -5.61 6.64
CA LEU A 82 2.89 -5.63 7.51
C LEU A 82 2.53 -5.63 9.01
N SER A 83 1.28 -5.32 9.34
CA SER A 83 0.72 -5.44 10.70
C SER A 83 0.46 -6.89 11.14
N LYS A 84 0.53 -7.88 10.22
CA LYS A 84 0.43 -9.32 10.54
C LYS A 84 1.47 -9.77 11.57
N LYS A 85 2.66 -9.15 11.57
CA LYS A 85 3.76 -9.37 12.55
C LYS A 85 3.52 -8.65 13.88
N HIS A 86 2.32 -8.80 14.46
CA HIS A 86 1.86 -8.16 15.71
C HIS A 86 2.03 -6.62 15.70
N GLY A 87 1.55 -5.96 14.65
CA GLY A 87 1.57 -4.50 14.48
C GLY A 87 0.56 -3.74 15.33
N GLN A 88 0.48 -4.04 16.63
CA GLN A 88 -0.44 -3.43 17.58
C GLN A 88 -0.24 -1.89 17.64
N LEU A 89 1.02 -1.44 17.64
CA LEU A 89 1.38 -0.04 17.42
C LEU A 89 1.29 0.25 15.91
N LYS A 90 0.08 0.65 15.50
CA LYS A 90 -0.27 0.90 14.09
C LYS A 90 0.49 2.08 13.47
N LEU A 91 1.02 3.03 14.26
CA LEU A 91 1.69 4.24 13.79
C LEU A 91 2.86 4.00 12.80
N SER A 92 3.49 2.83 12.87
CA SER A 92 4.52 2.39 11.93
C SER A 92 3.98 2.12 10.50
N ILE A 93 2.78 1.55 10.38
CA ILE A 93 2.08 1.35 9.09
C ILE A 93 1.02 2.42 8.80
N GLN A 94 0.74 3.36 9.72
CA GLN A 94 -0.10 4.53 9.44
C GLN A 94 0.47 5.38 8.28
N TYR A 95 1.77 5.30 8.03
CA TYR A 95 2.39 5.83 6.80
C TYR A 95 1.68 5.33 5.52
N MET A 96 1.18 4.09 5.51
CA MET A 96 0.33 3.51 4.46
C MET A 96 -1.15 3.91 4.59
N ILE A 97 -1.64 4.21 5.80
CA ILE A 97 -3.02 4.72 5.97
C ILE A 97 -3.24 6.03 5.23
N GLN A 98 -2.20 6.82 4.97
CA GLN A 98 -2.27 7.98 4.09
C GLN A 98 -2.82 7.63 2.69
N LYS A 99 -2.58 6.40 2.21
CA LYS A 99 -3.12 5.86 0.96
C LYS A 99 -4.57 5.43 1.11
N VAL A 100 -4.96 4.79 2.22
CA VAL A 100 -6.38 4.60 2.56
C VAL A 100 -7.12 5.95 2.59
N MET A 101 -6.52 6.95 3.21
CA MET A 101 -7.04 8.30 3.34
C MET A 101 -7.06 9.09 2.02
N GLU A 102 -6.53 8.54 0.92
CA GLU A 102 -6.64 9.09 -0.44
C GLU A 102 -7.95 8.70 -1.15
N TYR A 103 -7.95 7.62 -1.93
CA TYR A 103 -9.06 7.29 -2.86
C TYR A 103 -10.11 6.39 -2.23
N LEU A 104 -9.64 5.50 -1.35
CA LEU A 104 -10.43 4.59 -0.54
C LEU A 104 -11.30 5.36 0.48
N LYS A 105 -10.87 6.56 0.88
CA LYS A 105 -11.62 7.50 1.73
C LYS A 105 -12.80 8.19 1.01
N SER A 106 -12.53 8.72 -0.18
CA SER A 106 -13.50 9.39 -1.04
C SER A 106 -13.05 9.36 -2.51
N SER A 107 -13.95 8.93 -3.40
CA SER A 107 -13.76 8.84 -4.85
C SER A 107 -15.12 8.69 -5.54
N LYS A 108 -15.20 9.06 -6.83
CA LYS A 108 -16.36 8.75 -7.69
C LYS A 108 -16.60 7.24 -7.86
N SER A 109 -15.58 6.42 -7.57
CA SER A 109 -15.62 4.95 -7.56
C SER A 109 -15.84 4.32 -6.18
N LEU A 110 -16.38 5.09 -5.22
CA LEU A 110 -16.87 4.63 -3.93
C LEU A 110 -18.31 5.08 -3.66
N ASP A 111 -18.93 4.44 -2.67
CA ASP A 111 -20.26 4.70 -2.11
C ASP A 111 -20.23 4.43 -0.61
N LEU A 112 -21.18 4.99 0.15
CA LEU A 112 -21.27 4.81 1.61
C LEU A 112 -21.28 3.34 2.02
N ASN A 113 -22.04 2.51 1.31
CA ASN A 113 -22.15 1.10 1.67
C ASN A 113 -20.81 0.35 1.49
N THR A 114 -20.02 0.73 0.49
CA THR A 114 -18.64 0.26 0.33
C THR A 114 -17.75 0.83 1.43
N ARG A 115 -17.74 2.15 1.63
CA ARG A 115 -17.00 2.86 2.69
C ARG A 115 -17.15 2.19 4.04
N ILE A 116 -18.40 1.94 4.40
CA ILE A 116 -18.82 1.31 5.65
C ILE A 116 -18.25 -0.11 5.81
N SER A 117 -18.22 -0.88 4.72
CA SER A 117 -17.67 -2.24 4.63
C SER A 117 -16.14 -2.28 4.77
N VAL A 118 -15.52 -1.12 4.99
CA VAL A 118 -14.08 -0.87 5.06
C VAL A 118 -13.74 -0.15 6.36
N ILE A 119 -14.37 0.99 6.62
CA ILE A 119 -14.13 1.84 7.76
C ILE A 119 -14.29 1.14 9.11
N GLU A 120 -15.23 0.21 9.26
CA GLU A 120 -15.37 -0.55 10.51
C GLU A 120 -14.32 -1.65 10.66
N THR A 121 -14.06 -2.43 9.60
CA THR A 121 -13.01 -3.48 9.59
C THR A 121 -11.59 -2.89 9.65
N ILE A 122 -11.41 -1.61 9.29
CA ILE A 122 -10.19 -0.86 9.57
C ILE A 122 -10.20 -0.26 10.99
N ARG A 123 -11.33 0.21 11.53
CA ARG A 123 -11.43 0.71 12.92
C ARG A 123 -11.07 -0.35 13.94
N VAL A 124 -11.63 -1.57 13.83
CA VAL A 124 -11.35 -2.70 14.72
C VAL A 124 -9.87 -3.10 14.80
N VAL A 125 -9.06 -2.78 13.79
CA VAL A 125 -7.61 -3.06 13.75
C VAL A 125 -6.72 -1.83 13.97
N THR A 126 -7.22 -0.60 13.80
CA THR A 126 -6.43 0.66 13.91
C THR A 126 -6.77 1.55 15.11
N GLU A 127 -7.93 1.39 15.75
CA GLU A 127 -8.27 2.13 16.98
C GLU A 127 -7.47 1.64 18.21
N ASN A 128 -6.66 0.60 18.03
CA ASN A 128 -5.95 -0.12 19.09
C ASN A 128 -4.78 0.65 19.75
N LYS A 129 -4.25 1.71 19.10
CA LYS A 129 -3.09 2.50 19.57
C LYS A 129 -3.09 3.92 18.99
N ILE A 130 -4.19 4.66 19.21
CA ILE A 130 -4.37 6.03 18.69
C ILE A 130 -3.27 7.00 19.15
N PHE A 131 -2.89 7.88 18.22
CA PHE A 131 -1.92 8.98 18.44
C PHE A 131 -2.55 10.21 19.11
N VAL A 132 -3.80 10.54 18.72
CA VAL A 132 -4.60 11.62 19.29
C VAL A 132 -5.20 11.18 20.64
N GLU A 133 -5.37 12.15 21.53
CA GLU A 133 -5.91 12.03 22.88
C GLU A 133 -6.75 13.25 23.27
N VAL A 134 -7.67 13.06 24.24
CA VAL A 134 -8.51 14.08 24.83
C VAL A 134 -8.02 14.42 26.24
N GLU A 135 -8.96 14.47 27.16
CA GLU A 135 -8.88 14.95 28.56
C GLU A 135 -8.09 14.03 29.53
N ARG A 136 -7.06 13.34 29.03
CA ARG A 136 -6.16 12.44 29.78
C ARG A 136 -5.14 13.22 30.62
N MET A 1 28.37 21.11 8.99
CA MET A 1 27.92 21.38 7.60
C MET A 1 29.13 21.50 6.67
N SER A 2 28.95 21.23 5.37
CA SER A 2 29.98 21.31 4.34
C SER A 2 29.37 21.53 2.94
N ARG A 3 30.15 22.13 2.01
CA ARG A 3 29.79 22.25 0.58
C ARG A 3 29.79 20.91 -0.17
N ASP A 4 30.42 19.88 0.39
CA ASP A 4 30.44 18.50 -0.14
C ASP A 4 29.11 17.75 0.10
N ALA A 5 28.02 18.28 -0.47
CA ALA A 5 26.71 17.61 -0.51
C ALA A 5 26.80 16.31 -1.35
N PRO A 6 26.53 15.11 -0.80
CA PRO A 6 26.68 13.85 -1.54
C PRO A 6 25.61 13.67 -2.61
N ILE A 7 25.75 12.64 -3.45
CA ILE A 7 24.73 12.20 -4.40
C ILE A 7 23.63 11.45 -3.64
N LYS A 8 22.47 12.10 -3.46
CA LYS A 8 21.37 11.64 -2.59
C LYS A 8 20.46 10.59 -3.23
N ALA A 9 21.04 9.50 -3.73
CA ALA A 9 20.29 8.30 -4.13
C ALA A 9 19.85 7.52 -2.89
N ASP A 10 18.78 8.01 -2.27
CA ASP A 10 18.21 7.51 -1.03
C ASP A 10 17.55 6.12 -1.17
N LYS A 11 17.16 5.76 -2.40
CA LYS A 11 16.43 4.51 -2.72
C LYS A 11 17.29 3.26 -2.46
N ASP A 12 16.68 2.24 -1.84
CA ASP A 12 17.38 1.05 -1.29
C ASP A 12 16.73 -0.25 -1.79
N TYR A 13 15.98 -1.01 -0.98
CA TYR A 13 15.17 -2.14 -1.48
C TYR A 13 14.15 -1.67 -2.54
N SER A 14 13.66 -0.43 -2.40
CA SER A 14 12.84 0.26 -3.39
C SER A 14 13.50 0.42 -4.77
N GLN A 15 14.81 0.18 -4.94
CA GLN A 15 15.49 0.35 -6.24
C GLN A 15 14.95 -0.63 -7.30
N ILE A 16 14.41 -1.77 -6.86
CA ILE A 16 13.76 -2.78 -7.71
C ILE A 16 12.61 -2.14 -8.46
N LEU A 17 11.79 -1.41 -7.73
CA LEU A 17 10.61 -0.74 -8.24
C LEU A 17 10.98 0.34 -9.27
N LYS A 18 12.20 0.90 -9.15
CA LYS A 18 12.76 1.95 -9.99
C LYS A 18 13.30 1.38 -11.32
N GLU A 19 13.80 0.15 -11.31
CA GLU A 19 14.38 -0.52 -12.49
C GLU A 19 13.43 -1.49 -13.20
N GLU A 20 12.58 -2.21 -12.46
CA GLU A 20 11.67 -3.22 -13.00
C GLU A 20 10.34 -2.63 -13.48
N PHE A 21 9.89 -1.47 -12.98
CA PHE A 21 8.65 -0.85 -13.46
C PHE A 21 8.66 -0.67 -15.00
N PRO A 22 9.72 -0.15 -15.64
CA PRO A 22 9.81 -0.12 -17.10
C PRO A 22 9.71 -1.49 -17.80
N LYS A 23 10.14 -2.59 -17.15
CA LYS A 23 9.94 -3.95 -17.69
C LYS A 23 8.44 -4.30 -17.76
N ILE A 24 7.67 -3.89 -16.76
CA ILE A 24 6.21 -4.09 -16.68
C ILE A 24 5.42 -3.05 -17.47
N ASP A 25 5.99 -1.88 -17.69
CA ASP A 25 5.29 -0.77 -18.35
C ASP A 25 5.00 -1.10 -19.82
N SER A 26 5.89 -1.88 -20.45
CA SER A 26 5.66 -2.50 -21.77
C SER A 26 4.49 -3.51 -21.75
N LEU A 27 4.30 -4.22 -20.64
CA LEU A 27 3.16 -5.13 -20.44
C LEU A 27 1.86 -4.37 -20.17
N ALA A 28 1.83 -3.45 -19.21
CA ALA A 28 0.65 -2.67 -18.81
C ALA A 28 0.02 -1.86 -19.96
N GLN A 29 0.82 -1.48 -20.97
CA GLN A 29 0.34 -0.89 -22.22
C GLN A 29 -0.45 -1.85 -23.14
N ASN A 30 -0.49 -3.15 -22.81
CA ASN A 30 -1.07 -4.24 -23.62
C ASN A 30 -2.00 -5.17 -22.81
N ASP A 31 -1.62 -5.54 -21.58
CA ASP A 31 -2.39 -6.36 -20.65
C ASP A 31 -2.06 -6.03 -19.17
N CYS A 32 -2.52 -4.87 -18.69
CA CYS A 32 -2.39 -4.45 -17.30
C CYS A 32 -3.02 -5.44 -16.29
N ASN A 33 -3.94 -6.29 -16.75
CA ASN A 33 -4.56 -7.39 -16.00
C ASN A 33 -3.55 -8.48 -15.58
N SER A 34 -2.38 -8.54 -16.23
CA SER A 34 -1.21 -9.33 -15.78
C SER A 34 -0.18 -8.46 -15.05
N ALA A 35 -0.06 -7.18 -15.41
CA ALA A 35 0.97 -6.28 -14.90
C ALA A 35 0.86 -5.94 -13.41
N LEU A 36 -0.35 -5.96 -12.85
CA LEU A 36 -0.55 -5.85 -11.40
C LEU A 36 0.13 -7.00 -10.63
N ASP A 37 0.16 -8.19 -11.23
CA ASP A 37 0.91 -9.37 -10.74
C ASP A 37 2.42 -9.28 -11.00
N GLN A 38 2.94 -8.10 -11.35
CA GLN A 38 4.36 -7.80 -11.42
C GLN A 38 4.76 -6.73 -10.40
N LEU A 39 4.13 -5.55 -10.37
CA LEU A 39 4.43 -4.55 -9.33
C LEU A 39 3.94 -4.92 -7.92
N LEU A 40 2.72 -5.45 -7.75
CA LEU A 40 2.19 -5.68 -6.40
C LEU A 40 2.74 -7.00 -5.79
N VAL A 41 3.38 -7.82 -6.61
CA VAL A 41 4.19 -8.98 -6.19
C VAL A 41 5.43 -8.51 -5.43
N LEU A 42 5.99 -7.35 -5.81
CA LEU A 42 7.06 -6.70 -5.07
C LEU A 42 6.59 -6.37 -3.67
N GLU A 43 5.55 -5.54 -3.53
CA GLU A 43 4.91 -5.20 -2.24
C GLU A 43 4.77 -6.42 -1.31
N LYS A 44 4.27 -7.53 -1.86
CA LYS A 44 4.10 -8.80 -1.13
C LYS A 44 5.44 -9.29 -0.59
N LYS A 45 6.44 -9.42 -1.47
CA LYS A 45 7.79 -9.88 -1.14
C LYS A 45 8.49 -8.95 -0.14
N THR A 46 8.49 -7.64 -0.36
CA THR A 46 9.15 -6.65 0.55
C THR A 46 8.49 -6.59 1.94
N ARG A 47 7.15 -6.59 2.05
CA ARG A 47 6.48 -6.72 3.35
C ARG A 47 6.85 -8.04 4.03
N GLN A 48 6.71 -9.18 3.35
CA GLN A 48 6.94 -10.50 3.95
C GLN A 48 8.41 -10.77 4.31
N ALA A 49 9.36 -10.23 3.55
CA ALA A 49 10.80 -10.26 3.85
C ALA A 49 11.23 -9.29 4.96
N SER A 50 10.33 -8.42 5.44
CA SER A 50 10.63 -7.27 6.32
C SER A 50 11.64 -6.27 5.71
N ASP A 51 11.66 -6.22 4.37
CA ASP A 51 12.32 -5.21 3.52
C ASP A 51 11.30 -4.12 3.13
N LEU A 52 10.29 -3.90 3.97
CA LEU A 52 9.06 -3.14 3.72
C LEU A 52 9.21 -1.71 3.22
N ALA A 53 10.38 -1.13 3.40
CA ALA A 53 10.79 0.15 2.82
C ALA A 53 10.62 0.20 1.28
N SER A 54 10.65 -0.95 0.61
CA SER A 54 10.26 -1.05 -0.81
C SER A 54 8.73 -1.05 -0.95
N SER A 55 8.01 -1.91 -0.22
CA SER A 55 6.54 -1.98 -0.23
C SER A 55 5.89 -0.62 0.03
N LYS A 56 6.51 0.23 0.85
CA LYS A 56 6.09 1.62 1.13
C LYS A 56 6.00 2.50 -0.13
N GLU A 57 6.89 2.28 -1.11
CA GLU A 57 6.90 2.98 -2.39
C GLU A 57 5.93 2.35 -3.40
N VAL A 58 5.70 1.02 -3.32
CA VAL A 58 4.67 0.34 -4.13
C VAL A 58 3.27 0.74 -3.68
N LEU A 59 3.05 0.82 -2.38
CA LEU A 59 1.76 1.11 -1.73
C LEU A 59 1.10 2.39 -2.25
N ALA A 60 1.89 3.38 -2.65
CA ALA A 60 1.40 4.64 -3.18
C ALA A 60 0.91 4.57 -4.65
N LYS A 61 1.09 3.44 -5.32
CA LYS A 61 0.50 3.12 -6.64
C LYS A 61 -0.22 1.78 -6.69
N ILE A 62 -0.31 1.13 -5.53
CA ILE A 62 -1.16 -0.04 -5.27
C ILE A 62 -2.61 0.24 -5.66
N VAL A 63 -3.09 1.49 -5.48
CA VAL A 63 -4.45 1.85 -5.91
C VAL A 63 -4.58 1.88 -7.45
N ASP A 64 -3.52 2.31 -8.10
CA ASP A 64 -3.44 2.46 -9.55
C ASP A 64 -3.31 1.13 -10.33
N LEU A 65 -3.00 0.02 -9.64
CA LEU A 65 -2.97 -1.33 -10.23
C LEU A 65 -3.95 -2.32 -9.57
N LEU A 66 -4.08 -2.39 -8.24
CA LEU A 66 -5.14 -3.21 -7.60
C LEU A 66 -6.55 -2.63 -7.80
N ALA A 67 -6.90 -1.56 -7.09
CA ALA A 67 -8.25 -0.97 -7.13
C ALA A 67 -8.74 -0.66 -8.55
N SER A 68 -7.82 -0.18 -9.39
CA SER A 68 -8.04 0.21 -10.78
C SER A 68 -8.27 -0.96 -11.74
N ARG A 69 -7.93 -2.20 -11.35
CA ARG A 69 -8.25 -3.45 -12.07
C ARG A 69 -9.23 -4.33 -11.31
N ASN A 70 -10.13 -3.70 -10.56
CA ASN A 70 -11.17 -4.33 -9.72
C ASN A 70 -10.65 -5.25 -8.60
N LYS A 71 -9.38 -5.11 -8.19
CA LYS A 71 -8.80 -5.73 -6.98
C LYS A 71 -8.84 -4.77 -5.78
N TRP A 72 -9.85 -3.89 -5.75
CA TRP A 72 -10.20 -3.02 -4.62
C TRP A 72 -10.36 -3.76 -3.27
N ASP A 73 -10.66 -5.06 -3.30
CA ASP A 73 -10.73 -5.91 -2.11
C ASP A 73 -9.38 -6.01 -1.37
N ASP A 74 -8.27 -5.84 -2.09
CA ASP A 74 -6.93 -5.85 -1.55
C ASP A 74 -6.49 -4.52 -0.93
N LEU A 75 -6.98 -3.34 -1.37
CA LEU A 75 -6.64 -2.01 -0.82
C LEU A 75 -6.82 -1.94 0.71
N ASN A 76 -7.84 -2.64 1.20
CA ASN A 76 -8.07 -2.93 2.62
C ASN A 76 -6.81 -3.44 3.34
N GLU A 77 -6.20 -4.49 2.81
CA GLU A 77 -4.96 -5.08 3.34
C GLU A 77 -3.75 -4.16 3.15
N GLN A 78 -3.74 -3.41 2.05
CA GLN A 78 -2.66 -2.46 1.73
C GLN A 78 -2.52 -1.38 2.83
N LEU A 79 -3.65 -0.97 3.39
CA LEU A 79 -3.80 -0.06 4.52
C LEU A 79 -3.47 -0.64 5.90
N THR A 80 -3.25 -1.94 5.95
CA THR A 80 -2.75 -2.68 7.12
C THR A 80 -1.25 -3.00 7.06
N LEU A 81 -0.67 -3.37 5.90
CA LEU A 81 0.70 -3.92 5.74
C LEU A 81 1.75 -3.41 6.73
N LEU A 82 2.03 -2.11 6.71
CA LEU A 82 3.14 -1.54 7.49
C LEU A 82 2.81 -1.40 8.98
N SER A 83 1.53 -1.50 9.36
CA SER A 83 1.03 -1.40 10.73
C SER A 83 1.14 -2.71 11.52
N LYS A 84 1.29 -3.86 10.83
CA LYS A 84 1.18 -5.22 11.39
C LYS A 84 2.02 -5.47 12.65
N LYS A 85 3.33 -5.20 12.58
CA LYS A 85 4.28 -5.43 13.69
C LYS A 85 4.30 -4.29 14.73
N HIS A 86 3.90 -3.08 14.36
CA HIS A 86 3.86 -1.91 15.26
C HIS A 86 2.66 -1.96 16.21
N GLY A 87 1.46 -2.15 15.66
CA GLY A 87 0.17 -2.31 16.39
C GLY A 87 -0.36 -1.10 17.18
N GLN A 88 0.51 -0.15 17.56
CA GLN A 88 0.21 0.98 18.45
C GLN A 88 -0.80 1.97 17.86
N LEU A 89 -0.66 2.30 16.57
CA LEU A 89 -1.47 3.31 15.87
C LEU A 89 -1.49 3.07 14.34
N LYS A 90 -2.59 3.50 13.69
CA LYS A 90 -2.74 3.58 12.22
C LYS A 90 -2.11 4.86 11.63
N LEU A 91 -1.91 5.93 12.42
CA LEU A 91 -1.54 7.28 11.95
C LEU A 91 -0.22 7.41 11.15
N SER A 92 0.55 6.33 11.05
CA SER A 92 1.73 6.17 10.18
C SER A 92 1.36 5.67 8.78
N ILE A 93 0.49 4.67 8.68
CA ILE A 93 -0.01 4.13 7.40
C ILE A 93 -1.27 4.87 6.92
N GLN A 94 -1.87 5.70 7.79
CA GLN A 94 -2.99 6.59 7.50
C GLN A 94 -2.67 7.58 6.36
N TYR A 95 -1.41 7.96 6.19
CA TYR A 95 -0.94 8.72 5.03
C TYR A 95 -1.08 7.95 3.69
N MET A 96 -1.17 6.62 3.73
CA MET A 96 -1.52 5.78 2.59
C MET A 96 -3.04 5.69 2.34
N ILE A 97 -3.86 5.96 3.35
CA ILE A 97 -5.33 6.07 3.18
C ILE A 97 -5.70 7.12 2.14
N GLN A 98 -4.82 8.07 1.83
CA GLN A 98 -4.96 9.00 0.72
C GLN A 98 -5.14 8.30 -0.65
N LYS A 99 -4.61 7.07 -0.81
CA LYS A 99 -4.82 6.17 -1.95
C LYS A 99 -6.18 5.47 -1.88
N VAL A 100 -6.59 5.00 -0.70
CA VAL A 100 -7.96 4.51 -0.48
C VAL A 100 -9.01 5.58 -0.78
N MET A 101 -8.85 6.78 -0.24
CA MET A 101 -9.65 7.97 -0.51
C MET A 101 -9.60 8.44 -1.97
N GLU A 102 -8.73 7.83 -2.80
CA GLU A 102 -8.65 8.10 -4.22
C GLU A 102 -9.55 7.18 -5.04
N TYR A 103 -9.05 6.15 -5.72
CA TYR A 103 -9.87 5.44 -6.72
C TYR A 103 -10.75 4.36 -6.09
N LEU A 104 -10.23 3.72 -5.05
CA LEU A 104 -10.94 2.76 -4.22
C LEU A 104 -12.24 3.38 -3.68
N LYS A 105 -12.21 4.62 -3.17
CA LYS A 105 -13.40 5.41 -2.84
C LYS A 105 -14.16 5.94 -4.05
N SER A 106 -13.48 6.68 -4.93
CA SER A 106 -14.06 7.36 -6.12
C SER A 106 -14.71 6.42 -7.15
N SER A 107 -14.59 5.10 -6.98
CA SER A 107 -15.36 4.08 -7.71
C SER A 107 -16.88 4.29 -7.58
N LYS A 108 -17.33 4.96 -6.52
CA LYS A 108 -18.69 5.51 -6.20
C LYS A 108 -19.89 4.55 -6.24
N SER A 109 -19.73 3.35 -6.78
CA SER A 109 -20.73 2.29 -6.88
C SER A 109 -20.17 0.91 -6.48
N LEU A 110 -19.24 0.90 -5.50
CA LEU A 110 -18.73 -0.31 -4.87
C LEU A 110 -19.83 -1.24 -4.35
N ASP A 111 -19.52 -2.54 -4.40
CA ASP A 111 -20.29 -3.56 -3.71
C ASP A 111 -20.02 -3.46 -2.20
N LEU A 112 -21.05 -3.70 -1.40
CA LEU A 112 -20.97 -3.65 0.06
C LEU A 112 -19.85 -4.53 0.58
N ASN A 113 -19.75 -5.76 0.10
CA ASN A 113 -18.78 -6.73 0.57
C ASN A 113 -17.32 -6.28 0.34
N THR A 114 -17.09 -5.46 -0.69
CA THR A 114 -15.80 -4.83 -0.99
C THR A 114 -15.55 -3.66 -0.04
N ARG A 115 -16.47 -2.68 0.02
CA ARG A 115 -16.35 -1.51 0.91
C ARG A 115 -16.24 -1.88 2.40
N ILE A 116 -16.98 -2.89 2.83
CA ILE A 116 -16.92 -3.46 4.17
C ILE A 116 -15.50 -3.80 4.61
N SER A 117 -14.67 -4.28 3.68
CA SER A 117 -13.29 -4.66 3.98
C SER A 117 -12.45 -3.44 4.40
N VAL A 118 -12.71 -2.28 3.79
CA VAL A 118 -11.95 -1.05 3.99
C VAL A 118 -12.58 -0.16 5.07
N ILE A 119 -13.89 -0.16 5.24
CA ILE A 119 -14.54 0.47 6.39
C ILE A 119 -14.21 -0.29 7.70
N GLU A 120 -13.79 -1.55 7.61
CA GLU A 120 -13.21 -2.32 8.72
C GLU A 120 -11.69 -2.18 8.88
N THR A 121 -10.84 -2.23 7.83
CA THR A 121 -9.35 -2.17 7.99
C THR A 121 -8.87 -0.97 8.82
N ILE A 122 -9.58 0.14 8.67
CA ILE A 122 -9.37 1.41 9.36
C ILE A 122 -9.83 1.29 10.82
N ARG A 123 -11.03 0.76 11.05
CA ARG A 123 -11.65 0.56 12.37
C ARG A 123 -10.91 -0.49 13.23
N VAL A 124 -10.66 -1.67 12.68
CA VAL A 124 -10.17 -2.85 13.41
C VAL A 124 -8.81 -2.61 14.09
N VAL A 125 -7.97 -1.73 13.52
CA VAL A 125 -6.76 -1.23 14.17
C VAL A 125 -7.06 -0.06 15.11
N THR A 126 -7.78 0.97 14.65
CA THR A 126 -7.97 2.23 15.43
C THR A 126 -8.88 2.10 16.66
N GLU A 127 -9.64 1.01 16.81
CA GLU A 127 -10.46 0.71 18.00
C GLU A 127 -9.60 0.44 19.25
N ASN A 128 -8.33 0.06 19.05
CA ASN A 128 -7.36 -0.21 20.11
C ASN A 128 -6.84 1.04 20.85
N LYS A 129 -7.18 2.25 20.40
CA LYS A 129 -6.69 3.54 20.95
C LYS A 129 -7.32 3.95 22.30
N ILE A 130 -8.24 3.14 22.82
CA ILE A 130 -8.90 3.32 24.12
C ILE A 130 -7.92 3.20 25.31
N PHE A 131 -8.25 3.90 26.40
CA PHE A 131 -7.55 3.85 27.68
C PHE A 131 -8.47 3.76 28.93
N VAL A 132 -9.74 4.16 28.82
CA VAL A 132 -10.70 4.14 29.95
C VAL A 132 -11.12 2.71 30.33
N GLU A 133 -11.73 2.00 29.39
CA GLU A 133 -12.20 0.62 29.56
C GLU A 133 -11.08 -0.42 29.62
N VAL A 134 -11.42 -1.57 30.21
CA VAL A 134 -10.57 -2.75 30.46
C VAL A 134 -10.21 -3.58 29.21
N GLU A 135 -10.28 -2.95 28.04
CA GLU A 135 -10.01 -3.52 26.70
C GLU A 135 -10.83 -4.79 26.36
N ARG A 136 -12.05 -4.90 26.92
CA ARG A 136 -13.01 -6.00 26.72
C ARG A 136 -14.45 -5.48 26.64
#